data_7P6N
#
_entry.id   7P6N
#
_cell.length_a   95.902
_cell.length_b   101.596
_cell.length_c   102.755
_cell.angle_alpha   83.920
_cell.angle_beta   73.640
_cell.angle_gamma   77.710
#
_symmetry.space_group_name_H-M   'P 1'
#
loop_
_entity.id
_entity.type
_entity.pdbx_description
1 polymer 'Rho-associated protein kinase 2'
2 non-polymer ~{N}-[(1~{R})-1-(3-methoxyphenyl)ethyl]-4-pyridin-4-yl-piperidine-1-carboxamide
#
_entity_poly.entity_id   1
_entity_poly.type   'polypeptide(L)'
_entity_poly.pdbx_seq_one_letter_code
;GDGAGASRQRKLEALIRDPRSPINVESLLDGLNSLVLDLDFPALRKNKNIDNFLNRYEKIVKKIRGLQMKAEDYDVVKVI
GRGAFGEVQLVRHKASQKVYAMKLLSKFEMIKRSDSAFFWEERDIMAFANSPWVVQLFYAFQDDRYLYMVMEYMPGGDLV
NLMSNYDVPEKWAKFYTAEVVLALDAIHSMGLIHRDVKPDNMLLDKHGHLKLADFGTCMKMDETGMVHCDTAVGTPDYIS
PEVLKSQGGDGFYGRECDWWSVGVFLYEMLVGDTPFYADSLVGTYSKIMDHKNSLCFPEDAEISKHAKNLICAFLTDREV
RLGRNGVEEIRQHPFFKNDQWHWDNIRETAAPVVPELSSDIDSSNFDDIEDDKGDVETFPIPKAFVGNQLPFIGFTYYR
;
_entity_poly.pdbx_strand_id   A,B,C,D,E,F,G,H
#
# COMPACT_ATOMS: atom_id res chain seq x y z
N ALA A 6 31.59 11.68 58.25
CA ALA A 6 30.13 11.46 57.89
C ALA A 6 29.67 11.99 56.52
N SER A 7 30.36 13.01 55.94
CA SER A 7 30.18 13.38 54.54
C SER A 7 30.03 12.17 53.63
N ARG A 8 31.01 11.26 53.64
CA ARG A 8 30.98 10.04 52.88
C ARG A 8 30.17 8.97 53.62
N GLN A 9 30.44 8.81 54.92
CA GLN A 9 29.88 7.67 55.70
C GLN A 9 28.37 7.69 55.93
N ARG A 10 27.70 8.80 55.61
CA ARG A 10 26.25 8.77 55.39
C ARG A 10 25.93 7.99 54.11
N LYS A 11 26.58 8.37 53.01
CA LYS A 11 26.36 7.75 51.67
C LYS A 11 26.58 6.24 51.69
N LEU A 12 27.60 5.83 52.45
CA LEU A 12 27.96 4.43 52.64
C LEU A 12 26.85 3.67 53.37
N GLU A 13 26.42 4.20 54.52
CA GLU A 13 25.33 3.61 55.30
C GLU A 13 23.98 3.63 54.57
N ALA A 14 23.80 4.52 53.59
CA ALA A 14 22.67 4.48 52.67
C ALA A 14 22.64 3.20 51.85
N LEU A 15 23.76 2.92 51.19
CA LEU A 15 23.95 1.70 50.37
C LEU A 15 23.72 0.38 51.10
N ILE A 16 24.05 0.35 52.38
CA ILE A 16 23.86 -0.83 53.21
C ILE A 16 22.39 -0.98 53.61
N ARG A 17 21.66 0.12 53.76
CA ARG A 17 20.23 0.06 54.14
C ARG A 17 19.26 -0.15 52.97
N ASP A 18 19.63 0.23 51.76
CA ASP A 18 18.81 0.01 50.55
C ASP A 18 18.71 -1.50 50.20
N PRO A 19 17.49 -2.11 50.27
CA PRO A 19 17.40 -3.56 49.96
C PRO A 19 17.50 -3.90 48.46
N ARG A 20 17.34 -2.92 47.58
CA ARG A 20 17.70 -3.04 46.16
C ARG A 20 19.23 -3.12 45.94
N SER A 21 20.03 -2.62 46.88
CA SER A 21 21.51 -2.63 46.76
C SER A 21 22.12 -4.02 47.00
N PRO A 22 23.17 -4.35 46.20
CA PRO A 22 23.82 -5.67 46.24
C PRO A 22 24.69 -5.92 47.46
N ILE A 23 24.87 -4.90 48.30
CA ILE A 23 25.57 -4.99 49.57
C ILE A 23 24.65 -4.56 50.70
N ASN A 24 23.35 -4.90 50.62
CA ASN A 24 22.53 -4.87 51.83
C ASN A 24 23.06 -5.93 52.81
N VAL A 25 22.56 -5.88 54.03
CA VAL A 25 23.05 -6.79 55.07
C VAL A 25 22.85 -8.25 54.69
N GLU A 26 21.73 -8.57 54.03
CA GLU A 26 21.44 -9.97 53.62
C GLU A 26 22.50 -10.47 52.67
N SER A 27 22.82 -9.64 51.66
CA SER A 27 23.91 -9.92 50.68
C SER A 27 25.28 -10.13 51.28
N LEU A 28 25.60 -9.39 52.31
CA LEU A 28 26.90 -9.47 52.95
C LEU A 28 27.07 -10.77 53.74
N LEU A 29 25.98 -11.18 54.38
CA LEU A 29 25.89 -12.48 55.04
C LEU A 29 25.86 -13.68 54.12
N ASP A 30 25.29 -13.48 52.93
CA ASP A 30 25.38 -14.49 51.88
C ASP A 30 26.85 -14.64 51.55
N GLY A 31 27.51 -13.52 51.25
CA GLY A 31 28.96 -13.44 51.03
C GLY A 31 29.83 -14.16 52.04
N LEU A 32 29.43 -14.12 53.30
CA LEU A 32 30.07 -14.90 54.34
C LEU A 32 29.73 -16.39 54.27
N ASN A 33 28.44 -16.75 54.21
CA ASN A 33 28.04 -18.18 54.19
C ASN A 33 28.58 -18.87 52.93
N SER A 34 28.43 -18.19 51.78
CA SER A 34 29.01 -18.64 50.51
C SER A 34 30.50 -18.92 50.58
N LEU A 35 31.24 -18.03 51.24
CA LEU A 35 32.69 -18.20 51.40
C LEU A 35 33.01 -19.46 52.18
N VAL A 36 32.45 -19.57 53.37
CA VAL A 36 32.65 -20.75 54.21
C VAL A 36 32.31 -22.08 53.50
N LEU A 37 31.18 -22.13 52.80
CA LEU A 37 30.75 -23.36 52.14
C LEU A 37 31.69 -23.82 51.04
N ASP A 38 32.17 -22.85 50.25
CA ASP A 38 33.16 -23.12 49.20
C ASP A 38 34.59 -23.43 49.67
N LEU A 39 34.87 -23.20 50.96
CA LEU A 39 36.15 -23.55 51.62
C LEU A 39 36.13 -24.78 52.55
N ASP A 40 35.10 -24.95 53.38
CA ASP A 40 35.06 -26.04 54.39
C ASP A 40 34.95 -27.42 53.73
N PHE A 41 36.12 -27.92 53.33
CA PHE A 41 36.34 -29.28 52.85
C PHE A 41 37.68 -29.68 53.40
N PRO A 42 37.81 -30.89 53.99
CA PRO A 42 39.11 -31.21 54.60
C PRO A 42 40.32 -31.06 53.64
N ALA A 43 40.09 -31.20 52.32
CA ALA A 43 41.07 -30.93 51.26
C ALA A 43 41.68 -29.52 51.29
N LEU A 44 40.84 -28.50 51.41
CA LEU A 44 41.26 -27.09 51.27
C LEU A 44 41.78 -26.50 52.58
N ARG A 45 41.30 -27.01 53.73
CA ARG A 45 41.88 -26.74 55.07
C ARG A 45 43.37 -27.14 55.24
N LYS A 46 43.96 -27.83 54.25
CA LYS A 46 45.42 -27.97 54.17
C LYS A 46 46.14 -26.63 54.05
N ASN A 47 45.53 -25.67 53.34
CA ASN A 47 45.93 -24.25 53.43
C ASN A 47 45.60 -23.69 54.83
N LYS A 48 46.64 -23.17 55.48
CA LYS A 48 46.58 -22.66 56.86
C LYS A 48 45.65 -21.43 56.97
N ASN A 49 45.84 -20.46 56.05
CA ASN A 49 44.98 -19.24 55.91
C ASN A 49 43.51 -19.50 56.08
N ILE A 50 43.08 -20.51 55.32
CA ILE A 50 41.72 -21.02 55.32
C ILE A 50 41.37 -21.59 56.70
N ASP A 51 42.06 -22.64 57.10
CA ASP A 51 41.80 -23.30 58.39
C ASP A 51 41.71 -22.34 59.61
N ASN A 52 42.55 -21.28 59.64
CA ASN A 52 42.49 -20.26 60.72
C ASN A 52 41.18 -19.53 60.69
N PHE A 53 40.90 -19.02 59.49
CA PHE A 53 39.72 -18.24 59.21
C PHE A 53 38.47 -19.04 59.56
N LEU A 54 38.42 -20.27 59.04
CA LEU A 54 37.32 -21.19 59.33
C LEU A 54 37.17 -21.46 60.80
N ASN A 55 38.26 -21.71 61.51
CA ASN A 55 38.17 -21.95 62.97
C ASN A 55 37.61 -20.77 63.75
N ARG A 56 37.93 -19.54 63.32
CA ARG A 56 37.29 -18.33 63.89
C ARG A 56 35.78 -18.30 63.65
N TYR A 57 35.41 -18.27 62.37
CA TYR A 57 34.01 -18.15 62.00
C TYR A 57 33.11 -19.41 62.18
N GLU A 58 33.70 -20.60 62.19
CA GLU A 58 33.05 -21.90 62.50
C GLU A 58 31.83 -21.77 63.41
N LYS A 59 32.09 -21.19 64.60
CA LYS A 59 31.15 -21.15 65.68
C LYS A 59 30.03 -20.17 65.36
N ILE A 60 30.38 -18.93 65.03
CA ILE A 60 29.36 -17.90 64.68
C ILE A 60 28.48 -18.28 63.48
N VAL A 61 29.05 -18.89 62.43
CA VAL A 61 28.29 -19.30 61.25
C VAL A 61 27.26 -20.38 61.58
N LYS A 62 27.65 -21.35 62.39
CA LYS A 62 26.68 -22.36 62.86
C LYS A 62 25.53 -21.75 63.67
N LYS A 63 25.78 -20.67 64.40
CA LYS A 63 24.70 -19.90 65.07
C LYS A 63 23.73 -19.20 64.08
N ILE A 64 24.31 -18.38 63.20
CA ILE A 64 23.63 -17.69 62.06
C ILE A 64 22.63 -18.56 61.30
N ARG A 65 23.05 -19.77 60.98
CA ARG A 65 22.21 -20.71 60.24
C ARG A 65 20.96 -21.09 60.99
N GLY A 66 21.12 -21.32 62.30
CA GLY A 66 20.00 -21.51 63.22
C GLY A 66 18.98 -20.40 63.16
N LEU A 67 19.45 -19.15 63.15
CA LEU A 67 18.58 -17.97 63.20
C LEU A 67 17.98 -17.55 61.87
N GLN A 68 18.76 -17.65 60.81
CA GLN A 68 18.26 -17.29 59.47
C GLN A 68 17.17 -18.24 59.03
N MET A 69 16.33 -17.73 58.12
CA MET A 69 15.24 -18.51 57.57
C MET A 69 15.84 -19.66 56.79
N LYS A 70 15.22 -20.83 56.96
CA LYS A 70 15.67 -22.08 56.34
C LYS A 70 14.47 -22.96 56.03
N ALA A 71 14.70 -23.96 55.19
CA ALA A 71 13.67 -24.88 54.76
C ALA A 71 12.97 -25.68 55.88
N GLU A 72 13.70 -25.99 56.96
CA GLU A 72 13.11 -26.66 58.15
C GLU A 72 12.14 -25.78 58.94
N ASP A 73 12.11 -24.46 58.67
CA ASP A 73 11.06 -23.59 59.20
C ASP A 73 9.66 -23.85 58.63
N TYR A 74 9.60 -24.50 57.46
CA TYR A 74 8.35 -24.83 56.75
C TYR A 74 8.03 -26.32 56.67
N ASP A 75 6.73 -26.65 56.72
CA ASP A 75 6.20 -28.01 56.46
C ASP A 75 5.71 -28.06 55.03
N VAL A 76 6.13 -29.07 54.27
CA VAL A 76 5.65 -29.28 52.90
C VAL A 76 4.33 -30.05 52.97
N VAL A 77 3.33 -29.54 52.28
CA VAL A 77 1.97 -30.09 52.28
C VAL A 77 1.77 -30.96 51.06
N LYS A 78 1.99 -30.39 49.89
CA LYS A 78 1.90 -31.10 48.61
C LYS A 78 2.83 -30.38 47.65
N VAL A 79 3.34 -31.11 46.66
CA VAL A 79 3.98 -30.51 45.48
C VAL A 79 2.91 -30.19 44.43
N ILE A 80 2.96 -28.96 43.92
CA ILE A 80 1.92 -28.37 43.03
C ILE A 80 2.40 -27.84 41.68
N GLY A 81 3.69 -28.03 41.40
CA GLY A 81 4.33 -27.53 40.20
C GLY A 81 5.67 -28.24 40.05
N ARG A 82 6.10 -28.40 38.81
CA ARG A 82 7.42 -28.94 38.53
C ARG A 82 7.87 -28.20 37.27
N GLY A 83 9.14 -27.85 37.26
CA GLY A 83 9.70 -27.02 36.19
C GLY A 83 11.15 -27.33 35.97
N ALA A 84 11.74 -26.58 35.04
CA ALA A 84 13.08 -26.90 34.50
C ALA A 84 14.10 -27.29 35.57
N PHE A 85 14.31 -26.38 36.51
CA PHE A 85 15.35 -26.51 37.53
C PHE A 85 14.81 -26.76 38.95
N GLY A 86 13.51 -27.05 39.11
CA GLY A 86 13.04 -27.54 40.42
C GLY A 86 11.55 -27.81 40.49
N GLU A 87 10.95 -27.44 41.62
CA GLU A 87 9.53 -27.62 41.90
C GLU A 87 8.93 -26.51 42.75
N VAL A 88 7.58 -26.48 42.78
CA VAL A 88 6.80 -25.52 43.59
C VAL A 88 6.02 -26.34 44.61
N GLN A 89 6.14 -25.93 45.87
CA GLN A 89 5.58 -26.60 47.03
C GLN A 89 4.54 -25.71 47.70
N LEU A 90 3.42 -26.32 48.09
CA LEU A 90 2.51 -25.71 49.03
C LEU A 90 3.09 -26.00 50.40
N VAL A 91 3.27 -24.94 51.21
CA VAL A 91 3.94 -25.04 52.51
C VAL A 91 3.25 -24.25 53.62
N ARG A 92 3.44 -24.72 54.85
CA ARG A 92 2.98 -24.00 56.04
C ARG A 92 4.19 -23.63 56.89
N HIS A 93 4.33 -22.34 57.22
CA HIS A 93 5.37 -21.83 58.14
C HIS A 93 5.00 -22.40 59.50
N LYS A 94 5.88 -23.23 60.06
CA LYS A 94 5.62 -24.01 61.28
C LYS A 94 5.26 -23.11 62.44
N ALA A 95 6.12 -22.11 62.67
CA ALA A 95 5.90 -21.06 63.67
C ALA A 95 4.64 -20.21 63.48
N SER A 96 4.60 -19.43 62.40
CA SER A 96 3.46 -18.49 62.15
C SER A 96 2.16 -19.18 61.74
N GLN A 97 2.24 -20.42 61.28
CA GLN A 97 1.11 -21.22 60.78
C GLN A 97 0.55 -20.79 59.42
N LYS A 98 1.13 -19.76 58.80
CA LYS A 98 0.62 -19.21 57.54
C LYS A 98 1.03 -20.10 56.37
N VAL A 99 0.25 -20.04 55.30
CA VAL A 99 0.44 -20.87 54.12
C VAL A 99 0.98 -20.04 52.95
N TYR A 100 2.03 -20.58 52.31
CA TYR A 100 2.65 -19.92 51.16
C TYR A 100 2.87 -20.95 50.05
N ALA A 101 3.20 -20.44 48.89
CA ALA A 101 3.74 -21.22 47.78
C ALA A 101 5.25 -20.98 47.78
N MET A 102 6.04 -22.04 47.73
CA MET A 102 7.49 -21.95 47.74
C MET A 102 8.10 -22.62 46.53
N LYS A 103 8.86 -21.86 45.75
CA LYS A 103 9.51 -22.33 44.53
C LYS A 103 10.96 -22.60 44.83
N LEU A 104 11.41 -23.81 44.48
CA LEU A 104 12.79 -24.28 44.69
C LEU A 104 13.57 -24.32 43.40
N LEU A 105 14.87 -24.05 43.49
CA LEU A 105 15.77 -24.17 42.36
C LEU A 105 17.05 -24.86 42.77
N SER A 106 17.32 -26.02 42.16
CA SER A 106 18.57 -26.76 42.37
C SER A 106 19.74 -25.91 41.91
N LYS A 107 20.70 -25.75 42.82
CA LYS A 107 21.91 -25.05 42.48
C LYS A 107 22.74 -25.92 41.51
N PHE A 108 22.90 -27.22 41.83
CA PHE A 108 23.67 -28.13 40.97
C PHE A 108 23.27 -28.01 39.48
N GLU A 109 21.96 -28.17 39.26
CA GLU A 109 21.38 -28.14 37.92
C GLU A 109 21.59 -26.83 37.18
N MET A 110 21.46 -25.71 37.89
CA MET A 110 21.60 -24.39 37.27
C MET A 110 23.01 -24.11 36.78
N ILE A 111 24.00 -24.51 37.59
CA ILE A 111 25.42 -24.44 37.23
C ILE A 111 25.63 -25.35 36.04
N LYS A 112 25.37 -26.64 36.26
CA LYS A 112 25.55 -27.68 35.22
C LYS A 112 25.00 -27.21 33.87
N ARG A 113 23.70 -26.94 33.82
CA ARG A 113 23.07 -26.50 32.56
C ARG A 113 23.09 -24.97 32.47
N SER A 114 24.26 -24.40 32.17
CA SER A 114 24.67 -22.99 32.51
C SER A 114 23.79 -21.77 32.26
N ASP A 115 22.47 -21.92 32.39
CA ASP A 115 21.50 -20.88 32.71
C ASP A 115 21.48 -20.72 34.25
N SER A 116 22.09 -19.64 34.78
CA SER A 116 22.01 -19.33 36.23
C SER A 116 22.02 -17.81 36.57
N ALA A 117 21.30 -17.05 35.75
CA ALA A 117 20.98 -15.63 36.00
C ALA A 117 19.50 -15.27 36.06
N PHE A 118 18.66 -16.01 35.36
CA PHE A 118 17.19 -15.78 35.27
C PHE A 118 16.47 -15.41 36.57
N PHE A 119 16.88 -16.06 37.65
CA PHE A 119 16.27 -15.86 38.99
C PHE A 119 16.40 -14.46 39.61
N TRP A 120 17.36 -13.66 39.12
CA TRP A 120 17.56 -12.32 39.63
C TRP A 120 16.39 -11.45 39.28
N GLU A 121 16.05 -11.38 37.99
CA GLU A 121 14.86 -10.60 37.61
C GLU A 121 13.58 -11.16 38.22
N GLU A 122 13.47 -12.50 38.26
CA GLU A 122 12.27 -13.14 38.84
C GLU A 122 12.07 -12.69 40.26
N ARG A 123 13.13 -12.78 41.04
CA ARG A 123 13.12 -12.36 42.44
C ARG A 123 12.75 -10.89 42.57
N ASP A 124 13.49 -10.04 41.86
CA ASP A 124 13.27 -8.58 41.90
C ASP A 124 11.85 -8.18 41.52
N ILE A 125 11.32 -8.82 40.47
CA ILE A 125 9.94 -8.56 40.00
C ILE A 125 8.93 -8.84 41.11
N MET A 126 8.99 -10.05 41.63
CA MET A 126 8.09 -10.50 42.68
C MET A 126 8.28 -9.77 43.99
N ALA A 127 9.52 -9.39 44.30
CA ALA A 127 9.81 -8.64 45.54
C ALA A 127 9.26 -7.21 45.50
N PHE A 128 9.47 -6.54 44.35
CA PHE A 128 9.43 -5.07 44.24
C PHE A 128 8.50 -4.45 43.19
N ALA A 129 7.55 -5.21 42.67
CA ALA A 129 6.58 -4.65 41.73
C ALA A 129 5.51 -3.79 42.42
N ASN A 130 5.25 -4.02 43.70
CA ASN A 130 4.03 -3.54 44.41
C ASN A 130 2.81 -3.47 43.54
N SER A 131 2.66 -4.54 42.77
CA SER A 131 1.62 -4.61 41.76
C SER A 131 0.70 -5.71 42.17
N PRO A 132 -0.61 -5.47 42.03
CA PRO A 132 -1.53 -6.55 42.25
C PRO A 132 -1.65 -7.46 41.03
N TRP A 133 -0.97 -7.16 39.93
CA TRP A 133 -0.80 -8.12 38.83
C TRP A 133 0.35 -9.11 38.98
N VAL A 134 1.23 -8.89 39.96
CA VAL A 134 2.36 -9.78 40.19
C VAL A 134 2.19 -10.49 41.51
N VAL A 135 2.54 -11.77 41.48
CA VAL A 135 2.57 -12.60 42.67
C VAL A 135 3.68 -12.04 43.53
N GLN A 136 3.33 -11.58 44.74
CA GLN A 136 4.32 -11.02 45.66
C GLN A 136 5.22 -12.06 46.30
N LEU A 137 6.52 -11.74 46.36
CA LEU A 137 7.54 -12.48 47.09
C LEU A 137 7.64 -11.85 48.49
N PHE A 138 7.62 -12.75 49.46
CA PHE A 138 7.73 -12.42 50.87
C PHE A 138 9.16 -12.66 51.35
N TYR A 139 9.66 -13.86 51.14
CA TYR A 139 10.99 -14.25 51.58
C TYR A 139 11.72 -15.02 50.47
N ALA A 140 12.97 -14.66 50.21
CA ALA A 140 13.92 -15.49 49.49
C ALA A 140 15.03 -15.87 50.46
N PHE A 141 15.45 -17.13 50.39
CA PHE A 141 16.61 -17.61 51.14
C PHE A 141 17.30 -18.75 50.41
N GLN A 142 18.40 -19.24 50.99
CA GLN A 142 19.13 -20.36 50.42
C GLN A 142 19.74 -21.30 51.44
N ASP A 143 20.10 -22.49 51.00
CA ASP A 143 20.83 -23.50 51.69
C ASP A 143 22.05 -23.91 50.89
N ASP A 144 22.86 -24.87 51.36
CA ASP A 144 23.88 -25.53 50.51
C ASP A 144 23.35 -25.93 49.11
N ARG A 145 22.16 -26.53 49.04
CA ARG A 145 21.65 -27.12 47.80
C ARG A 145 20.72 -26.30 46.89
N TYR A 146 19.79 -25.55 47.51
CA TYR A 146 18.69 -24.89 46.76
C TYR A 146 18.56 -23.38 47.05
N LEU A 147 18.04 -22.65 46.07
CA LEU A 147 17.33 -21.39 46.29
C LEU A 147 15.85 -21.62 46.55
N TYR A 148 15.26 -20.73 47.35
CA TYR A 148 13.86 -20.81 47.74
C TYR A 148 13.23 -19.44 47.55
N MET A 149 11.96 -19.42 47.13
CA MET A 149 11.18 -18.19 46.94
C MET A 149 9.78 -18.41 47.52
N VAL A 150 9.47 -17.74 48.63
CA VAL A 150 8.21 -17.86 49.33
C VAL A 150 7.25 -16.76 48.83
N MET A 151 6.14 -17.19 48.24
CA MET A 151 5.18 -16.34 47.55
C MET A 151 3.80 -16.51 48.14
N GLU A 152 2.93 -15.54 47.84
CA GLU A 152 1.51 -15.68 48.18
C GLU A 152 0.99 -16.84 47.35
N TYR A 153 0.40 -17.83 48.01
CA TYR A 153 -0.28 -18.94 47.32
C TYR A 153 -1.49 -18.39 46.55
N MET A 154 -1.72 -18.94 45.36
CA MET A 154 -2.77 -18.55 44.44
C MET A 154 -3.68 -19.76 44.23
N PRO A 155 -4.72 -19.92 45.08
CA PRO A 155 -5.42 -21.20 45.10
C PRO A 155 -6.39 -21.47 43.93
N GLY A 156 -6.66 -20.44 43.10
CA GLY A 156 -7.46 -20.59 41.90
C GLY A 156 -6.81 -21.30 40.71
N GLY A 157 -5.49 -21.47 40.75
CA GLY A 157 -4.77 -22.25 39.74
C GLY A 157 -4.54 -21.48 38.46
N ASP A 158 -3.89 -22.13 37.50
CA ASP A 158 -3.58 -21.54 36.20
C ASP A 158 -4.80 -21.51 35.31
N LEU A 159 -4.66 -20.77 34.21
CA LEU A 159 -5.71 -20.70 33.19
C LEU A 159 -5.77 -21.90 32.25
N VAL A 160 -4.77 -22.77 32.26
CA VAL A 160 -4.88 -24.01 31.52
C VAL A 160 -5.97 -24.80 32.21
N ASN A 161 -5.81 -24.92 33.52
CA ASN A 161 -6.74 -25.62 34.40
C ASN A 161 -8.13 -25.01 34.38
N LEU A 162 -8.23 -23.70 34.17
CA LEU A 162 -9.52 -23.06 33.92
C LEU A 162 -10.12 -23.43 32.58
N MET A 163 -9.36 -23.24 31.51
CA MET A 163 -9.83 -23.53 30.14
C MET A 163 -10.22 -25.00 29.93
N SER A 164 -9.51 -25.92 30.58
CA SER A 164 -9.85 -27.36 30.53
C SER A 164 -11.19 -27.69 31.22
N ASN A 165 -11.52 -26.96 32.27
CA ASN A 165 -12.76 -27.16 33.06
C ASN A 165 -13.97 -26.31 32.66
N TYR A 166 -13.80 -25.34 31.76
CA TYR A 166 -14.92 -24.51 31.28
C TYR A 166 -14.83 -24.28 29.77
N ASP A 167 -15.98 -24.44 29.10
CA ASP A 167 -16.20 -23.74 27.86
C ASP A 167 -16.26 -22.28 28.29
N VAL A 168 -15.48 -21.45 27.60
CA VAL A 168 -15.23 -20.09 28.03
C VAL A 168 -16.00 -19.13 27.13
N PRO A 169 -16.99 -18.41 27.68
CA PRO A 169 -17.69 -17.41 26.83
C PRO A 169 -16.86 -16.18 26.56
N GLU A 170 -17.32 -15.37 25.61
CA GLU A 170 -16.59 -14.17 25.19
C GLU A 170 -16.54 -13.13 26.30
N LYS A 171 -17.59 -13.03 27.11
CA LYS A 171 -17.57 -12.13 28.27
C LYS A 171 -16.43 -12.40 29.20
N TRP A 172 -16.20 -13.67 29.48
CA TRP A 172 -15.10 -14.10 30.33
C TRP A 172 -13.76 -13.81 29.73
N ALA A 173 -13.63 -14.05 28.43
CA ALA A 173 -12.37 -13.79 27.73
C ALA A 173 -12.02 -12.29 27.67
N LYS A 174 -13.01 -11.42 27.39
CA LYS A 174 -12.86 -9.93 27.53
C LYS A 174 -12.18 -9.59 28.85
N PHE A 175 -12.69 -10.18 29.94
CA PHE A 175 -12.17 -9.96 31.29
C PHE A 175 -10.74 -10.44 31.46
N TYR A 176 -10.53 -11.74 31.30
CA TYR A 176 -9.22 -12.35 31.54
C TYR A 176 -8.14 -11.76 30.63
N THR A 177 -8.48 -11.50 29.38
CA THR A 177 -7.58 -10.79 28.45
C THR A 177 -7.23 -9.38 28.93
N ALA A 178 -8.24 -8.60 29.28
CA ALA A 178 -8.05 -7.25 29.81
C ALA A 178 -7.08 -7.24 30.99
N GLU A 179 -7.28 -8.17 31.92
CA GLU A 179 -6.39 -8.33 33.07
C GLU A 179 -4.94 -8.66 32.65
N VAL A 180 -4.78 -9.50 31.62
CA VAL A 180 -3.45 -9.78 31.04
C VAL A 180 -2.83 -8.51 30.44
N VAL A 181 -3.62 -7.77 29.67
CA VAL A 181 -3.18 -6.52 29.06
C VAL A 181 -2.53 -5.57 30.08
N LEU A 182 -3.16 -5.41 31.23
CA LEU A 182 -2.72 -4.52 32.27
C LEU A 182 -1.51 -5.08 33.01
N ALA A 183 -1.51 -6.40 33.18
CA ALA A 183 -0.39 -7.06 33.82
C ALA A 183 0.90 -6.87 33.00
N LEU A 184 0.82 -7.14 31.71
CA LEU A 184 1.96 -6.94 30.83
C LEU A 184 2.41 -5.50 30.77
N ASP A 185 1.43 -4.58 30.65
CA ASP A 185 1.74 -3.15 30.65
C ASP A 185 2.57 -2.75 31.89
N ALA A 186 2.27 -3.38 33.04
CA ALA A 186 3.04 -3.16 34.26
C ALA A 186 4.46 -3.70 34.18
N ILE A 187 4.60 -4.91 33.63
CA ILE A 187 5.92 -5.52 33.35
C ILE A 187 6.72 -4.68 32.33
N HIS A 188 6.01 -4.17 31.32
CA HIS A 188 6.56 -3.24 30.37
C HIS A 188 6.98 -1.93 31.05
N SER A 189 6.11 -1.34 31.88
CA SER A 189 6.44 -0.15 32.75
C SER A 189 7.68 -0.31 33.60
N MET A 190 7.92 -1.53 34.06
CA MET A 190 9.18 -1.89 34.74
C MET A 190 10.40 -2.08 33.81
N GLY A 191 10.25 -1.84 32.50
CA GLY A 191 11.34 -1.98 31.53
C GLY A 191 11.79 -3.40 31.24
N LEU A 192 10.82 -4.32 31.21
CA LEU A 192 11.06 -5.73 30.96
C LEU A 192 10.16 -6.23 29.85
N ILE A 193 10.68 -7.21 29.10
CA ILE A 193 9.92 -8.00 28.14
C ILE A 193 9.78 -9.38 28.76
N HIS A 194 8.54 -9.91 28.79
CA HIS A 194 8.27 -11.25 29.32
C HIS A 194 8.87 -12.36 28.44
N ARG A 195 8.60 -12.24 27.14
CA ARG A 195 8.83 -13.27 26.11
C ARG A 195 7.78 -14.37 26.23
N ASP A 196 7.94 -15.25 27.22
CA ASP A 196 7.11 -16.47 27.38
C ASP A 196 5.75 -16.24 28.09
N VAL A 197 4.89 -15.47 27.44
CA VAL A 197 3.54 -15.18 27.96
C VAL A 197 2.63 -16.32 27.55
N LYS A 198 1.92 -16.92 28.49
CA LYS A 198 1.09 -18.14 28.28
C LYS A 198 0.19 -18.47 29.49
N PRO A 199 -0.83 -19.33 29.33
CA PRO A 199 -1.77 -19.60 30.43
C PRO A 199 -1.20 -20.27 31.66
N ASP A 200 -0.06 -20.96 31.50
CA ASP A 200 0.63 -21.65 32.61
C ASP A 200 1.26 -20.63 33.56
N ASN A 201 1.60 -19.46 33.01
CA ASN A 201 2.21 -18.33 33.70
C ASN A 201 1.19 -17.24 34.11
N MET A 202 -0.08 -17.65 34.27
CA MET A 202 -1.21 -16.77 34.57
C MET A 202 -2.01 -17.49 35.65
N LEU A 203 -1.99 -16.96 36.86
CA LEU A 203 -2.64 -17.59 38.01
C LEU A 203 -3.74 -16.75 38.59
N LEU A 204 -4.57 -17.40 39.42
CA LEU A 204 -5.78 -16.82 39.94
C LEU A 204 -5.79 -16.82 41.44
N ASP A 205 -6.02 -15.61 42.00
CA ASP A 205 -6.00 -15.40 43.46
C ASP A 205 -7.21 -16.01 44.14
N LYS A 206 -7.24 -15.91 45.46
CA LYS A 206 -8.39 -16.30 46.29
C LYS A 206 -9.76 -15.80 45.79
N HIS A 207 -9.75 -14.65 45.09
CA HIS A 207 -10.94 -14.08 44.44
C HIS A 207 -11.09 -14.27 42.92
N GLY A 208 -10.35 -15.23 42.37
CA GLY A 208 -10.39 -15.52 40.93
C GLY A 208 -9.97 -14.46 39.94
N HIS A 209 -9.10 -13.54 40.40
CA HIS A 209 -8.49 -12.45 39.60
C HIS A 209 -7.05 -12.81 39.29
N LEU A 210 -6.56 -12.26 38.18
CA LEU A 210 -5.26 -12.63 37.62
C LEU A 210 -4.08 -12.05 38.40
N LYS A 211 -3.04 -12.86 38.54
CA LYS A 211 -1.67 -12.44 38.85
C LYS A 211 -0.72 -13.27 37.96
N LEU A 212 0.42 -12.70 37.59
CA LEU A 212 1.44 -13.38 36.80
C LEU A 212 2.48 -13.99 37.73
N ALA A 213 3.01 -15.13 37.29
CA ALA A 213 4.09 -15.82 37.97
C ALA A 213 4.98 -16.52 36.93
N ASP A 214 6.11 -17.09 37.40
CA ASP A 214 7.19 -17.61 36.52
C ASP A 214 7.67 -16.51 35.55
N PHE A 215 8.73 -15.86 35.97
CA PHE A 215 9.41 -14.86 35.19
C PHE A 215 10.80 -15.30 34.76
N GLY A 216 11.09 -16.60 34.72
CA GLY A 216 12.39 -17.14 34.23
C GLY A 216 12.89 -16.60 32.89
N THR A 217 11.95 -16.23 32.04
CA THR A 217 12.22 -15.64 30.74
C THR A 217 12.35 -14.15 30.69
N CYS A 218 11.86 -13.42 31.68
CA CYS A 218 11.92 -11.96 31.63
C CYS A 218 13.36 -11.50 31.54
N MET A 219 13.60 -10.61 30.59
CA MET A 219 14.90 -10.01 30.35
C MET A 219 14.72 -8.50 30.29
N LYS A 220 15.73 -7.79 30.77
CA LYS A 220 15.68 -6.33 30.83
C LYS A 220 15.89 -5.73 29.42
N MET A 221 15.13 -4.67 29.13
CA MET A 221 15.22 -3.99 27.82
C MET A 221 16.53 -3.23 27.72
N ASP A 222 17.03 -3.08 26.47
CA ASP A 222 18.26 -2.28 26.28
C ASP A 222 17.73 -0.87 26.15
N GLU A 223 18.59 0.07 25.73
CA GLU A 223 18.20 1.50 25.64
C GLU A 223 17.07 1.78 24.65
N THR A 224 17.08 1.12 23.49
CA THR A 224 15.96 1.23 22.50
C THR A 224 14.66 0.60 22.93
N GLY A 225 14.77 -0.51 23.66
CA GLY A 225 13.59 -1.38 23.99
C GLY A 225 13.67 -2.78 23.40
N MET A 226 14.86 -3.23 22.94
CA MET A 226 15.10 -4.55 22.37
C MET A 226 15.75 -5.47 23.42
N VAL A 227 16.09 -6.71 23.00
CA VAL A 227 16.96 -7.60 23.75
C VAL A 227 17.44 -8.76 22.81
N HIS A 228 18.52 -9.47 23.13
CA HIS A 228 18.66 -10.92 22.72
C HIS A 228 18.41 -11.96 23.84
N ALA A 232 17.31 -19.89 24.17
CA ALA A 232 15.92 -20.33 23.95
C ALA A 232 14.88 -19.46 24.66
N VAL A 233 13.62 -19.66 24.27
CA VAL A 233 12.40 -19.20 24.99
C VAL A 233 11.30 -20.37 25.00
N GLY A 234 10.66 -20.64 26.14
CA GLY A 234 9.27 -20.95 26.20
C GLY A 234 8.73 -22.20 25.59
N THR A 235 7.41 -22.39 25.71
CA THR A 235 6.70 -23.38 24.89
C THR A 235 6.46 -22.79 23.49
N PRO A 236 6.38 -23.67 22.47
CA PRO A 236 6.26 -23.27 21.05
C PRO A 236 5.00 -22.50 20.60
N ASP A 237 3.79 -22.94 20.97
CA ASP A 237 2.51 -22.38 20.39
C ASP A 237 2.37 -20.87 20.52
N TYR A 238 2.76 -20.41 21.72
CA TYR A 238 2.63 -19.00 22.11
C TYR A 238 3.76 -18.08 21.68
N ILE A 239 4.80 -18.66 21.06
CA ILE A 239 5.94 -17.86 20.60
C ILE A 239 5.62 -17.11 19.31
N SER A 240 6.30 -15.98 19.11
CA SER A 240 6.13 -15.08 17.95
C SER A 240 7.15 -15.38 16.84
N PRO A 241 6.86 -15.00 15.59
CA PRO A 241 7.78 -15.32 14.46
C PRO A 241 9.18 -14.69 14.55
N GLU A 242 9.24 -13.39 14.88
CA GLU A 242 10.50 -12.69 15.07
C GLU A 242 11.45 -13.35 16.11
N VAL A 243 10.88 -13.88 17.19
CA VAL A 243 11.66 -14.64 18.19
C VAL A 243 12.36 -15.88 17.56
N LEU A 244 11.71 -16.50 16.59
CA LEU A 244 12.25 -17.65 15.88
C LEU A 244 13.39 -17.36 14.87
N LYS A 245 13.85 -16.09 14.71
CA LYS A 245 14.82 -15.69 13.70
C LYS A 245 16.03 -14.92 14.26
N SER A 246 15.84 -14.25 15.38
CA SER A 246 16.90 -14.04 16.38
C SER A 246 17.56 -15.35 16.83
N GLN A 247 16.72 -16.34 17.17
CA GLN A 247 17.15 -17.70 17.51
C GLN A 247 17.93 -18.47 16.43
N GLY A 248 17.96 -18.00 15.18
CA GLY A 248 18.97 -18.45 14.18
C GLY A 248 20.40 -18.07 14.55
N PHE A 252 17.34 -10.09 17.72
CA PHE A 252 17.07 -8.72 18.25
C PHE A 252 15.58 -8.27 18.15
N TYR A 253 14.85 -8.33 19.28
CA TYR A 253 13.37 -8.24 19.33
C TYR A 253 12.83 -7.46 20.53
N GLY A 254 11.68 -6.78 20.33
CA GLY A 254 11.08 -5.87 21.29
C GLY A 254 9.81 -6.39 21.99
N ARG A 255 9.14 -5.46 22.68
CA ARG A 255 7.98 -5.75 23.55
C ARG A 255 6.77 -6.33 22.84
N GLU A 256 6.58 -5.90 21.59
CA GLU A 256 5.48 -6.39 20.73
C GLU A 256 5.30 -7.93 20.71
N CYS A 257 6.39 -8.70 20.93
CA CYS A 257 6.32 -10.17 21.02
C CYS A 257 5.47 -10.72 22.17
N ASP A 258 5.32 -9.96 23.23
CA ASP A 258 4.37 -10.28 24.32
C ASP A 258 2.95 -10.16 23.80
N TRP A 259 2.67 -9.09 23.08
CA TRP A 259 1.35 -8.85 22.53
C TRP A 259 0.87 -9.90 21.51
N TRP A 260 1.79 -10.48 20.74
CA TRP A 260 1.50 -11.68 19.93
C TRP A 260 0.87 -12.76 20.80
N SER A 261 1.57 -13.08 21.89
CA SER A 261 1.17 -14.14 22.78
C SER A 261 -0.21 -13.90 23.42
N VAL A 262 -0.63 -12.63 23.51
CA VAL A 262 -1.97 -12.26 23.98
C VAL A 262 -3.02 -12.65 22.96
N GLY A 263 -2.79 -12.29 21.69
CA GLY A 263 -3.63 -12.81 20.60
C GLY A 263 -3.82 -14.32 20.62
N VAL A 264 -2.71 -15.05 20.74
CA VAL A 264 -2.72 -16.53 20.82
C VAL A 264 -3.61 -17.03 21.98
N PHE A 265 -3.51 -16.34 23.11
CA PHE A 265 -4.26 -16.64 24.32
C PHE A 265 -5.75 -16.48 24.12
N LEU A 266 -6.11 -15.33 23.59
CA LEU A 266 -7.51 -15.02 23.33
C LEU A 266 -8.14 -16.06 22.40
N TYR A 267 -7.42 -16.37 21.32
CA TYR A 267 -7.80 -17.47 20.42
C TYR A 267 -8.03 -18.80 21.16
N GLU A 268 -7.06 -19.26 21.94
CA GLU A 268 -7.21 -20.53 22.69
C GLU A 268 -8.45 -20.54 23.59
N MET A 269 -8.78 -19.40 24.18
CA MET A 269 -9.96 -19.28 25.04
C MET A 269 -11.26 -19.41 24.26
N LEU A 270 -11.33 -18.69 23.15
CA LEU A 270 -12.55 -18.64 22.34
C LEU A 270 -12.76 -19.84 21.44
N VAL A 271 -11.71 -20.27 20.76
CA VAL A 271 -11.77 -21.40 19.81
C VAL A 271 -11.78 -22.71 20.60
N GLY A 272 -10.71 -22.93 21.38
CA GLY A 272 -10.54 -24.17 22.15
C GLY A 272 -9.16 -24.76 21.99
N ASP A 273 -8.65 -24.70 20.75
CA ASP A 273 -7.26 -25.04 20.43
C ASP A 273 -6.42 -23.79 20.19
N THR A 274 -5.10 -23.98 20.21
CA THR A 274 -4.13 -22.94 19.85
C THR A 274 -4.19 -22.75 18.34
N PRO A 275 -3.95 -21.53 17.84
CA PRO A 275 -4.09 -21.26 16.42
C PRO A 275 -3.02 -21.80 15.48
N PHE A 276 -1.93 -22.36 16.00
CA PHE A 276 -0.92 -23.02 15.17
C PHE A 276 -0.61 -24.41 15.72
N TYR A 277 -1.66 -25.11 16.15
CA TYR A 277 -1.51 -26.48 16.66
C TYR A 277 -0.97 -27.37 15.54
N ALA A 278 -0.16 -28.32 15.95
CA ALA A 278 0.31 -29.39 15.08
C ALA A 278 0.68 -30.58 15.95
N ASP A 279 0.91 -31.73 15.26
CA ASP A 279 1.27 -32.97 15.96
C ASP A 279 2.68 -32.82 16.40
N SER A 280 3.57 -32.54 15.45
CA SER A 280 4.96 -32.22 15.73
C SER A 280 5.11 -30.77 16.19
N LEU A 281 6.28 -30.49 16.70
CA LEU A 281 6.68 -29.11 17.04
C LEU A 281 7.10 -28.41 15.78
N VAL A 282 7.93 -29.07 14.98
CA VAL A 282 8.32 -28.55 13.64
C VAL A 282 7.13 -28.04 12.81
N GLY A 283 5.99 -28.74 12.92
CA GLY A 283 4.75 -28.35 12.29
C GLY A 283 4.26 -26.98 12.78
N THR A 284 4.19 -26.88 14.11
CA THR A 284 3.83 -25.63 14.79
C THR A 284 4.70 -24.46 14.33
N TYR A 285 6.02 -24.67 14.35
CA TYR A 285 6.97 -23.62 13.95
C TYR A 285 6.65 -23.15 12.53
N SER A 286 6.55 -24.13 11.61
CA SER A 286 6.30 -23.87 10.20
C SER A 286 5.03 -23.04 9.99
N LYS A 287 3.99 -23.39 10.76
CA LYS A 287 2.71 -22.67 10.74
C LYS A 287 2.83 -21.24 11.24
N ILE A 288 3.54 -21.04 12.36
CA ILE A 288 3.76 -19.70 12.93
C ILE A 288 4.41 -18.79 11.89
N MET A 289 5.48 -19.28 11.25
CA MET A 289 6.16 -18.52 10.18
C MET A 289 5.23 -18.12 9.04
N ASP A 290 4.41 -19.10 8.64
CA ASP A 290 3.43 -18.92 7.57
C ASP A 290 2.10 -18.25 8.04
N HIS A 291 2.08 -17.63 9.25
CA HIS A 291 0.86 -17.10 9.88
C HIS A 291 -0.11 -16.35 8.98
N LYS A 292 0.43 -15.58 8.04
CA LYS A 292 -0.35 -14.88 7.00
C LYS A 292 -1.36 -15.80 6.31
N ASN A 293 -0.93 -17.03 5.98
CA ASN A 293 -1.78 -18.07 5.38
C ASN A 293 -2.38 -19.03 6.42
N SER A 294 -1.56 -19.48 7.37
CA SER A 294 -1.94 -20.58 8.30
C SER A 294 -2.95 -20.24 9.40
N LEU A 295 -3.29 -18.96 9.57
CA LEU A 295 -4.34 -18.55 10.52
C LEU A 295 -5.64 -18.39 9.77
N CYS A 296 -6.57 -19.30 10.03
CA CYS A 296 -7.99 -19.12 9.71
C CYS A 296 -8.77 -19.58 10.95
N PHE A 297 -9.99 -19.07 11.07
CA PHE A 297 -10.86 -19.37 12.21
C PHE A 297 -11.79 -20.51 11.83
N PRO A 298 -11.81 -21.61 12.63
CA PRO A 298 -12.81 -22.64 12.43
C PRO A 298 -14.23 -22.07 12.31
N GLU A 299 -14.96 -22.48 11.27
CA GLU A 299 -16.31 -21.97 11.03
C GLU A 299 -17.32 -22.42 12.10
N ASP A 300 -17.05 -23.55 12.77
CA ASP A 300 -17.84 -23.95 13.96
C ASP A 300 -17.69 -23.04 15.19
N ALA A 301 -16.57 -22.33 15.31
CA ALA A 301 -16.23 -21.56 16.51
C ALA A 301 -16.99 -20.24 16.66
N GLU A 302 -17.48 -20.00 17.87
CA GLU A 302 -18.39 -18.92 18.23
C GLU A 302 -17.57 -17.70 18.64
N ILE A 303 -17.60 -16.66 17.82
CA ILE A 303 -16.65 -15.53 17.98
C ILE A 303 -17.09 -14.30 17.21
N SER A 304 -17.05 -13.16 17.88
CA SER A 304 -17.54 -11.89 17.34
C SER A 304 -16.58 -11.31 16.31
N LYS A 305 -17.05 -10.31 15.57
CA LYS A 305 -16.21 -9.71 14.52
C LYS A 305 -15.11 -8.94 15.21
N HIS A 306 -15.50 -8.10 16.16
CA HIS A 306 -14.56 -7.39 17.06
C HIS A 306 -13.46 -8.29 17.62
N ALA A 307 -13.85 -9.41 18.17
CA ALA A 307 -12.90 -10.38 18.72
C ALA A 307 -11.99 -11.02 17.66
N LYS A 308 -12.57 -11.40 16.52
CA LYS A 308 -11.79 -11.84 15.34
C LYS A 308 -10.77 -10.77 14.96
N ASN A 309 -11.26 -9.55 14.79
CA ASN A 309 -10.47 -8.38 14.34
C ASN A 309 -9.27 -8.19 15.29
N LEU A 310 -9.54 -8.14 16.60
CA LEU A 310 -8.49 -7.98 17.62
C LEU A 310 -7.39 -9.04 17.59
N ILE A 311 -7.78 -10.29 17.41
CA ILE A 311 -6.81 -11.40 17.29
C ILE A 311 -5.89 -11.19 16.08
N CYS A 312 -6.50 -10.81 14.96
CA CYS A 312 -5.74 -10.51 13.74
C CYS A 312 -4.83 -9.32 13.89
N ALA A 313 -5.25 -8.33 14.69
CA ALA A 313 -4.42 -7.17 15.00
C ALA A 313 -3.17 -7.50 15.82
N PHE A 314 -3.26 -8.51 16.69
CA PHE A 314 -2.09 -9.03 17.43
C PHE A 314 -1.24 -10.00 16.62
N LEU A 315 -1.86 -10.78 15.73
CA LEU A 315 -1.14 -11.77 14.93
C LEU A 315 -0.77 -11.28 13.51
N THR A 316 -0.07 -10.14 13.46
CA THR A 316 0.57 -9.62 12.23
C THR A 316 2.07 -9.72 12.41
N ASP A 317 2.78 -9.30 11.37
CA ASP A 317 4.22 -9.03 11.46
C ASP A 317 4.47 -7.89 12.44
N ARG A 318 5.61 -8.00 13.14
CA ARG A 318 6.06 -7.06 14.19
C ARG A 318 5.87 -5.58 13.88
N GLU A 319 6.15 -5.19 12.63
CA GLU A 319 6.24 -3.79 12.19
C GLU A 319 4.90 -3.02 12.29
N VAL A 320 3.77 -3.73 12.16
CA VAL A 320 2.42 -3.15 12.27
C VAL A 320 1.53 -3.86 13.31
N ARG A 321 2.14 -4.57 14.25
CA ARG A 321 1.41 -5.24 15.32
C ARG A 321 0.88 -4.26 16.35
N LEU A 322 -0.23 -4.63 16.98
CA LEU A 322 -0.92 -3.78 17.96
C LEU A 322 -0.14 -3.79 19.28
N GLY A 323 0.05 -2.63 19.89
CA GLY A 323 0.85 -2.48 21.11
C GLY A 323 2.30 -2.06 20.94
N ARG A 324 2.77 -1.96 19.68
CA ARG A 324 3.97 -1.21 19.34
C ARG A 324 3.87 0.20 19.92
N ASN A 325 2.77 0.88 19.56
CA ASN A 325 2.54 2.28 19.87
C ASN A 325 1.80 2.37 21.21
N GLY A 326 2.42 1.82 22.24
CA GLY A 326 1.86 1.76 23.58
C GLY A 326 0.63 0.88 23.77
N VAL A 327 0.29 0.74 25.04
CA VAL A 327 -0.90 0.02 25.48
C VAL A 327 -2.24 0.66 25.06
N GLU A 328 -2.30 1.99 24.89
CA GLU A 328 -3.61 2.70 24.86
C GLU A 328 -4.45 2.30 23.65
N GLU A 329 -3.81 2.11 22.49
CA GLU A 329 -4.51 1.63 21.29
C GLU A 329 -5.21 0.28 21.47
N ILE A 330 -4.62 -0.61 22.25
CA ILE A 330 -5.27 -1.89 22.68
C ILE A 330 -6.51 -1.58 23.53
N ARG A 331 -6.35 -0.73 24.55
CA ARG A 331 -7.42 -0.51 25.52
C ARG A 331 -8.70 0.05 24.91
N GLN A 332 -8.58 0.91 23.88
CA GLN A 332 -9.76 1.47 23.21
C GLN A 332 -10.34 0.63 22.07
N HIS A 333 -9.67 -0.44 21.68
CA HIS A 333 -10.22 -1.44 20.72
C HIS A 333 -11.65 -1.86 21.15
N PRO A 334 -12.61 -1.89 20.18
CA PRO A 334 -14.02 -1.98 20.53
C PRO A 334 -14.45 -3.24 21.29
N PHE A 335 -13.88 -4.38 20.91
CA PHE A 335 -13.95 -5.63 21.66
C PHE A 335 -14.14 -5.49 23.17
N PHE A 336 -13.31 -4.66 23.79
CA PHE A 336 -13.35 -4.48 25.25
C PHE A 336 -14.54 -3.73 25.84
N LYS A 337 -15.36 -3.08 24.99
CA LYS A 337 -16.61 -2.48 25.47
C LYS A 337 -17.52 -3.54 26.09
N ASN A 338 -17.74 -3.40 27.40
CA ASN A 338 -18.89 -3.93 28.12
C ASN A 338 -19.44 -2.97 29.16
N ASP A 339 -20.61 -3.29 29.66
CA ASP A 339 -21.27 -2.59 30.76
C ASP A 339 -21.14 -3.49 31.98
N GLN A 340 -19.88 -3.81 32.31
CA GLN A 340 -19.53 -4.73 33.44
C GLN A 340 -18.36 -4.17 34.24
N TRP A 341 -17.26 -3.82 33.55
CA TRP A 341 -16.10 -3.17 34.18
C TRP A 341 -15.55 -2.03 33.32
N HIS A 342 -14.70 -1.21 33.94
CA HIS A 342 -13.90 -0.13 33.31
C HIS A 342 -12.45 -0.46 33.56
N TRP A 343 -11.55 0.12 32.77
CA TRP A 343 -10.11 -0.22 32.85
C TRP A 343 -9.45 0.12 34.19
N ASP A 344 -9.79 1.30 34.73
CA ASP A 344 -9.35 1.75 36.06
C ASP A 344 -9.79 0.92 37.27
N ASN A 345 -10.89 0.19 37.15
CA ASN A 345 -11.48 -0.61 38.25
C ASN A 345 -11.66 -2.12 38.02
N ILE A 346 -11.18 -2.66 36.91
CA ILE A 346 -11.43 -4.08 36.55
C ILE A 346 -11.11 -5.06 37.68
N ARG A 347 -9.95 -4.88 38.31
CA ARG A 347 -9.46 -5.83 39.33
C ARG A 347 -10.25 -5.77 40.64
N GLU A 348 -11.02 -4.70 40.82
CA GLU A 348 -11.83 -4.50 42.00
C GLU A 348 -13.32 -4.87 41.68
N THR A 349 -13.62 -5.43 40.50
CA THR A 349 -14.95 -6.01 40.17
C THR A 349 -15.01 -7.50 40.49
N ALA A 350 -16.20 -8.10 40.32
CA ALA A 350 -16.38 -9.52 40.58
C ALA A 350 -15.82 -10.33 39.45
N ALA A 351 -14.99 -11.31 39.78
CA ALA A 351 -14.37 -12.17 38.76
C ALA A 351 -15.42 -13.15 38.27
N PRO A 352 -15.28 -13.62 37.01
CA PRO A 352 -16.03 -14.74 36.44
C PRO A 352 -16.15 -16.00 37.26
N VAL A 353 -15.03 -16.47 37.78
CA VAL A 353 -14.97 -17.73 38.56
C VAL A 353 -14.24 -17.42 39.83
N VAL A 354 -14.98 -17.31 40.92
CA VAL A 354 -14.43 -17.23 42.28
C VAL A 354 -14.27 -18.67 42.73
N PRO A 355 -13.07 -19.06 43.17
CA PRO A 355 -12.93 -20.43 43.66
C PRO A 355 -13.58 -20.59 45.02
N GLU A 356 -14.13 -21.78 45.27
CA GLU A 356 -14.68 -22.19 46.56
C GLU A 356 -13.65 -23.17 47.08
N LEU A 357 -13.12 -22.87 48.27
CA LEU A 357 -11.99 -23.65 48.81
C LEU A 357 -12.32 -24.24 50.16
N SER A 358 -11.98 -25.51 50.35
CA SER A 358 -12.35 -26.27 51.55
C SER A 358 -11.59 -25.85 52.82
N SER A 359 -10.30 -25.60 52.66
CA SER A 359 -9.37 -25.26 53.73
C SER A 359 -8.36 -24.22 53.24
N ASP A 360 -7.46 -23.80 54.12
CA ASP A 360 -6.30 -22.99 53.71
C ASP A 360 -5.24 -23.72 52.86
N ILE A 361 -5.42 -25.02 52.58
CA ILE A 361 -4.53 -25.85 51.76
C ILE A 361 -5.20 -26.59 50.58
N ASP A 362 -6.36 -26.13 50.15
CA ASP A 362 -7.06 -26.75 49.04
C ASP A 362 -6.33 -26.43 47.72
N SER A 363 -5.60 -27.44 47.25
CA SER A 363 -4.93 -27.38 45.96
C SER A 363 -5.70 -28.11 44.89
N SER A 364 -7.04 -28.08 44.96
CA SER A 364 -7.88 -28.78 43.99
C SER A 364 -7.72 -28.23 42.59
N ASN A 365 -7.41 -26.94 42.47
CA ASN A 365 -7.15 -26.33 41.17
C ASN A 365 -5.70 -26.56 40.63
N PHE A 366 -4.98 -27.51 41.23
CA PHE A 366 -3.67 -27.93 40.78
C PHE A 366 -3.67 -29.42 40.62
N ASP A 367 -3.16 -29.87 39.47
CA ASP A 367 -3.05 -31.28 39.17
C ASP A 367 -1.97 -31.83 40.06
N ASP A 368 -2.10 -33.13 40.39
CA ASP A 368 -1.10 -33.85 41.20
C ASP A 368 0.19 -34.00 40.44
N ILE A 369 1.29 -34.34 41.16
CA ILE A 369 2.64 -34.45 40.53
C ILE A 369 3.40 -35.75 40.96
N GLU A 370 4.28 -36.25 40.07
CA GLU A 370 5.13 -37.44 40.26
C GLU A 370 6.53 -37.08 40.80
N ASP A 371 7.25 -38.08 41.35
CA ASP A 371 8.60 -37.86 41.93
C ASP A 371 9.77 -38.36 41.08
N VAL A 376 18.25 -36.99 43.64
CA VAL A 376 18.76 -35.63 43.39
C VAL A 376 20.24 -35.54 43.67
N GLU A 377 21.04 -35.05 42.67
CA GLU A 377 22.50 -35.05 42.72
C GLU A 377 23.16 -33.68 42.97
N THR A 378 24.07 -33.65 43.94
CA THR A 378 24.75 -32.42 44.39
C THR A 378 26.15 -32.35 43.77
N PHE A 379 26.91 -31.33 44.15
CA PHE A 379 28.27 -31.11 43.62
C PHE A 379 29.29 -32.15 44.07
N PRO A 380 30.38 -32.34 43.27
CA PRO A 380 31.50 -33.13 43.81
C PRO A 380 32.17 -32.37 44.96
N ILE A 381 32.62 -33.07 45.99
CA ILE A 381 33.61 -32.48 46.91
C ILE A 381 34.81 -32.11 46.02
N PRO A 382 35.23 -30.83 46.05
CA PRO A 382 36.32 -30.47 45.18
C PRO A 382 37.69 -30.71 45.84
N LYS A 383 38.69 -30.67 44.97
CA LYS A 383 40.08 -30.86 45.35
C LYS A 383 40.64 -29.49 45.61
N ALA A 384 40.55 -28.59 44.60
CA ALA A 384 40.89 -27.15 44.73
C ALA A 384 39.63 -26.29 45.04
N PHE A 385 39.79 -24.96 45.17
CA PHE A 385 38.66 -24.02 45.33
C PHE A 385 37.88 -23.85 44.03
N VAL A 386 36.56 -23.77 44.16
CA VAL A 386 35.62 -23.91 43.03
C VAL A 386 34.65 -22.74 42.90
N GLY A 387 34.08 -22.30 44.03
CA GLY A 387 33.21 -21.16 44.06
C GLY A 387 31.84 -21.42 43.48
N ASN A 388 31.22 -22.53 43.87
CA ASN A 388 29.89 -22.87 43.38
C ASN A 388 28.81 -21.95 43.90
N GLN A 389 28.97 -21.48 45.12
CA GLN A 389 28.02 -20.56 45.73
C GLN A 389 28.11 -19.08 45.32
N LEU A 390 29.12 -18.71 44.54
CA LEU A 390 29.34 -17.33 44.17
C LEU A 390 28.25 -16.67 43.35
N PRO A 391 27.62 -17.40 42.39
CA PRO A 391 26.59 -16.71 41.64
C PRO A 391 25.25 -16.57 42.40
N PHE A 392 25.16 -17.10 43.62
CA PHE A 392 23.99 -16.96 44.52
C PHE A 392 24.15 -16.00 45.70
N ILE A 393 25.21 -15.19 45.70
CA ILE A 393 25.42 -14.18 46.71
C ILE A 393 24.51 -13.03 46.37
N GLY A 394 23.67 -12.64 47.32
CA GLY A 394 22.77 -11.50 47.22
C GLY A 394 21.33 -11.90 47.07
N PHE A 395 21.09 -13.20 46.94
CA PHE A 395 19.76 -13.70 46.66
C PHE A 395 18.85 -13.45 47.83
N THR A 396 19.34 -13.76 49.04
CA THR A 396 18.54 -13.75 50.25
C THR A 396 17.89 -12.40 50.42
N TYR A 397 16.59 -12.44 50.75
CA TYR A 397 15.76 -11.25 50.94
C TYR A 397 14.69 -11.57 51.99
N TYR A 398 14.63 -10.77 53.06
CA TYR A 398 13.54 -10.78 54.04
C TYR A 398 12.78 -9.47 53.80
N ARG A 399 11.47 -9.58 53.58
CA ARG A 399 10.62 -8.41 53.35
C ARG A 399 10.42 -7.67 54.67
N SER B 7 68.56 35.98 25.16
CA SER B 7 69.49 36.23 24.01
C SER B 7 69.50 34.85 23.29
N ARG B 8 70.24 33.91 23.86
CA ARG B 8 70.06 32.47 23.62
C ARG B 8 68.89 31.92 24.43
N GLN B 9 68.81 32.28 25.70
CA GLN B 9 67.81 31.72 26.63
C GLN B 9 66.34 32.05 26.34
N ARG B 10 66.08 32.99 25.44
CA ARG B 10 64.76 33.08 24.77
C ARG B 10 64.56 31.88 23.86
N LYS B 11 65.53 31.66 22.97
CA LYS B 11 65.50 30.52 21.97
C LYS B 11 65.29 29.17 22.65
N LEU B 12 65.95 29.01 23.78
CA LEU B 12 65.84 27.81 24.62
C LEU B 12 64.44 27.62 25.19
N GLU B 13 63.91 28.64 25.81
CA GLU B 13 62.51 28.64 26.34
C GLU B 13 61.45 28.51 25.25
N ALA B 14 61.78 28.88 24.01
CA ALA B 14 60.93 28.56 22.84
C ALA B 14 60.76 27.06 22.64
N LEU B 15 61.91 26.37 22.58
CA LEU B 15 61.97 24.90 22.42
C LEU B 15 61.22 24.09 23.49
N ILE B 16 61.20 24.62 24.70
CA ILE B 16 60.51 23.99 25.81
C ILE B 16 59.00 24.22 25.71
N ARG B 17 58.57 25.35 25.15
CA ARG B 17 57.13 25.66 24.99
C ARG B 17 56.45 25.04 23.75
N ASP B 18 57.21 24.76 22.70
CA ASP B 18 56.69 24.11 21.49
C ASP B 18 56.29 22.63 21.78
N PRO B 19 54.99 22.27 21.67
CA PRO B 19 54.61 20.87 21.98
C PRO B 19 54.98 19.85 20.88
N ARG B 20 55.29 20.32 19.65
CA ARG B 20 55.95 19.49 18.64
C ARG B 20 57.42 19.14 19.01
N SER B 21 58.06 19.93 19.88
CA SER B 21 59.46 19.69 20.27
C SER B 21 59.63 18.51 21.26
N PRO B 22 60.72 17.72 21.06
CA PRO B 22 60.98 16.52 21.86
C PRO B 22 61.44 16.76 23.28
N ILE B 23 61.67 18.02 23.62
CA ILE B 23 61.96 18.46 24.98
C ILE B 23 60.94 19.48 25.47
N ASN B 24 59.67 19.31 25.10
CA ASN B 24 58.62 20.00 25.84
C ASN B 24 58.61 19.48 27.28
N VAL B 25 57.84 20.15 28.13
CA VAL B 25 57.80 19.79 29.54
C VAL B 25 57.31 18.36 29.75
N GLU B 26 56.35 17.89 28.95
CA GLU B 26 55.79 16.54 29.07
C GLU B 26 56.92 15.51 28.84
N SER B 27 57.69 15.71 27.76
CA SER B 27 58.86 14.88 27.42
C SER B 27 59.95 14.81 28.49
N LEU B 28 60.19 15.92 29.15
CA LEU B 28 61.22 16.00 30.18
C LEU B 28 60.83 15.23 31.44
N LEU B 29 59.55 15.31 31.78
CA LEU B 29 58.94 14.50 32.85
C LEU B 29 58.83 13.03 32.55
N ASP B 30 58.66 12.69 31.27
CA ASP B 30 58.74 11.31 30.83
C ASP B 30 60.16 10.86 31.14
N GLY B 31 61.14 11.60 30.66
CA GLY B 31 62.57 11.40 30.95
C GLY B 31 62.93 11.16 32.41
N LEU B 32 62.24 11.84 33.30
CA LEU B 32 62.35 11.57 34.73
C LEU B 32 61.67 10.29 35.16
N ASN B 33 60.39 10.11 34.80
CA ASN B 33 59.64 8.90 35.25
C ASN B 33 60.28 7.62 34.65
N SER B 34 60.62 7.69 33.36
CA SER B 34 61.37 6.63 32.67
C SER B 34 62.66 6.24 33.37
N LEU B 35 63.40 7.24 33.83
CA LEU B 35 64.65 6.99 34.55
C LEU B 35 64.41 6.23 35.84
N VAL B 36 63.55 6.76 36.68
CA VAL B 36 63.17 6.11 37.94
C VAL B 36 62.70 4.64 37.77
N LEU B 37 61.83 4.41 36.80
CA LEU B 37 61.27 3.07 36.58
C LEU B 37 62.31 2.04 36.19
N ASP B 38 63.23 2.45 35.30
CA ASP B 38 64.36 1.60 34.89
C ASP B 38 65.48 1.39 35.92
N LEU B 39 65.44 2.17 37.02
CA LEU B 39 66.37 2.04 38.17
C LEU B 39 65.79 1.42 39.44
N ASP B 40 64.54 1.77 39.83
CA ASP B 40 63.97 1.32 41.14
C ASP B 40 63.72 -0.19 41.15
N PHE B 41 64.78 -0.93 41.43
CA PHE B 41 64.77 -2.36 41.68
C PHE B 41 65.76 -2.57 42.80
N PRO B 42 65.41 -3.33 43.85
CA PRO B 42 66.38 -3.48 44.96
C PRO B 42 67.80 -3.96 44.50
N ALA B 43 67.86 -4.70 43.38
CA ALA B 43 69.12 -5.07 42.71
C ALA B 43 70.06 -3.91 42.35
N LEU B 44 69.52 -2.88 41.72
CA LEU B 44 70.32 -1.76 41.18
C LEU B 44 70.63 -0.68 42.21
N ARG B 45 69.75 -0.52 43.20
CA ARG B 45 70.02 0.29 44.41
C ARG B 45 71.25 -0.14 45.26
N LYS B 46 71.87 -1.28 44.92
CA LYS B 46 73.22 -1.62 45.43
C LYS B 46 74.27 -0.59 45.00
N ASN B 47 74.15 -0.03 43.79
CA ASN B 47 74.87 1.20 43.40
C ASN B 47 74.34 2.40 44.22
N LYS B 48 75.28 3.06 44.90
CA LYS B 48 75.00 4.17 45.81
C LYS B 48 74.43 5.40 45.06
N ASN B 49 75.09 5.78 43.94
CA ASN B 49 74.65 6.84 43.00
C ASN B 49 73.16 6.87 42.74
N ILE B 50 72.70 5.66 42.39
CA ILE B 50 71.30 5.37 42.13
C ILE B 50 70.48 5.59 43.40
N ASP B 51 70.74 4.79 44.43
CA ASP B 51 70.00 4.89 45.70
C ASP B 51 69.84 6.33 46.26
N ASN B 52 70.89 7.17 46.14
CA ASN B 52 70.83 8.58 46.58
C ASN B 52 69.81 9.34 45.78
N PHE B 53 69.99 9.23 44.45
CA PHE B 53 69.16 9.90 43.48
C PHE B 53 67.70 9.51 43.69
N LEU B 54 67.47 8.20 43.74
CA LEU B 54 66.13 7.67 43.99
C LEU B 54 65.54 8.16 45.27
N ASN B 55 66.29 8.17 46.37
CA ASN B 55 65.77 8.68 47.64
C ASN B 55 65.35 10.14 47.60
N ARG B 56 66.08 10.96 46.83
CA ARG B 56 65.66 12.35 46.58
C ARG B 56 64.32 12.42 45.82
N TYR B 57 64.33 11.87 44.61
CA TYR B 57 63.16 11.94 43.75
C TYR B 57 61.95 11.05 44.10
N GLU B 58 62.19 9.93 44.81
CA GLU B 58 61.15 9.02 45.37
C GLU B 58 59.83 9.71 45.67
N LYS B 59 59.93 10.73 46.53
CA LYS B 59 58.77 11.37 47.12
C LYS B 59 58.08 12.22 46.06
N ILE B 60 58.81 13.12 45.41
CA ILE B 60 58.24 13.97 44.36
C ILE B 60 57.62 13.20 43.18
N VAL B 61 58.25 12.13 42.73
CA VAL B 61 57.72 11.30 41.62
C VAL B 61 56.40 10.63 41.98
N LYS B 62 56.29 10.11 43.19
CA LYS B 62 55.01 9.56 43.66
C LYS B 62 53.89 10.62 43.70
N LYS B 63 54.23 11.88 43.97
CA LYS B 63 53.27 12.98 43.84
C LYS B 63 52.81 13.28 42.40
N ILE B 64 53.78 13.49 41.53
CA ILE B 64 53.62 13.65 40.03
C ILE B 64 52.67 12.66 39.41
N ARG B 65 52.82 11.39 39.77
CA ARG B 65 51.98 10.32 39.25
C ARG B 65 50.53 10.50 39.60
N GLY B 66 50.27 10.90 40.85
CA GLY B 66 48.96 11.34 41.31
C GLY B 66 48.32 12.39 40.44
N LEU B 67 49.09 13.41 40.09
CA LEU B 67 48.60 14.57 39.34
C LEU B 67 48.49 14.35 37.83
N GLN B 68 49.47 13.68 37.25
CA GLN B 68 49.44 13.38 35.81
C GLN B 68 48.28 12.48 35.45
N MET B 69 47.89 12.56 34.20
CA MET B 69 46.82 11.73 33.66
C MET B 69 47.26 10.29 33.73
N LYS B 70 46.33 9.45 34.12
CA LYS B 70 46.56 8.01 34.29
C LYS B 70 45.29 7.22 34.00
N ALA B 71 45.45 5.93 33.80
CA ALA B 71 44.34 5.04 33.46
C ALA B 71 43.20 4.98 34.51
N GLU B 72 43.54 5.14 35.80
CA GLU B 72 42.51 5.22 36.87
C GLU B 72 41.64 6.49 36.81
N ASP B 73 42.03 7.50 36.01
CA ASP B 73 41.15 8.64 35.72
C ASP B 73 39.94 8.29 34.86
N TYR B 74 39.99 7.17 34.14
CA TYR B 74 38.92 6.68 33.26
C TYR B 74 38.24 5.40 33.74
N ASP B 75 36.94 5.29 33.45
CA ASP B 75 36.15 4.05 33.62
C ASP B 75 36.04 3.37 32.28
N VAL B 76 36.37 2.07 32.23
CA VAL B 76 36.25 1.27 30.98
C VAL B 76 34.81 0.79 30.89
N VAL B 77 34.19 1.00 29.74
CA VAL B 77 32.79 0.69 29.49
C VAL B 77 32.68 -0.64 28.78
N LYS B 78 33.34 -0.75 27.63
CA LYS B 78 33.39 -1.96 26.83
C LYS B 78 34.70 -1.94 26.07
N VAL B 79 35.20 -3.10 25.71
CA VAL B 79 36.29 -3.24 24.72
C VAL B 79 35.65 -3.35 23.32
N ILE B 80 36.16 -2.54 22.40
CA ILE B 80 35.56 -2.35 21.06
C ILE B 80 36.49 -2.59 19.87
N GLY B 81 37.71 -3.03 20.16
CA GLY B 81 38.75 -3.24 19.16
C GLY B 81 39.84 -4.08 19.80
N ARG B 82 40.53 -4.83 18.98
CA ARG B 82 41.69 -5.60 19.41
C ARG B 82 42.62 -5.59 18.21
N GLY B 83 43.91 -5.45 18.50
CA GLY B 83 44.92 -5.34 17.45
C GLY B 83 46.22 -5.92 17.91
N ALA B 84 47.21 -5.82 17.00
CA ALA B 84 48.50 -6.51 17.19
C ALA B 84 49.07 -6.40 18.59
N PHE B 85 49.25 -5.17 19.04
CA PHE B 85 49.94 -4.87 20.30
C PHE B 85 49.01 -4.36 21.43
N GLY B 86 47.69 -4.39 21.24
CA GLY B 86 46.79 -4.13 22.38
C GLY B 86 45.31 -4.16 22.05
N GLU B 87 44.57 -3.21 22.62
CA GLU B 87 43.13 -3.07 22.42
C GLU B 87 42.64 -1.63 22.43
N VAL B 88 41.39 -1.44 21.99
CA VAL B 88 40.70 -0.14 21.99
C VAL B 88 39.51 -0.26 22.92
N GLN B 89 39.41 0.69 23.85
CA GLN B 89 38.42 0.74 24.91
C GLN B 89 37.51 1.95 24.72
N LEU B 90 36.22 1.74 24.91
CA LEU B 90 35.28 2.83 25.13
C LEU B 90 35.41 3.19 26.60
N VAL B 91 35.63 4.46 26.88
CA VAL B 91 35.90 4.95 28.26
C VAL B 91 35.18 6.25 28.59
N ARG B 92 34.91 6.44 29.88
CA ARG B 92 34.36 7.69 30.41
C ARG B 92 35.37 8.27 31.39
N HIS B 93 35.78 9.54 31.16
CA HIS B 93 36.63 10.31 32.08
C HIS B 93 35.79 10.53 33.32
N LYS B 94 36.25 9.99 34.45
CA LYS B 94 35.48 9.96 35.71
C LYS B 94 35.10 11.35 36.16
N ALA B 95 36.10 12.22 36.22
CA ALA B 95 35.94 13.65 36.52
C ALA B 95 35.04 14.42 35.55
N SER B 96 35.48 14.56 34.30
CA SER B 96 34.74 15.36 33.31
C SER B 96 33.46 14.74 32.79
N GLN B 97 33.31 13.43 32.97
CA GLN B 97 32.16 12.62 32.51
C GLN B 97 32.11 12.39 30.98
N LYS B 98 33.10 12.92 30.23
CA LYS B 98 33.09 12.82 28.77
C LYS B 98 33.53 11.44 28.33
N VAL B 99 33.10 11.06 27.12
CA VAL B 99 33.35 9.75 26.56
C VAL B 99 34.39 9.82 25.43
N TYR B 100 35.37 8.92 25.50
CA TYR B 100 36.41 8.84 24.50
C TYR B 100 36.62 7.40 24.08
N ALA B 101 37.37 7.24 23.00
CA ALA B 101 37.95 5.96 22.59
C ALA B 101 39.39 6.00 23.02
N MET B 102 39.87 4.97 23.70
CA MET B 102 41.24 4.91 24.20
C MET B 102 41.94 3.66 23.67
N LYS B 103 43.04 3.86 22.96
CA LYS B 103 43.83 2.80 22.36
C LYS B 103 45.02 2.53 23.24
N LEU B 104 45.22 1.26 23.60
CA LEU B 104 46.32 0.80 24.44
C LEU B 104 47.38 0.06 23.65
N LEU B 105 48.64 0.19 24.06
CA LEU B 105 49.74 -0.55 23.46
C LEU B 105 50.65 -1.09 24.55
N SER B 106 50.76 -2.42 24.62
CA SER B 106 51.68 -3.11 25.54
C SER B 106 53.10 -2.72 25.22
N LYS B 107 53.81 -2.27 26.24
CA LYS B 107 55.22 -1.98 26.10
C LYS B 107 56.00 -3.29 25.91
N PHE B 108 55.73 -4.28 26.80
CA PHE B 108 56.43 -5.59 26.69
C PHE B 108 56.45 -6.12 25.25
N GLU B 109 55.25 -6.22 24.68
CA GLU B 109 55.04 -6.77 23.34
C GLU B 109 55.77 -5.99 22.24
N MET B 110 55.76 -4.66 22.34
CA MET B 110 56.38 -3.83 21.30
C MET B 110 57.90 -3.98 21.25
N ILE B 111 58.51 -4.05 22.44
CA ILE B 111 59.94 -4.32 22.59
C ILE B 111 60.20 -5.71 22.05
N LYS B 112 59.56 -6.71 22.67
CA LYS B 112 59.73 -8.12 22.31
C LYS B 112 59.66 -8.31 20.79
N ARG B 113 58.54 -7.94 20.18
CA ARG B 113 58.37 -8.10 18.73
C ARG B 113 58.81 -6.81 18.02
N SER B 114 60.13 -6.60 17.93
CA SER B 114 60.80 -5.28 17.76
C SER B 114 60.36 -4.23 16.73
N ASP B 115 59.06 -4.13 16.46
CA ASP B 115 58.37 -2.96 15.95
C ASP B 115 58.01 -2.07 17.17
N SER B 116 58.74 -0.95 17.36
CA SER B 116 58.37 0.04 18.40
C SER B 116 58.70 1.53 18.10
N ALA B 117 58.46 1.90 16.85
CA ALA B 117 58.52 3.29 16.35
C ALA B 117 57.22 3.82 15.72
N PHE B 118 56.41 2.93 15.15
CA PHE B 118 55.13 3.26 14.49
C PHE B 118 54.23 4.29 15.18
N PHE B 119 54.18 4.18 16.51
CA PHE B 119 53.31 5.06 17.33
C PHE B 119 53.61 6.56 17.32
N TRP B 120 54.83 6.92 16.93
CA TRP B 120 55.22 8.32 16.88
C TRP B 120 54.44 9.05 15.81
N GLU B 121 54.48 8.54 14.58
CA GLU B 121 53.68 9.16 13.51
C GLU B 121 52.18 9.07 13.82
N GLU B 122 51.72 7.94 14.36
CA GLU B 122 50.30 7.77 14.69
C GLU B 122 49.85 8.87 15.64
N ARG B 123 50.61 9.06 16.70
CA ARG B 123 50.33 10.08 17.69
C ARG B 123 50.32 11.48 17.05
N ASP B 124 51.42 11.81 16.38
CA ASP B 124 51.58 13.11 15.74
C ASP B 124 50.47 13.44 14.73
N ILE B 125 50.07 12.44 13.94
CA ILE B 125 49.00 12.59 12.95
C ILE B 125 47.69 12.99 13.63
N MET B 126 47.30 12.16 14.59
CA MET B 126 46.06 12.36 15.33
C MET B 126 46.10 13.62 16.19
N ALA B 127 47.26 13.96 16.73
CA ALA B 127 47.39 15.17 17.56
C ALA B 127 47.27 16.45 16.76
N PHE B 128 47.92 16.48 15.59
CA PHE B 128 48.29 17.72 14.87
C PHE B 128 47.80 17.87 13.42
N ALA B 129 46.85 17.05 12.97
CA ALA B 129 46.32 17.20 11.62
C ALA B 129 45.37 18.37 11.44
N ASN B 130 44.73 18.82 12.52
CA ASN B 130 43.52 19.71 12.48
C ASN B 130 42.65 19.46 11.28
N SER B 131 42.44 18.17 11.02
CA SER B 131 41.71 17.74 9.86
C SER B 131 40.46 17.07 10.34
N PRO B 132 39.34 17.34 9.68
CA PRO B 132 38.14 16.61 10.00
C PRO B 132 38.10 15.25 9.30
N TRP B 133 39.10 14.90 8.49
CA TRP B 133 39.28 13.53 8.03
C TRP B 133 40.10 12.63 8.96
N VAL B 134 40.72 13.20 9.99
CA VAL B 134 41.52 12.42 10.94
C VAL B 134 40.85 12.44 12.30
N VAL B 135 40.86 11.27 12.92
CA VAL B 135 40.38 11.13 14.27
C VAL B 135 41.34 11.91 15.15
N GLN B 136 40.83 12.92 15.85
CA GLN B 136 41.65 13.72 16.74
C GLN B 136 42.07 13.04 18.02
N LEU B 137 43.35 13.22 18.38
CA LEU B 137 43.93 12.83 19.67
C LEU B 137 43.82 14.02 20.60
N PHE B 138 43.33 13.72 21.80
CA PHE B 138 43.16 14.66 22.87
C PHE B 138 44.31 14.53 23.87
N TYR B 139 44.52 13.33 24.37
CA TYR B 139 45.55 13.06 25.36
C TYR B 139 46.30 11.78 25.02
N ALA B 140 47.61 11.82 25.10
CA ALA B 140 48.46 10.64 25.19
C ALA B 140 49.13 10.65 26.56
N PHE B 141 49.20 9.47 27.16
CA PHE B 141 49.96 9.27 28.39
C PHE B 141 50.49 7.85 28.50
N GLN B 142 51.24 7.58 29.56
CA GLN B 142 51.78 6.24 29.81
C GLN B 142 51.85 5.88 31.28
N ASP B 143 51.99 4.58 31.53
CA ASP B 143 52.33 4.08 32.89
C ASP B 143 53.45 3.08 32.72
N ASP B 144 53.82 2.38 33.79
CA ASP B 144 54.81 1.27 33.71
C ASP B 144 54.59 0.33 32.52
N ARG B 145 53.35 -0.12 32.29
CA ARG B 145 53.03 -1.20 31.33
C ARG B 145 52.62 -0.80 29.88
N TYR B 146 51.79 0.25 29.77
CA TYR B 146 51.14 0.60 28.50
C TYR B 146 51.33 2.07 28.08
N LEU B 147 51.29 2.29 26.76
CA LEU B 147 50.92 3.58 26.17
C LEU B 147 49.40 3.67 25.97
N TYR B 148 48.87 4.88 26.06
CA TYR B 148 47.46 5.18 25.93
C TYR B 148 47.27 6.34 24.97
N MET B 149 46.22 6.30 24.17
CA MET B 149 45.86 7.37 23.23
C MET B 149 44.35 7.62 23.31
N VAL B 150 43.96 8.76 23.84
CA VAL B 150 42.58 9.15 24.04
C VAL B 150 42.10 9.96 22.81
N MET B 151 41.10 9.43 22.12
CA MET B 151 40.60 9.93 20.83
C MET B 151 39.13 10.22 20.93
N GLU B 152 38.64 11.03 19.97
CA GLU B 152 37.19 11.22 19.82
C GLU B 152 36.61 9.88 19.44
N TYR B 153 35.63 9.41 20.20
CA TYR B 153 34.90 8.17 19.85
C TYR B 153 34.10 8.41 18.56
N MET B 154 34.06 7.37 17.72
CA MET B 154 33.40 7.37 16.43
C MET B 154 32.28 6.32 16.47
N PRO B 155 31.06 6.69 16.88
CA PRO B 155 30.08 5.66 17.19
C PRO B 155 29.41 4.94 16.00
N GLY B 156 29.64 5.45 14.79
CA GLY B 156 29.16 4.84 13.54
C GLY B 156 29.89 3.58 13.07
N GLY B 157 31.07 3.32 13.65
CA GLY B 157 31.81 2.09 13.39
C GLY B 157 32.56 2.11 12.08
N ASP B 158 33.25 1.00 11.79
CA ASP B 158 34.02 0.87 10.54
C ASP B 158 33.13 0.56 9.37
N LEU B 159 33.72 0.65 8.19
CA LEU B 159 33.02 0.31 6.94
C LEU B 159 32.91 -1.18 6.65
N VAL B 160 33.64 -2.02 7.40
CA VAL B 160 33.42 -3.46 7.29
C VAL B 160 32.02 -3.70 7.80
N ASN B 161 31.80 -3.17 9.01
CA ASN B 161 30.53 -3.26 9.72
C ASN B 161 29.39 -2.62 8.95
N LEU B 162 29.68 -1.58 8.18
CA LEU B 162 28.69 -1.01 7.25
C LEU B 162 28.38 -1.95 6.09
N MET B 163 29.43 -2.37 5.37
CA MET B 163 29.29 -3.26 4.21
C MET B 163 28.60 -4.60 4.53
N SER B 164 28.86 -5.15 5.72
CA SER B 164 28.22 -6.39 6.19
C SER B 164 26.71 -6.22 6.43
N ASN B 165 26.29 -5.03 6.87
CA ASN B 165 24.89 -4.72 7.17
C ASN B 165 24.07 -4.09 6.04
N TYR B 166 24.70 -3.69 4.93
CA TYR B 166 24.00 -3.11 3.78
C TYR B 166 24.54 -3.64 2.47
N ASP B 167 23.65 -4.02 1.56
CA ASP B 167 23.97 -3.97 0.14
C ASP B 167 24.10 -2.48 -0.13
N VAL B 168 25.21 -2.13 -0.76
CA VAL B 168 25.62 -0.75 -0.90
C VAL B 168 25.36 -0.26 -2.32
N PRO B 169 24.45 0.70 -2.51
CA PRO B 169 24.25 1.24 -3.87
C PRO B 169 25.37 2.14 -4.32
N GLU B 170 25.37 2.43 -5.62
CA GLU B 170 26.46 3.21 -6.24
C GLU B 170 26.47 4.66 -5.74
N LYS B 171 25.30 5.23 -5.45
CA LYS B 171 25.24 6.59 -4.87
C LYS B 171 26.01 6.69 -3.57
N TRP B 172 25.83 5.69 -2.73
CA TRP B 172 26.53 5.61 -1.45
C TRP B 172 28.03 5.46 -1.63
N ALA B 173 28.42 4.61 -2.57
CA ALA B 173 29.84 4.37 -2.84
C ALA B 173 30.55 5.62 -3.41
N LYS B 174 29.91 6.34 -4.34
CA LYS B 174 30.36 7.69 -4.81
C LYS B 174 30.77 8.56 -3.62
N PHE B 175 29.87 8.62 -2.63
CA PHE B 175 30.07 9.42 -1.41
C PHE B 175 31.26 8.93 -0.58
N TYR B 176 31.16 7.71 -0.09
CA TYR B 176 32.18 7.16 0.81
C TYR B 176 33.57 7.13 0.17
N THR B 177 33.64 6.79 -1.12
CA THR B 177 34.88 6.87 -1.89
C THR B 177 35.45 8.29 -1.95
N ALA B 178 34.60 9.23 -2.34
CA ALA B 178 34.99 10.64 -2.40
C ALA B 178 35.59 11.13 -1.08
N GLU B 179 34.94 10.78 0.03
CA GLU B 179 35.43 11.11 1.37
C GLU B 179 36.82 10.46 1.65
N VAL B 180 37.02 9.22 1.19
CA VAL B 180 38.34 8.58 1.28
C VAL B 180 39.39 9.34 0.47
N VAL B 181 39.03 9.68 -0.76
CA VAL B 181 39.92 10.45 -1.64
C VAL B 181 40.50 11.71 -0.97
N LEU B 182 39.64 12.46 -0.30
CA LEU B 182 40.00 13.68 0.35
C LEU B 182 40.79 13.44 1.62
N ALA B 183 40.42 12.38 2.33
CA ALA B 183 41.14 12.00 3.53
C ALA B 183 42.60 11.65 3.22
N LEU B 184 42.80 10.79 2.23
CA LEU B 184 44.15 10.44 1.80
C LEU B 184 44.92 11.64 1.29
N ASP B 185 44.28 12.46 0.47
CA ASP B 185 44.92 13.69 -0.04
C ASP B 185 45.44 14.55 1.11
N ALA B 186 44.71 14.59 2.23
CA ALA B 186 45.17 15.29 3.44
C ALA B 186 46.39 14.65 4.09
N ILE B 187 46.36 13.32 4.19
CA ILE B 187 47.51 12.52 4.67
C ILE B 187 48.73 12.69 3.74
N HIS B 188 48.46 12.72 2.43
CA HIS B 188 49.45 13.02 1.43
C HIS B 188 49.97 14.46 1.61
N SER B 189 49.09 15.45 1.75
CA SER B 189 49.45 16.87 2.08
C SER B 189 50.36 17.04 3.29
N MET B 190 50.17 16.17 4.28
CA MET B 190 51.08 16.08 5.42
C MET B 190 52.41 15.35 5.14
N GLY B 191 52.68 14.94 3.90
CA GLY B 191 53.91 14.24 3.54
C GLY B 191 54.05 12.83 4.07
N LEU B 192 52.94 12.10 4.08
CA LEU B 192 52.89 10.71 4.53
C LEU B 192 52.22 9.84 3.49
N ILE B 193 52.65 8.57 3.43
CA ILE B 193 52.00 7.51 2.68
C ILE B 193 51.39 6.59 3.74
N HIS B 194 50.10 6.24 3.57
CA HIS B 194 49.40 5.35 4.50
C HIS B 194 49.91 3.91 4.43
N ARG B 195 50.02 3.42 3.20
CA ARG B 195 50.25 2.00 2.86
C ARG B 195 48.96 1.19 3.07
N ASP B 196 48.64 0.88 4.32
CA ASP B 196 47.53 -0.02 4.69
C ASP B 196 46.14 0.64 4.73
N VAL B 197 45.68 1.08 3.57
CA VAL B 197 44.37 1.71 3.41
C VAL B 197 43.35 0.57 3.22
N LYS B 198 42.29 0.59 4.02
CA LYS B 198 41.28 -0.50 4.06
C LYS B 198 40.04 -0.10 4.93
N PRO B 199 38.91 -0.83 4.79
CA PRO B 199 37.69 -0.44 5.52
C PRO B 199 37.74 -0.49 7.03
N ASP B 200 38.67 -1.28 7.58
CA ASP B 200 38.85 -1.40 9.05
C ASP B 200 39.45 -0.11 9.63
N ASN B 201 40.19 0.60 8.78
CA ASN B 201 40.87 1.86 9.09
C ASN B 201 40.08 3.10 8.62
N MET B 202 38.76 2.95 8.50
CA MET B 202 37.83 3.97 7.98
C MET B 202 36.64 3.96 8.92
N LEU B 203 36.48 5.00 9.72
CA LEU B 203 35.42 5.07 10.71
C LEU B 203 34.45 6.20 10.46
N LEU B 204 33.30 6.11 11.14
CA LEU B 204 32.17 6.99 10.91
C LEU B 204 31.77 7.71 12.16
N ASP B 205 31.67 9.04 12.05
CA ASP B 205 31.37 9.92 13.18
C ASP B 205 29.88 9.82 13.59
N LYS B 206 29.51 10.55 14.64
CA LYS B 206 28.12 10.67 15.08
C LYS B 206 27.10 11.03 13.96
N HIS B 207 27.59 11.66 12.88
CA HIS B 207 26.79 11.98 11.70
C HIS B 207 27.02 11.10 10.46
N GLY B 208 27.62 9.93 10.66
CA GLY B 208 27.91 8.99 9.57
C GLY B 208 28.84 9.41 8.44
N HIS B 209 29.75 10.34 8.75
CA HIS B 209 30.80 10.87 7.85
C HIS B 209 32.14 10.28 8.25
N LEU B 210 33.02 10.19 7.26
CA LEU B 210 34.30 9.47 7.40
C LEU B 210 35.35 10.23 8.21
N LYS B 211 36.09 9.48 9.01
CA LYS B 211 37.41 9.86 9.54
C LYS B 211 38.31 8.62 9.47
N LEU B 212 39.62 8.83 9.31
CA LEU B 212 40.60 7.74 9.33
C LEU B 212 41.18 7.55 10.70
N ALA B 213 41.51 6.29 11.00
CA ALA B 213 42.17 5.90 12.24
C ALA B 213 43.09 4.71 11.98
N ASP B 214 43.88 4.32 12.99
CA ASP B 214 44.99 3.33 12.84
C ASP B 214 45.97 3.78 11.74
N PHE B 215 47.02 4.45 12.20
CA PHE B 215 48.09 4.88 11.34
C PHE B 215 49.40 4.16 11.63
N GLY B 216 49.36 2.97 12.26
CA GLY B 216 50.57 2.14 12.50
C GLY B 216 51.52 1.94 11.32
N THR B 217 50.95 1.95 10.12
CA THR B 217 51.69 1.81 8.87
C THR B 217 52.18 3.07 8.24
N CYS B 218 51.66 4.23 8.61
CA CYS B 218 52.08 5.47 7.95
C CYS B 218 53.57 5.69 8.16
N MET B 219 54.24 5.99 7.05
CA MET B 219 55.66 6.29 7.04
C MET B 219 55.87 7.62 6.30
N LYS B 220 56.87 8.37 6.72
CA LYS B 220 57.14 9.68 6.16
C LYS B 220 57.82 9.55 4.77
N MET B 221 57.42 10.42 3.87
CA MET B 221 57.97 10.45 2.51
C MET B 221 59.41 10.96 2.49
N ASP B 222 60.17 10.52 1.50
CA ASP B 222 61.54 11.00 1.25
C ASP B 222 61.32 12.32 0.48
N GLU B 223 62.40 12.92 -0.02
CA GLU B 223 62.32 14.18 -0.80
C GLU B 223 61.50 14.07 -2.08
N THR B 224 61.65 12.97 -2.83
CA THR B 224 60.83 12.76 -4.06
C THR B 224 59.37 12.43 -3.75
N GLY B 225 59.13 11.72 -2.65
CA GLY B 225 57.85 11.08 -2.36
C GLY B 225 57.81 9.59 -2.30
N MET B 226 58.96 8.93 -2.11
CA MET B 226 59.06 7.45 -1.95
C MET B 226 59.21 7.08 -0.47
N VAL B 227 59.40 5.79 -0.20
CA VAL B 227 59.84 5.28 1.11
C VAL B 227 60.36 3.84 0.93
N HIS B 228 61.26 3.40 1.83
CA HIS B 228 62.09 2.21 1.60
C HIS B 228 61.95 1.27 2.76
N CYS B 229 61.58 0.03 2.48
CA CYS B 229 61.90 -1.17 3.36
C CYS B 229 61.49 -2.39 2.57
N ASP B 230 62.13 -3.52 2.89
CA ASP B 230 62.10 -4.75 2.08
C ASP B 230 61.76 -6.00 2.87
N THR B 235 46.80 -6.01 5.78
CA THR B 235 46.13 -7.19 5.26
C THR B 235 46.40 -7.36 3.75
N PRO B 236 46.35 -8.61 3.25
CA PRO B 236 46.70 -8.95 1.87
C PRO B 236 45.84 -8.40 0.72
N ASP B 237 44.51 -8.49 0.81
CA ASP B 237 43.60 -8.18 -0.38
C ASP B 237 43.79 -6.75 -0.93
N TYR B 238 43.96 -5.83 0.02
CA TYR B 238 44.09 -4.41 -0.27
C TYR B 238 45.50 -3.92 -0.63
N ILE B 239 46.48 -4.82 -0.59
CA ILE B 239 47.86 -4.47 -0.90
C ILE B 239 48.07 -4.38 -2.43
N SER B 240 49.02 -3.52 -2.82
CA SER B 240 49.37 -3.25 -4.22
C SER B 240 50.56 -4.12 -4.69
N PRO B 241 50.69 -4.35 -6.02
CA PRO B 241 51.78 -5.22 -6.54
C PRO B 241 53.22 -4.77 -6.24
N GLU B 242 53.47 -3.49 -6.47
CA GLU B 242 54.80 -2.89 -6.18
C GLU B 242 55.26 -3.08 -4.73
N VAL B 243 54.33 -3.00 -3.77
CA VAL B 243 54.64 -3.28 -2.35
C VAL B 243 55.16 -4.72 -2.14
N LEU B 244 54.65 -5.67 -2.93
CA LEU B 244 55.07 -7.06 -2.88
C LEU B 244 56.44 -7.38 -3.49
N LYS B 245 57.21 -6.39 -3.99
CA LYS B 245 58.48 -6.60 -4.70
C LYS B 245 59.66 -5.80 -4.16
N SER B 246 59.35 -4.65 -3.54
CA SER B 246 60.20 -4.11 -2.45
C SER B 246 60.37 -5.12 -1.31
N GLN B 247 59.26 -5.72 -0.87
CA GLN B 247 59.26 -7.02 -0.12
C GLN B 247 59.76 -8.16 -1.06
N PHE B 252 61.38 2.10 -1.78
CA PHE B 252 61.13 1.55 -3.09
C PHE B 252 59.82 2.02 -3.78
N TYR B 253 58.84 2.58 -3.05
CA TYR B 253 57.46 2.82 -3.52
C TYR B 253 56.83 4.14 -3.02
N GLY B 254 55.95 4.70 -3.86
CA GLY B 254 55.31 6.00 -3.62
C GLY B 254 53.85 5.97 -3.24
N ARG B 255 53.24 7.16 -3.26
CA ARG B 255 51.86 7.42 -2.79
C ARG B 255 50.79 6.69 -3.55
N GLU B 256 51.03 6.48 -4.86
CA GLU B 256 50.12 5.73 -5.72
C GLU B 256 49.61 4.39 -5.16
N CYS B 257 50.37 3.73 -4.29
CA CYS B 257 49.95 2.49 -3.60
C CYS B 257 48.72 2.63 -2.67
N ASP B 258 48.49 3.84 -2.16
CA ASP B 258 47.25 4.13 -1.44
C ASP B 258 46.08 4.12 -2.40
N TRP B 259 46.26 4.76 -3.55
CA TRP B 259 45.21 4.83 -4.56
C TRP B 259 44.77 3.47 -5.14
N TRP B 260 45.69 2.50 -5.23
CA TRP B 260 45.34 1.10 -5.51
C TRP B 260 44.27 0.63 -4.54
N SER B 261 44.58 0.79 -3.26
CA SER B 261 43.73 0.31 -2.19
C SER B 261 42.31 0.97 -2.21
N VAL B 262 42.22 2.16 -2.81
CA VAL B 262 40.92 2.84 -3.01
C VAL B 262 40.10 2.12 -4.07
N GLY B 263 40.72 1.80 -5.21
CA GLY B 263 40.10 0.92 -6.20
C GLY B 263 39.55 -0.39 -5.60
N VAL B 264 40.39 -1.07 -4.83
CA VAL B 264 39.99 -2.34 -4.16
C VAL B 264 38.74 -2.13 -3.27
N PHE B 265 38.72 -1.00 -2.57
CA PHE B 265 37.63 -0.63 -1.68
C PHE B 265 36.33 -0.44 -2.42
N LEU B 266 36.39 0.35 -3.47
CA LEU B 266 35.23 0.66 -4.30
C LEU B 266 34.63 -0.64 -4.84
N TYR B 267 35.49 -1.50 -5.37
CA TYR B 267 35.09 -2.84 -5.81
C TYR B 267 34.37 -3.65 -4.70
N GLU B 268 34.98 -3.77 -3.51
CA GLU B 268 34.35 -4.52 -2.39
C GLU B 268 32.96 -3.96 -2.04
N MET B 269 32.78 -2.65 -2.14
CA MET B 269 31.49 -2.01 -1.85
C MET B 269 30.43 -2.37 -2.88
N LEU B 270 30.79 -2.26 -4.14
CA LEU B 270 29.86 -2.48 -5.24
C LEU B 270 29.59 -3.96 -5.54
N VAL B 271 30.65 -4.76 -5.59
CA VAL B 271 30.54 -6.19 -5.90
C VAL B 271 30.04 -6.95 -4.68
N GLY B 272 30.81 -6.89 -3.59
CA GLY B 272 30.50 -7.63 -2.36
C GLY B 272 31.71 -8.37 -1.83
N ASP B 273 32.49 -8.96 -2.73
CA ASP B 273 33.78 -9.56 -2.42
C ASP B 273 34.94 -8.67 -2.90
N THR B 274 36.13 -8.97 -2.36
CA THR B 274 37.37 -8.33 -2.79
C THR B 274 37.73 -8.85 -4.17
N PRO B 275 38.36 -8.03 -5.02
CA PRO B 275 38.64 -8.44 -6.40
C PRO B 275 39.75 -9.45 -6.62
N PHE B 276 40.52 -9.80 -5.59
CA PHE B 276 41.53 -10.86 -5.69
C PHE B 276 41.37 -11.86 -4.57
N TYR B 277 40.11 -12.19 -4.26
CA TYR B 277 39.81 -13.19 -3.24
C TYR B 277 40.41 -14.53 -3.64
N ALA B 278 40.87 -15.28 -2.65
CA ALA B 278 41.29 -16.65 -2.84
C ALA B 278 41.13 -17.43 -1.55
N ASP B 279 41.33 -18.73 -1.63
CA ASP B 279 41.17 -19.64 -0.49
C ASP B 279 42.41 -19.40 0.37
N SER B 280 43.56 -19.64 -0.25
CA SER B 280 44.87 -19.35 0.35
C SER B 280 45.19 -17.87 0.22
N LEU B 281 46.24 -17.49 0.94
CA LEU B 281 46.84 -16.15 0.84
C LEU B 281 47.72 -16.12 -0.38
N VAL B 282 48.56 -17.15 -0.54
CA VAL B 282 49.39 -17.34 -1.75
C VAL B 282 48.61 -17.14 -3.06
N GLY B 283 47.35 -17.62 -3.08
CA GLY B 283 46.42 -17.42 -4.19
C GLY B 283 46.14 -15.97 -4.45
N THR B 284 45.77 -15.26 -3.38
CA THR B 284 45.53 -13.79 -3.42
C THR B 284 46.74 -13.06 -4.00
N TYR B 285 47.93 -13.35 -3.46
CA TYR B 285 49.16 -12.71 -3.94
C TYR B 285 49.32 -12.91 -5.44
N SER B 286 49.23 -14.18 -5.87
CA SER B 286 49.39 -14.57 -7.26
C SER B 286 48.43 -13.83 -8.20
N LYS B 287 47.18 -13.68 -7.72
CA LYS B 287 46.13 -12.93 -8.43
C LYS B 287 46.44 -11.45 -8.55
N ILE B 288 46.89 -10.84 -7.45
CA ILE B 288 47.26 -9.40 -7.45
C ILE B 288 48.34 -9.14 -8.51
N MET B 289 49.39 -9.98 -8.53
CA MET B 289 50.47 -9.87 -9.54
C MET B 289 49.94 -9.96 -10.96
N ASP B 290 49.05 -10.93 -11.16
CA ASP B 290 48.41 -11.17 -12.45
C ASP B 290 47.21 -10.23 -12.75
N HIS B 291 47.04 -9.14 -11.99
CA HIS B 291 45.85 -8.26 -12.04
C HIS B 291 45.30 -7.91 -13.42
N LYS B 292 46.20 -7.72 -14.39
CA LYS B 292 45.81 -7.50 -15.79
C LYS B 292 44.84 -8.55 -16.32
N ASN B 293 45.08 -9.81 -15.97
CA ASN B 293 44.20 -10.95 -16.32
C ASN B 293 43.19 -11.29 -15.24
N SER B 294 43.64 -11.32 -13.97
CA SER B 294 42.82 -11.85 -12.85
C SER B 294 41.65 -10.97 -12.38
N LEU B 295 41.55 -9.73 -12.88
CA LEU B 295 40.39 -8.89 -12.62
C LEU B 295 39.35 -9.03 -13.71
N CYS B 296 38.23 -9.65 -13.37
CA CYS B 296 36.98 -9.49 -14.15
C CYS B 296 35.88 -9.17 -13.13
N PHE B 297 34.83 -8.52 -13.64
CA PHE B 297 33.67 -8.13 -12.83
C PHE B 297 32.59 -9.21 -12.98
N PRO B 298 32.12 -9.77 -11.85
CA PRO B 298 30.99 -10.70 -11.90
C PRO B 298 29.83 -10.20 -12.76
N GLU B 299 29.36 -11.04 -13.67
CA GLU B 299 28.28 -10.69 -14.58
C GLU B 299 26.94 -10.42 -13.92
N ASP B 300 26.70 -11.02 -12.75
CA ASP B 300 25.51 -10.70 -11.91
C ASP B 300 25.53 -9.27 -11.31
N ALA B 301 26.70 -8.69 -11.13
CA ALA B 301 26.89 -7.48 -10.31
C ALA B 301 26.51 -6.19 -11.05
N GLU B 302 25.77 -5.31 -10.36
CA GLU B 302 25.19 -4.10 -10.92
C GLU B 302 26.18 -2.95 -10.76
N ILE B 303 26.70 -2.45 -11.86
CA ILE B 303 27.81 -1.47 -11.83
C ILE B 303 27.94 -0.72 -13.13
N SER B 304 28.07 0.63 -13.01
CA SER B 304 28.01 1.50 -14.18
C SER B 304 29.37 1.45 -14.94
N LYS B 305 29.37 2.06 -16.11
CA LYS B 305 30.56 2.02 -16.97
C LYS B 305 31.63 2.89 -16.31
N HIS B 306 31.25 4.11 -15.99
CA HIS B 306 32.05 5.07 -15.21
C HIS B 306 32.68 4.42 -13.97
N ALA B 307 31.88 3.73 -13.17
CA ALA B 307 32.39 3.06 -11.99
C ALA B 307 33.37 1.90 -12.30
N LYS B 308 33.02 1.09 -13.30
CA LYS B 308 33.94 0.08 -13.84
C LYS B 308 35.27 0.73 -14.25
N ASN B 309 35.16 1.77 -15.06
CA ASN B 309 36.31 2.49 -15.65
C ASN B 309 37.23 2.98 -14.53
N LEU B 310 36.66 3.67 -13.54
CA LEU B 310 37.42 4.19 -12.40
C LEU B 310 38.19 3.14 -11.60
N ILE B 311 37.56 1.99 -11.36
CA ILE B 311 38.22 0.88 -10.66
C ILE B 311 39.45 0.39 -11.46
N CYS B 312 39.27 0.27 -12.77
CA CYS B 312 40.36 -0.13 -13.65
C CYS B 312 41.47 0.90 -13.71
N ALA B 313 41.12 2.18 -13.60
CA ALA B 313 42.08 3.27 -13.56
C ALA B 313 42.97 3.26 -12.30
N PHE B 314 42.43 2.80 -11.17
CA PHE B 314 43.21 2.58 -9.94
C PHE B 314 43.98 1.28 -9.94
N LEU B 315 43.43 0.23 -10.56
CA LEU B 315 44.09 -1.07 -10.58
C LEU B 315 44.92 -1.36 -11.87
N THR B 316 45.85 -0.44 -12.16
CA THR B 316 46.87 -0.62 -13.18
C THR B 316 48.22 -0.78 -12.50
N ASP B 317 49.26 -0.97 -13.32
CA ASP B 317 50.64 -0.85 -12.87
C ASP B 317 50.92 0.59 -12.42
N ARG B 318 51.78 0.69 -11.41
CA ARG B 318 52.16 1.96 -10.77
C ARG B 318 52.42 3.16 -11.70
N GLU B 319 53.09 2.88 -12.83
CA GLU B 319 53.63 3.89 -13.75
C GLU B 319 52.54 4.73 -14.44
N VAL B 320 51.34 4.16 -14.64
CA VAL B 320 50.19 4.87 -15.24
C VAL B 320 48.91 4.82 -14.36
N ARG B 321 49.08 4.58 -13.06
CA ARG B 321 47.95 4.57 -12.13
C ARG B 321 47.42 5.98 -11.86
N LEU B 322 46.14 6.05 -11.55
CA LEU B 322 45.45 7.31 -11.30
C LEU B 322 45.84 7.86 -9.92
N GLY B 323 46.14 9.16 -9.84
CA GLY B 323 46.60 9.82 -8.61
C GLY B 323 48.10 9.98 -8.44
N ARG B 324 48.89 9.37 -9.33
CA ARG B 324 50.30 9.74 -9.47
C ARG B 324 50.44 11.24 -9.70
N ASN B 325 49.71 11.73 -10.69
CA ASN B 325 49.76 13.10 -11.20
C ASN B 325 48.73 13.93 -10.42
N GLY B 326 48.89 13.94 -9.09
CA GLY B 326 48.01 14.63 -8.19
C GLY B 326 46.60 14.10 -8.04
N VAL B 327 45.94 14.63 -7.01
CA VAL B 327 44.56 14.31 -6.70
C VAL B 327 43.54 14.78 -7.75
N GLU B 328 43.82 15.88 -8.47
CA GLU B 328 42.75 16.56 -9.25
C GLU B 328 42.20 15.69 -10.39
N GLU B 329 43.06 14.91 -11.05
CA GLU B 329 42.62 13.98 -12.09
C GLU B 329 41.59 12.93 -11.59
N ILE B 330 41.73 12.47 -10.33
CA ILE B 330 40.70 11.65 -9.66
C ILE B 330 39.39 12.44 -9.51
N ARG B 331 39.49 13.65 -8.98
CA ARG B 331 38.31 14.43 -8.63
C ARG B 331 37.38 14.74 -9.81
N GLN B 332 37.96 14.98 -10.98
CA GLN B 332 37.15 15.27 -12.19
C GLN B 332 36.70 14.04 -12.97
N HIS B 333 37.17 12.84 -12.61
CA HIS B 333 36.63 11.57 -13.17
C HIS B 333 35.10 11.55 -13.14
N PRO B 334 34.45 11.15 -14.26
CA PRO B 334 33.00 11.37 -14.42
C PRO B 334 32.10 10.70 -13.39
N PHE B 335 32.44 9.46 -13.03
CA PHE B 335 31.88 8.74 -11.89
C PHE B 335 31.36 9.61 -10.75
N PHE B 336 32.20 10.54 -10.30
CA PHE B 336 31.84 11.42 -9.15
C PHE B 336 30.80 12.49 -9.39
N LYS B 337 30.40 12.73 -10.65
CA LYS B 337 29.29 13.65 -10.92
C LYS B 337 28.00 13.12 -10.29
N ASN B 338 27.49 13.89 -9.32
CA ASN B 338 26.10 13.85 -8.90
C ASN B 338 25.54 15.23 -8.62
N ASP B 339 24.21 15.28 -8.46
CA ASP B 339 23.50 16.50 -8.08
C ASP B 339 23.11 16.32 -6.60
N GLN B 340 24.12 16.06 -5.76
CA GLN B 340 23.96 15.83 -4.31
C GLN B 340 25.01 16.59 -3.51
N TRP B 341 26.29 16.43 -3.86
CA TRP B 341 27.39 17.18 -3.23
C TRP B 341 28.42 17.68 -4.23
N HIS B 342 29.26 18.61 -3.76
CA HIS B 342 30.45 19.15 -4.46
C HIS B 342 31.65 18.82 -3.61
N TRP B 343 32.84 18.85 -4.20
CA TRP B 343 34.07 18.43 -3.48
C TRP B 343 34.44 19.28 -2.27
N ASP B 344 34.29 20.60 -2.42
CA ASP B 344 34.52 21.58 -1.32
C ASP B 344 33.56 21.48 -0.12
N ASN B 345 32.36 20.93 -0.32
CA ASN B 345 31.32 20.82 0.73
C ASN B 345 30.82 19.43 1.10
N ILE B 346 31.41 18.37 0.55
CA ILE B 346 30.90 17.00 0.77
C ILE B 346 30.67 16.66 2.23
N ARG B 347 31.64 17.00 3.09
CA ARG B 347 31.59 16.61 4.51
C ARG B 347 30.52 17.36 5.31
N GLU B 348 30.03 18.47 4.75
CA GLU B 348 28.98 19.25 5.36
C GLU B 348 27.58 18.93 4.74
N THR B 349 27.49 17.91 3.88
CA THR B 349 26.18 17.36 3.37
C THR B 349 25.67 16.21 4.25
N ALA B 350 24.48 15.72 3.95
CA ALA B 350 23.89 14.61 4.70
C ALA B 350 24.51 13.30 4.26
N ALA B 351 24.96 12.52 5.23
CA ALA B 351 25.55 11.23 4.96
C ALA B 351 24.48 10.22 4.56
N PRO B 352 24.83 9.20 3.77
CA PRO B 352 24.00 8.04 3.43
C PRO B 352 23.35 7.31 4.60
N VAL B 353 24.14 7.05 5.65
CA VAL B 353 23.69 6.30 6.82
C VAL B 353 24.12 7.15 8.00
N VAL B 354 23.14 7.82 8.59
CA VAL B 354 23.26 8.47 9.88
C VAL B 354 22.97 7.40 10.91
N PRO B 355 23.87 7.22 11.89
CA PRO B 355 23.56 6.20 12.91
C PRO B 355 22.51 6.74 13.86
N GLU B 356 21.69 5.85 14.39
CA GLU B 356 20.70 6.18 15.43
C GLU B 356 21.29 5.57 16.69
N LEU B 357 21.52 6.42 17.71
CA LEU B 357 22.30 6.03 18.86
C LEU B 357 21.51 6.25 20.14
N SER B 358 21.51 5.24 21.02
CA SER B 358 20.69 5.21 22.23
C SER B 358 21.20 6.19 23.32
N SER B 359 22.50 6.21 23.51
CA SER B 359 23.19 6.95 24.59
C SER B 359 24.52 7.46 24.08
N ASP B 360 25.26 8.16 24.94
CA ASP B 360 26.68 8.50 24.68
C ASP B 360 27.67 7.33 24.64
N ILE B 361 27.21 6.10 24.92
CA ILE B 361 28.03 4.87 24.93
C ILE B 361 27.50 3.73 24.04
N ASP B 362 26.63 4.04 23.08
CA ASP B 362 26.11 3.04 22.19
C ASP B 362 27.21 2.57 21.21
N SER B 363 27.74 1.40 21.51
CA SER B 363 28.72 0.73 20.67
C SER B 363 28.08 -0.36 19.83
N SER B 364 26.85 -0.14 19.39
CA SER B 364 26.12 -1.15 18.60
C SER B 364 26.79 -1.40 17.26
N ASN B 365 27.45 -0.38 16.72
CA ASN B 365 28.20 -0.51 15.47
C ASN B 365 29.62 -1.10 15.64
N PHE B 366 29.88 -1.71 16.80
CA PHE B 366 31.10 -2.44 17.08
C PHE B 366 30.76 -3.80 17.59
N ASP B 367 31.41 -4.81 17.01
CA ASP B 367 31.21 -6.20 17.41
C ASP B 367 31.84 -6.35 18.78
N ASP B 368 31.31 -7.28 19.56
CA ASP B 368 31.86 -7.61 20.90
C ASP B 368 33.23 -8.26 20.77
N ILE B 369 33.98 -8.33 21.88
CA ILE B 369 35.37 -8.87 21.85
C ILE B 369 35.65 -9.87 23.02
N GLU B 370 36.50 -10.88 22.75
CA GLU B 370 36.96 -11.95 23.69
C GLU B 370 38.27 -11.55 24.39
N ASP B 371 38.35 -11.93 25.67
CA ASP B 371 38.94 -11.00 26.69
C ASP B 371 39.07 -11.46 28.15
N ASP B 372 38.28 -12.46 28.54
CA ASP B 372 38.64 -13.34 29.68
C ASP B 372 40.04 -14.00 29.45
N LYS B 373 40.44 -14.12 28.17
CA LYS B 373 41.84 -14.26 27.77
C LYS B 373 42.71 -13.11 28.34
N GLY B 374 43.28 -13.38 29.53
CA GLY B 374 44.19 -12.47 30.25
C GLY B 374 45.39 -13.28 30.69
N ASP B 375 46.35 -13.40 29.78
CA ASP B 375 47.65 -14.07 30.03
C ASP B 375 48.83 -13.11 30.29
N VAL B 376 48.57 -11.80 30.29
CA VAL B 376 49.48 -10.68 30.11
C VAL B 376 50.82 -10.84 30.86
N GLU B 377 51.91 -10.70 30.13
CA GLU B 377 53.29 -10.81 30.67
C GLU B 377 54.06 -9.49 30.52
N THR B 378 54.68 -9.07 31.63
CA THR B 378 55.51 -7.87 31.71
C THR B 378 56.99 -8.27 31.62
N PHE B 379 57.89 -7.29 31.77
CA PHE B 379 59.34 -7.50 31.70
C PHE B 379 59.91 -8.31 32.87
N PRO B 380 61.08 -8.98 32.65
CA PRO B 380 61.77 -9.53 33.83
C PRO B 380 62.28 -8.40 34.73
N ILE B 381 62.24 -8.59 36.05
CA ILE B 381 63.04 -7.75 36.96
C ILE B 381 64.49 -7.95 36.47
N PRO B 382 65.19 -6.85 36.16
CA PRO B 382 66.53 -7.03 35.69
C PRO B 382 67.56 -7.08 36.82
N LYS B 383 68.74 -7.56 36.45
CA LYS B 383 69.86 -7.70 37.36
C LYS B 383 70.66 -6.41 37.24
N ALA B 384 71.11 -6.09 36.02
CA ALA B 384 71.75 -4.79 35.66
C ALA B 384 70.70 -3.79 35.07
N PHE B 385 71.14 -2.59 34.67
CA PHE B 385 70.28 -1.58 34.00
C PHE B 385 69.95 -1.98 32.57
N VAL B 386 68.71 -1.72 32.17
CA VAL B 386 68.13 -2.25 30.93
C VAL B 386 67.54 -1.20 30.00
N GLY B 387 66.84 -0.22 30.56
CA GLY B 387 66.31 0.90 29.79
C GLY B 387 65.14 0.55 28.91
N ASN B 388 64.17 -0.16 29.48
CA ASN B 388 62.98 -0.55 28.72
C ASN B 388 62.07 0.62 28.39
N GLN B 389 62.02 1.60 29.29
CA GLN B 389 61.22 2.80 29.08
C GLN B 389 61.81 3.88 28.15
N LEU B 390 63.05 3.71 27.71
CA LEU B 390 63.71 4.72 26.89
C LEU B 390 63.08 5.03 25.54
N PRO B 391 62.55 4.02 24.82
CA PRO B 391 61.98 4.39 23.54
C PRO B 391 60.57 5.02 23.65
N PHE B 392 60.01 5.13 24.88
CA PHE B 392 58.74 5.82 25.16
C PHE B 392 58.83 7.21 25.82
N ILE B 393 60.03 7.78 25.85
CA ILE B 393 60.22 9.13 26.38
C ILE B 393 59.77 10.08 25.27
N GLY B 394 58.84 10.96 25.64
CA GLY B 394 58.33 11.99 24.75
C GLY B 394 56.93 11.74 24.28
N PHE B 395 56.39 10.58 24.62
CA PHE B 395 55.09 10.16 24.14
C PHE B 395 54.01 11.04 24.69
N THR B 396 54.08 11.29 25.99
CA THR B 396 53.02 11.96 26.73
C THR B 396 52.72 13.31 26.09
N TYR B 397 51.43 13.58 25.93
CA TYR B 397 50.92 14.79 25.28
C TYR B 397 49.58 15.17 25.92
N TYR B 398 49.47 16.38 26.48
CA TYR B 398 48.20 16.97 26.92
C TYR B 398 47.90 18.08 25.90
N ARG B 399 46.70 18.03 25.31
CA ARG B 399 46.28 19.02 24.35
C ARG B 399 45.97 20.33 25.03
N GLY C 5 -51.61 45.88 0.89
CA GLY C 5 -50.16 46.11 1.16
C GLY C 5 -49.80 47.01 2.35
N ALA C 6 -49.83 48.33 2.12
CA ALA C 6 -48.98 49.37 2.80
C ALA C 6 -49.01 49.46 4.34
N SER C 7 -50.01 48.90 5.00
CA SER C 7 -49.99 48.66 6.46
C SER C 7 -48.61 48.19 6.95
N ARG C 8 -48.11 47.09 6.40
CA ARG C 8 -46.80 46.56 6.71
C ARG C 8 -45.73 47.28 5.91
N GLN C 9 -45.96 47.46 4.61
CA GLN C 9 -44.93 47.97 3.68
C GLN C 9 -44.52 49.44 3.89
N ARG C 10 -45.27 50.19 4.71
CA ARG C 10 -44.73 51.42 5.29
C ARG C 10 -43.61 51.10 6.28
N LYS C 11 -43.89 50.20 7.23
CA LYS C 11 -42.93 49.80 8.30
C LYS C 11 -41.61 49.29 7.71
N LEU C 12 -41.74 48.53 6.63
CA LEU C 12 -40.61 47.97 5.90
C LEU C 12 -39.75 49.06 5.27
N GLU C 13 -40.38 49.96 4.51
CA GLU C 13 -39.68 51.10 3.90
C GLU C 13 -39.09 52.08 4.93
N ALA C 14 -39.63 52.10 6.15
CA ALA C 14 -39.00 52.82 7.26
C ALA C 14 -37.62 52.29 7.59
N LEU C 15 -37.55 50.96 7.80
CA LEU C 15 -36.30 50.25 8.10
C LEU C 15 -35.19 50.42 7.07
N ILE C 16 -35.57 50.54 5.81
CA ILE C 16 -34.63 50.73 4.73
C ILE C 16 -34.11 52.18 4.69
N ARG C 17 -34.94 53.15 5.10
CA ARG C 17 -34.53 54.57 5.10
C ARG C 17 -33.74 55.01 6.35
N ASP C 18 -33.92 54.34 7.48
CA ASP C 18 -33.17 54.64 8.72
C ASP C 18 -31.68 54.26 8.58
N PRO C 19 -30.74 55.26 8.64
CA PRO C 19 -29.31 54.91 8.49
C PRO C 19 -28.67 54.22 9.72
N ARG C 20 -29.33 54.30 10.88
CA ARG C 20 -28.99 53.46 12.04
C ARG C 20 -29.34 51.96 11.81
N SER C 21 -30.29 51.67 10.90
CA SER C 21 -30.72 50.29 10.63
C SER C 21 -29.71 49.47 9.81
N PRO C 22 -29.55 48.17 10.16
CA PRO C 22 -28.58 47.28 9.54
C PRO C 22 -28.91 46.85 8.12
N ILE C 23 -30.11 47.21 7.64
CA ILE C 23 -30.52 47.00 6.27
C ILE C 23 -30.89 48.33 5.61
N ASN C 24 -30.15 49.39 5.92
CA ASN C 24 -30.17 50.55 5.03
C ASN C 24 -29.61 50.16 3.66
N VAL C 25 -29.75 51.05 2.70
CA VAL C 25 -29.32 50.75 1.35
C VAL C 25 -27.81 50.46 1.28
N GLU C 26 -27.01 51.19 2.07
CA GLU C 26 -25.56 50.98 2.08
C GLU C 26 -25.21 49.56 2.50
N SER C 27 -25.85 49.12 3.60
CA SER C 27 -25.72 47.73 4.13
C SER C 27 -26.10 46.62 3.16
N LEU C 28 -27.14 46.87 2.37
CA LEU C 28 -27.61 45.87 1.43
C LEU C 28 -26.66 45.69 0.25
N LEU C 29 -26.08 46.80 -0.19
CA LEU C 29 -25.00 46.80 -1.19
C LEU C 29 -23.69 46.23 -0.71
N ASP C 30 -23.42 46.38 0.58
CA ASP C 30 -22.29 45.70 1.20
C ASP C 30 -22.55 44.22 1.06
N GLY C 31 -23.73 43.78 1.52
CA GLY C 31 -24.21 42.40 1.37
C GLY C 31 -24.06 41.79 -0.02
N LEU C 32 -24.26 42.61 -1.05
CA LEU C 32 -23.97 42.19 -2.40
C LEU C 32 -22.48 42.13 -2.73
N ASN C 33 -21.72 43.20 -2.44
CA ASN C 33 -20.28 43.22 -2.77
C ASN C 33 -19.53 42.15 -1.98
N SER C 34 -19.84 42.03 -0.69
CA SER C 34 -19.34 40.97 0.18
C SER C 34 -19.58 39.57 -0.37
N LEU C 35 -20.77 39.34 -0.89
CA LEU C 35 -21.11 38.05 -1.49
C LEU C 35 -20.23 37.73 -2.68
N VAL C 36 -20.22 38.63 -3.64
CA VAL C 36 -19.37 38.49 -4.84
C VAL C 36 -17.89 38.24 -4.53
N LEU C 37 -17.33 38.99 -3.59
CA LEU C 37 -15.90 38.88 -3.27
C LEU C 37 -15.54 37.55 -2.68
N ASP C 38 -16.41 37.05 -1.79
CA ASP C 38 -16.23 35.71 -1.17
C ASP C 38 -16.51 34.51 -2.09
N LEU C 39 -17.10 34.76 -3.28
CA LEU C 39 -17.34 33.76 -4.32
C LEU C 39 -16.44 33.82 -5.56
N ASP C 40 -16.15 35.02 -6.09
CA ASP C 40 -15.36 35.15 -7.37
C ASP C 40 -13.91 34.69 -7.20
N PHE C 41 -13.74 33.38 -7.30
CA PHE C 41 -12.44 32.71 -7.37
C PHE C 41 -12.62 31.62 -8.38
N PRO C 42 -11.68 31.45 -9.34
CA PRO C 42 -11.90 30.38 -10.34
C PRO C 42 -12.19 28.97 -9.73
N ALA C 43 -11.67 28.72 -8.52
CA ALA C 43 -11.99 27.50 -7.74
C ALA C 43 -13.48 27.25 -7.48
N LEU C 44 -14.19 28.28 -7.02
CA LEU C 44 -15.60 28.15 -6.57
C LEU C 44 -16.60 28.26 -7.72
N ARG C 45 -16.25 28.99 -8.79
CA ARG C 45 -16.98 28.97 -10.07
C ARG C 45 -17.12 27.58 -10.76
N LYS C 46 -16.44 26.56 -10.24
CA LYS C 46 -16.74 25.15 -10.59
C LYS C 46 -18.16 24.75 -10.22
N ASN C 47 -18.69 25.26 -9.12
CA ASN C 47 -20.14 25.25 -8.83
C ASN C 47 -20.88 26.16 -9.81
N LYS C 48 -21.84 25.55 -10.52
CA LYS C 48 -22.61 26.21 -11.59
C LYS C 48 -23.47 27.36 -11.03
N ASN C 49 -24.21 27.09 -9.93
CA ASN C 49 -25.02 28.08 -9.17
C ASN C 49 -24.36 29.43 -9.01
N ILE C 50 -23.11 29.33 -8.54
CA ILE C 50 -22.23 30.46 -8.35
C ILE C 50 -21.94 31.14 -9.69
N ASP C 51 -21.28 30.42 -10.58
CA ASP C 51 -20.92 30.96 -11.91
C ASP C 51 -22.08 31.68 -12.66
N ASN C 52 -23.32 31.15 -12.56
CA ASN C 52 -24.52 31.79 -13.16
C ASN C 52 -24.76 33.12 -12.54
N PHE C 53 -24.83 33.09 -11.21
CA PHE C 53 -25.11 34.25 -10.39
C PHE C 53 -24.07 35.33 -10.67
N LEU C 54 -22.81 34.93 -10.60
CA LEU C 54 -21.69 35.83 -10.89
C LEU C 54 -21.78 36.42 -12.29
N ASN C 55 -22.07 35.61 -13.30
CA ASN C 55 -22.20 36.12 -14.67
C ASN C 55 -23.31 37.15 -14.85
N ARG C 56 -24.42 36.99 -14.11
CA ARG C 56 -25.48 38.01 -14.06
C ARG C 56 -24.97 39.33 -13.47
N TYR C 57 -24.56 39.25 -12.20
CA TYR C 57 -24.15 40.45 -11.47
C TYR C 57 -22.77 41.06 -11.85
N GLU C 58 -21.85 40.24 -12.41
CA GLU C 58 -20.54 40.67 -12.99
C GLU C 58 -20.53 42.10 -13.48
N LYS C 59 -21.42 42.41 -14.38
CA LYS C 59 -21.42 43.68 -15.11
C LYS C 59 -21.86 44.80 -14.19
N ILE C 60 -23.02 44.65 -13.54
CA ILE C 60 -23.53 45.68 -12.61
C ILE C 60 -22.58 45.97 -11.43
N VAL C 61 -21.96 44.94 -10.85
CA VAL C 61 -21.04 45.12 -9.72
C VAL C 61 -19.80 45.92 -10.12
N LYS C 62 -19.24 45.63 -11.30
CA LYS C 62 -18.13 46.44 -11.79
C LYS C 62 -18.50 47.91 -12.01
N LYS C 63 -19.76 48.19 -12.36
CA LYS C 63 -20.25 49.57 -12.42
C LYS C 63 -20.33 50.28 -11.04
N ILE C 64 -21.05 49.62 -10.11
CA ILE C 64 -21.17 50.01 -8.68
C ILE C 64 -19.87 50.46 -8.03
N ARG C 65 -18.82 49.66 -8.25
CA ARG C 65 -17.52 49.94 -7.67
C ARG C 65 -16.94 51.25 -8.13
N GLY C 66 -17.09 51.51 -9.45
CA GLY C 66 -16.75 52.81 -10.03
C GLY C 66 -17.42 53.97 -9.34
N LEU C 67 -18.72 53.83 -9.04
CA LEU C 67 -19.52 54.92 -8.48
C LEU C 67 -19.39 55.10 -6.99
N GLN C 68 -19.32 54.00 -6.24
CA GLN C 68 -19.18 54.08 -4.77
C GLN C 68 -17.85 54.71 -4.40
N MET C 69 -17.83 55.28 -3.20
CA MET C 69 -16.64 55.90 -2.67
C MET C 69 -15.60 54.83 -2.47
N LYS C 70 -14.37 55.16 -2.83
CA LYS C 70 -13.23 54.25 -2.77
C LYS C 70 -11.95 55.04 -2.48
N ALA C 71 -10.92 54.30 -2.09
CA ALA C 71 -9.63 54.87 -1.73
C ALA C 71 -8.94 55.69 -2.85
N GLU C 72 -9.15 55.30 -4.13
CA GLU C 72 -8.62 56.06 -5.27
C GLU C 72 -9.27 57.44 -5.45
N ASP C 73 -10.41 57.71 -4.76
CA ASP C 73 -11.00 59.04 -4.71
C ASP C 73 -10.16 60.07 -3.92
N TYR C 74 -9.27 59.57 -3.03
CA TYR C 74 -8.41 60.40 -2.19
C TYR C 74 -6.91 60.29 -2.53
N ASP C 75 -6.18 61.39 -2.34
CA ASP C 75 -4.71 61.45 -2.41
C ASP C 75 -4.17 61.40 -0.99
N VAL C 76 -3.21 60.51 -0.72
CA VAL C 76 -2.55 60.43 0.58
C VAL C 76 -1.43 61.46 0.62
N VAL C 77 -1.41 62.27 1.66
CA VAL C 77 -0.46 63.38 1.82
C VAL C 77 0.69 62.95 2.71
N LYS C 78 0.36 62.50 3.92
CA LYS C 78 1.32 62.00 4.88
C LYS C 78 0.59 60.99 5.76
N VAL C 79 1.33 60.04 6.32
CA VAL C 79 0.83 59.20 7.42
C VAL C 79 1.13 59.90 8.76
N ILE C 80 0.09 59.97 9.59
CA ILE C 80 0.10 60.77 10.83
C ILE C 80 -0.25 59.99 12.13
N GLY C 81 -0.41 58.69 12.00
CA GLY C 81 -0.82 57.83 13.11
C GLY C 81 -0.60 56.38 12.69
N ARG C 82 -0.32 55.54 13.68
CA ARG C 82 -0.22 54.12 13.47
C ARG C 82 -0.79 53.48 14.71
N GLY C 83 -1.52 52.39 14.51
CA GLY C 83 -2.15 51.66 15.61
C GLY C 83 -2.25 50.20 15.32
N ALA C 84 -2.86 49.48 16.26
CA ALA C 84 -2.85 48.00 16.27
C ALA C 84 -3.13 47.38 14.89
N PHE C 85 -4.27 47.76 14.32
CA PHE C 85 -4.77 47.14 13.08
C PHE C 85 -4.70 48.06 11.85
N GLY C 86 -4.07 49.24 11.94
CA GLY C 86 -3.74 49.98 10.71
C GLY C 86 -3.01 51.29 10.92
N GLU C 87 -3.41 52.28 10.13
CA GLU C 87 -2.83 53.63 10.17
C GLU C 87 -3.84 54.74 9.91
N VAL C 88 -3.44 55.97 10.25
CA VAL C 88 -4.24 57.19 10.01
C VAL C 88 -3.47 58.04 9.02
N GLN C 89 -4.17 58.45 7.96
CA GLN C 89 -3.63 59.19 6.83
C GLN C 89 -4.26 60.57 6.77
N LEU C 90 -3.43 61.58 6.50
CA LEU C 90 -3.89 62.88 6.05
C LEU C 90 -4.15 62.71 4.57
N VAL C 91 -5.36 63.08 4.12
CA VAL C 91 -5.79 62.88 2.74
C VAL C 91 -6.54 64.07 2.15
N ARG C 92 -6.45 64.21 0.83
CA ARG C 92 -7.22 65.21 0.09
C ARG C 92 -8.14 64.50 -0.88
N HIS C 93 -9.45 64.79 -0.80
CA HIS C 93 -10.47 64.30 -1.75
C HIS C 93 -10.13 64.96 -3.08
N LYS C 94 -9.79 64.14 -4.08
CA LYS C 94 -9.27 64.61 -5.37
C LYS C 94 -10.21 65.57 -6.05
N ALA C 95 -11.47 65.13 -6.17
CA ALA C 95 -12.57 65.93 -6.68
C ALA C 95 -12.87 67.21 -5.92
N SER C 96 -13.33 67.08 -4.67
CA SER C 96 -13.76 68.26 -3.88
C SER C 96 -12.60 69.12 -3.36
N GLN C 97 -11.39 68.57 -3.36
CA GLN C 97 -10.16 69.24 -2.86
C GLN C 97 -10.08 69.37 -1.35
N LYS C 98 -11.07 68.88 -0.60
CA LYS C 98 -11.13 69.04 0.85
C LYS C 98 -10.20 68.05 1.52
N VAL C 99 -9.76 68.40 2.73
CA VAL C 99 -8.79 67.62 3.50
C VAL C 99 -9.47 66.94 4.69
N TYR C 100 -9.19 65.65 4.83
CA TYR C 100 -9.73 64.86 5.93
C TYR C 100 -8.61 64.02 6.55
N ALA C 101 -8.95 63.45 7.70
CA ALA C 101 -8.15 62.41 8.33
C ALA C 101 -8.86 61.10 8.02
N MET C 102 -8.12 60.10 7.54
CA MET C 102 -8.70 58.82 7.18
C MET C 102 -8.00 57.69 7.91
N LYS C 103 -8.78 56.91 8.67
CA LYS C 103 -8.28 55.81 9.48
C LYS C 103 -8.57 54.54 8.74
N LEU C 104 -7.53 53.71 8.58
CA LEU C 104 -7.60 52.41 7.89
C LEU C 104 -7.52 51.25 8.86
N LEU C 105 -8.22 50.16 8.53
CA LEU C 105 -8.15 48.93 9.31
C LEU C 105 -8.02 47.73 8.38
N SER C 106 -6.91 47.01 8.51
CA SER C 106 -6.67 45.77 7.76
C SER C 106 -7.72 44.75 8.14
N LYS C 107 -8.39 44.21 7.12
CA LYS C 107 -9.34 43.16 7.35
C LYS C 107 -8.58 41.87 7.76
N PHE C 108 -7.53 41.53 7.00
CA PHE C 108 -6.74 40.31 7.31
C PHE C 108 -6.38 40.22 8.80
N GLU C 109 -5.74 41.30 9.29
CA GLU C 109 -5.28 41.38 10.68
C GLU C 109 -6.39 41.25 11.71
N MET C 110 -7.54 41.88 11.45
CA MET C 110 -8.66 41.86 12.40
C MET C 110 -9.25 40.46 12.59
N ILE C 111 -9.39 39.75 11.47
CA ILE C 111 -9.84 38.35 11.46
C ILE C 111 -8.79 37.53 12.20
N LYS C 112 -7.56 37.56 11.65
CA LYS C 112 -6.44 36.79 12.19
C LYS C 112 -6.34 36.94 13.71
N ARG C 113 -6.19 38.18 14.21
CA ARG C 113 -6.05 38.40 15.63
C ARG C 113 -7.40 38.58 16.33
N SER C 114 -8.05 39.70 16.17
CA SER C 114 -9.02 40.28 17.21
C SER C 114 -10.30 39.42 17.50
N ASP C 115 -11.27 39.97 18.21
CA ASP C 115 -12.73 39.63 17.84
C ASP C 115 -13.26 40.34 16.66
N SER C 116 -12.79 41.55 16.28
CA SER C 116 -13.23 42.25 15.01
C SER C 116 -14.68 42.79 15.09
N ALA C 117 -14.99 43.38 16.24
CA ALA C 117 -16.26 44.04 16.55
C ALA C 117 -16.12 45.51 17.01
N PHE C 118 -14.99 45.86 17.62
CA PHE C 118 -14.71 47.22 18.12
C PHE C 118 -15.12 48.39 17.24
N PHE C 119 -14.89 48.21 15.94
CA PHE C 119 -15.18 49.27 14.93
C PHE C 119 -16.63 49.71 14.76
N TRP C 120 -17.57 48.89 15.21
CA TRP C 120 -18.99 49.19 15.10
C TRP C 120 -19.32 50.36 16.00
N GLU C 121 -18.98 50.26 17.28
CA GLU C 121 -19.24 51.39 18.19
C GLU C 121 -18.43 52.62 17.79
N GLU C 122 -17.17 52.42 17.35
CA GLU C 122 -16.32 53.54 16.94
C GLU C 122 -16.98 54.31 15.82
N ARG C 123 -17.42 53.58 14.80
CA ARG C 123 -18.11 54.17 13.66
C ARG C 123 -19.37 54.91 14.11
N ASP C 124 -20.24 54.20 14.82
CA ASP C 124 -21.51 54.76 15.28
C ASP C 124 -21.34 56.03 16.13
N ILE C 125 -20.35 56.02 17.03
CA ILE C 125 -20.04 57.17 17.88
C ILE C 125 -19.69 58.40 17.04
N MET C 126 -18.71 58.23 16.18
CA MET C 126 -18.23 59.29 15.30
C MET C 126 -19.27 59.72 14.27
N ALA C 127 -20.09 58.79 13.79
CA ALA C 127 -21.14 59.11 12.82
C ALA C 127 -22.26 59.91 13.41
N PHE C 128 -22.70 59.54 14.64
CA PHE C 128 -24.00 59.92 15.19
C PHE C 128 -24.01 60.64 16.56
N ALA C 129 -22.88 61.16 17.01
CA ALA C 129 -22.87 61.84 18.30
C ALA C 129 -23.46 63.25 18.25
N ASN C 130 -23.44 63.89 17.07
CA ASN C 130 -23.65 65.36 16.92
C ASN C 130 -23.12 66.16 18.09
N SER C 131 -21.91 65.77 18.51
CA SER C 131 -21.28 66.34 19.67
C SER C 131 -20.06 67.05 19.20
N PRO C 132 -19.82 68.24 19.76
CA PRO C 132 -18.58 68.89 19.44
C PRO C 132 -17.42 68.37 20.27
N TRP C 133 -17.66 67.43 21.20
CA TRP C 133 -16.57 66.69 21.84
C TRP C 133 -16.11 65.45 21.09
N VAL C 134 -16.83 65.03 20.04
CA VAL C 134 -16.46 63.85 19.26
C VAL C 134 -16.06 64.27 17.87
N VAL C 135 -14.98 63.63 17.40
CA VAL C 135 -14.52 63.81 16.05
C VAL C 135 -15.59 63.22 15.14
N GLN C 136 -16.16 64.06 14.29
CA GLN C 136 -17.21 63.61 13.37
C GLN C 136 -16.71 62.74 12.22
N LEU C 137 -17.44 61.66 11.95
CA LEU C 137 -17.27 60.81 10.78
C LEU C 137 -18.20 61.33 9.69
N PHE C 138 -17.60 61.46 8.51
CA PHE C 138 -18.26 61.91 7.31
C PHE C 138 -18.62 60.71 6.43
N TYR C 139 -17.64 59.88 6.12
CA TYR C 139 -17.83 58.74 5.25
C TYR C 139 -17.09 57.53 5.83
N ALA C 140 -17.76 56.39 5.87
CA ALA C 140 -17.13 55.08 6.03
C ALA C 140 -17.36 54.30 4.74
N PHE C 141 -16.32 53.60 4.29
CA PHE C 141 -16.43 52.69 3.17
C PHE C 141 -15.44 51.54 3.28
N GLN C 142 -15.50 50.61 2.33
CA GLN C 142 -14.58 49.47 2.31
C GLN C 142 -14.18 49.04 0.90
N ASP C 143 -13.09 48.30 0.83
CA ASP C 143 -12.71 47.58 -0.41
C ASP C 143 -12.37 46.16 -0.02
N ASP C 144 -11.85 45.37 -0.97
CA ASP C 144 -11.36 44.01 -0.67
C ASP C 144 -10.51 43.91 0.61
N ARG C 145 -9.56 44.82 0.80
CA ARG C 145 -8.56 44.70 1.89
C ARG C 145 -8.82 45.44 3.22
N TYR C 146 -9.34 46.68 3.13
CA TYR C 146 -9.42 47.59 4.30
C TYR C 146 -10.83 48.16 4.54
N LEU C 147 -11.11 48.47 5.81
CA LEU C 147 -12.10 49.48 6.19
C LEU C 147 -11.47 50.87 6.26
N TYR C 148 -12.27 51.89 5.96
CA TYR C 148 -11.84 53.28 5.94
C TYR C 148 -12.85 54.11 6.73
N MET C 149 -12.36 55.13 7.43
CA MET C 149 -13.19 56.07 8.18
C MET C 149 -12.66 57.50 7.92
N VAL C 150 -13.44 58.31 7.21
CA VAL C 150 -13.08 59.67 6.85
C VAL C 150 -13.65 60.63 7.91
N MET C 151 -12.74 61.35 8.59
CA MET C 151 -13.05 62.18 9.73
C MET C 151 -12.58 63.60 9.48
N GLU C 152 -13.12 64.53 10.28
CA GLU C 152 -12.60 65.91 10.28
C GLU C 152 -11.19 65.85 10.78
N TYR C 153 -10.23 66.36 10.00
CA TYR C 153 -8.84 66.48 10.47
C TYR C 153 -8.76 67.46 11.65
N MET C 154 -7.91 67.14 12.62
CA MET C 154 -7.72 67.88 13.85
C MET C 154 -6.26 68.33 13.89
N PRO C 155 -5.96 69.53 13.33
CA PRO C 155 -4.56 69.86 13.07
C PRO C 155 -3.72 70.29 14.29
N GLY C 156 -4.38 70.49 15.45
CA GLY C 156 -3.72 70.78 16.71
C GLY C 156 -3.00 69.61 17.39
N GLY C 157 -3.28 68.38 16.97
CA GLY C 157 -2.57 67.20 17.45
C GLY C 157 -3.07 66.73 18.79
N ASP C 158 -2.45 65.65 19.28
CA ASP C 158 -2.80 65.07 20.58
C ASP C 158 -2.20 65.86 21.72
N LEU C 159 -2.65 65.54 22.92
CA LEU C 159 -2.13 66.16 24.15
C LEU C 159 -0.80 65.60 24.61
N VAL C 160 -0.34 64.48 24.05
CA VAL C 160 1.01 64.02 24.33
C VAL C 160 1.93 65.05 23.74
N ASN C 161 1.66 65.34 22.46
CA ASN C 161 2.40 66.31 21.67
C ASN C 161 2.32 67.72 22.26
N LEU C 162 1.21 68.04 22.91
CA LEU C 162 1.11 69.29 23.68
C LEU C 162 1.98 69.28 24.92
N MET C 163 1.81 68.27 25.76
CA MET C 163 2.57 68.15 27.02
C MET C 163 4.11 68.10 26.81
N SER C 164 4.54 67.45 25.73
CA SER C 164 5.95 67.40 25.36
C SER C 164 6.55 68.76 24.96
N ASN C 165 5.73 69.61 24.35
CA ASN C 165 6.15 70.96 23.89
C ASN C 165 5.88 72.12 24.85
N TYR C 166 5.15 71.90 25.95
CA TYR C 166 4.89 72.94 26.94
C TYR C 166 5.01 72.40 28.37
N ASP C 167 5.68 73.18 29.20
CA ASP C 167 5.45 73.09 30.63
C ASP C 167 4.02 73.66 30.74
N VAL C 168 3.15 72.92 31.42
CA VAL C 168 1.74 73.19 31.41
C VAL C 168 1.32 73.82 32.73
N PRO C 169 0.87 75.09 32.72
CA PRO C 169 0.40 75.68 34.00
C PRO C 169 -0.94 75.17 34.44
N GLU C 170 -1.29 75.46 35.69
CA GLU C 170 -2.54 74.96 36.28
C GLU C 170 -3.76 75.56 35.61
N LYS C 171 -3.69 76.81 35.16
CA LYS C 171 -4.79 77.41 34.41
C LYS C 171 -5.17 76.59 33.17
N TRP C 172 -4.14 76.17 32.45
CA TRP C 172 -4.32 75.36 31.25
C TRP C 172 -4.89 74.01 31.56
N ALA C 173 -4.40 73.39 32.64
CA ALA C 173 -4.89 72.08 33.04
C ALA C 173 -6.35 72.10 33.51
N LYS C 174 -6.76 73.12 34.30
CA LYS C 174 -8.20 73.39 34.62
C LYS C 174 -9.05 73.31 33.36
N PHE C 175 -8.61 74.00 32.30
CA PHE C 175 -9.30 74.04 31.01
C PHE C 175 -9.39 72.68 30.35
N TYR C 176 -8.23 72.12 30.00
CA TYR C 176 -8.17 70.86 29.25
C TYR C 176 -8.86 69.71 30.00
N THR C 177 -8.70 69.66 31.32
CA THR C 177 -9.41 68.71 32.18
C THR C 177 -10.93 68.90 32.11
N ALA C 178 -11.38 70.13 32.31
CA ALA C 178 -12.81 70.46 32.23
C ALA C 178 -13.41 70.00 30.90
N GLU C 179 -12.73 70.27 29.80
CA GLU C 179 -13.14 69.80 28.48
C GLU C 179 -13.23 68.26 28.39
N VAL C 180 -12.28 67.56 29.02
CA VAL C 180 -12.34 66.09 29.12
C VAL C 180 -13.57 65.65 29.92
N VAL C 181 -13.79 66.28 31.07
CA VAL C 181 -14.95 65.99 31.91
C VAL C 181 -16.27 65.98 31.12
N LEU C 182 -16.47 66.99 30.29
CA LEU C 182 -17.66 67.16 29.52
C LEU C 182 -17.73 66.19 28.36
N ALA C 183 -16.57 65.92 27.77
CA ALA C 183 -16.49 64.95 26.70
C ALA C 183 -16.92 63.56 27.16
N LEU C 184 -16.34 63.12 28.26
CA LEU C 184 -16.71 61.83 28.85
C LEU C 184 -18.16 61.77 29.25
N ASP C 185 -18.64 62.84 29.91
CA ASP C 185 -20.05 62.92 30.30
C ASP C 185 -20.98 62.71 29.10
N ALA C 186 -20.58 63.22 27.93
CA ALA C 186 -21.31 62.99 26.68
C ALA C 186 -21.27 61.53 26.21
N ILE C 187 -20.10 60.93 26.29
CA ILE C 187 -19.93 59.48 26.01
C ILE C 187 -20.71 58.62 27.00
N HIS C 188 -20.71 59.04 28.27
CA HIS C 188 -21.54 58.45 29.31
C HIS C 188 -23.02 58.64 28.98
N SER C 189 -23.46 59.86 28.64
CA SER C 189 -24.85 60.15 28.15
C SER C 189 -25.32 59.28 27.00
N MET C 190 -24.40 58.91 26.12
CA MET C 190 -24.65 57.92 25.06
C MET C 190 -24.69 56.46 25.55
N GLY C 191 -24.56 56.20 26.86
CA GLY C 191 -24.58 54.84 27.40
C GLY C 191 -23.38 53.98 27.07
N LEU C 192 -22.20 54.61 27.07
CA LEU C 192 -20.93 53.95 26.80
C LEU C 192 -19.93 54.27 27.91
N ILE C 193 -19.05 53.31 28.16
CA ILE C 193 -17.84 53.48 28.98
C ILE C 193 -16.67 53.46 28.00
N HIS C 194 -15.78 54.45 28.11
CA HIS C 194 -14.59 54.55 27.25
C HIS C 194 -13.58 53.43 27.54
N ARG C 195 -13.29 53.26 28.83
CA ARG C 195 -12.19 52.42 29.36
C ARG C 195 -10.84 53.15 29.15
N ASP C 196 -10.33 53.13 27.92
CA ASP C 196 -8.99 53.63 27.58
C ASP C 196 -8.89 55.15 27.35
N VAL C 197 -9.15 55.92 28.41
CA VAL C 197 -9.08 57.38 28.37
C VAL C 197 -7.63 57.78 28.60
N LYS C 198 -7.07 58.59 27.72
CA LYS C 198 -5.63 58.96 27.73
C LYS C 198 -5.30 60.09 26.73
N PRO C 199 -4.14 60.77 26.86
CA PRO C 199 -3.83 61.92 26.01
C PRO C 199 -3.69 61.66 24.52
N ASP C 200 -3.41 60.41 24.15
CA ASP C 200 -3.27 59.99 22.74
C ASP C 200 -4.63 60.00 22.04
N ASN C 201 -5.67 59.79 22.84
CA ASN C 201 -7.08 59.75 22.42
C ASN C 201 -7.82 61.08 22.64
N MET C 202 -7.06 62.18 22.69
CA MET C 202 -7.55 63.53 23.01
C MET C 202 -6.88 64.45 22.01
N LEU C 203 -7.66 64.97 21.06
CA LEU C 203 -7.12 65.80 19.99
C LEU C 203 -7.68 67.20 20.00
N LEU C 204 -7.00 68.07 19.26
CA LEU C 204 -7.24 69.50 19.28
C LEU C 204 -7.59 70.02 17.92
N ASP C 205 -8.73 70.73 17.86
CA ASP C 205 -9.27 71.25 16.59
C ASP C 205 -8.47 72.44 16.08
N LYS C 206 -8.86 72.95 14.92
CA LYS C 206 -8.27 74.18 14.35
C LYS C 206 -8.17 75.37 15.33
N HIS C 207 -9.05 75.40 16.33
CA HIS C 207 -9.05 76.40 17.42
C HIS C 207 -8.49 75.96 18.78
N GLY C 208 -7.73 74.86 18.79
CA GLY C 208 -7.13 74.33 20.01
C GLY C 208 -8.01 73.87 21.14
N HIS C 209 -9.24 73.46 20.79
CA HIS C 209 -10.26 72.91 21.70
C HIS C 209 -10.33 71.40 21.49
N LEU C 210 -10.75 70.70 22.55
CA LEU C 210 -10.72 69.25 22.62
C LEU C 210 -11.82 68.58 21.78
N LYS C 211 -11.45 67.48 21.15
CA LYS C 211 -12.37 66.43 20.66
C LYS C 211 -11.71 65.08 20.97
N LEU C 212 -12.54 64.05 21.21
CA LEU C 212 -12.08 62.69 21.42
C LEU C 212 -12.08 61.92 20.12
N ALA C 213 -11.11 61.01 20.02
CA ALA C 213 -11.00 60.06 18.90
C ALA C 213 -10.42 58.75 19.41
N ASP C 214 -10.38 57.73 18.53
CA ASP C 214 -10.07 56.33 18.91
C ASP C 214 -11.02 55.84 20.01
N PHE C 215 -12.08 55.18 19.56
CA PHE C 215 -13.03 54.56 20.44
C PHE C 215 -13.01 53.04 20.34
N GLY C 216 -11.91 52.43 19.87
CA GLY C 216 -11.74 50.95 19.84
C GLY C 216 -12.11 50.20 21.12
N THR C 217 -11.92 50.85 22.25
CA THR C 217 -12.25 50.32 23.56
C THR C 217 -13.64 50.55 24.06
N CYS C 218 -14.37 51.51 23.50
CA CYS C 218 -15.71 51.80 24.01
C CYS C 218 -16.60 50.59 23.89
N MET C 219 -17.26 50.29 25.01
CA MET C 219 -18.18 49.17 25.13
C MET C 219 -19.50 49.68 25.70
N LYS C 220 -20.61 49.09 25.25
CA LYS C 220 -21.93 49.53 25.65
C LYS C 220 -22.24 49.06 27.08
N MET C 221 -22.90 49.93 27.85
CA MET C 221 -23.29 49.64 29.23
C MET C 221 -24.38 48.58 29.29
N ASP C 222 -24.42 47.84 30.39
CA ASP C 222 -25.46 46.85 30.63
C ASP C 222 -26.62 47.69 31.20
N GLU C 223 -27.67 47.03 31.66
CA GLU C 223 -28.82 47.64 32.33
C GLU C 223 -28.46 48.50 33.56
N THR C 224 -27.58 48.00 34.42
CA THR C 224 -27.12 48.76 35.61
C THR C 224 -26.19 49.91 35.27
N GLY C 225 -25.35 49.72 34.24
CA GLY C 225 -24.22 50.59 33.95
C GLY C 225 -22.84 49.98 34.09
N MET C 226 -22.74 48.65 34.07
CA MET C 226 -21.47 47.89 34.10
C MET C 226 -21.09 47.43 32.68
N VAL C 227 -20.03 46.64 32.58
CA VAL C 227 -19.67 45.82 31.41
C VAL C 227 -18.64 44.75 31.82
N HIS C 228 -18.54 43.65 31.14
CA HIS C 228 -17.33 42.74 31.26
C HIS C 228 -17.24 42.10 29.93
N CYS C 229 -16.08 42.21 29.25
CA CYS C 229 -16.12 42.21 27.70
C CYS C 229 -16.79 41.10 26.79
N PRO C 236 -1.74 51.39 29.68
CA PRO C 236 -1.42 50.79 31.05
C PRO C 236 -1.25 51.72 32.24
N ASP C 237 -0.49 52.84 32.11
CA ASP C 237 -0.41 53.90 33.18
C ASP C 237 -1.77 54.45 33.62
N TYR C 238 -2.59 54.66 32.60
CA TYR C 238 -3.93 55.24 32.71
C TYR C 238 -5.05 54.28 33.11
N ILE C 239 -4.73 52.99 33.24
CA ILE C 239 -5.72 51.98 33.62
C ILE C 239 -6.00 52.02 35.13
N SER C 240 -7.23 51.64 35.49
CA SER C 240 -7.72 51.63 36.89
C SER C 240 -7.55 50.25 37.53
N PRO C 241 -7.50 50.17 38.89
CA PRO C 241 -7.27 48.86 39.56
C PRO C 241 -8.37 47.80 39.33
N GLU C 242 -9.64 48.20 39.45
CA GLU C 242 -10.77 47.32 39.17
C GLU C 242 -10.75 46.66 37.79
N VAL C 243 -10.32 47.41 36.77
CA VAL C 243 -10.14 46.85 35.39
C VAL C 243 -9.12 45.67 35.38
N LEU C 244 -8.10 45.76 36.23
CA LEU C 244 -7.08 44.73 36.35
C LEU C 244 -7.56 43.41 37.07
N LYS C 245 -8.83 43.27 37.50
CA LYS C 245 -9.58 41.96 37.37
C LYS C 245 -10.92 42.20 36.58
N PHE C 252 -16.84 42.54 36.16
CA PHE C 252 -17.84 43.62 36.15
C PHE C 252 -17.31 44.97 36.68
N TYR C 253 -17.22 45.98 35.80
CA TYR C 253 -16.80 47.36 36.12
C TYR C 253 -17.60 48.46 35.42
N GLY C 254 -17.76 49.59 36.10
CA GLY C 254 -18.61 50.72 35.66
C GLY C 254 -17.86 51.94 35.17
N ARG C 255 -18.62 53.02 35.00
CA ARG C 255 -18.15 54.30 34.40
C ARG C 255 -17.05 54.99 35.17
N GLU C 256 -17.07 54.84 36.51
CA GLU C 256 -16.04 55.40 37.38
C GLU C 256 -14.59 55.15 36.95
N CYS C 257 -14.32 54.06 36.23
CA CYS C 257 -12.97 53.77 35.67
C CYS C 257 -12.44 54.78 34.65
N ASP C 258 -13.34 55.48 33.97
CA ASP C 258 -12.95 56.61 33.11
C ASP C 258 -12.46 57.75 33.98
N TRP C 259 -13.18 58.04 35.05
CA TRP C 259 -12.82 59.12 35.97
C TRP C 259 -11.46 58.92 36.67
N TRP C 260 -11.07 57.69 36.96
CA TRP C 260 -9.68 57.37 37.36
C TRP C 260 -8.68 57.96 36.38
N SER C 261 -8.89 57.60 35.11
CA SER C 261 -7.99 58.00 34.04
C SER C 261 -7.90 59.54 33.88
N VAL C 262 -8.94 60.26 34.32
CA VAL C 262 -8.93 61.72 34.34
C VAL C 262 -7.98 62.24 35.41
N GLY C 263 -8.07 61.69 36.62
CA GLY C 263 -7.06 61.95 37.66
C GLY C 263 -5.63 61.76 37.18
N VAL C 264 -5.37 60.60 36.57
CA VAL C 264 -4.03 60.27 36.01
C VAL C 264 -3.56 61.35 35.01
N PHE C 265 -4.49 61.81 34.19
CA PHE C 265 -4.24 62.82 33.16
C PHE C 265 -3.83 64.15 33.76
N LEU C 266 -4.64 64.59 34.71
CA LEU C 266 -4.39 65.85 35.40
C LEU C 266 -3.02 65.85 36.04
N TYR C 267 -2.71 64.76 36.75
CA TYR C 267 -1.38 64.54 37.31
C TYR C 267 -0.26 64.65 36.26
N GLU C 268 -0.35 63.91 35.15
CA GLU C 268 0.68 63.97 34.09
C GLU C 268 0.90 65.39 33.57
N MET C 269 -0.18 66.17 33.49
CA MET C 269 -0.08 67.57 33.03
C MET C 269 0.66 68.46 33.99
N LEU C 270 0.29 68.35 35.27
CA LEU C 270 0.86 69.20 36.31
C LEU C 270 2.24 68.78 36.78
N VAL C 271 2.42 67.48 37.01
CA VAL C 271 3.70 66.95 37.52
C VAL C 271 4.71 66.88 36.38
N GLY C 272 4.37 66.11 35.35
CA GLY C 272 5.26 65.89 34.20
C GLY C 272 5.36 64.44 33.82
N ASP C 273 5.44 63.57 34.85
CA ASP C 273 5.35 62.12 34.69
C ASP C 273 3.97 61.61 35.13
N THR C 274 3.68 60.38 34.70
CA THR C 274 2.48 59.64 35.14
C THR C 274 2.68 59.23 36.58
N PRO C 275 1.60 59.15 37.38
CA PRO C 275 1.73 58.87 38.81
C PRO C 275 2.09 57.44 39.21
N PHE C 276 2.10 56.48 38.26
CA PHE C 276 2.54 55.12 38.53
C PHE C 276 3.58 54.68 37.53
N TYR C 277 4.48 55.60 37.18
CA TYR C 277 5.58 55.31 36.26
C TYR C 277 6.45 54.22 36.86
N ALA C 278 6.97 53.37 35.98
CA ALA C 278 7.99 52.39 36.35
C ALA C 278 8.81 52.06 35.12
N ASP C 279 9.90 51.34 35.34
CA ASP C 279 10.84 50.94 34.29
C ASP C 279 10.12 49.84 33.52
N SER C 280 9.77 48.78 34.26
CA SER C 280 8.96 47.69 33.72
C SER C 280 7.48 48.07 33.71
N LEU C 281 6.73 47.25 33.00
CA LEU C 281 5.26 47.33 32.99
C LEU C 281 4.73 46.70 34.26
N VAL C 282 5.24 45.51 34.57
CA VAL C 282 4.93 44.82 35.85
C VAL C 282 5.01 45.74 37.08
N GLY C 283 6.02 46.65 37.07
CA GLY C 283 6.19 47.67 38.09
C GLY C 283 5.01 48.60 38.17
N THR C 284 4.63 49.15 37.01
CA THR C 284 3.45 50.02 36.88
C THR C 284 2.20 49.35 37.44
N TYR C 285 1.95 48.11 37.02
CA TYR C 285 0.78 47.35 37.48
C TYR C 285 0.77 47.30 39.00
N SER C 286 1.90 46.83 39.56
CA SER C 286 2.06 46.66 40.99
C SER C 286 1.80 47.94 41.78
N LYS C 287 2.28 49.06 41.22
CA LYS C 287 2.06 50.40 41.78
C LYS C 287 0.61 50.81 41.76
N ILE C 288 -0.07 50.59 40.63
CA ILE C 288 -1.50 50.93 40.50
C ILE C 288 -2.31 50.22 41.59
N MET C 289 -2.08 48.91 41.76
CA MET C 289 -2.74 48.12 42.80
C MET C 289 -2.52 48.68 44.20
N ASP C 290 -1.26 49.03 44.46
CA ASP C 290 -0.83 49.61 45.72
C ASP C 290 -1.10 51.14 45.85
N HIS C 291 -1.94 51.72 44.97
CA HIS C 291 -2.15 53.18 44.87
C HIS C 291 -2.28 53.96 46.17
N LYS C 292 -2.94 53.35 47.15
CA LYS C 292 -3.05 53.91 48.51
C LYS C 292 -1.70 54.33 49.09
N ASN C 293 -0.67 53.52 48.87
CA ASN C 293 0.73 53.83 49.27
C ASN C 293 1.55 54.46 48.17
N SER C 294 1.45 53.93 46.94
CA SER C 294 2.34 54.30 45.84
C SER C 294 2.14 55.68 45.19
N LEU C 295 1.07 56.38 45.55
CA LEU C 295 0.84 57.75 45.07
C LEU C 295 1.36 58.72 46.13
N CYS C 296 2.44 59.43 45.78
CA CYS C 296 2.85 60.64 46.48
C CYS C 296 3.15 61.70 45.42
N PHE C 297 3.08 62.96 45.80
CA PHE C 297 3.36 64.08 44.87
C PHE C 297 4.80 64.53 45.07
N PRO C 298 5.61 64.54 43.97
CA PRO C 298 6.92 65.12 44.06
C PRO C 298 6.93 66.52 44.70
N GLU C 299 7.80 66.73 45.69
CA GLU C 299 7.87 68.01 46.39
C GLU C 299 8.36 69.18 45.51
N ASP C 300 9.11 68.87 44.44
CA ASP C 300 9.46 69.88 43.41
C ASP C 300 8.29 70.36 42.56
N ALA C 301 7.23 69.57 42.43
CA ALA C 301 6.11 69.84 41.51
C ALA C 301 5.13 70.92 42.03
N GLU C 302 4.76 71.82 41.12
CA GLU C 302 4.01 73.03 41.39
C GLU C 302 2.53 72.73 41.26
N ILE C 303 1.80 72.76 42.39
CA ILE C 303 0.42 72.24 42.41
C ILE C 303 -0.36 72.68 43.64
N SER C 304 -1.58 73.15 43.40
CA SER C 304 -2.43 73.74 44.43
C SER C 304 -3.04 72.67 45.31
N LYS C 305 -3.63 73.10 46.43
CA LYS C 305 -4.22 72.16 47.39
C LYS C 305 -5.45 71.57 46.73
N HIS C 306 -6.32 72.45 46.22
CA HIS C 306 -7.49 72.07 45.41
C HIS C 306 -7.17 71.01 44.33
N ALA C 307 -6.13 71.28 43.56
CA ALA C 307 -5.70 70.37 42.51
C ALA C 307 -5.18 69.03 43.05
N LYS C 308 -4.37 69.08 44.11
CA LYS C 308 -3.95 67.88 44.86
C LYS C 308 -5.18 67.07 45.29
N ASN C 309 -6.10 67.77 45.96
CA ASN C 309 -7.31 67.17 46.54
C ASN C 309 -8.11 66.45 45.45
N LEU C 310 -8.37 67.14 44.34
CA LEU C 310 -9.12 66.57 43.21
C LEU C 310 -8.51 65.30 42.61
N ILE C 311 -7.18 65.28 42.46
CA ILE C 311 -6.48 64.09 41.95
C ILE C 311 -6.68 62.90 42.90
N CYS C 312 -6.56 63.16 44.19
CA CYS C 312 -6.80 62.14 45.20
C CYS C 312 -8.22 61.65 45.23
N ALA C 313 -9.17 62.55 44.94
CA ALA C 313 -10.58 62.18 44.83
C ALA C 313 -10.90 61.25 43.67
N PHE C 314 -10.17 61.38 42.56
CA PHE C 314 -10.26 60.44 41.42
C PHE C 314 -9.48 59.16 41.62
N LEU C 315 -8.35 59.22 42.34
CA LEU C 315 -7.50 58.04 42.53
C LEU C 315 -7.72 57.35 43.89
N THR C 316 -8.98 56.98 44.16
CA THR C 316 -9.37 56.13 45.29
C THR C 316 -9.85 54.80 44.71
N ASP C 317 -10.22 53.89 45.63
CA ASP C 317 -10.98 52.70 45.27
C ASP C 317 -12.35 53.11 44.70
N ARG C 318 -12.81 52.28 43.75
CA ARG C 318 -14.07 52.48 43.02
C ARG C 318 -15.29 52.92 43.85
N GLU C 319 -15.42 52.34 45.05
CA GLU C 319 -16.61 52.48 45.91
C GLU C 319 -16.85 53.91 46.41
N VAL C 320 -15.79 54.69 46.56
CA VAL C 320 -15.86 56.12 46.99
C VAL C 320 -15.18 57.10 45.99
N ARG C 321 -14.98 56.67 44.76
CA ARG C 321 -14.38 57.51 43.73
C ARG C 321 -15.36 58.58 43.24
N LEU C 322 -14.79 59.71 42.81
CA LEU C 322 -15.56 60.86 42.38
C LEU C 322 -16.12 60.60 40.98
N GLY C 323 -17.41 60.94 40.77
CA GLY C 323 -18.11 60.68 39.50
C GLY C 323 -18.93 59.41 39.42
N ARG C 324 -18.85 58.56 40.45
CA ARG C 324 -19.83 57.49 40.65
C ARG C 324 -21.21 58.10 40.77
N ASN C 325 -21.39 59.13 41.60
CA ASN C 325 -22.66 59.78 41.84
C ASN C 325 -22.86 60.92 40.88
N GLY C 326 -22.83 60.59 39.60
CA GLY C 326 -22.95 61.59 38.52
C GLY C 326 -21.80 62.57 38.35
N VAL C 327 -21.84 63.24 37.22
CA VAL C 327 -20.88 64.27 36.84
C VAL C 327 -20.89 65.52 37.75
N GLU C 328 -22.04 65.88 38.34
CA GLU C 328 -22.21 67.19 38.96
C GLU C 328 -21.26 67.46 40.12
N GLU C 329 -21.03 66.44 40.96
CA GLU C 329 -20.07 66.57 42.09
C GLU C 329 -18.65 66.92 41.62
N ILE C 330 -18.23 66.42 40.46
CA ILE C 330 -16.96 66.85 39.81
C ILE C 330 -17.02 68.32 39.45
N ARG C 331 -18.09 68.73 38.78
CA ARG C 331 -18.17 70.09 38.22
C ARG C 331 -18.10 71.19 39.27
N GLN C 332 -18.67 70.95 40.45
CA GLN C 332 -18.63 71.95 41.54
C GLN C 332 -17.40 71.87 42.44
N HIS C 333 -16.55 70.87 42.27
CA HIS C 333 -15.23 70.81 42.94
C HIS C 333 -14.46 72.14 42.77
N PRO C 334 -13.89 72.67 43.89
CA PRO C 334 -13.40 74.06 43.90
C PRO C 334 -12.29 74.40 42.91
N PHE C 335 -11.36 73.47 42.73
CA PHE C 335 -10.37 73.47 41.65
C PHE C 335 -10.79 74.19 40.37
N PHE C 336 -11.97 73.86 39.87
CA PHE C 336 -12.47 74.42 38.61
C PHE C 336 -12.89 75.89 38.62
N LYS C 337 -12.98 76.52 39.80
CA LYS C 337 -13.24 77.95 39.88
C LYS C 337 -12.11 78.74 39.18
N ASN C 338 -12.50 79.41 38.08
CA ASN C 338 -11.77 80.56 37.55
C ASN C 338 -12.70 81.65 37.06
N ASP C 339 -12.10 82.82 36.79
CA ASP C 339 -12.78 83.96 36.18
C ASP C 339 -12.30 84.01 34.73
N GLN C 340 -12.56 82.91 34.02
CA GLN C 340 -12.16 82.73 32.60
C GLN C 340 -13.29 82.08 31.82
N TRP C 341 -13.78 80.94 32.29
CA TRP C 341 -14.93 80.25 31.64
C TRP C 341 -15.93 79.71 32.65
N HIS C 342 -17.12 79.35 32.14
CA HIS C 342 -18.21 78.68 32.86
C HIS C 342 -18.45 77.35 32.16
N TRP C 343 -19.09 76.41 32.86
CA TRP C 343 -19.27 75.05 32.29
C TRP C 343 -20.12 74.98 31.02
N ASP C 344 -21.20 75.75 30.98
CA ASP C 344 -22.09 75.90 29.81
C ASP C 344 -21.46 76.51 28.55
N ASN C 345 -20.40 77.30 28.70
CA ASN C 345 -19.73 78.01 27.58
C ASN C 345 -18.24 77.73 27.33
N ILE C 346 -17.65 76.80 28.06
CA ILE C 346 -16.18 76.57 27.98
C ILE C 346 -15.66 76.41 26.56
N ARG C 347 -16.36 75.61 25.75
CA ARG C 347 -15.89 75.28 24.39
C ARG C 347 -16.01 76.46 23.41
N GLU C 348 -16.75 77.48 23.79
CA GLU C 348 -16.96 78.67 23.01
C GLU C 348 -16.04 79.83 23.53
N THR C 349 -15.16 79.57 24.52
CA THR C 349 -14.12 80.53 24.96
C THR C 349 -12.80 80.33 24.20
N ALA C 350 -11.83 81.22 24.48
CA ALA C 350 -10.52 81.13 23.82
C ALA C 350 -9.69 80.04 24.44
N ALA C 351 -9.15 79.16 23.61
CA ALA C 351 -8.32 78.07 24.09
C ALA C 351 -6.96 78.60 24.50
N PRO C 352 -6.28 77.93 25.45
CA PRO C 352 -4.89 78.16 25.82
C PRO C 352 -3.88 78.24 24.67
N VAL C 353 -3.96 77.28 23.75
CA VAL C 353 -3.04 77.18 22.63
C VAL C 353 -3.89 77.02 21.39
N VAL C 354 -4.02 78.10 20.63
CA VAL C 354 -4.57 78.08 19.27
C VAL C 354 -3.39 77.76 18.37
N PRO C 355 -3.50 76.72 17.53
CA PRO C 355 -2.40 76.46 16.60
C PRO C 355 -2.40 77.48 15.46
N GLU C 356 -1.22 77.79 14.97
CA GLU C 356 -0.99 78.59 13.76
C GLU C 356 -0.60 77.58 12.71
N LEU C 357 -1.34 77.55 11.60
CA LEU C 357 -1.10 76.52 10.57
C LEU C 357 -0.76 77.13 9.21
N SER C 358 0.26 76.59 8.56
CA SER C 358 0.82 77.16 7.32
C SER C 358 -0.08 76.99 6.09
N SER C 359 -0.68 75.81 5.97
CA SER C 359 -1.56 75.40 4.88
C SER C 359 -2.72 74.57 5.45
N ASP C 360 -3.62 74.14 4.56
CA ASP C 360 -4.63 73.12 4.90
C ASP C 360 -4.10 71.69 5.18
N ILE C 361 -2.78 71.48 5.04
CA ILE C 361 -2.11 70.17 5.29
C ILE C 361 -0.93 70.22 6.28
N ASP C 362 -0.87 71.27 7.11
CA ASP C 362 0.16 71.39 8.10
C ASP C 362 -0.08 70.36 9.23
N SER C 363 0.71 69.30 9.16
CA SER C 363 0.75 68.26 10.18
C SER C 363 1.92 68.44 11.12
N SER C 364 2.30 69.68 11.40
CA SER C 364 3.44 69.97 12.28
C SER C 364 3.20 69.47 13.70
N ASN C 365 1.93 69.45 14.13
CA ASN C 365 1.59 68.90 15.44
C ASN C 365 1.46 67.36 15.48
N PHE C 366 1.98 66.68 14.45
CA PHE C 366 2.07 65.24 14.38
C PHE C 366 3.47 64.86 14.05
N ASP C 367 4.02 63.93 14.81
CA ASP C 367 5.35 63.40 14.58
C ASP C 367 5.26 62.54 13.35
N ASP C 368 6.39 62.42 12.64
CA ASP C 368 6.51 61.58 11.43
C ASP C 368 6.41 60.11 11.81
N ILE C 369 6.19 59.22 10.82
CA ILE C 369 5.97 57.77 11.08
C ILE C 369 6.81 56.82 10.18
N ASP C 375 4.02 44.46 1.35
CA ASP C 375 4.49 44.24 2.76
C ASP C 375 3.39 43.78 3.73
N VAL C 376 2.20 44.35 3.54
CA VAL C 376 0.94 43.88 4.09
C VAL C 376 0.53 42.59 3.40
N GLU C 377 0.11 41.57 4.22
CA GLU C 377 -0.40 40.29 3.75
C GLU C 377 -1.94 40.12 3.84
N THR C 378 -2.50 39.65 2.73
CA THR C 378 -3.94 39.47 2.55
C THR C 378 -4.31 38.00 2.77
N PHE C 379 -5.59 37.68 2.56
CA PHE C 379 -6.12 36.32 2.75
C PHE C 379 -5.60 35.31 1.72
N PRO C 380 -5.60 33.99 2.08
CA PRO C 380 -5.35 32.99 1.03
C PRO C 380 -6.51 32.98 0.02
N ILE C 381 -6.21 32.77 -1.26
CA ILE C 381 -7.27 32.33 -2.21
C ILE C 381 -7.79 31.02 -1.61
N PRO C 382 -9.12 30.94 -1.36
CA PRO C 382 -9.61 29.73 -0.75
C PRO C 382 -9.96 28.66 -1.79
N LYS C 383 -10.13 27.45 -1.27
CA LYS C 383 -10.48 26.29 -2.06
C LYS C 383 -11.99 26.20 -2.03
N ALA C 384 -12.57 26.11 -0.84
CA ALA C 384 -14.05 26.21 -0.59
C ALA C 384 -14.47 27.65 -0.22
N PHE C 385 -15.77 27.87 0.04
CA PHE C 385 -16.29 29.18 0.52
C PHE C 385 -15.89 29.44 1.97
N VAL C 386 -15.57 30.71 2.23
CA VAL C 386 -14.92 31.12 3.50
C VAL C 386 -15.62 32.24 4.25
N GLY C 387 -16.11 33.24 3.52
CA GLY C 387 -16.90 34.33 4.11
C GLY C 387 -16.11 35.30 4.93
N ASN C 388 -14.98 35.74 4.39
CA ASN C 388 -14.13 36.71 5.10
C ASN C 388 -14.74 38.09 5.21
N GLN C 389 -15.50 38.47 4.20
CA GLN C 389 -16.16 39.77 4.19
C GLN C 389 -17.47 39.89 5.02
N LEU C 390 -17.95 38.77 5.56
CA LEU C 390 -19.21 38.77 6.29
C LEU C 390 -19.28 39.65 7.55
N PRO C 391 -18.19 39.71 8.35
CA PRO C 391 -18.34 40.55 9.54
C PRO C 391 -18.19 42.07 9.24
N PHE C 392 -17.94 42.45 7.98
CA PHE C 392 -17.90 43.86 7.51
C PHE C 392 -19.10 44.34 6.70
N ILE C 393 -20.18 43.56 6.69
CA ILE C 393 -21.42 43.97 6.01
C ILE C 393 -22.11 44.94 6.94
N GLY C 394 -22.40 46.12 6.41
CA GLY C 394 -23.13 47.19 7.11
C GLY C 394 -22.25 48.35 7.48
N PHE C 395 -20.95 48.21 7.26
CA PHE C 395 -20.00 49.20 7.69
C PHE C 395 -20.20 50.49 6.95
N THR C 396 -20.34 50.36 5.61
CA THR C 396 -20.37 51.50 4.72
C THR C 396 -21.45 52.48 5.15
N TYR C 397 -21.08 53.76 5.18
CA TYR C 397 -21.95 54.86 5.58
C TYR C 397 -21.57 56.13 4.78
N TYR C 398 -22.52 56.71 4.06
CA TYR C 398 -22.38 58.03 3.44
C TYR C 398 -23.30 58.95 4.25
N ARG C 399 -22.73 60.05 4.75
CA ARG C 399 -23.47 61.02 5.53
C ARG C 399 -24.34 61.81 4.59
N SER D 7 46.48 30.92 -11.13
CA SER D 7 45.58 32.13 -11.33
C SER D 7 44.10 32.02 -10.82
N ARG D 8 43.58 33.18 -10.48
CA ARG D 8 42.14 33.36 -10.20
C ARG D 8 41.37 33.55 -11.50
N GLN D 9 41.89 34.38 -12.40
CA GLN D 9 41.19 34.81 -13.61
C GLN D 9 40.88 33.72 -14.65
N ARG D 10 41.48 32.54 -14.52
CA ARG D 10 40.93 31.34 -15.19
C ARG D 10 39.59 30.97 -14.55
N LYS D 11 39.59 30.82 -13.23
CA LYS D 11 38.39 30.40 -12.44
C LYS D 11 37.20 31.33 -12.69
N LEU D 12 37.51 32.62 -12.78
CA LEU D 12 36.51 33.67 -13.05
C LEU D 12 35.90 33.50 -14.43
N GLU D 13 36.76 33.39 -15.46
CA GLU D 13 36.30 33.17 -16.84
C GLU D 13 35.57 31.83 -17.04
N ALA D 14 35.81 30.85 -16.17
CA ALA D 14 35.01 29.62 -16.12
C ALA D 14 33.55 29.91 -15.80
N LEU D 15 33.33 30.63 -14.70
CA LEU D 15 31.99 31.03 -14.22
C LEU D 15 31.16 31.82 -15.24
N ILE D 16 31.84 32.62 -16.04
CA ILE D 16 31.19 33.42 -17.06
C ILE D 16 30.82 32.56 -18.28
N ARG D 17 31.60 31.52 -18.57
CA ARG D 17 31.34 30.63 -19.73
C ARG D 17 30.30 29.52 -19.45
N ASP D 18 30.15 29.10 -18.20
CA ASP D 18 29.14 28.08 -17.82
C ASP D 18 27.70 28.64 -17.98
N PRO D 19 26.87 28.07 -18.90
CA PRO D 19 25.51 28.63 -19.07
C PRO D 19 24.52 28.25 -17.95
N ARG D 20 24.85 27.23 -17.14
CA ARG D 20 24.16 26.96 -15.87
C ARG D 20 24.44 28.05 -14.81
N SER D 21 25.54 28.80 -14.92
CA SER D 21 25.91 29.84 -13.94
C SER D 21 25.07 31.12 -14.07
N PRO D 22 24.71 31.73 -12.90
CA PRO D 22 23.84 32.90 -12.86
C PRO D 22 24.47 34.21 -13.33
N ILE D 23 25.77 34.18 -13.61
CA ILE D 23 26.50 35.28 -14.19
C ILE D 23 27.16 34.86 -15.50
N ASN D 24 26.46 34.04 -16.31
CA ASN D 24 26.83 33.94 -17.71
C ASN D 24 26.61 35.29 -18.39
N VAL D 25 27.08 35.42 -19.60
CA VAL D 25 26.99 36.70 -20.30
C VAL D 25 25.51 37.11 -20.51
N GLU D 26 24.63 36.16 -20.77
CA GLU D 26 23.19 36.48 -20.95
C GLU D 26 22.61 37.11 -19.70
N SER D 27 22.90 36.50 -18.55
CA SER D 27 22.49 37.02 -17.21
C SER D 27 23.00 38.41 -16.88
N LEU D 28 24.21 38.71 -17.30
CA LEU D 28 24.81 40.01 -17.01
C LEU D 28 24.18 41.12 -17.83
N LEU D 29 23.84 40.81 -19.07
CA LEU D 29 23.04 41.69 -19.94
C LEU D 29 21.61 41.87 -19.54
N ASP D 30 21.04 40.83 -18.93
CA ASP D 30 19.72 40.95 -18.32
C ASP D 30 19.86 41.99 -17.22
N GLY D 31 20.83 41.78 -16.32
CA GLY D 31 21.21 42.72 -15.26
C GLY D 31 21.36 44.18 -15.66
N LEU D 32 21.89 44.39 -16.86
CA LEU D 32 21.93 45.73 -17.45
C LEU D 32 20.58 46.20 -17.94
N ASN D 33 19.87 45.40 -18.76
CA ASN D 33 18.57 45.83 -19.32
C ASN D 33 17.55 46.05 -18.20
N SER D 34 17.51 45.11 -17.25
CA SER D 34 16.71 45.21 -16.04
C SER D 34 16.94 46.49 -15.26
N LEU D 35 18.20 46.87 -15.11
CA LEU D 35 18.55 48.10 -14.40
C LEU D 35 17.98 49.32 -15.10
N VAL D 36 18.29 49.46 -16.37
CA VAL D 36 17.78 50.58 -17.19
C VAL D 36 16.25 50.71 -17.15
N LEU D 37 15.54 49.58 -17.29
CA LEU D 37 14.08 49.61 -17.36
C LEU D 37 13.44 50.07 -16.06
N ASP D 38 13.99 49.60 -14.93
CA ASP D 38 13.55 50.01 -13.60
C ASP D 38 13.93 51.43 -13.16
N LEU D 39 14.82 52.08 -13.93
CA LEU D 39 15.22 53.50 -13.74
C LEU D 39 14.65 54.51 -14.74
N ASP D 40 14.62 54.18 -16.05
CA ASP D 40 14.19 55.17 -17.10
C ASP D 40 12.69 55.52 -16.97
N PHE D 41 12.45 56.47 -16.07
CA PHE D 41 11.16 57.12 -15.87
C PHE D 41 11.50 58.56 -15.57
N PRO D 42 10.80 59.53 -16.20
CA PRO D 42 11.20 60.92 -15.96
C PRO D 42 11.23 61.32 -14.45
N ALA D 43 10.41 60.64 -13.62
CA ALA D 43 10.45 60.77 -12.15
C ALA D 43 11.80 60.51 -11.49
N LEU D 44 12.46 59.42 -11.87
CA LEU D 44 13.69 58.96 -11.19
C LEU D 44 14.96 59.62 -11.76
N ARG D 45 14.92 60.01 -13.04
CA ARG D 45 15.95 60.87 -13.66
C ARG D 45 16.13 62.27 -13.00
N LYS D 46 15.28 62.63 -12.04
CA LYS D 46 15.54 63.78 -11.14
C LYS D 46 16.80 63.58 -10.31
N ASN D 47 17.10 62.34 -9.91
CA ASN D 47 18.45 61.97 -9.41
C ASN D 47 19.46 62.02 -10.57
N LYS D 48 20.51 62.83 -10.35
CA LYS D 48 21.55 63.10 -11.36
C LYS D 48 22.36 61.82 -11.69
N ASN D 49 22.80 61.12 -10.65
CA ASN D 49 23.51 59.79 -10.74
C ASN D 49 22.92 58.86 -11.79
N ILE D 50 21.61 58.73 -11.69
CA ILE D 50 20.78 57.95 -12.60
C ILE D 50 20.86 58.54 -14.00
N ASP D 51 20.38 59.77 -14.16
CA ASP D 51 20.37 60.44 -15.47
C ASP D 51 21.73 60.39 -16.24
N ASN D 52 22.85 60.51 -15.53
CA ASN D 52 24.21 60.40 -16.13
C ASN D 52 24.42 59.03 -16.70
N PHE D 53 24.18 58.05 -15.83
CA PHE D 53 24.35 56.65 -16.12
C PHE D 53 23.49 56.27 -17.33
N LEU D 54 22.21 56.63 -17.25
CA LEU D 54 21.27 56.41 -18.35
C LEU D 54 21.73 57.04 -19.64
N ASN D 55 22.18 58.29 -19.60
CA ASN D 55 22.65 58.96 -20.82
C ASN D 55 23.85 58.28 -21.47
N ARG D 56 24.75 57.71 -20.65
CA ARG D 56 25.84 56.87 -21.16
C ARG D 56 25.33 55.63 -21.88
N TYR D 57 24.64 54.78 -21.13
CA TYR D 57 24.17 53.50 -21.65
C TYR D 57 22.96 53.56 -22.63
N GLU D 58 22.14 54.59 -22.55
CA GLU D 58 21.06 54.93 -23.54
C GLU D 58 21.26 54.33 -24.93
N LYS D 59 22.38 54.73 -25.50
CA LYS D 59 22.70 54.49 -26.91
C LYS D 59 23.01 53.00 -27.10
N ILE D 60 23.96 52.47 -26.33
CA ILE D 60 24.33 51.05 -26.43
C ILE D 60 23.17 50.08 -26.14
N VAL D 61 22.33 50.38 -25.15
CA VAL D 61 21.17 49.54 -24.81
C VAL D 61 20.16 49.46 -25.94
N LYS D 62 19.87 50.60 -26.58
CA LYS D 62 18.98 50.60 -27.74
C LYS D 62 19.54 49.78 -28.91
N LYS D 63 20.88 49.71 -29.04
CA LYS D 63 21.51 48.79 -30.03
C LYS D 63 21.32 47.29 -29.69
N ILE D 64 21.72 46.92 -28.47
CA ILE D 64 21.53 45.58 -27.85
C ILE D 64 20.16 44.97 -28.10
N ARG D 65 19.12 45.76 -27.89
CA ARG D 65 17.75 45.31 -28.04
C ARG D 65 17.44 44.90 -29.47
N GLY D 66 17.94 45.69 -30.42
CA GLY D 66 17.93 45.33 -31.84
C GLY D 66 18.52 43.97 -32.14
N LEU D 67 19.68 43.69 -31.55
CA LEU D 67 20.45 42.47 -31.82
C LEU D 67 19.97 41.24 -31.08
N GLN D 68 19.58 41.40 -29.81
CA GLN D 68 19.08 40.28 -29.02
C GLN D 68 17.78 39.75 -29.59
N MET D 69 17.51 38.48 -29.29
CA MET D 69 16.30 37.83 -29.71
C MET D 69 15.12 38.54 -29.06
N LYS D 70 14.08 38.73 -29.85
CA LYS D 70 12.86 39.43 -29.42
C LYS D 70 11.65 38.87 -30.15
N ALA D 71 10.48 39.17 -29.61
CA ALA D 71 9.21 38.68 -30.15
C ALA D 71 8.92 39.06 -31.62
N GLU D 72 9.38 40.22 -32.07
CA GLU D 72 9.25 40.65 -33.49
C GLU D 72 10.13 39.84 -34.44
N ASP D 73 11.07 39.02 -33.93
CA ASP D 73 11.77 38.02 -34.75
C ASP D 73 10.88 36.87 -35.23
N TYR D 74 9.75 36.65 -34.57
CA TYR D 74 8.79 35.59 -34.87
C TYR D 74 7.44 36.11 -35.40
N ASP D 75 6.82 35.33 -36.30
CA ASP D 75 5.44 35.54 -36.76
C ASP D 75 4.53 34.58 -35.99
N VAL D 76 3.45 35.11 -35.42
CA VAL D 76 2.46 34.29 -34.71
C VAL D 76 1.47 33.73 -35.74
N VAL D 77 1.26 32.43 -35.69
CA VAL D 77 0.44 31.72 -36.65
C VAL D 77 -0.95 31.48 -36.09
N LYS D 78 -1.00 30.84 -34.92
CA LYS D 78 -2.25 30.62 -34.18
C LYS D 78 -1.89 30.56 -32.70
N VAL D 79 -2.85 30.87 -31.85
CA VAL D 79 -2.74 30.58 -30.41
C VAL D 79 -3.31 29.16 -30.17
N ILE D 80 -2.53 28.37 -29.43
CA ILE D 80 -2.79 26.93 -29.23
C ILE D 80 -2.90 26.46 -27.77
N GLY D 81 -2.84 27.40 -26.85
CA GLY D 81 -2.84 27.12 -25.43
C GLY D 81 -3.12 28.43 -24.69
N ARG D 82 -3.76 28.30 -23.54
CA ARG D 82 -3.92 29.42 -22.62
C ARG D 82 -3.79 28.82 -21.24
N GLY D 83 -3.10 29.58 -20.38
CA GLY D 83 -2.83 29.13 -19.02
C GLY D 83 -2.78 30.27 -18.06
N ALA D 84 -2.50 29.92 -16.81
CA ALA D 84 -2.66 30.87 -15.67
C ALA D 84 -2.11 32.26 -15.96
N PHE D 85 -0.84 32.33 -16.32
CA PHE D 85 -0.12 33.59 -16.48
C PHE D 85 0.20 33.95 -17.95
N GLY D 86 -0.33 33.24 -18.94
CA GLY D 86 -0.22 33.69 -20.33
C GLY D 86 -0.85 32.78 -21.38
N GLU D 87 -0.15 32.65 -22.50
CA GLU D 87 -0.57 31.79 -23.62
C GLU D 87 0.58 31.10 -24.35
N VAL D 88 0.24 30.09 -25.15
CA VAL D 88 1.19 29.35 -25.99
C VAL D 88 0.83 29.60 -27.44
N GLN D 89 1.83 29.99 -28.23
CA GLN D 89 1.70 30.40 -29.62
C GLN D 89 2.46 29.46 -30.52
N LEU D 90 1.83 29.10 -31.65
CA LEU D 90 2.54 28.49 -32.77
C LEU D 90 3.16 29.64 -33.52
N VAL D 91 4.48 29.56 -33.76
CA VAL D 91 5.24 30.65 -34.37
C VAL D 91 6.25 30.19 -35.41
N ARG D 92 6.54 31.08 -36.35
CA ARG D 92 7.58 30.86 -37.35
C ARG D 92 8.65 31.93 -37.19
N HIS D 93 9.92 31.51 -37.01
CA HIS D 93 11.09 32.42 -36.97
C HIS D 93 11.19 33.02 -38.35
N LYS D 94 11.04 34.35 -38.44
CA LYS D 94 10.95 35.07 -39.72
C LYS D 94 12.14 34.82 -40.60
N ALA D 95 13.32 35.04 -40.02
CA ALA D 95 14.63 34.76 -40.67
C ALA D 95 14.84 33.30 -41.07
N SER D 96 14.94 32.40 -40.07
CA SER D 96 15.25 30.98 -40.35
C SER D 96 14.13 30.18 -40.96
N GLN D 97 12.90 30.69 -40.88
CA GLN D 97 11.67 30.04 -41.37
C GLN D 97 11.21 28.81 -40.55
N LYS D 98 11.91 28.45 -39.49
CA LYS D 98 11.59 27.26 -38.68
C LYS D 98 10.40 27.52 -37.76
N VAL D 99 9.70 26.45 -37.39
CA VAL D 99 8.47 26.53 -36.61
C VAL D 99 8.69 26.03 -35.18
N TYR D 100 8.24 26.82 -34.21
CA TYR D 100 8.36 26.47 -32.81
C TYR D 100 7.03 26.70 -32.11
N ALA D 101 6.94 26.20 -30.90
CA ALA D 101 5.92 26.55 -29.92
C ALA D 101 6.55 27.54 -28.97
N MET D 102 5.88 28.64 -28.70
CA MET D 102 6.39 29.69 -27.82
C MET D 102 5.42 29.99 -26.70
N LYS D 103 5.87 29.83 -25.46
CA LYS D 103 5.06 30.05 -24.27
C LYS D 103 5.41 31.40 -23.69
N LEU D 104 4.38 32.21 -23.44
CA LEU D 104 4.52 33.57 -22.89
C LEU D 104 4.05 33.63 -21.45
N LEU D 105 4.70 34.48 -20.65
CA LEU D 105 4.31 34.70 -19.25
C LEU D 105 4.34 36.20 -18.95
N SER D 106 3.18 36.75 -18.60
CA SER D 106 3.04 38.14 -18.17
C SER D 106 3.84 38.36 -16.91
N LYS D 107 4.70 39.38 -16.97
CA LYS D 107 5.45 39.76 -15.80
C LYS D 107 4.50 40.40 -14.76
N PHE D 108 3.65 41.34 -15.21
CA PHE D 108 2.68 42.00 -14.28
C PHE D 108 1.95 40.97 -13.41
N GLU D 109 1.33 40.01 -14.08
CA GLU D 109 0.52 38.98 -13.43
C GLU D 109 1.30 38.12 -12.43
N MET D 110 2.53 37.76 -12.78
CA MET D 110 3.34 36.90 -11.91
C MET D 110 3.74 37.57 -10.61
N ILE D 111 4.09 38.86 -10.71
CA ILE D 111 4.39 39.70 -9.54
C ILE D 111 3.11 39.82 -8.74
N LYS D 112 2.08 40.40 -9.37
CA LYS D 112 0.78 40.63 -8.73
C LYS D 112 0.32 39.39 -7.95
N ARG D 113 0.15 38.28 -8.63
CA ARG D 113 -0.29 37.03 -7.98
C ARG D 113 0.91 36.21 -7.53
N SER D 114 1.56 36.65 -6.44
CA SER D 114 2.46 35.84 -5.57
C SER D 114 3.62 34.98 -6.16
N ASP D 115 3.21 34.16 -7.11
CA ASP D 115 3.96 33.08 -7.66
C ASP D 115 4.83 33.60 -8.83
N SER D 116 6.15 33.70 -8.61
CA SER D 116 7.10 34.12 -9.66
C SER D 116 8.54 33.53 -9.53
N ALA D 117 8.57 32.25 -9.17
CA ALA D 117 9.78 31.41 -9.15
C ALA D 117 9.67 30.13 -9.99
N PHE D 118 8.45 29.59 -10.16
CA PHE D 118 8.19 28.38 -10.94
C PHE D 118 8.94 28.22 -12.26
N PHE D 119 9.05 29.35 -12.98
CA PHE D 119 9.69 29.36 -14.32
C PHE D 119 11.16 28.99 -14.40
N TRP D 120 11.87 29.08 -13.28
CA TRP D 120 13.29 28.74 -13.25
C TRP D 120 13.46 27.27 -13.45
N GLU D 121 12.78 26.44 -12.66
CA GLU D 121 12.87 24.98 -12.89
C GLU D 121 12.31 24.59 -14.26
N GLU D 122 11.22 25.22 -14.69
CA GLU D 122 10.60 24.91 -15.98
C GLU D 122 11.60 25.13 -17.09
N ARG D 123 12.23 26.29 -17.07
CA ARG D 123 13.26 26.66 -18.06
C ARG D 123 14.41 25.64 -18.02
N ASP D 124 14.98 25.46 -16.84
CA ASP D 124 16.12 24.56 -16.66
C ASP D 124 15.84 23.14 -17.11
N ILE D 125 14.64 22.63 -16.79
CA ILE D 125 14.23 21.27 -17.20
C ILE D 125 14.23 21.13 -18.71
N MET D 126 13.50 22.03 -19.36
CA MET D 126 13.38 22.02 -20.81
C MET D 126 14.68 22.34 -21.52
N ALA D 127 15.51 23.20 -20.92
CA ALA D 127 16.81 23.54 -21.51
C ALA D 127 17.80 22.41 -21.47
N PHE D 128 17.86 21.72 -20.32
CA PHE D 128 19.01 20.88 -19.92
C PHE D 128 18.71 19.40 -19.57
N ALA D 129 17.55 18.89 -19.91
CA ALA D 129 17.26 17.48 -19.70
C ALA D 129 17.95 16.55 -20.68
N ASN D 130 18.29 17.05 -21.89
CA ASN D 130 18.67 16.19 -23.05
C ASN D 130 17.93 14.87 -23.09
N SER D 131 16.64 14.96 -22.81
CA SER D 131 15.79 13.81 -22.69
C SER D 131 14.80 13.86 -23.83
N PRO D 132 14.54 12.70 -24.43
CA PRO D 132 13.50 12.65 -25.42
C PRO D 132 12.12 12.53 -24.79
N TRP D 133 12.01 12.44 -23.46
CA TRP D 133 10.73 12.58 -22.78
C TRP D 133 10.37 14.00 -22.40
N VAL D 134 11.29 14.96 -22.56
CA VAL D 134 11.02 16.37 -22.24
C VAL D 134 11.03 17.18 -23.52
N VAL D 135 10.08 18.09 -23.58
CA VAL D 135 10.01 19.06 -24.67
C VAL D 135 11.22 19.94 -24.50
N GLN D 136 12.11 19.94 -25.51
CA GLN D 136 13.32 20.76 -25.47
C GLN D 136 13.06 22.25 -25.67
N LEU D 137 13.74 23.05 -24.85
CA LEU D 137 13.82 24.51 -24.98
C LEU D 137 15.05 24.84 -25.80
N PHE D 138 14.81 25.71 -26.77
CA PHE D 138 15.81 26.21 -27.69
C PHE D 138 16.26 27.60 -27.23
N TYR D 139 15.33 28.52 -27.04
CA TYR D 139 15.65 29.88 -26.68
C TYR D 139 14.67 30.35 -25.59
N ALA D 140 15.21 31.02 -24.56
CA ALA D 140 14.44 31.85 -23.65
C ALA D 140 14.92 33.28 -23.82
N PHE D 141 13.98 34.22 -23.82
CA PHE D 141 14.28 35.64 -23.80
C PHE D 141 13.18 36.44 -23.12
N GLN D 142 13.39 37.75 -23.00
CA GLN D 142 12.40 38.63 -22.40
C GLN D 142 12.35 40.01 -23.02
N ASP D 143 11.25 40.71 -22.77
CA ASP D 143 11.14 42.15 -23.09
C ASP D 143 10.58 42.83 -21.86
N ASP D 144 10.26 44.13 -21.97
CA ASP D 144 9.59 44.87 -20.87
C ASP D 144 8.45 44.10 -20.22
N ARG D 145 7.56 43.48 -21.01
CA ARG D 145 6.30 42.89 -20.50
C ARG D 145 6.27 41.39 -20.18
N TYR D 146 6.90 40.58 -21.03
CA TYR D 146 6.77 39.11 -20.98
C TYR D 146 8.11 38.36 -20.92
N LEU D 147 8.07 37.17 -20.31
CA LEU D 147 9.01 36.09 -20.59
C LEU D 147 8.52 35.21 -21.74
N TYR D 148 9.47 34.65 -22.49
CA TYR D 148 9.20 33.82 -23.66
C TYR D 148 10.03 32.55 -23.55
N MET D 149 9.45 31.42 -24.00
CA MET D 149 10.14 30.14 -24.04
C MET D 149 9.85 29.45 -25.38
N VAL D 150 10.87 29.35 -26.23
CA VAL D 150 10.74 28.77 -27.57
C VAL D 150 11.10 27.27 -27.49
N MET D 151 10.13 26.43 -27.85
CA MET D 151 10.20 24.96 -27.71
C MET D 151 9.95 24.28 -29.02
N GLU D 152 10.34 23.01 -29.09
CA GLU D 152 9.97 22.17 -30.25
C GLU D 152 8.46 22.03 -30.22
N TYR D 153 7.81 22.40 -31.32
CA TYR D 153 6.35 22.19 -31.47
C TYR D 153 6.05 20.67 -31.48
N MET D 154 4.93 20.32 -30.85
CA MET D 154 4.46 18.95 -30.69
C MET D 154 3.10 18.82 -31.39
N PRO D 155 3.08 18.48 -32.69
CA PRO D 155 1.83 18.65 -33.45
C PRO D 155 0.73 17.59 -33.20
N GLY D 156 1.06 16.52 -32.46
CA GLY D 156 0.11 15.48 -32.05
C GLY D 156 -0.87 15.86 -30.94
N GLY D 157 -0.59 16.96 -30.22
CA GLY D 157 -1.52 17.49 -29.22
C GLY D 157 -1.45 16.71 -27.89
N ASP D 158 -2.26 17.15 -26.94
CA ASP D 158 -2.32 16.51 -25.61
C ASP D 158 -3.13 15.25 -25.65
N LEU D 159 -3.04 14.50 -24.56
CA LEU D 159 -3.82 13.27 -24.37
C LEU D 159 -5.27 13.48 -23.98
N VAL D 160 -5.65 14.70 -23.61
CA VAL D 160 -7.06 15.00 -23.41
C VAL D 160 -7.69 14.90 -24.77
N ASN D 161 -7.08 15.60 -25.71
CA ASN D 161 -7.50 15.66 -27.12
C ASN D 161 -7.48 14.28 -27.76
N LEU D 162 -6.55 13.43 -27.35
CA LEU D 162 -6.56 12.02 -27.77
C LEU D 162 -7.73 11.23 -27.19
N MET D 163 -7.87 11.27 -25.87
CA MET D 163 -8.95 10.54 -25.16
C MET D 163 -10.35 10.95 -25.59
N SER D 164 -10.54 12.24 -25.90
CA SER D 164 -11.84 12.75 -26.38
C SER D 164 -12.18 12.21 -27.80
N ASN D 165 -11.17 11.99 -28.63
CA ASN D 165 -11.35 11.50 -30.01
C ASN D 165 -11.24 9.99 -30.23
N TYR D 166 -10.85 9.22 -29.21
CA TYR D 166 -10.75 7.75 -29.33
C TYR D 166 -11.27 7.09 -28.05
N ASP D 167 -12.09 6.06 -28.20
CA ASP D 167 -12.17 5.01 -27.20
C ASP D 167 -10.79 4.35 -27.28
N VAL D 168 -10.16 4.22 -26.13
CA VAL D 168 -8.76 3.85 -26.03
C VAL D 168 -8.64 2.40 -25.60
N PRO D 169 -8.11 1.52 -26.48
CA PRO D 169 -7.89 0.13 -26.07
C PRO D 169 -6.74 -0.05 -25.10
N GLU D 170 -6.70 -1.23 -24.49
CA GLU D 170 -5.69 -1.51 -23.46
C GLU D 170 -4.30 -1.59 -24.03
N LYS D 171 -4.15 -2.06 -25.29
CA LYS D 171 -2.82 -2.06 -25.92
C LYS D 171 -2.22 -0.66 -25.99
N TRP D 172 -3.06 0.30 -26.35
CA TRP D 172 -2.66 1.68 -26.43
C TRP D 172 -2.29 2.25 -25.08
N ALA D 173 -3.09 1.93 -24.07
CA ALA D 173 -2.83 2.40 -22.72
C ALA D 173 -1.55 1.83 -22.10
N LYS D 174 -1.28 0.52 -22.30
CA LYS D 174 0.05 -0.11 -21.97
C LYS D 174 1.18 0.77 -22.46
N PHE D 175 1.10 1.18 -23.73
CA PHE D 175 2.11 2.01 -24.38
C PHE D 175 2.23 3.39 -23.75
N TYR D 176 1.16 4.16 -23.81
CA TYR D 176 1.18 5.55 -23.32
C TYR D 176 1.53 5.65 -21.85
N THR D 177 1.03 4.71 -21.04
CA THR D 177 1.41 4.60 -19.63
C THR D 177 2.90 4.33 -19.45
N ALA D 178 3.40 3.32 -20.14
CA ALA D 178 4.84 2.98 -20.11
C ALA D 178 5.70 4.19 -20.41
N GLU D 179 5.34 4.93 -21.46
CA GLU D 179 6.04 6.16 -21.83
C GLU D 179 5.99 7.22 -20.72
N VAL D 180 4.86 7.34 -20.03
CA VAL D 180 4.74 8.23 -18.85
C VAL D 180 5.67 7.77 -17.74
N VAL D 181 5.66 6.46 -17.45
CA VAL D 181 6.52 5.88 -16.42
C VAL D 181 7.99 6.29 -16.57
N LEU D 182 8.50 6.22 -17.80
CA LEU D 182 9.86 6.52 -18.13
C LEU D 182 10.13 8.01 -18.08
N ALA D 183 9.14 8.79 -18.52
CA ALA D 183 9.24 10.22 -18.48
C ALA D 183 9.39 10.74 -17.05
N LEU D 184 8.51 10.28 -16.18
CA LEU D 184 8.58 10.66 -14.77
C LEU D 184 9.88 10.19 -14.12
N ASP D 185 10.28 8.95 -14.40
CA ASP D 185 11.54 8.42 -13.89
C ASP D 185 12.72 9.33 -14.25
N ALA D 186 12.68 9.92 -15.44
CA ALA D 186 13.69 10.91 -15.87
C ALA D 186 13.62 12.20 -15.07
N ILE D 187 12.42 12.70 -14.83
CA ILE D 187 12.18 13.88 -13.97
C ILE D 187 12.61 13.59 -12.51
N HIS D 188 12.32 12.37 -12.06
CA HIS D 188 12.79 11.87 -10.79
C HIS D 188 14.32 11.78 -10.77
N SER D 189 14.95 11.20 -11.79
CA SER D 189 16.43 11.18 -11.99
C SER D 189 17.11 12.54 -11.91
N MET D 190 16.41 13.56 -12.39
CA MET D 190 16.82 14.96 -12.23
C MET D 190 16.59 15.55 -10.82
N GLY D 191 16.10 14.75 -9.86
CA GLY D 191 15.84 15.22 -8.50
C GLY D 191 14.68 16.18 -8.34
N LEU D 192 13.61 15.94 -9.09
CA LEU D 192 12.38 16.73 -9.06
C LEU D 192 11.17 15.83 -8.87
N ILE D 193 10.17 16.38 -8.20
CA ILE D 193 8.82 15.81 -8.11
C ILE D 193 7.93 16.73 -8.97
N HIS D 194 7.15 16.12 -9.86
CA HIS D 194 6.24 16.86 -10.75
C HIS D 194 5.07 17.51 -9.96
N ARG D 195 4.46 16.69 -9.11
CA ARG D 195 3.18 16.99 -8.43
C ARG D 195 2.01 16.85 -9.42
N ASP D 196 1.84 17.85 -10.28
CA ASP D 196 0.67 17.95 -11.18
C ASP D 196 0.79 17.14 -12.48
N VAL D 197 0.82 15.82 -12.34
CA VAL D 197 0.91 14.90 -13.48
C VAL D 197 -0.50 14.67 -13.97
N LYS D 198 -0.73 14.86 -15.28
CA LYS D 198 -2.08 14.79 -15.89
C LYS D 198 -2.01 14.84 -17.45
N PRO D 199 -3.10 14.47 -18.15
CA PRO D 199 -3.06 14.38 -19.62
C PRO D 199 -2.84 15.69 -20.36
N ASP D 200 -3.13 16.82 -19.72
CA ASP D 200 -2.95 18.16 -20.32
C ASP D 200 -1.46 18.49 -20.43
N ASN D 201 -0.66 17.89 -19.52
CA ASN D 201 0.78 18.04 -19.42
C ASN D 201 1.56 16.89 -20.11
N MET D 202 0.93 16.24 -21.09
CA MET D 202 1.45 15.08 -21.81
C MET D 202 1.17 15.32 -23.27
N LEU D 203 2.20 15.56 -24.06
CA LEU D 203 2.06 15.87 -25.48
C LEU D 203 2.71 14.86 -26.39
N LEU D 204 2.33 14.94 -27.67
CA LEU D 204 2.70 13.95 -28.66
C LEU D 204 3.45 14.56 -29.81
N ASP D 205 4.62 13.99 -30.11
CA ASP D 205 5.52 14.52 -31.15
C ASP D 205 4.99 14.21 -32.56
N LYS D 206 5.74 14.69 -33.56
CA LYS D 206 5.47 14.37 -34.96
C LYS D 206 5.22 12.89 -35.29
N HIS D 207 5.78 12.00 -34.46
CA HIS D 207 5.58 10.54 -34.55
C HIS D 207 4.63 9.91 -33.53
N GLY D 208 3.80 10.73 -32.90
CA GLY D 208 2.83 10.26 -31.89
C GLY D 208 3.33 9.60 -30.62
N HIS D 209 4.57 9.95 -30.23
CA HIS D 209 5.27 9.50 -29.00
C HIS D 209 5.26 10.63 -27.99
N LEU D 210 5.32 10.24 -26.73
CA LEU D 210 5.13 11.17 -25.59
C LEU D 210 6.35 12.06 -25.33
N LYS D 211 6.05 13.32 -25.00
CA LYS D 211 6.97 14.21 -24.30
C LYS D 211 6.15 14.99 -23.25
N LEU D 212 6.78 15.38 -22.14
CA LEU D 212 6.14 16.17 -21.08
C LEU D 212 6.39 17.64 -21.30
N ALA D 213 5.43 18.45 -20.90
CA ALA D 213 5.52 19.90 -20.91
C ALA D 213 4.70 20.47 -19.74
N ASP D 214 4.78 21.79 -19.54
CA ASP D 214 4.25 22.48 -18.34
C ASP D 214 4.83 21.86 -17.05
N PHE D 215 5.89 22.48 -16.57
CA PHE D 215 6.54 22.11 -15.36
C PHE D 215 6.41 23.19 -14.27
N GLY D 216 5.42 24.09 -14.39
CA GLY D 216 5.13 25.09 -13.35
C GLY D 216 5.07 24.60 -11.89
N THR D 217 4.66 23.35 -11.73
CA THR D 217 4.57 22.70 -10.44
C THR D 217 5.78 21.96 -9.96
N CYS D 218 6.73 21.64 -10.85
CA CYS D 218 7.90 20.88 -10.41
C CYS D 218 8.66 21.64 -9.34
N MET D 219 8.96 20.91 -8.26
CA MET D 219 9.71 21.44 -7.14
C MET D 219 10.88 20.49 -6.82
N LYS D 220 11.99 21.07 -6.39
CA LYS D 220 13.22 20.31 -6.19
C LYS D 220 13.13 19.50 -4.87
N MET D 221 13.64 18.28 -4.93
CA MET D 221 13.66 17.39 -3.77
C MET D 221 14.63 17.85 -2.71
N ASP D 222 14.32 17.51 -1.46
CA ASP D 222 15.18 17.78 -0.31
C ASP D 222 16.22 16.65 -0.36
N GLU D 223 17.09 16.57 0.65
CA GLU D 223 18.05 15.45 0.76
C GLU D 223 17.44 14.06 0.87
N THR D 224 16.34 13.93 1.63
CA THR D 224 15.58 12.67 1.72
C THR D 224 14.83 12.29 0.45
N GLY D 225 14.32 13.28 -0.27
CA GLY D 225 13.39 13.10 -1.39
C GLY D 225 11.99 13.65 -1.19
N MET D 226 11.79 14.53 -0.23
CA MET D 226 10.49 15.18 0.05
C MET D 226 10.46 16.60 -0.54
N VAL D 227 9.38 17.33 -0.26
CA VAL D 227 9.29 18.78 -0.45
C VAL D 227 8.16 19.33 0.44
N HIS D 228 8.26 20.60 0.83
CA HIS D 228 7.41 21.22 1.84
C HIS D 228 6.80 22.46 1.24
N CYS D 229 5.47 22.49 1.29
CA CYS D 229 4.62 23.59 0.76
C CYS D 229 3.34 23.61 1.61
N ASP D 230 2.58 24.68 1.45
CA ASP D 230 1.60 25.10 2.47
C ASP D 230 0.33 24.36 2.04
N THR D 231 -0.20 24.80 0.90
CA THR D 231 -1.43 24.34 0.30
C THR D 231 -1.09 23.71 -1.05
N ALA D 232 -2.04 22.88 -1.48
CA ALA D 232 -1.93 21.94 -2.60
C ALA D 232 -2.18 22.55 -3.99
N VAL D 233 -2.05 21.71 -5.03
CA VAL D 233 -1.73 22.12 -6.40
C VAL D 233 -2.50 21.40 -7.51
N GLY D 234 -2.38 21.95 -8.72
CA GLY D 234 -2.92 21.35 -9.96
C GLY D 234 -4.42 21.27 -10.03
N THR D 235 -4.91 20.45 -10.97
CA THR D 235 -6.33 20.10 -11.00
C THR D 235 -6.64 19.01 -9.95
N PRO D 236 -7.88 18.99 -9.45
CA PRO D 236 -8.30 18.11 -8.33
C PRO D 236 -8.32 16.59 -8.55
N ASP D 237 -8.89 16.09 -9.64
CA ASP D 237 -9.11 14.60 -9.84
C ASP D 237 -7.82 13.77 -9.74
N TYR D 238 -6.76 14.33 -10.30
CA TYR D 238 -5.45 13.70 -10.36
C TYR D 238 -4.56 13.85 -9.13
N ILE D 239 -5.03 14.62 -8.13
CA ILE D 239 -4.26 14.88 -6.93
C ILE D 239 -4.35 13.68 -5.98
N SER D 240 -3.28 13.51 -5.17
CA SER D 240 -3.13 12.41 -4.21
C SER D 240 -3.59 12.83 -2.81
N PRO D 241 -3.97 11.87 -1.92
CA PRO D 241 -4.44 12.22 -0.57
C PRO D 241 -3.46 12.97 0.33
N GLU D 242 -2.23 12.48 0.37
CA GLU D 242 -1.14 13.15 1.14
C GLU D 242 -0.90 14.61 0.76
N VAL D 243 -1.01 14.94 -0.53
CA VAL D 243 -0.93 16.35 -1.00
C VAL D 243 -2.01 17.24 -0.36
N LEU D 244 -3.19 16.68 -0.12
CA LEU D 244 -4.31 17.38 0.52
C LEU D 244 -4.16 17.64 2.05
N LYS D 245 -3.19 18.47 2.34
CA LYS D 245 -2.79 18.87 3.74
C LYS D 245 -2.39 20.35 3.76
N SER D 246 -2.54 21.06 4.88
CA SER D 246 -1.59 22.12 5.24
C SER D 246 -0.10 21.67 5.26
N GLY D 251 2.70 20.44 4.42
CA GLY D 251 3.05 19.07 4.84
C GLY D 251 4.03 18.39 3.89
N PHE D 252 5.00 17.65 4.44
CA PHE D 252 6.04 16.91 3.71
C PHE D 252 5.51 15.76 2.87
N TYR D 253 5.74 15.80 1.54
CA TYR D 253 5.40 14.67 0.61
C TYR D 253 6.48 14.37 -0.45
N GLY D 254 6.57 13.10 -0.84
CA GLY D 254 7.59 12.58 -1.76
C GLY D 254 7.13 12.23 -3.15
N ARG D 255 8.00 11.54 -3.90
CA ARG D 255 7.82 11.22 -5.32
C ARG D 255 6.62 10.35 -5.64
N GLU D 256 6.29 9.44 -4.70
CA GLU D 256 5.14 8.56 -4.82
C GLU D 256 3.81 9.24 -5.25
N CYS D 257 3.64 10.53 -4.93
CA CYS D 257 2.45 11.30 -5.36
C CYS D 257 2.29 11.49 -6.87
N ASP D 258 3.41 11.42 -7.60
CA ASP D 258 3.36 11.38 -9.07
C ASP D 258 2.76 10.05 -9.53
N TRP D 259 3.21 8.98 -8.91
CA TRP D 259 2.74 7.63 -9.26
C TRP D 259 1.24 7.41 -8.99
N TRP D 260 0.67 8.05 -7.98
CA TRP D 260 -0.79 8.11 -7.80
C TRP D 260 -1.45 8.61 -9.09
N SER D 261 -0.98 9.76 -9.55
CA SER D 261 -1.54 10.42 -10.70
C SER D 261 -1.45 9.56 -11.99
N VAL D 262 -0.48 8.63 -12.03
CA VAL D 262 -0.34 7.66 -13.13
C VAL D 262 -1.49 6.65 -13.08
N GLY D 263 -1.75 6.08 -11.91
CA GLY D 263 -2.94 5.27 -11.70
C GLY D 263 -4.25 5.93 -12.18
N VAL D 264 -4.45 7.17 -11.75
CA VAL D 264 -5.63 7.98 -12.15
C VAL D 264 -5.73 8.10 -13.68
N PHE D 265 -4.58 8.31 -14.31
CA PHE D 265 -4.47 8.46 -15.76
C PHE D 265 -4.89 7.20 -16.49
N LEU D 266 -4.31 6.09 -16.06
CA LEU D 266 -4.59 4.79 -16.65
C LEU D 266 -6.07 4.49 -16.59
N TYR D 267 -6.65 4.69 -15.41
CA TYR D 267 -8.10 4.59 -15.22
C TYR D 267 -8.91 5.46 -16.20
N GLU D 268 -8.61 6.76 -16.29
CA GLU D 268 -9.34 7.66 -17.22
C GLU D 268 -9.27 7.15 -18.67
N MET D 269 -8.14 6.58 -19.06
CA MET D 269 -7.97 6.03 -20.41
C MET D 269 -8.84 4.82 -20.68
N LEU D 270 -8.82 3.89 -19.73
CA LEU D 270 -9.54 2.63 -19.87
C LEU D 270 -11.03 2.71 -19.60
N VAL D 271 -11.40 3.40 -18.53
CA VAL D 271 -12.81 3.53 -18.12
C VAL D 271 -13.49 4.58 -19.00
N GLY D 272 -12.97 5.81 -18.96
CA GLY D 272 -13.58 6.93 -19.69
C GLY D 272 -13.74 8.16 -18.82
N ASP D 273 -14.15 7.94 -17.59
CA ASP D 273 -14.22 8.95 -16.53
C ASP D 273 -13.07 8.79 -15.54
N THR D 274 -12.84 9.88 -14.77
CA THR D 274 -11.85 9.88 -13.68
C THR D 274 -12.42 9.04 -12.54
N PRO D 275 -11.56 8.35 -11.76
CA PRO D 275 -12.06 7.45 -10.73
C PRO D 275 -12.65 8.06 -9.47
N PHE D 276 -12.53 9.38 -9.30
CA PHE D 276 -13.15 10.08 -8.16
C PHE D 276 -13.96 11.26 -8.65
N TYR D 277 -14.67 11.06 -9.77
CA TYR D 277 -15.54 12.09 -10.33
C TYR D 277 -16.63 12.42 -9.31
N ALA D 278 -17.00 13.69 -9.30
CA ALA D 278 -18.16 14.16 -8.55
C ALA D 278 -18.68 15.43 -9.21
N ASP D 279 -19.86 15.88 -8.77
CA ASP D 279 -20.51 17.07 -9.32
C ASP D 279 -19.74 18.23 -8.76
N SER D 280 -19.67 18.30 -7.42
CA SER D 280 -18.85 19.27 -6.71
C SER D 280 -17.40 18.86 -6.69
N LEU D 281 -16.56 19.82 -6.29
CA LEU D 281 -15.14 19.56 -6.03
C LEU D 281 -15.00 18.92 -4.69
N VAL D 282 -15.68 19.49 -3.69
CA VAL D 282 -15.74 18.90 -2.32
C VAL D 282 -16.05 17.39 -2.33
N GLY D 283 -16.93 16.97 -3.26
CA GLY D 283 -17.26 15.57 -3.48
C GLY D 283 -16.06 14.76 -3.90
N THR D 284 -15.37 15.26 -4.93
CA THR D 284 -14.12 14.67 -5.43
C THR D 284 -13.11 14.48 -4.31
N TYR D 285 -12.86 15.55 -3.54
CA TYR D 285 -11.91 15.50 -2.43
C TYR D 285 -12.28 14.38 -1.47
N SER D 286 -13.55 14.39 -1.03
CA SER D 286 -14.07 13.41 -0.07
C SER D 286 -13.88 11.97 -0.56
N LYS D 287 -14.11 11.77 -1.85
CA LYS D 287 -13.90 10.47 -2.52
C LYS D 287 -12.45 10.04 -2.52
N ILE D 288 -11.55 10.97 -2.87
CA ILE D 288 -10.09 10.68 -2.89
C ILE D 288 -9.64 10.20 -1.50
N MET D 289 -10.06 10.90 -0.44
CA MET D 289 -9.73 10.53 0.95
C MET D 289 -10.24 9.12 1.28
N ASP D 290 -11.48 8.86 0.86
CA ASP D 290 -12.13 7.57 1.07
C ASP D 290 -11.73 6.48 0.03
N HIS D 291 -10.67 6.70 -0.74
CA HIS D 291 -10.28 5.85 -1.89
C HIS D 291 -10.36 4.34 -1.68
N LYS D 292 -10.03 3.87 -0.47
CA LYS D 292 -10.17 2.46 -0.09
C LYS D 292 -11.57 1.91 -0.39
N ASN D 293 -12.60 2.71 -0.11
CA ASN D 293 -14.01 2.38 -0.41
C ASN D 293 -14.50 2.94 -1.74
N SER D 294 -14.17 4.20 -2.02
CA SER D 294 -14.75 4.93 -3.17
C SER D 294 -14.27 4.53 -4.58
N LEU D 295 -13.24 3.67 -4.67
CA LEU D 295 -12.82 3.10 -5.94
C LEU D 295 -13.49 1.77 -6.19
N CYS D 296 -14.40 1.74 -7.15
CA CYS D 296 -14.82 0.49 -7.79
C CYS D 296 -14.85 0.77 -9.29
N PHE D 297 -14.69 -0.30 -10.07
CA PHE D 297 -14.57 -0.22 -11.52
C PHE D 297 -15.94 -0.50 -12.13
N PRO D 298 -16.43 0.44 -12.98
CA PRO D 298 -17.65 0.16 -13.72
C PRO D 298 -17.64 -1.19 -14.43
N GLU D 299 -18.69 -1.98 -14.24
CA GLU D 299 -18.77 -3.32 -14.85
C GLU D 299 -18.88 -3.27 -16.39
N ASP D 300 -19.41 -2.18 -16.94
CA ASP D 300 -19.38 -1.94 -18.40
C ASP D 300 -17.98 -1.69 -18.98
N ALA D 301 -17.03 -1.21 -18.18
CA ALA D 301 -15.70 -0.83 -18.64
C ALA D 301 -14.77 -2.03 -18.93
N GLU D 302 -14.04 -1.94 -20.03
CA GLU D 302 -13.29 -3.02 -20.64
C GLU D 302 -11.85 -3.01 -20.07
N ILE D 303 -11.52 -4.00 -19.23
CA ILE D 303 -10.31 -3.90 -18.42
C ILE D 303 -9.85 -5.23 -17.83
N SER D 304 -8.57 -5.52 -18.02
CA SER D 304 -7.96 -6.80 -17.65
C SER D 304 -7.71 -6.83 -16.14
N LYS D 305 -7.40 -8.03 -15.63
CA LYS D 305 -7.15 -8.22 -14.21
C LYS D 305 -5.84 -7.52 -13.87
N HIS D 306 -4.80 -7.82 -14.67
CA HIS D 306 -3.51 -7.14 -14.58
C HIS D 306 -3.64 -5.60 -14.51
N ALA D 307 -4.41 -5.05 -15.42
CA ALA D 307 -4.65 -3.61 -15.46
C ALA D 307 -5.41 -3.08 -14.24
N LYS D 308 -6.44 -3.80 -13.83
CA LYS D 308 -7.17 -3.54 -12.57
C LYS D 308 -6.17 -3.51 -11.40
N ASN D 309 -5.39 -4.59 -11.31
CA ASN D 309 -4.43 -4.82 -10.21
C ASN D 309 -3.44 -3.63 -10.14
N LEU D 310 -2.85 -3.28 -11.26
CA LEU D 310 -1.90 -2.15 -11.36
C LEU D 310 -2.46 -0.80 -10.90
N ILE D 311 -3.69 -0.50 -11.27
CA ILE D 311 -4.36 0.74 -10.85
C ILE D 311 -4.51 0.75 -9.32
N CYS D 312 -4.91 -0.38 -8.75
CA CYS D 312 -5.03 -0.52 -7.31
C CYS D 312 -3.70 -0.41 -6.60
N ALA D 313 -2.65 -0.89 -7.24
CA ALA D 313 -1.28 -0.75 -6.71
C ALA D 313 -0.78 0.70 -6.63
N PHE D 314 -1.20 1.54 -7.57
CA PHE D 314 -0.93 2.99 -7.53
C PHE D 314 -1.85 3.77 -6.62
N LEU D 315 -3.11 3.33 -6.50
CA LEU D 315 -4.09 4.04 -5.66
C LEU D 315 -4.26 3.42 -4.25
N THR D 316 -3.14 3.31 -3.54
CA THR D 316 -3.09 2.97 -2.12
C THR D 316 -2.65 4.20 -1.34
N ASP D 317 -2.60 4.06 -0.02
CA ASP D 317 -1.93 5.01 0.87
C ASP D 317 -0.44 5.04 0.53
N ARG D 318 0.15 6.23 0.67
CA ARG D 318 1.56 6.53 0.37
C ARG D 318 2.58 5.47 0.83
N GLU D 319 2.37 4.94 2.05
CA GLU D 319 3.33 4.08 2.75
C GLU D 319 3.61 2.75 2.03
N VAL D 320 2.63 2.22 1.28
CA VAL D 320 2.78 0.98 0.50
C VAL D 320 2.44 1.15 -1.01
N ARG D 321 2.47 2.39 -1.51
CA ARG D 321 2.21 2.66 -2.92
C ARG D 321 3.37 2.20 -3.80
N LEU D 322 3.03 1.85 -5.04
CA LEU D 322 4.00 1.35 -6.01
C LEU D 322 4.86 2.49 -6.53
N GLY D 323 6.18 2.27 -6.63
CA GLY D 323 7.15 3.30 -7.02
C GLY D 323 7.85 4.08 -5.91
N ARG D 324 7.44 3.86 -4.66
CA ARG D 324 8.25 4.18 -3.48
C ARG D 324 9.66 3.61 -3.64
N ASN D 325 9.70 2.30 -3.87
CA ASN D 325 10.95 1.51 -3.92
C ASN D 325 11.45 1.48 -5.36
N GLY D 326 11.68 2.67 -5.90
CA GLY D 326 12.12 2.84 -7.27
C GLY D 326 11.15 2.48 -8.37
N VAL D 327 11.58 2.84 -9.58
CA VAL D 327 10.84 2.54 -10.80
C VAL D 327 10.74 1.05 -11.15
N GLU D 328 11.72 0.23 -10.75
CA GLU D 328 11.85 -1.14 -11.32
C GLU D 328 10.67 -2.05 -10.99
N GLU D 329 10.12 -1.94 -9.77
CA GLU D 329 8.92 -2.71 -9.38
C GLU D 329 7.70 -2.43 -10.28
N ILE D 330 7.56 -1.18 -10.73
CA ILE D 330 6.56 -0.82 -11.77
C ILE D 330 6.86 -1.54 -13.09
N ARG D 331 8.10 -1.45 -13.54
CA ARG D 331 8.47 -1.95 -14.86
C ARG D 331 8.23 -3.46 -15.06
N GLN D 332 8.44 -4.24 -13.99
CA GLN D 332 8.21 -5.69 -14.07
C GLN D 332 6.79 -6.15 -13.78
N HIS D 333 5.91 -5.24 -13.34
CA HIS D 333 4.46 -5.51 -13.24
C HIS D 333 3.91 -6.17 -14.51
N PRO D 334 3.12 -7.26 -14.37
CA PRO D 334 2.78 -8.13 -15.51
C PRO D 334 2.01 -7.44 -16.64
N PHE D 335 1.07 -6.58 -16.28
CA PHE D 335 0.41 -5.64 -17.20
C PHE D 335 1.21 -5.22 -18.41
N PHE D 336 2.44 -4.79 -18.17
CA PHE D 336 3.33 -4.29 -19.26
C PHE D 336 3.88 -5.32 -20.23
N LYS D 337 3.74 -6.61 -19.93
CA LYS D 337 4.10 -7.67 -20.91
C LYS D 337 3.22 -7.53 -22.15
N ASN D 338 3.89 -7.23 -23.26
CA ASN D 338 3.43 -7.51 -24.64
C ASN D 338 4.56 -7.99 -25.51
N ASP D 339 4.20 -8.48 -26.68
CA ASP D 339 5.18 -8.86 -27.74
C ASP D 339 5.06 -7.79 -28.81
N GLN D 340 5.31 -6.55 -28.39
CA GLN D 340 5.28 -5.35 -29.26
C GLN D 340 6.50 -4.44 -28.99
N TRP D 341 6.73 -4.10 -27.72
CA TRP D 341 7.91 -3.34 -27.31
C TRP D 341 8.57 -3.88 -26.05
N HIS D 342 9.81 -3.41 -25.83
CA HIS D 342 10.61 -3.66 -24.61
C HIS D 342 10.89 -2.30 -24.00
N TRP D 343 11.25 -2.27 -22.72
CA TRP D 343 11.44 -0.99 -22.01
C TRP D 343 12.56 -0.09 -22.55
N ASP D 344 13.68 -0.72 -22.89
CA ASP D 344 14.86 -0.05 -23.51
C ASP D 344 14.62 0.57 -24.89
N ASN D 345 13.63 0.05 -25.64
CA ASN D 345 13.34 0.49 -27.03
C ASN D 345 11.94 1.03 -27.33
N ILE D 346 11.09 1.20 -26.31
CA ILE D 346 9.70 1.60 -26.53
C ILE D 346 9.54 2.84 -27.43
N ARG D 347 10.36 3.87 -27.17
CA ARG D 347 10.22 5.16 -27.87
C ARG D 347 10.67 5.09 -29.34
N GLU D 348 11.40 4.02 -29.70
CA GLU D 348 11.85 3.79 -31.04
C GLU D 348 10.95 2.78 -31.78
N THR D 349 9.83 2.34 -31.17
CA THR D 349 8.78 1.51 -31.85
C THR D 349 7.68 2.40 -32.47
N ALA D 350 6.75 1.76 -33.17
CA ALA D 350 5.66 2.47 -33.81
C ALA D 350 4.60 2.86 -32.79
N ALA D 351 4.22 4.14 -32.79
CA ALA D 351 3.21 4.62 -31.87
C ALA D 351 1.84 4.14 -32.32
N PRO D 352 0.89 3.99 -31.37
CA PRO D 352 -0.54 3.76 -31.62
C PRO D 352 -1.22 4.71 -32.61
N VAL D 353 -0.98 6.01 -32.47
CA VAL D 353 -1.59 7.04 -33.30
C VAL D 353 -0.46 7.93 -33.74
N VAL D 354 -0.06 7.75 -35.01
CA VAL D 354 0.81 8.66 -35.73
C VAL D 354 -0.10 9.71 -36.31
N PRO D 355 0.22 11.00 -36.04
CA PRO D 355 -0.64 12.04 -36.62
C PRO D 355 -0.32 12.16 -38.12
N GLU D 356 -1.34 12.53 -38.89
CA GLU D 356 -1.20 12.81 -40.32
C GLU D 356 -1.31 14.32 -40.42
N LEU D 357 -0.26 15.00 -40.91
CA LEU D 357 -0.17 16.43 -40.81
C LEU D 357 -0.01 17.07 -42.19
N SER D 358 -0.82 18.11 -42.46
CA SER D 358 -0.91 18.73 -43.78
C SER D 358 0.35 19.55 -44.15
N SER D 359 0.84 20.32 -43.19
CA SER D 359 1.95 21.27 -43.34
C SER D 359 2.81 21.26 -42.08
N ASP D 360 3.86 22.07 -42.10
CA ASP D 360 4.64 22.37 -40.87
C ASP D 360 3.91 23.19 -39.78
N ILE D 361 2.66 23.62 -40.04
CA ILE D 361 1.84 24.40 -39.11
C ILE D 361 0.43 23.81 -38.81
N ASP D 362 0.24 22.51 -39.09
CA ASP D 362 -1.03 21.88 -38.83
C ASP D 362 -1.25 21.72 -37.31
N SER D 363 -2.10 22.61 -36.80
CA SER D 363 -2.53 22.56 -35.41
C SER D 363 -3.91 21.92 -35.25
N SER D 364 -4.21 20.92 -36.10
CA SER D 364 -5.51 20.26 -36.06
C SER D 364 -5.75 19.52 -34.75
N ASN D 365 -4.66 19.03 -34.12
CA ASN D 365 -4.80 18.38 -32.81
C ASN D 365 -4.82 19.37 -31.61
N PHE D 366 -5.07 20.65 -31.90
CA PHE D 366 -5.27 21.66 -30.89
C PHE D 366 -6.56 22.37 -31.16
N ASP D 367 -7.39 22.49 -30.12
CA ASP D 367 -8.65 23.20 -30.20
C ASP D 367 -8.29 24.67 -30.31
N ASP D 368 -9.20 25.42 -30.93
CA ASP D 368 -9.06 26.89 -31.10
C ASP D 368 -9.21 27.56 -29.73
N ILE D 369 -8.82 28.85 -29.64
CA ILE D 369 -8.81 29.58 -28.35
C ILE D 369 -9.50 31.00 -28.40
N GLU D 370 -10.13 31.38 -27.28
CA GLU D 370 -10.81 32.67 -27.06
C GLU D 370 -9.93 33.73 -26.40
N ASP D 371 -10.37 35.00 -26.39
CA ASP D 371 -9.61 36.12 -25.75
C ASP D 371 -10.13 36.60 -24.40
N VAL D 376 -5.26 43.41 -21.04
CA VAL D 376 -3.88 43.36 -20.51
C VAL D 376 -3.47 44.66 -19.83
N GLU D 377 -3.04 44.56 -18.59
CA GLU D 377 -2.58 45.69 -17.74
C GLU D 377 -1.11 45.48 -17.32
N THR D 378 -0.31 46.53 -17.49
CA THR D 378 1.11 46.57 -17.10
C THR D 378 1.26 47.27 -15.74
N PHE D 379 2.51 47.47 -15.31
CA PHE D 379 2.84 48.10 -14.03
C PHE D 379 2.52 49.60 -13.97
N PRO D 380 2.28 50.15 -12.76
CA PRO D 380 2.23 51.63 -12.67
C PRO D 380 3.61 52.22 -12.96
N ILE D 381 3.67 53.37 -13.64
CA ILE D 381 4.88 54.21 -13.61
C ILE D 381 5.11 54.50 -12.11
N PRO D 382 6.31 54.17 -11.62
CA PRO D 382 6.53 54.41 -10.20
C PRO D 382 7.05 55.83 -9.93
N LYS D 383 6.99 56.17 -8.66
CA LYS D 383 7.42 57.47 -8.16
C LYS D 383 8.87 57.30 -7.73
N ALA D 384 9.12 56.35 -6.82
CA ALA D 384 10.48 55.89 -6.41
C ALA D 384 10.93 54.64 -7.20
N PHE D 385 12.13 54.11 -6.92
CA PHE D 385 12.61 52.84 -7.53
C PHE D 385 11.89 51.63 -6.97
N VAL D 386 11.60 50.68 -7.84
CA VAL D 386 10.68 49.55 -7.54
C VAL D 386 11.27 48.17 -7.79
N GLY D 387 12.01 48.03 -8.90
CA GLY D 387 12.71 46.80 -9.20
C GLY D 387 11.82 45.67 -9.65
N ASN D 388 10.91 45.96 -10.57
CA ASN D 388 10.01 44.93 -11.09
C ASN D 388 10.70 43.88 -11.92
N GLN D 389 11.73 44.29 -12.65
CA GLN D 389 12.51 43.38 -13.48
C GLN D 389 13.55 42.51 -12.75
N LEU D 390 13.78 42.74 -11.48
CA LEU D 390 14.81 42.02 -10.74
C LEU D 390 14.63 40.52 -10.60
N PRO D 391 13.39 40.03 -10.43
CA PRO D 391 13.29 38.58 -10.31
C PRO D 391 13.38 37.85 -11.68
N PHE D 392 13.50 38.58 -12.79
CA PHE D 392 13.72 38.03 -14.14
C PHE D 392 15.13 38.16 -14.72
N ILE D 393 16.10 38.52 -13.89
CA ILE D 393 17.49 38.59 -14.31
C ILE D 393 18.02 37.18 -14.31
N GLY D 394 18.56 36.77 -15.46
CA GLY D 394 19.18 35.46 -15.64
C GLY D 394 18.36 34.53 -16.50
N PHE D 395 17.14 34.96 -16.84
CA PHE D 395 16.23 34.11 -17.55
C PHE D 395 16.74 33.80 -18.94
N THR D 396 17.20 34.85 -19.63
CA THR D 396 17.56 34.76 -21.03
C THR D 396 18.59 33.65 -21.25
N TYR D 397 18.34 32.85 -22.28
CA TYR D 397 19.18 31.69 -22.64
C TYR D 397 19.12 31.49 -24.17
N TYR D 398 20.28 31.50 -24.82
CA TYR D 398 20.43 31.10 -26.23
C TYR D 398 21.16 29.75 -26.20
N ARG D 399 20.58 28.75 -26.85
CA ARG D 399 21.18 27.41 -26.92
C ARG D 399 22.30 27.48 -27.92
N GLY E 5 -11.24 -79.65 -11.36
CA GLY E 5 -10.73 -78.91 -10.15
C GLY E 5 -9.58 -77.94 -10.38
N ALA E 6 -8.36 -78.51 -10.47
CA ALA E 6 -7.03 -77.85 -10.41
C ALA E 6 -6.75 -76.63 -11.31
N SER E 7 -7.54 -76.42 -12.36
CA SER E 7 -7.60 -75.14 -13.11
C SER E 7 -7.46 -73.92 -12.20
N ARG E 8 -8.36 -73.78 -11.25
CA ARG E 8 -8.32 -72.70 -10.25
C ARG E 8 -7.36 -73.06 -9.12
N GLN E 9 -7.48 -74.30 -8.62
CA GLN E 9 -6.80 -74.71 -7.36
C GLN E 9 -5.28 -74.83 -7.46
N ARG E 10 -4.71 -74.77 -8.66
CA ARG E 10 -3.29 -74.43 -8.82
C ARG E 10 -3.05 -72.99 -8.42
N LYS E 11 -3.82 -72.07 -9.00
CA LYS E 11 -3.68 -70.61 -8.74
C LYS E 11 -3.80 -70.26 -7.27
N LEU E 12 -4.71 -70.96 -6.60
CA LEU E 12 -4.95 -70.82 -5.17
C LEU E 12 -3.73 -71.25 -4.35
N GLU E 13 -3.25 -72.45 -4.62
CA GLU E 13 -2.02 -72.98 -3.97
C GLU E 13 -0.75 -72.18 -4.28
N ALA E 14 -0.75 -71.45 -5.40
CA ALA E 14 0.30 -70.46 -5.69
C ALA E 14 0.35 -69.34 -4.64
N LEU E 15 -0.82 -68.72 -4.43
CA LEU E 15 -1.00 -67.64 -3.45
C LEU E 15 -0.60 -67.98 -2.02
N ILE E 16 -0.81 -69.24 -1.65
CA ILE E 16 -0.45 -69.73 -0.33
C ILE E 16 1.06 -69.96 -0.21
N ARG E 17 1.71 -70.34 -1.30
CA ARG E 17 3.19 -70.58 -1.31
C ARG E 17 4.06 -69.36 -1.47
N ASP E 18 3.55 -68.29 -2.08
CA ASP E 18 4.28 -67.00 -2.23
C ASP E 18 4.44 -66.32 -0.84
N PRO E 19 5.70 -66.16 -0.34
CA PRO E 19 5.86 -65.54 1.00
C PRO E 19 5.65 -64.02 1.03
N ARG E 20 5.68 -63.36 -0.13
CA ARG E 20 5.21 -61.97 -0.28
C ARG E 20 3.68 -61.85 -0.14
N SER E 21 2.92 -62.93 -0.34
CA SER E 21 1.45 -62.91 -0.25
C SER E 21 0.95 -62.86 1.21
N PRO E 22 -0.14 -62.08 1.44
CA PRO E 22 -0.68 -61.87 2.79
C PRO E 22 -1.42 -63.05 3.39
N ILE E 23 -1.61 -64.10 2.60
CA ILE E 23 -2.18 -65.36 3.03
C ILE E 23 -1.20 -66.51 2.78
N ASN E 24 0.10 -66.27 2.97
CA ASN E 24 1.02 -67.38 3.15
C ASN E 24 0.64 -68.14 4.42
N VAL E 25 1.26 -69.29 4.60
CA VAL E 25 0.93 -70.15 5.72
C VAL E 25 1.18 -69.44 7.07
N GLU E 26 2.24 -68.65 7.15
CA GLU E 26 2.60 -67.94 8.39
C GLU E 26 1.49 -66.97 8.76
N SER E 27 1.03 -66.19 7.77
CA SER E 27 -0.10 -65.25 7.92
C SER E 27 -1.41 -65.89 8.37
N LEU E 28 -1.69 -67.08 7.89
CA LEU E 28 -2.93 -67.76 8.22
C LEU E 28 -2.94 -68.26 9.67
N LEU E 29 -1.79 -68.72 10.11
CA LEU E 29 -1.55 -69.08 11.52
C LEU E 29 -1.53 -67.92 12.47
N ASP E 30 -1.07 -66.76 11.98
CA ASP E 30 -1.19 -65.53 12.74
C ASP E 30 -2.68 -65.28 12.96
N GLY E 31 -3.42 -65.27 11.84
CA GLY E 31 -4.90 -65.17 11.85
C GLY E 31 -5.63 -66.06 12.82
N LEU E 32 -5.11 -67.28 13.02
CA LEU E 32 -5.62 -68.15 14.05
C LEU E 32 -5.20 -67.74 15.46
N ASN E 33 -3.90 -67.52 15.69
CA ASN E 33 -3.42 -67.15 17.05
C ASN E 33 -4.01 -65.81 17.49
N SER E 34 -4.00 -64.83 16.59
CA SER E 34 -4.68 -63.54 16.78
C SER E 34 -6.14 -63.66 17.19
N LEU E 35 -6.86 -64.55 16.53
CA LEU E 35 -8.27 -64.78 16.85
C LEU E 35 -8.44 -65.28 18.27
N VAL E 36 -7.77 -66.37 18.58
CA VAL E 36 -7.81 -66.95 19.94
C VAL E 36 -7.47 -65.93 21.04
N LEU E 37 -6.41 -65.15 20.84
CA LEU E 37 -5.96 -64.21 21.87
C LEU E 37 -6.95 -63.12 22.15
N ASP E 38 -7.56 -62.59 21.09
CA ASP E 38 -8.63 -61.57 21.20
C ASP E 38 -9.98 -62.08 21.71
N LEU E 39 -10.16 -63.40 21.81
CA LEU E 39 -11.35 -64.06 22.39
C LEU E 39 -11.18 -64.69 23.77
N ASP E 40 -10.06 -65.39 24.04
CA ASP E 40 -9.87 -66.14 25.31
C ASP E 40 -9.76 -65.19 26.51
N PHE E 41 -10.92 -64.78 26.99
CA PHE E 41 -11.10 -64.03 28.23
C PHE E 41 -12.37 -64.59 28.83
N PRO E 42 -12.38 -64.90 30.15
CA PRO E 42 -13.60 -65.49 30.71
C PRO E 42 -14.90 -64.67 30.44
N ALA E 43 -14.75 -63.35 30.29
CA ALA E 43 -15.84 -62.44 29.86
C ALA E 43 -16.53 -62.81 28.54
N LEU E 44 -15.75 -63.10 27.51
CA LEU E 44 -16.28 -63.31 26.14
C LEU E 44 -16.74 -64.75 25.90
N ARG E 45 -16.12 -65.72 26.61
CA ARG E 45 -16.59 -67.11 26.69
C ARG E 45 -18.02 -67.30 27.27
N LYS E 46 -18.65 -66.23 27.75
CA LYS E 46 -20.11 -66.21 28.02
C LYS E 46 -20.93 -66.46 26.74
N ASN E 47 -20.45 -65.95 25.59
CA ASN E 47 -20.94 -66.40 24.27
C ASN E 47 -20.51 -67.85 24.02
N LYS E 48 -21.52 -68.70 23.77
CA LYS E 48 -21.35 -70.15 23.58
C LYS E 48 -20.51 -70.46 22.33
N ASN E 49 -20.86 -69.83 21.20
CA ASN E 49 -20.10 -69.90 19.90
C ASN E 49 -18.61 -69.87 20.06
N ILE E 50 -18.19 -68.88 20.83
CA ILE E 50 -16.80 -68.65 21.20
C ILE E 50 -16.28 -69.84 22.02
N ASP E 51 -16.86 -70.03 23.20
CA ASP E 51 -16.43 -71.12 24.10
C ASP E 51 -16.29 -72.52 23.43
N ASN E 52 -17.19 -72.85 22.49
CA ASN E 52 -17.12 -74.11 21.72
C ASN E 52 -15.87 -74.16 20.88
N PHE E 53 -15.74 -73.09 20.10
CA PHE E 53 -14.65 -72.91 19.17
C PHE E 53 -13.33 -72.99 19.91
N LEU E 54 -13.22 -72.19 20.98
CA LEU E 54 -12.04 -72.19 21.83
C LEU E 54 -11.73 -73.56 22.39
N ASN E 55 -12.73 -74.27 22.90
CA ASN E 55 -12.51 -75.62 23.45
C ASN E 55 -11.97 -76.61 22.42
N ARG E 56 -12.42 -76.49 21.16
CA ARG E 56 -11.85 -77.27 20.05
C ARG E 56 -10.37 -76.96 19.83
N TYR E 57 -10.10 -75.71 19.48
CA TYR E 57 -8.76 -75.29 19.15
C TYR E 57 -7.76 -75.13 20.34
N GLU E 58 -8.25 -74.89 21.55
CA GLU E 58 -7.47 -74.87 22.82
C GLU E 58 -6.21 -75.73 22.80
N LYS E 59 -6.43 -77.01 22.52
CA LYS E 59 -5.40 -78.05 22.59
C LYS E 59 -4.39 -77.87 21.48
N ILE E 60 -4.86 -77.83 20.23
CA ILE E 60 -3.95 -77.63 19.07
C ILE E 60 -3.14 -76.32 19.12
N VAL E 61 -3.75 -75.22 19.55
CA VAL E 61 -3.05 -73.92 19.67
C VAL E 61 -1.93 -73.97 20.70
N LYS E 62 -2.17 -74.60 21.84
CA LYS E 62 -1.10 -74.80 22.83
C LYS E 62 0.07 -75.64 22.29
N LYS E 63 -0.21 -76.59 21.39
CA LYS E 63 0.87 -77.31 20.68
C LYS E 63 1.69 -76.42 19.71
N ILE E 64 0.98 -75.75 18.80
CA ILE E 64 1.51 -74.74 17.83
C ILE E 64 2.51 -73.77 18.45
N ARG E 65 2.15 -73.22 19.60
CA ARG E 65 2.99 -72.26 20.30
C ARG E 65 4.32 -72.83 20.70
N GLY E 66 4.29 -74.06 21.20
CA GLY E 66 5.49 -74.86 21.45
C GLY E 66 6.43 -74.95 20.26
N LEU E 67 5.87 -75.23 19.09
CA LEU E 67 6.64 -75.47 17.87
C LEU E 67 7.10 -74.22 17.14
N GLN E 68 6.23 -73.21 17.08
CA GLN E 68 6.58 -71.96 16.41
C GLN E 68 7.71 -71.25 17.16
N MET E 69 8.42 -70.41 16.40
CA MET E 69 9.49 -69.62 16.95
C MET E 69 8.91 -68.68 17.98
N LYS E 70 9.63 -68.54 19.08
CA LYS E 70 9.23 -67.72 20.21
C LYS E 70 10.44 -67.16 20.94
N ALA E 71 10.20 -66.15 21.76
CA ALA E 71 11.27 -65.48 22.49
C ALA E 71 12.09 -66.39 23.45
N GLU E 72 11.45 -67.41 24.02
CA GLU E 72 12.14 -68.42 24.86
C GLU E 72 13.11 -69.32 24.08
N ASP E 73 13.05 -69.31 22.74
CA ASP E 73 14.10 -69.94 21.91
C ASP E 73 15.45 -69.25 21.94
N TYR E 74 15.48 -67.98 22.35
CA TYR E 74 16.69 -67.15 22.43
C TYR E 74 17.10 -66.77 23.85
N ASP E 75 18.42 -66.67 24.08
CA ASP E 75 19.01 -66.13 25.31
C ASP E 75 19.41 -64.69 25.04
N VAL E 76 19.00 -63.77 25.92
CA VAL E 76 19.37 -62.34 25.80
C VAL E 76 20.73 -62.17 26.46
N VAL E 77 21.65 -61.54 25.74
CA VAL E 77 23.04 -61.35 26.19
C VAL E 77 23.21 -59.96 26.78
N LYS E 78 22.86 -58.95 25.99
CA LYS E 78 22.90 -57.55 26.43
C LYS E 78 21.87 -56.81 25.59
N VAL E 79 21.35 -55.72 26.15
CA VAL E 79 20.57 -54.73 25.38
C VAL E 79 21.55 -53.69 24.77
N ILE E 80 21.37 -53.45 23.47
CA ILE E 80 22.30 -52.68 22.64
C ILE E 80 21.68 -51.48 21.87
N GLY E 81 20.40 -51.24 22.12
CA GLY E 81 19.64 -50.20 21.44
C GLY E 81 18.35 -49.99 22.21
N ARG E 82 17.85 -48.76 22.15
CA ARG E 82 16.53 -48.44 22.68
C ARG E 82 15.96 -47.42 21.75
N GLY E 83 14.66 -47.55 21.49
CA GLY E 83 13.95 -46.64 20.59
C GLY E 83 12.53 -46.44 21.02
N ALA E 84 11.84 -45.63 20.21
CA ALA E 84 10.48 -45.14 20.55
C ALA E 84 9.57 -46.24 21.12
N PHE E 85 9.41 -47.31 20.36
CA PHE E 85 8.46 -48.38 20.68
C PHE E 85 9.11 -49.69 21.15
N GLY E 86 10.42 -49.73 21.40
CA GLY E 86 10.99 -50.89 22.13
C GLY E 86 12.49 -50.83 22.34
N GLU E 87 13.15 -51.98 22.15
CA GLU E 87 14.60 -52.14 22.27
C GLU E 87 15.20 -53.16 21.31
N VAL E 88 16.52 -53.12 21.19
CA VAL E 88 17.31 -54.06 20.36
C VAL E 88 18.21 -54.86 21.29
N GLN E 89 18.15 -56.19 21.14
CA GLN E 89 18.84 -57.15 21.99
C GLN E 89 19.86 -57.93 21.18
N LEU E 90 21.05 -58.12 21.76
CA LEU E 90 22.01 -59.11 21.28
C LEU E 90 21.54 -60.42 21.89
N VAL E 91 21.35 -61.44 21.03
CA VAL E 91 20.80 -62.73 21.44
C VAL E 91 21.51 -63.92 20.84
N ARG E 92 21.44 -65.06 21.55
CA ARG E 92 21.93 -66.34 21.04
C ARG E 92 20.76 -67.31 20.94
N HIS E 93 20.56 -67.89 19.75
CA HIS E 93 19.55 -68.96 19.52
C HIS E 93 20.05 -70.15 20.32
N LYS E 94 19.26 -70.58 21.31
CA LYS E 94 19.65 -71.60 22.28
C LYS E 94 20.03 -72.90 21.60
N ALA E 95 19.13 -73.38 20.74
CA ALA E 95 19.35 -74.56 19.89
C ALA E 95 20.55 -74.46 18.93
N SER E 96 20.46 -73.56 17.95
CA SER E 96 21.50 -73.46 16.90
C SER E 96 22.82 -72.83 17.38
N GLN E 97 22.79 -72.14 18.52
CA GLN E 97 23.93 -71.43 19.11
C GLN E 97 24.36 -70.15 18.37
N LYS E 98 23.68 -69.78 17.28
CA LYS E 98 24.08 -68.63 16.47
C LYS E 98 23.64 -67.32 17.14
N VAL E 99 24.34 -66.24 16.80
CA VAL E 99 24.11 -64.93 17.38
C VAL E 99 23.43 -63.98 16.41
N TYR E 100 22.39 -63.31 16.89
CA TYR E 100 21.64 -62.36 16.07
C TYR E 100 21.41 -61.08 16.87
N ALA E 101 20.96 -60.05 16.15
CA ALA E 101 20.41 -58.84 16.75
C ALA E 101 18.90 -58.98 16.62
N MET E 102 18.17 -58.75 17.70
CA MET E 102 16.72 -58.89 17.70
C MET E 102 16.06 -57.59 18.18
N LYS E 103 15.21 -57.03 17.34
CA LYS E 103 14.51 -55.78 17.61
C LYS E 103 13.10 -56.10 18.05
N LEU E 104 12.70 -55.53 19.19
CA LEU E 104 11.37 -55.73 19.79
C LEU E 104 10.50 -54.49 19.63
N LEU E 105 9.19 -54.71 19.49
CA LEU E 105 8.22 -53.62 19.43
C LEU E 105 7.01 -53.94 20.28
N SER E 106 6.76 -53.11 21.30
CA SER E 106 5.58 -53.21 22.15
C SER E 106 4.33 -53.01 21.32
N LYS E 107 3.42 -53.97 21.43
CA LYS E 107 2.15 -53.86 20.76
C LYS E 107 1.31 -52.75 21.47
N PHE E 108 1.24 -52.81 22.81
CA PHE E 108 0.46 -51.81 23.57
C PHE E 108 0.77 -50.37 23.11
N GLU E 109 2.06 -50.04 23.14
CA GLU E 109 2.55 -48.72 22.80
C GLU E 109 2.23 -48.27 21.38
N MET E 110 2.33 -49.20 20.43
CA MET E 110 2.09 -48.87 19.02
C MET E 110 0.64 -48.51 18.74
N ILE E 111 -0.27 -49.28 19.35
CA ILE E 111 -1.71 -49.02 19.28
C ILE E 111 -1.96 -47.69 19.97
N LYS E 112 -1.61 -47.61 21.25
CA LYS E 112 -1.81 -46.40 22.07
C LYS E 112 -1.37 -45.15 21.31
N ARG E 113 -0.11 -45.07 20.96
CA ARG E 113 0.43 -43.90 20.24
C ARG E 113 0.33 -44.12 18.73
N SER E 114 -0.88 -44.01 18.19
CA SER E 114 -1.34 -44.64 16.91
C SER E 114 -0.53 -44.60 15.60
N ASP E 115 0.79 -44.64 15.69
CA ASP E 115 1.72 -45.13 14.68
C ASP E 115 1.82 -46.66 14.83
N SER E 116 1.19 -47.42 13.91
CA SER E 116 1.33 -48.92 13.93
C SER E 116 1.24 -49.59 12.54
N ALA E 117 1.85 -48.93 11.55
CA ALA E 117 2.06 -49.45 10.19
C ALA E 117 3.51 -49.50 9.73
N PHE E 118 4.36 -48.61 10.26
CA PHE E 118 5.80 -48.51 9.91
C PHE E 118 6.55 -49.83 9.76
N PHE E 119 6.25 -50.77 10.65
CA PHE E 119 6.94 -52.07 10.69
C PHE E 119 6.78 -52.98 9.46
N TRP E 120 5.75 -52.74 8.65
CA TRP E 120 5.51 -53.54 7.46
C TRP E 120 6.59 -53.29 6.46
N GLU E 121 6.83 -52.02 6.11
CA GLU E 121 7.92 -51.72 5.17
C GLU E 121 9.29 -52.13 5.75
N GLU E 122 9.49 -51.90 7.06
CA GLU E 122 10.76 -52.24 7.70
C GLU E 122 11.04 -53.71 7.54
N ARG E 123 10.04 -54.53 7.87
CA ARG E 123 10.15 -55.98 7.74
C ARG E 123 10.44 -56.38 6.29
N ASP E 124 9.59 -55.92 5.39
CA ASP E 124 9.72 -56.25 3.97
C ASP E 124 11.07 -55.87 3.38
N ILE E 125 11.56 -54.68 3.74
CA ILE E 125 12.87 -54.18 3.29
C ILE E 125 13.99 -55.14 3.71
N MET E 126 14.05 -55.41 5.01
CA MET E 126 15.05 -56.29 5.59
C MET E 126 14.91 -57.74 5.14
N ALA E 127 13.68 -58.20 4.92
CA ALA E 127 13.45 -59.56 4.44
C ALA E 127 13.89 -59.77 3.01
N PHE E 128 13.56 -58.80 2.14
CA PHE E 128 13.48 -58.99 0.68
C PHE E 128 14.28 -58.03 -0.21
N ALA E 129 15.21 -57.29 0.35
CA ALA E 129 16.06 -56.41 -0.47
C ALA E 129 17.13 -57.17 -1.25
N ASN E 130 17.51 -58.38 -0.76
CA ASN E 130 18.72 -59.10 -1.20
C ASN E 130 19.86 -58.19 -1.52
N SER E 131 20.04 -57.19 -0.65
CA SER E 131 21.01 -56.14 -0.85
C SER E 131 22.04 -56.28 0.22
N PRO E 132 23.30 -56.09 -0.14
CA PRO E 132 24.32 -56.06 0.89
C PRO E 132 24.42 -54.68 1.54
N TRP E 133 23.63 -53.70 1.10
CA TRP E 133 23.46 -52.45 1.85
C TRP E 133 22.38 -52.49 2.92
N VAL E 134 21.55 -53.53 2.95
CA VAL E 134 20.49 -53.66 3.95
C VAL E 134 20.81 -54.81 4.89
N VAL E 135 20.56 -54.53 6.17
CA VAL E 135 20.68 -55.54 7.20
C VAL E 135 19.59 -56.57 6.92
N GLN E 136 20.00 -57.81 6.68
CA GLN E 136 19.04 -58.89 6.40
C GLN E 136 18.26 -59.37 7.60
N LEU E 137 16.95 -59.56 7.38
CA LEU E 137 16.04 -60.20 8.32
C LEU E 137 16.02 -61.69 8.01
N PHE E 138 16.14 -62.46 9.08
CA PHE E 138 16.11 -63.90 9.06
C PHE E 138 14.74 -64.39 9.50
N TYR E 139 14.29 -63.97 10.65
CA TYR E 139 13.02 -64.41 11.22
C TYR E 139 12.29 -63.20 11.81
N ALA E 140 11.00 -63.09 11.52
CA ALA E 140 10.05 -62.28 12.27
C ALA E 140 9.04 -63.21 12.93
N PHE E 141 8.70 -62.91 14.18
CA PHE E 141 7.64 -63.58 14.90
C PHE E 141 6.97 -62.69 15.92
N GLN E 142 5.95 -63.20 16.60
CA GLN E 142 5.24 -62.45 17.63
C GLN E 142 4.75 -63.31 18.78
N ASP E 143 4.43 -62.65 19.90
CA ASP E 143 3.72 -63.27 21.01
C ASP E 143 2.60 -62.34 21.42
N ASP E 144 1.90 -62.65 22.53
CA ASP E 144 0.87 -61.74 23.08
C ASP E 144 1.29 -60.26 23.10
N ARG E 145 2.51 -59.97 23.58
CA ARG E 145 2.94 -58.58 23.87
C ARG E 145 3.76 -57.83 22.80
N TYR E 146 4.68 -58.54 22.14
CA TYR E 146 5.68 -57.91 21.25
C TYR E 146 5.75 -58.52 19.86
N LEU E 147 6.14 -57.69 18.89
CA LEU E 147 6.79 -58.12 17.65
C LEU E 147 8.30 -58.25 17.82
N TYR E 148 8.89 -59.17 17.08
CA TYR E 148 10.31 -59.48 17.11
C TYR E 148 10.85 -59.53 15.69
N MET E 149 12.07 -59.06 15.48
CA MET E 149 12.75 -59.09 14.18
C MET E 149 14.20 -59.51 14.38
N VAL E 150 14.54 -60.71 13.93
CA VAL E 150 15.86 -61.31 14.08
C VAL E 150 16.72 -60.98 12.84
N MET E 151 17.82 -60.26 13.07
CA MET E 151 18.66 -59.71 12.02
C MET E 151 20.08 -60.17 12.20
N GLU E 152 20.87 -60.04 11.13
CA GLU E 152 22.31 -60.24 11.23
C GLU E 152 22.85 -59.17 12.15
N TYR E 153 23.55 -59.58 13.21
CA TYR E 153 24.24 -58.64 14.11
C TYR E 153 25.37 -57.94 13.33
N MET E 154 25.54 -56.65 13.61
CA MET E 154 26.51 -55.78 12.96
C MET E 154 27.48 -55.28 14.03
N PRO E 155 28.58 -56.02 14.28
CA PRO E 155 29.36 -55.74 15.49
C PRO E 155 30.25 -54.49 15.46
N GLY E 156 30.40 -53.86 14.27
CA GLY E 156 31.12 -52.60 14.11
C GLY E 156 30.44 -51.34 14.62
N GLY E 157 29.14 -51.42 14.89
CA GLY E 157 28.39 -50.32 15.52
C GLY E 157 28.01 -49.25 14.56
N ASP E 158 27.33 -48.23 15.08
CA ASP E 158 26.90 -47.09 14.24
C ASP E 158 28.04 -46.14 13.97
N LEU E 159 27.79 -45.22 13.05
CA LEU E 159 28.75 -44.17 12.70
C LEU E 159 28.82 -43.02 13.70
N VAL E 160 27.88 -42.91 14.62
CA VAL E 160 28.00 -41.93 15.69
C VAL E 160 29.19 -42.39 16.52
N ASN E 161 29.13 -43.68 16.89
CA ASN E 161 30.14 -44.36 17.67
C ASN E 161 31.49 -44.37 16.98
N LEU E 162 31.50 -44.42 15.65
CA LEU E 162 32.73 -44.23 14.88
C LEU E 162 33.27 -42.81 14.95
N MET E 163 32.43 -41.84 14.62
CA MET E 163 32.81 -40.41 14.64
C MET E 163 33.30 -39.92 16.00
N SER E 164 32.69 -40.42 17.08
CA SER E 164 33.10 -40.10 18.45
C SER E 164 34.50 -40.64 18.81
N ASN E 165 34.85 -41.80 18.26
CA ASN E 165 36.14 -42.46 18.50
C ASN E 165 37.28 -42.16 17.52
N TYR E 166 37.00 -41.47 16.41
CA TYR E 166 38.04 -41.10 15.42
C TYR E 166 37.84 -39.67 14.92
N ASP E 167 38.93 -38.91 14.87
CA ASP E 167 39.00 -37.85 13.89
C ASP E 167 39.05 -38.55 12.56
N VAL E 168 38.18 -38.11 11.66
CA VAL E 168 37.91 -38.82 10.42
C VAL E 168 38.57 -38.08 9.28
N PRO E 169 39.57 -38.72 8.62
CA PRO E 169 40.17 -38.05 7.44
C PRO E 169 39.27 -38.09 6.22
N GLU E 170 39.65 -37.29 5.22
CA GLU E 170 38.83 -37.14 4.01
C GLU E 170 38.77 -38.45 3.19
N LYS E 171 39.85 -39.22 3.19
CA LYS E 171 39.86 -40.53 2.54
C LYS E 171 38.75 -41.44 3.06
N TRP E 172 38.63 -41.47 4.38
CA TRP E 172 37.62 -42.28 5.04
C TRP E 172 36.22 -41.80 4.72
N ALA E 173 36.03 -40.49 4.72
CA ALA E 173 34.73 -39.90 4.42
C ALA E 173 34.28 -40.15 2.97
N LYS E 174 35.20 -40.01 1.99
CA LYS E 174 34.97 -40.44 0.58
C LYS E 174 34.33 -41.82 0.54
N PHE E 175 34.93 -42.75 1.28
CA PHE E 175 34.47 -44.15 1.36
C PHE E 175 33.08 -44.27 1.95
N TYR E 176 32.95 -43.87 3.22
CA TYR E 176 31.70 -44.04 3.96
C TYR E 176 30.52 -43.31 3.29
N THR E 177 30.78 -42.12 2.75
CA THR E 177 29.79 -41.39 1.96
C THR E 177 29.36 -42.16 0.70
N ALA E 178 30.35 -42.61 -0.07
CA ALA E 178 30.09 -43.39 -1.28
C ALA E 178 29.20 -44.59 -0.99
N GLU E 179 29.51 -45.33 0.08
CA GLU E 179 28.71 -46.46 0.52
C GLU E 179 27.26 -46.05 0.87
N VAL E 180 27.10 -44.88 1.51
CA VAL E 180 25.76 -44.33 1.78
C VAL E 180 25.02 -44.02 0.47
N VAL E 181 25.71 -43.36 -0.46
CA VAL E 181 25.13 -43.03 -1.78
C VAL E 181 24.49 -44.26 -2.46
N LEU E 182 25.19 -45.39 -2.44
CA LEU E 182 24.75 -46.60 -3.08
C LEU E 182 23.64 -47.27 -2.30
N ALA E 183 23.73 -47.19 -0.99
CA ALA E 183 22.70 -47.74 -0.13
C ALA E 183 21.35 -47.03 -0.37
N LEU E 184 21.36 -45.71 -0.36
CA LEU E 184 20.16 -44.94 -0.65
C LEU E 184 19.64 -45.18 -2.05
N ASP E 185 20.53 -45.21 -3.03
CA ASP E 185 20.14 -45.50 -4.40
C ASP E 185 19.38 -46.82 -4.50
N ALA E 186 19.78 -47.80 -3.70
CA ALA E 186 19.07 -49.09 -3.59
C ALA E 186 17.69 -48.97 -2.97
N ILE E 187 17.59 -48.19 -1.91
CA ILE E 187 16.30 -47.85 -1.26
C ILE E 187 15.39 -47.05 -2.23
N HIS E 188 16.01 -46.15 -2.96
CA HIS E 188 15.35 -45.42 -4.04
C HIS E 188 14.89 -46.38 -5.15
N SER E 189 15.76 -47.28 -5.62
CA SER E 189 15.42 -48.38 -6.57
C SER E 189 14.24 -49.23 -6.17
N MET E 190 14.10 -49.45 -4.87
CA MET E 190 12.91 -50.11 -4.29
C MET E 190 11.65 -49.20 -4.21
N GLY E 191 11.70 -47.97 -4.72
CA GLY E 191 10.56 -47.05 -4.70
C GLY E 191 10.16 -46.50 -3.34
N LEU E 192 11.18 -46.23 -2.52
CA LEU E 192 11.03 -45.74 -1.16
C LEU E 192 11.89 -44.50 -0.97
N ILE E 193 11.40 -43.60 -0.12
CA ILE E 193 12.15 -42.47 0.42
C ILE E 193 12.41 -42.80 1.87
N HIS E 194 13.67 -42.66 2.30
CA HIS E 194 14.06 -42.95 3.69
C HIS E 194 13.49 -41.90 4.66
N ARG E 195 13.66 -40.62 4.29
CA ARG E 195 13.40 -39.45 5.12
C ARG E 195 14.53 -39.30 6.16
N ASP E 196 14.49 -40.13 7.21
CA ASP E 196 15.39 -40.01 8.36
C ASP E 196 16.77 -40.66 8.18
N VAL E 197 17.56 -40.12 7.25
CA VAL E 197 18.90 -40.61 6.95
C VAL E 197 19.84 -39.92 7.94
N LYS E 198 20.66 -40.71 8.65
CA LYS E 198 21.53 -40.22 9.74
C LYS E 198 22.50 -41.31 10.23
N PRO E 199 23.58 -40.93 10.98
CA PRO E 199 24.59 -41.91 11.38
C PRO E 199 24.13 -43.02 12.32
N ASP E 200 23.04 -42.78 13.04
CA ASP E 200 22.46 -43.78 13.97
C ASP E 200 21.84 -44.94 13.21
N ASN E 201 21.41 -44.65 11.97
CA ASN E 201 20.77 -45.59 11.04
C ASN E 201 21.75 -46.16 10.00
N MET E 202 23.05 -46.16 10.34
CA MET E 202 24.15 -46.56 9.46
C MET E 202 25.05 -47.43 10.30
N LEU E 203 25.07 -48.73 10.02
CA LEU E 203 25.85 -49.69 10.80
C LEU E 203 26.93 -50.37 10.01
N LEU E 204 27.85 -51.00 10.73
CA LEU E 204 29.07 -51.56 10.18
C LEU E 204 29.19 -53.03 10.47
N ASP E 205 29.39 -53.81 9.40
CA ASP E 205 29.45 -55.27 9.47
C ASP E 205 30.74 -55.77 10.10
N LYS E 206 30.85 -57.09 10.26
CA LYS E 206 32.10 -57.74 10.71
C LYS E 206 33.38 -57.26 10.02
N HIS E 207 33.27 -56.80 8.76
CA HIS E 207 34.36 -56.21 7.99
C HIS E 207 34.41 -54.68 7.87
N GLY E 208 33.68 -53.99 8.76
CA GLY E 208 33.63 -52.52 8.78
C GLY E 208 33.07 -51.78 7.57
N HIS E 209 32.19 -52.47 6.83
CA HIS E 209 31.46 -51.94 5.65
C HIS E 209 30.02 -51.65 6.05
N LEU E 210 29.42 -50.71 5.32
CA LEU E 210 28.10 -50.16 5.67
C LEU E 210 26.95 -51.10 5.35
N LYS E 211 25.97 -51.12 6.25
CA LYS E 211 24.60 -51.57 5.99
C LYS E 211 23.65 -50.60 6.70
N LEU E 212 22.45 -50.42 6.15
CA LEU E 212 21.42 -49.58 6.75
C LEU E 212 20.51 -50.41 7.62
N ALA E 213 20.02 -49.79 8.68
CA ALA E 213 19.02 -50.37 9.57
C ALA E 213 18.11 -49.24 10.08
N ASP E 214 17.05 -49.63 10.82
CA ASP E 214 15.94 -48.73 11.21
C ASP E 214 15.32 -48.05 9.99
N PHE E 215 14.25 -48.66 9.53
CA PHE E 215 13.48 -48.14 8.43
C PHE E 215 12.08 -47.70 8.86
N GLY E 216 11.86 -47.45 10.15
CA GLY E 216 10.56 -46.91 10.66
C GLY E 216 9.97 -45.71 9.90
N THR E 217 10.86 -44.90 9.33
CA THR E 217 10.47 -43.75 8.55
C THR E 217 10.27 -43.97 7.07
N CYS E 218 10.77 -45.06 6.51
CA CYS E 218 10.63 -45.27 5.07
C CYS E 218 9.16 -45.35 4.71
N MET E 219 8.80 -44.59 3.68
CA MET E 219 7.44 -44.50 3.18
C MET E 219 7.49 -44.70 1.67
N LYS E 220 6.45 -45.34 1.15
CA LYS E 220 6.42 -45.70 -0.27
C LYS E 220 6.09 -44.49 -1.12
N MET E 221 6.75 -44.36 -2.27
CA MET E 221 6.52 -43.21 -3.17
C MET E 221 5.16 -43.30 -3.83
N ASP E 222 4.57 -42.12 -4.16
CA ASP E 222 3.28 -42.12 -4.85
C ASP E 222 3.67 -42.26 -6.32
N GLU E 223 2.71 -42.05 -7.24
CA GLU E 223 2.98 -42.18 -8.69
C GLU E 223 4.04 -41.23 -9.25
N THR E 224 4.03 -39.98 -8.81
CA THR E 224 5.07 -38.99 -9.21
C THR E 224 6.44 -39.25 -8.63
N GLY E 225 6.47 -39.75 -7.38
CA GLY E 225 7.72 -39.87 -6.59
C GLY E 225 7.76 -38.99 -5.33
N MET E 226 6.60 -38.50 -4.88
CA MET E 226 6.44 -37.71 -3.66
C MET E 226 5.91 -38.61 -2.52
N VAL E 227 5.65 -37.98 -1.37
CA VAL E 227 4.89 -38.60 -0.27
C VAL E 227 4.39 -37.47 0.69
N HIS E 228 3.34 -37.72 1.44
CA HIS E 228 2.45 -36.70 1.98
C HIS E 228 2.41 -36.48 3.49
N CYS E 229 3.09 -37.37 4.23
CA CYS E 229 3.29 -37.21 5.68
C CYS E 229 4.38 -36.11 5.83
N PRO E 236 16.45 -34.24 13.90
CA PRO E 236 16.32 -32.78 13.53
C PRO E 236 17.50 -32.12 12.82
N ASP E 237 18.77 -32.32 13.24
CA ASP E 237 19.96 -31.75 12.51
C ASP E 237 20.03 -32.12 11.03
N TYR E 238 19.71 -33.38 10.80
CA TYR E 238 19.77 -34.05 9.51
C TYR E 238 18.55 -33.85 8.62
N ILE E 239 17.51 -33.16 9.12
CA ILE E 239 16.29 -32.92 8.37
C ILE E 239 16.51 -31.79 7.36
N SER E 240 15.75 -31.85 6.26
CA SER E 240 15.80 -30.88 5.14
C SER E 240 14.74 -29.78 5.29
N PRO E 241 14.94 -28.61 4.65
CA PRO E 241 13.97 -27.49 4.81
C PRO E 241 12.55 -27.76 4.31
N GLU E 242 12.43 -28.34 3.11
CA GLU E 242 11.14 -28.71 2.54
C GLU E 242 10.30 -29.64 3.45
N VAL E 243 10.95 -30.58 4.15
CA VAL E 243 10.28 -31.44 5.14
C VAL E 243 9.61 -30.62 6.27
N LEU E 244 10.24 -29.51 6.65
CA LEU E 244 9.73 -28.60 7.66
C LEU E 244 8.54 -27.72 7.25
N LYS E 245 7.98 -27.85 6.02
CA LYS E 245 6.91 -27.00 5.49
C LYS E 245 5.71 -27.78 4.94
N SER E 246 5.96 -29.00 4.48
CA SER E 246 4.96 -30.07 4.48
C SER E 246 4.37 -30.31 5.87
N GLN E 247 5.27 -30.42 6.88
CA GLN E 247 4.85 -30.79 8.25
C GLN E 247 3.96 -29.76 8.95
N GLY E 248 3.84 -28.54 8.38
CA GLY E 248 2.70 -27.64 8.65
C GLY E 248 1.85 -27.31 7.43
N GLY E 249 0.99 -28.24 6.98
CA GLY E 249 0.14 -28.07 5.78
C GLY E 249 0.65 -28.73 4.50
N ASP E 250 1.47 -28.02 3.71
CA ASP E 250 1.72 -28.30 2.24
C ASP E 250 2.41 -29.66 1.88
N GLY E 251 1.75 -30.75 2.26
CA GLY E 251 2.38 -32.06 2.44
C GLY E 251 2.80 -32.80 1.17
N PHE E 252 3.90 -32.36 0.53
CA PHE E 252 4.49 -33.09 -0.62
C PHE E 252 5.99 -32.89 -0.76
N TYR E 253 6.79 -33.95 -0.52
CA TYR E 253 8.28 -33.95 -0.71
C TYR E 253 8.80 -35.27 -1.32
N GLY E 254 9.88 -35.13 -2.11
CA GLY E 254 10.48 -36.23 -2.88
C GLY E 254 11.81 -36.75 -2.34
N ARG E 255 12.47 -37.57 -3.18
CA ARG E 255 13.69 -38.30 -2.80
C ARG E 255 14.90 -37.43 -2.45
N GLU E 256 14.98 -36.27 -3.10
CA GLU E 256 16.05 -35.30 -2.86
C GLU E 256 16.32 -34.96 -1.38
N CYS E 257 15.30 -35.08 -0.51
CA CYS E 257 15.48 -34.88 0.95
C CYS E 257 16.41 -35.87 1.65
N ASP E 258 16.58 -37.05 1.08
CA ASP E 258 17.59 -38.00 1.54
C ASP E 258 18.98 -37.46 1.22
N TRP E 259 19.14 -36.94 0.01
CA TRP E 259 20.43 -36.40 -0.42
C TRP E 259 20.91 -35.17 0.38
N TRP E 260 19.99 -34.35 0.87
CA TRP E 260 20.30 -33.30 1.87
C TRP E 260 21.04 -33.92 3.05
N SER E 261 20.43 -34.94 3.62
CA SER E 261 20.94 -35.61 4.80
C SER E 261 22.35 -36.22 4.59
N VAL E 262 22.68 -36.53 3.34
CA VAL E 262 24.02 -37.00 2.97
C VAL E 262 25.04 -35.87 3.08
N GLY E 263 24.72 -34.71 2.52
CA GLY E 263 25.51 -33.50 2.74
C GLY E 263 25.80 -33.22 4.22
N VAL E 264 24.75 -33.24 5.03
CA VAL E 264 24.86 -33.02 6.50
C VAL E 264 25.84 -34.03 7.14
N PHE E 265 25.76 -35.27 6.69
CA PHE E 265 26.59 -36.36 7.18
C PHE E 265 28.06 -36.14 6.87
N LEU E 266 28.32 -35.82 5.62
CA LEU E 266 29.67 -35.57 5.16
C LEU E 266 30.32 -34.45 5.96
N TYR E 267 29.57 -33.35 6.11
CA TYR E 267 29.97 -32.24 6.98
C TYR E 267 30.32 -32.69 8.42
N GLU E 268 29.41 -33.42 9.09
CA GLU E 268 29.68 -33.88 10.46
C GLU E 268 30.95 -34.72 10.56
N MET E 269 31.24 -35.50 9.52
CA MET E 269 32.46 -36.32 9.49
C MET E 269 33.73 -35.50 9.39
N LEU E 270 33.71 -34.56 8.46
CA LEU E 270 34.89 -33.73 8.18
C LEU E 270 35.12 -32.61 9.19
N VAL E 271 34.06 -31.89 9.56
CA VAL E 271 34.14 -30.78 10.49
C VAL E 271 34.27 -31.29 11.91
N GLY E 272 33.26 -32.05 12.35
CA GLY E 272 33.20 -32.57 13.73
C GLY E 272 31.85 -32.33 14.38
N ASP E 273 31.28 -31.14 14.14
CA ASP E 273 29.89 -30.84 14.48
C ASP E 273 28.97 -30.88 13.27
N THR E 274 27.66 -30.94 13.54
CA THR E 274 26.62 -30.82 12.50
C THR E 274 26.59 -29.36 12.03
N PRO E 275 26.26 -29.12 10.76
CA PRO E 275 26.31 -27.75 10.22
C PRO E 275 25.20 -26.79 10.66
N PHE E 276 24.17 -27.27 11.36
CA PHE E 276 23.14 -26.40 11.92
C PHE E 276 22.94 -26.68 13.40
N TYR E 277 24.04 -26.93 14.12
CA TYR E 277 24.00 -27.18 15.55
C TYR E 277 23.44 -25.95 16.26
N ALA E 278 22.70 -26.20 17.33
CA ALA E 278 22.25 -25.13 18.22
C ALA E 278 22.02 -25.71 19.61
N ASP E 279 21.77 -24.84 20.57
CA ASP E 279 21.56 -25.22 21.97
C ASP E 279 20.14 -25.79 21.99
N SER E 280 19.19 -24.95 21.59
CA SER E 280 17.81 -25.33 21.42
C SER E 280 17.61 -26.07 20.10
N LEU E 281 16.43 -26.69 20.00
CA LEU E 281 15.98 -27.30 18.75
C LEU E 281 15.47 -26.23 17.83
N VAL E 282 14.64 -25.32 18.37
CA VAL E 282 14.15 -24.14 17.63
C VAL E 282 15.28 -23.38 16.89
N GLY E 283 16.46 -23.31 17.53
CA GLY E 283 17.65 -22.72 16.95
C GLY E 283 18.09 -23.45 15.69
N THR E 284 18.21 -24.78 15.83
CA THR E 284 18.54 -25.67 14.71
C THR E 284 17.57 -25.47 13.54
N TYR E 285 16.28 -25.51 13.82
CA TYR E 285 15.23 -25.31 12.79
C TYR E 285 15.47 -24.02 12.05
N SER E 286 15.59 -22.93 12.82
CA SER E 286 15.77 -21.58 12.27
C SER E 286 16.98 -21.49 11.34
N LYS E 287 18.07 -22.16 11.76
CA LYS E 287 19.31 -22.24 10.98
C LYS E 287 19.12 -22.99 9.67
N ILE E 288 18.45 -24.15 9.74
CA ILE E 288 18.18 -24.97 8.54
C ILE E 288 17.43 -24.15 7.50
N MET E 289 16.38 -23.46 7.92
CA MET E 289 15.59 -22.56 7.03
C MET E 289 16.46 -21.50 6.37
N ASP E 290 17.30 -20.89 7.19
CA ASP E 290 18.24 -19.85 6.77
C ASP E 290 19.53 -20.40 6.09
N HIS E 291 19.57 -21.69 5.72
CA HIS E 291 20.79 -22.38 5.25
C HIS E 291 21.68 -21.62 4.28
N LYS E 292 21.06 -20.86 3.38
CA LYS E 292 21.75 -19.95 2.45
C LYS E 292 22.77 -19.05 3.16
N ASN E 293 22.39 -18.51 4.32
CA ASN E 293 23.27 -17.69 5.17
C ASN E 293 23.97 -18.48 6.28
N SER E 294 23.22 -19.36 6.95
CA SER E 294 23.70 -20.03 8.18
C SER E 294 24.76 -21.14 8.00
N LEU E 295 25.05 -21.53 6.76
CA LEU E 295 26.13 -22.47 6.48
C LEU E 295 27.41 -21.72 6.16
N CYS E 296 28.39 -21.79 7.05
CA CYS E 296 29.79 -21.49 6.70
C CYS E 296 30.65 -22.60 7.27
N PHE E 297 31.82 -22.80 6.69
CA PHE E 297 32.79 -23.82 7.10
C PHE E 297 33.81 -23.22 8.06
N PRO E 298 33.95 -23.78 9.28
CA PRO E 298 34.98 -23.31 10.18
C PRO E 298 36.35 -23.16 9.52
N GLU E 299 36.97 -21.98 9.70
CA GLU E 299 38.26 -21.69 9.07
C GLU E 299 39.40 -22.54 9.61
N ASP E 300 39.29 -23.04 10.86
CA ASP E 300 40.25 -24.01 11.40
C ASP E 300 40.23 -25.39 10.73
N ALA E 301 39.10 -25.78 10.11
CA ALA E 301 38.93 -27.11 9.51
C ALA E 301 39.64 -27.28 8.18
N GLU E 302 40.34 -28.42 8.03
CA GLU E 302 41.03 -28.77 6.75
C GLU E 302 40.09 -29.59 5.93
N ILE E 303 39.50 -29.05 4.86
CA ILE E 303 38.59 -29.69 3.94
C ILE E 303 38.90 -29.22 2.50
N SER E 304 38.82 -30.14 1.55
CA SER E 304 39.20 -29.87 0.18
C SER E 304 38.15 -29.03 -0.54
N LYS E 305 38.51 -28.49 -1.72
CA LYS E 305 37.57 -27.64 -2.46
C LYS E 305 36.46 -28.52 -2.97
N HIS E 306 36.85 -29.62 -3.62
CA HIS E 306 35.93 -30.68 -4.08
C HIS E 306 34.91 -31.08 -2.99
N ALA E 307 35.41 -31.37 -1.80
CA ALA E 307 34.56 -31.74 -0.67
C ALA E 307 33.63 -30.62 -0.21
N LYS E 308 34.17 -29.41 -0.10
CA LYS E 308 33.36 -28.19 0.14
C LYS E 308 32.24 -28.08 -0.89
N ASN E 309 32.65 -28.15 -2.16
CA ASN E 309 31.76 -27.97 -3.32
C ASN E 309 30.60 -28.98 -3.23
N LEU E 310 30.93 -30.26 -3.04
CA LEU E 310 29.94 -31.33 -2.92
C LEU E 310 28.90 -31.14 -1.81
N ILE E 311 29.36 -30.70 -0.65
CA ILE E 311 28.46 -30.42 0.48
C ILE E 311 27.46 -29.31 0.11
N CYS E 312 27.97 -28.27 -0.52
CA CYS E 312 27.13 -27.16 -0.98
C CYS E 312 26.15 -27.58 -2.05
N ALA E 313 26.55 -28.53 -2.90
CA ALA E 313 25.66 -29.09 -3.92
C ALA E 313 24.48 -29.89 -3.35
N PHE E 314 24.70 -30.56 -2.20
CA PHE E 314 23.60 -31.22 -1.47
C PHE E 314 22.77 -30.27 -0.62
N LEU E 315 23.38 -29.23 -0.07
CA LEU E 315 22.69 -28.29 0.82
C LEU E 315 22.21 -27.00 0.10
N THR E 316 21.44 -27.18 -0.97
CA THR E 316 20.70 -26.11 -1.66
C THR E 316 19.22 -26.34 -1.42
N ASP E 317 18.42 -25.42 -1.97
CA ASP E 317 16.97 -25.63 -2.13
C ASP E 317 16.71 -26.83 -3.04
N ARG E 318 15.62 -27.53 -2.71
CA ARG E 318 15.17 -28.75 -3.39
C ARG E 318 15.25 -28.74 -4.92
N GLU E 319 14.88 -27.61 -5.53
CA GLU E 319 14.67 -27.46 -6.97
C GLU E 319 15.95 -27.66 -7.79
N VAL E 320 17.12 -27.33 -7.21
CA VAL E 320 18.43 -27.50 -7.88
C VAL E 320 19.42 -28.34 -7.03
N ARG E 321 18.92 -29.15 -6.11
CA ARG E 321 19.75 -30.04 -5.30
C ARG E 321 20.27 -31.22 -6.12
N LEU E 322 21.44 -31.71 -5.73
CA LEU E 322 22.12 -32.80 -6.43
C LEU E 322 21.42 -34.13 -6.13
N GLY E 323 21.19 -34.96 -7.15
CA GLY E 323 20.46 -36.23 -7.00
C GLY E 323 18.98 -36.21 -7.34
N ARG E 324 18.44 -35.02 -7.62
CA ARG E 324 17.17 -34.90 -8.34
C ARG E 324 17.21 -35.68 -9.62
N ASN E 325 18.22 -35.39 -10.43
CA ASN E 325 18.38 -35.94 -11.79
C ASN E 325 19.19 -37.23 -11.71
N GLY E 326 18.67 -38.17 -10.93
CA GLY E 326 19.31 -39.44 -10.70
C GLY E 326 20.60 -39.43 -9.89
N VAL E 327 21.00 -40.64 -9.54
CA VAL E 327 22.24 -40.88 -8.80
C VAL E 327 23.53 -40.54 -9.58
N GLU E 328 23.51 -40.65 -10.91
CA GLU E 328 24.75 -40.62 -11.69
C GLU E 328 25.55 -39.34 -11.59
N GLU E 329 24.86 -38.20 -11.58
CA GLU E 329 25.54 -36.88 -11.39
C GLU E 329 26.31 -36.78 -10.07
N ILE E 330 25.81 -37.42 -8.99
CA ILE E 330 26.56 -37.58 -7.73
C ILE E 330 27.83 -38.41 -7.96
N ARG E 331 27.68 -39.56 -8.60
CA ARG E 331 28.77 -40.53 -8.72
C ARG E 331 29.98 -39.99 -9.48
N GLN E 332 29.76 -39.14 -10.49
CA GLN E 332 30.86 -38.56 -11.27
C GLN E 332 31.46 -37.27 -10.66
N HIS E 333 30.83 -36.69 -9.62
CA HIS E 333 31.41 -35.58 -8.87
C HIS E 333 32.88 -35.84 -8.48
N PRO E 334 33.78 -34.85 -8.70
CA PRO E 334 35.23 -35.12 -8.65
C PRO E 334 35.76 -35.60 -7.30
N PHE E 335 35.24 -35.03 -6.21
CA PHE E 335 35.43 -35.52 -4.85
C PHE E 335 35.69 -37.01 -4.71
N PHE E 336 34.84 -37.81 -5.35
CA PHE E 336 34.94 -39.28 -5.25
C PHE E 336 36.11 -39.96 -5.96
N LYS E 337 36.84 -39.22 -6.81
CA LYS E 337 38.08 -39.75 -7.40
C LYS E 337 39.10 -40.07 -6.31
N ASN E 338 39.39 -41.38 -6.20
CA ASN E 338 40.62 -41.91 -5.60
C ASN E 338 41.18 -43.08 -6.39
N ASP E 339 42.39 -43.47 -6.05
CA ASP E 339 43.05 -44.67 -6.60
C ASP E 339 43.04 -45.70 -5.46
N GLN E 340 41.82 -46.01 -4.99
CA GLN E 340 41.57 -46.97 -3.91
C GLN E 340 40.40 -47.89 -4.28
N TRP E 341 39.25 -47.31 -4.66
CA TRP E 341 38.08 -48.07 -5.09
C TRP E 341 37.38 -47.47 -6.31
N HIS E 342 36.52 -48.29 -6.94
CA HIS E 342 35.61 -47.91 -8.03
C HIS E 342 34.19 -48.16 -7.53
N TRP E 343 33.21 -47.54 -8.17
CA TRP E 343 31.81 -47.63 -7.72
C TRP E 343 31.20 -49.04 -7.72
N ASP E 344 31.49 -49.78 -8.78
CA ASP E 344 31.08 -51.20 -8.94
C ASP E 344 31.65 -52.19 -7.93
N ASN E 345 32.83 -51.87 -7.36
CA ASN E 345 33.54 -52.78 -6.42
C ASN E 345 33.82 -52.26 -5.00
N ILE E 346 33.31 -51.08 -4.64
CA ILE E 346 33.64 -50.45 -3.35
C ILE E 346 33.46 -51.38 -2.15
N ARG E 347 32.33 -52.10 -2.12
CA ARG E 347 31.97 -52.93 -0.96
C ARG E 347 32.84 -54.18 -0.83
N GLU E 348 33.55 -54.52 -1.89
CA GLU E 348 34.44 -55.67 -1.91
C GLU E 348 35.92 -55.22 -1.72
N THR E 349 36.17 -53.93 -1.44
CA THR E 349 37.51 -53.42 -1.03
C THR E 349 37.70 -53.43 0.49
N ALA E 350 38.90 -53.09 0.96
CA ALA E 350 39.17 -53.06 2.39
C ALA E 350 38.59 -51.81 3.01
N ALA E 351 37.85 -51.97 4.09
CA ALA E 351 37.25 -50.85 4.79
C ALA E 351 38.33 -50.10 5.57
N PRO E 352 38.13 -48.79 5.80
CA PRO E 352 38.93 -47.96 6.71
C PRO E 352 39.16 -48.50 8.11
N VAL E 353 38.11 -48.99 8.75
CA VAL E 353 38.17 -49.50 10.12
C VAL E 353 37.48 -50.84 10.11
N VAL E 354 38.28 -51.89 10.14
CA VAL E 354 37.83 -53.26 10.38
C VAL E 354 37.82 -53.41 11.89
N PRO E 355 36.69 -53.85 12.47
CA PRO E 355 36.67 -54.03 13.92
C PRO E 355 37.44 -55.29 14.30
N GLU E 356 38.09 -55.25 15.46
CA GLU E 356 38.75 -56.40 16.07
C GLU E 356 37.84 -56.81 17.20
N LEU E 357 37.37 -58.05 17.18
CA LEU E 357 36.33 -58.49 18.13
C LEU E 357 36.78 -59.68 18.95
N SER E 358 36.53 -59.62 20.25
CA SER E 358 37.05 -60.59 21.22
C SER E 358 36.37 -61.97 21.14
N SER E 359 35.04 -61.96 20.98
CA SER E 359 34.18 -63.12 20.90
C SER E 359 33.09 -62.92 19.85
N ASP E 360 32.22 -63.92 19.68
CA ASP E 360 31.01 -63.74 18.88
C ASP E 360 29.91 -62.82 19.49
N ILE E 361 30.15 -62.28 20.70
CA ILE E 361 29.25 -61.36 21.40
C ILE E 361 29.87 -60.02 21.87
N ASP E 362 30.98 -59.62 21.25
CA ASP E 362 31.62 -58.37 21.59
C ASP E 362 30.78 -57.19 21.06
N SER E 363 30.07 -56.58 22.00
CA SER E 363 29.29 -55.38 21.73
C SER E 363 30.03 -54.12 22.20
N SER E 364 31.36 -54.13 22.09
CA SER E 364 32.17 -52.99 22.52
C SER E 364 31.87 -51.74 21.70
N ASN E 365 31.47 -51.92 20.43
CA ASN E 365 31.08 -50.79 19.61
C ASN E 365 29.61 -50.31 19.82
N PHE E 366 29.00 -50.73 20.93
CA PHE E 366 27.69 -50.27 21.36
C PHE E 366 27.77 -49.82 22.78
N ASP E 367 27.21 -48.64 23.04
CA ASP E 367 27.18 -48.07 24.37
C ASP E 367 26.19 -48.88 25.18
N ASP E 368 26.40 -48.93 26.48
CA ASP E 368 25.46 -49.64 27.41
C ASP E 368 24.14 -48.91 27.49
N ILE E 369 23.11 -49.58 28.03
CA ILE E 369 21.73 -49.01 28.08
C ILE E 369 21.05 -49.16 29.48
N GLU E 370 20.20 -48.18 29.82
CA GLU E 370 19.42 -48.07 31.10
C GLU E 370 17.99 -48.56 30.89
N ASP E 371 17.18 -48.66 31.96
CA ASP E 371 15.73 -48.97 31.86
C ASP E 371 14.87 -47.73 32.17
N VAL E 376 6.73 -52.28 30.49
CA VAL E 376 5.61 -51.66 29.80
C VAL E 376 4.24 -52.33 30.17
N GLU E 377 3.33 -51.55 30.70
CA GLU E 377 1.90 -51.81 30.73
C GLU E 377 1.33 -52.43 29.44
N THR E 378 0.53 -53.47 29.62
CA THR E 378 -0.14 -54.21 28.55
C THR E 378 -1.60 -53.73 28.44
N PHE E 379 -2.38 -54.38 27.56
CA PHE E 379 -3.78 -54.01 27.32
C PHE E 379 -4.72 -54.29 28.49
N PRO E 380 -5.86 -53.55 28.57
CA PRO E 380 -6.89 -53.97 29.53
C PRO E 380 -7.49 -55.30 29.12
N ILE E 381 -7.81 -56.19 30.06
CA ILE E 381 -8.74 -57.29 29.78
C ILE E 381 -10.03 -56.60 29.33
N PRO E 382 -10.53 -56.95 28.13
CA PRO E 382 -11.72 -56.26 27.68
C PRO E 382 -13.01 -56.94 28.18
N LYS E 383 -14.09 -56.19 28.03
CA LYS E 383 -15.41 -56.63 28.43
C LYS E 383 -16.03 -57.26 27.17
N ALA E 384 -16.11 -56.47 26.08
CA ALA E 384 -16.50 -56.95 24.73
C ALA E 384 -15.25 -57.32 23.86
N PHE E 385 -15.47 -57.74 22.61
CA PHE E 385 -14.36 -58.01 21.65
C PHE E 385 -13.73 -56.73 21.15
N VAL E 386 -12.41 -56.76 21.01
CA VAL E 386 -11.58 -55.55 20.80
C VAL E 386 -10.68 -55.61 19.58
N GLY E 387 -10.05 -56.77 19.35
CA GLY E 387 -9.24 -57.00 18.17
C GLY E 387 -7.90 -56.29 18.19
N ASN E 388 -7.20 -56.38 19.31
CA ASN E 388 -5.89 -55.73 19.43
C ASN E 388 -4.83 -56.36 18.57
N GLN E 389 -4.91 -57.67 18.39
CA GLN E 389 -3.97 -58.40 17.55
C GLN E 389 -4.19 -58.31 16.03
N LEU E 390 -5.28 -57.71 15.58
CA LEU E 390 -5.61 -57.66 14.17
C LEU E 390 -4.62 -56.92 13.27
N PRO E 391 -4.03 -55.79 13.73
CA PRO E 391 -3.12 -55.14 12.82
C PRO E 391 -1.73 -55.82 12.75
N PHE E 392 -1.50 -56.88 13.53
CA PHE E 392 -0.27 -57.72 13.48
C PHE E 392 -0.39 -59.09 12.80
N ILE E 393 -1.50 -59.33 12.10
CA ILE E 393 -1.67 -60.57 11.34
C ILE E 393 -0.89 -60.40 10.07
N GLY E 394 0.00 -61.36 9.83
CA GLY E 394 0.83 -61.45 8.62
C GLY E 394 2.27 -61.11 8.87
N PHE E 395 2.58 -60.67 10.09
CA PHE E 395 3.91 -60.22 10.42
C PHE E 395 4.89 -61.36 10.35
N THR E 396 4.51 -62.49 10.93
CA THR E 396 5.40 -63.63 11.10
C THR E 396 5.98 -64.04 9.78
N TYR E 397 7.29 -64.29 9.77
CA TYR E 397 8.06 -64.67 8.58
C TYR E 397 9.21 -65.58 9.00
N TYR E 398 9.29 -66.79 8.43
CA TYR E 398 10.46 -67.66 8.55
C TYR E 398 11.12 -67.64 7.17
N ARG E 399 12.41 -67.34 7.13
CA ARG E 399 13.18 -67.31 5.88
C ARG E 399 13.47 -68.78 5.55
N SER F 7 -73.52 -56.63 7.16
CA SER F 7 -74.32 -55.59 7.91
C SER F 7 -73.86 -54.10 7.81
N ARG F 8 -74.85 -53.23 7.98
CA ARG F 8 -74.64 -51.80 8.15
C ARG F 8 -74.29 -51.47 9.60
N GLN F 9 -74.99 -52.08 10.56
CA GLN F 9 -74.78 -51.82 11.98
C GLN F 9 -73.43 -52.18 12.58
N ARG F 10 -72.58 -52.94 11.86
CA ARG F 10 -71.15 -52.94 12.19
C ARG F 10 -70.53 -51.58 11.87
N LYS F 11 -70.75 -51.12 10.62
CA LYS F 11 -70.18 -49.83 10.13
C LYS F 11 -70.54 -48.65 11.01
N LEU F 12 -71.79 -48.67 11.48
CA LEU F 12 -72.33 -47.64 12.37
C LEU F 12 -71.63 -47.65 13.71
N GLU F 13 -71.56 -48.82 14.35
CA GLU F 13 -70.85 -48.99 15.63
C GLU F 13 -69.33 -48.72 15.53
N ALA F 14 -68.75 -48.82 14.34
CA ALA F 14 -67.38 -48.37 14.09
C ALA F 14 -67.23 -46.86 14.33
N LEU F 15 -68.09 -46.10 13.65
CA LEU F 15 -68.13 -44.63 13.77
C LEU F 15 -68.32 -44.09 15.19
N ILE F 16 -69.07 -44.82 15.99
CA ILE F 16 -69.32 -44.44 17.37
C ILE F 16 -68.11 -44.75 18.26
N ARG F 17 -67.35 -45.80 17.93
CA ARG F 17 -66.16 -46.19 18.73
C ARG F 17 -64.87 -45.41 18.39
N ASP F 18 -64.75 -44.89 17.16
CA ASP F 18 -63.60 -44.08 16.76
C ASP F 18 -63.59 -42.70 17.49
N PRO F 19 -62.58 -42.41 18.34
CA PRO F 19 -62.59 -41.12 19.06
C PRO F 19 -62.20 -39.90 18.19
N ARG F 20 -61.60 -40.14 17.03
CA ARG F 20 -61.42 -39.12 15.99
C ARG F 20 -62.79 -38.73 15.33
N SER F 21 -63.80 -39.60 15.39
CA SER F 21 -65.11 -39.34 14.77
C SER F 21 -65.97 -38.33 15.57
N PRO F 22 -66.70 -37.45 14.83
CA PRO F 22 -67.52 -36.40 15.43
C PRO F 22 -68.79 -36.85 16.14
N ILE F 23 -69.10 -38.13 16.03
CA ILE F 23 -70.20 -38.76 16.74
C ILE F 23 -69.69 -39.92 17.58
N ASN F 24 -68.51 -39.77 18.20
CA ASN F 24 -68.18 -40.63 19.32
C ASN F 24 -69.17 -40.37 20.48
N VAL F 25 -69.12 -41.20 21.48
CA VAL F 25 -70.07 -41.10 22.58
C VAL F 25 -69.93 -39.74 23.31
N GLU F 26 -68.70 -39.23 23.45
CA GLU F 26 -68.49 -37.94 24.12
C GLU F 26 -69.20 -36.82 23.39
N SER F 27 -69.04 -36.80 22.05
CA SER F 27 -69.74 -35.85 21.16
C SER F 27 -71.25 -35.88 21.22
N LEU F 28 -71.81 -37.06 21.37
CA LEU F 28 -73.26 -37.23 21.40
C LEU F 28 -73.86 -36.70 22.72
N LEU F 29 -73.13 -36.92 23.80
CA LEU F 29 -73.44 -36.32 25.10
C LEU F 29 -73.26 -34.82 25.20
N ASP F 30 -72.29 -34.31 24.44
CA ASP F 30 -72.14 -32.87 24.28
C ASP F 30 -73.42 -32.38 23.62
N GLY F 31 -73.77 -32.98 22.48
CA GLY F 31 -75.03 -32.75 21.76
C GLY F 31 -76.29 -32.70 22.62
N LEU F 32 -76.35 -33.56 23.62
CA LEU F 32 -77.41 -33.49 24.62
C LEU F 32 -77.27 -32.33 25.59
N ASN F 33 -76.10 -32.18 26.22
CA ASN F 33 -75.91 -31.08 27.21
C ASN F 33 -76.06 -29.71 26.54
N SER F 34 -75.44 -29.56 25.37
CA SER F 34 -75.60 -28.37 24.51
C SER F 34 -77.05 -28.02 24.22
N LEU F 35 -77.84 -29.03 23.90
CA LEU F 35 -79.26 -28.83 23.62
C LEU F 35 -79.99 -28.28 24.83
N VAL F 36 -79.89 -28.98 25.94
CA VAL F 36 -80.51 -28.54 27.21
C VAL F 36 -80.14 -27.10 27.61
N LEU F 37 -78.85 -26.76 27.52
CA LEU F 37 -78.37 -25.44 27.95
C LEU F 37 -78.93 -24.32 27.11
N ASP F 38 -78.99 -24.54 25.79
CA ASP F 38 -79.59 -23.57 24.86
C ASP F 38 -81.12 -23.46 24.88
N LEU F 39 -81.80 -24.38 25.59
CA LEU F 39 -83.25 -24.36 25.82
C LEU F 39 -83.72 -24.00 27.22
N ASP F 40 -83.07 -24.48 28.29
CA ASP F 40 -83.57 -24.26 29.69
C ASP F 40 -83.45 -22.77 30.09
N PHE F 41 -84.47 -22.03 29.68
CA PHE F 41 -84.71 -20.65 30.08
C PHE F 41 -86.20 -20.55 30.23
N PRO F 42 -86.70 -19.95 31.35
CA PRO F 42 -88.16 -19.91 31.50
C PRO F 42 -88.93 -19.31 30.27
N ALA F 43 -88.27 -18.43 29.53
CA ALA F 43 -88.77 -17.89 28.24
C ALA F 43 -89.16 -18.95 27.19
N LEU F 44 -88.28 -19.92 26.96
CA LEU F 44 -88.43 -20.90 25.88
C LEU F 44 -89.30 -22.10 26.27
N ARG F 45 -89.30 -22.44 27.56
CA ARG F 45 -90.26 -23.40 28.15
C ARG F 45 -91.76 -23.02 28.01
N LYS F 46 -92.07 -21.82 27.50
CA LYS F 46 -93.42 -21.49 27.02
C LYS F 46 -93.87 -22.40 25.87
N ASN F 47 -92.94 -22.79 24.99
CA ASN F 47 -93.15 -23.91 24.06
C ASN F 47 -93.24 -25.24 24.85
N LYS F 48 -94.36 -25.94 24.67
CA LYS F 48 -94.69 -27.17 25.38
C LYS F 48 -93.70 -28.31 25.02
N ASN F 49 -93.44 -28.50 23.71
CA ASN F 49 -92.45 -29.46 23.16
C ASN F 49 -91.14 -29.51 23.93
N ILE F 50 -90.62 -28.30 24.14
CA ILE F 50 -89.42 -28.05 24.90
C ILE F 50 -89.62 -28.49 26.36
N ASP F 51 -90.54 -27.83 27.06
CA ASP F 51 -90.82 -28.14 28.47
C ASP F 51 -91.00 -29.66 28.78
N ASN F 52 -91.66 -30.41 27.88
CA ASN F 52 -91.84 -31.87 28.02
C ASN F 52 -90.52 -32.56 28.00
N PHE F 53 -89.77 -32.25 26.93
CA PHE F 53 -88.48 -32.83 26.67
C PHE F 53 -87.55 -32.56 27.85
N LEU F 54 -87.48 -31.29 28.24
CA LEU F 54 -86.68 -30.88 29.40
C LEU F 54 -87.08 -31.62 30.68
N ASN F 55 -88.38 -31.73 30.95
CA ASN F 55 -88.83 -32.46 32.14
C ASN F 55 -88.45 -33.94 32.16
N ARG F 56 -88.42 -34.58 30.98
CA ARG F 56 -87.89 -35.94 30.85
C ARG F 56 -86.40 -36.01 31.20
N TYR F 57 -85.60 -35.30 30.42
CA TYR F 57 -84.15 -35.34 30.58
C TYR F 57 -83.55 -34.60 31.81
N GLU F 58 -84.27 -33.60 32.36
CA GLU F 58 -83.94 -32.89 33.62
C GLU F 58 -83.12 -33.73 34.60
N LYS F 59 -83.71 -34.88 34.97
CA LYS F 59 -83.19 -35.73 36.04
C LYS F 59 -81.89 -36.39 35.58
N ILE F 60 -81.94 -37.09 34.45
CA ILE F 60 -80.73 -37.77 33.92
C ILE F 60 -79.54 -36.83 33.64
N VAL F 61 -79.81 -35.64 33.09
CA VAL F 61 -78.75 -34.67 32.80
C VAL F 61 -78.06 -34.17 34.06
N LYS F 62 -78.83 -33.90 35.11
CA LYS F 62 -78.24 -33.52 36.40
C LYS F 62 -77.36 -34.63 37.00
N LYS F 63 -77.69 -35.90 36.73
CA LYS F 63 -76.80 -37.02 37.09
C LYS F 63 -75.47 -37.06 36.30
N ILE F 64 -75.58 -37.05 34.97
CA ILE F 64 -74.46 -36.94 33.99
C ILE F 64 -73.40 -35.91 34.36
N ARG F 65 -73.87 -34.72 34.74
CA ARG F 65 -72.98 -33.62 35.09
C ARG F 65 -72.13 -33.93 36.30
N GLY F 66 -72.75 -34.56 37.29
CA GLY F 66 -72.05 -35.11 38.45
C GLY F 66 -70.91 -36.03 38.08
N LEU F 67 -71.16 -36.93 37.14
CA LEU F 67 -70.20 -37.97 36.75
C LEU F 67 -69.12 -37.50 35.78
N GLN F 68 -69.50 -36.70 34.81
CA GLN F 68 -68.54 -36.17 33.84
C GLN F 68 -67.51 -35.28 34.50
N MET F 69 -66.36 -35.18 33.84
CA MET F 69 -65.27 -34.35 34.31
C MET F 69 -65.73 -32.92 34.28
N LYS F 70 -65.37 -32.19 35.32
CA LYS F 70 -65.74 -30.79 35.49
C LYS F 70 -64.67 -30.03 36.26
N ALA F 71 -64.72 -28.72 36.18
CA ALA F 71 -63.75 -27.85 36.83
C ALA F 71 -63.62 -28.00 38.37
N GLU F 72 -64.72 -28.34 39.05
CA GLU F 72 -64.70 -28.61 40.52
C GLU F 72 -63.95 -29.91 40.87
N ASP F 73 -63.64 -30.76 39.89
CA ASP F 73 -62.73 -31.90 40.11
C ASP F 73 -61.27 -31.49 40.38
N TYR F 74 -60.90 -30.28 39.99
CA TYR F 74 -59.53 -29.73 40.15
C TYR F 74 -59.43 -28.57 41.13
N ASP F 75 -58.29 -28.49 41.83
CA ASP F 75 -57.90 -27.33 42.67
C ASP F 75 -56.94 -26.48 41.88
N VAL F 76 -57.20 -25.17 41.81
CA VAL F 76 -56.29 -24.22 41.13
C VAL F 76 -55.20 -23.81 42.10
N VAL F 77 -53.96 -23.91 41.66
CA VAL F 77 -52.78 -23.66 42.49
C VAL F 77 -52.26 -22.26 42.24
N LYS F 78 -51.94 -21.98 40.98
CA LYS F 78 -51.53 -20.64 40.54
C LYS F 78 -51.97 -20.47 39.10
N VAL F 79 -52.20 -19.24 38.69
CA VAL F 79 -52.35 -18.89 37.25
C VAL F 79 -50.94 -18.58 36.69
N ILE F 80 -50.64 -19.21 35.55
CA ILE F 80 -49.29 -19.24 34.97
C ILE F 80 -49.19 -18.77 33.51
N GLY F 81 -50.31 -18.30 32.97
CA GLY F 81 -50.40 -17.88 31.57
C GLY F 81 -51.69 -17.09 31.41
N ARG F 82 -51.66 -16.17 30.46
CA ARG F 82 -52.86 -15.45 30.06
C ARG F 82 -52.72 -15.27 28.57
N GLY F 83 -53.86 -15.43 27.87
CA GLY F 83 -53.90 -15.28 26.42
C GLY F 83 -55.20 -14.66 25.98
N ALA F 84 -55.30 -14.51 24.66
CA ALA F 84 -56.41 -13.79 24.03
C ALA F 84 -57.79 -14.12 24.64
N PHE F 85 -58.13 -15.41 24.63
CA PHE F 85 -59.46 -15.85 25.03
C PHE F 85 -59.50 -16.59 26.39
N GLY F 86 -58.44 -16.59 27.17
CA GLY F 86 -58.54 -17.05 28.57
C GLY F 86 -57.24 -17.04 29.34
N GLU F 87 -57.03 -18.11 30.14
CA GLU F 87 -55.83 -18.31 30.96
C GLU F 87 -55.37 -19.75 31.07
N VAL F 88 -54.15 -19.94 31.56
CA VAL F 88 -53.56 -21.25 31.84
C VAL F 88 -53.32 -21.35 33.33
N GLN F 89 -53.83 -22.44 33.93
CA GLN F 89 -53.81 -22.70 35.36
C GLN F 89 -52.96 -23.92 35.67
N LEU F 90 -52.14 -23.82 36.71
CA LEU F 90 -51.55 -24.99 37.34
C LEU F 90 -52.61 -25.54 38.26
N VAL F 91 -52.91 -26.84 38.13
CA VAL F 91 -54.01 -27.49 38.86
C VAL F 91 -53.65 -28.87 39.40
N ARG F 92 -54.31 -29.25 40.48
CA ARG F 92 -54.21 -30.58 41.05
C ARG F 92 -55.58 -31.25 41.01
N HIS F 93 -55.64 -32.45 40.39
CA HIS F 93 -56.87 -33.28 40.36
C HIS F 93 -57.09 -33.71 41.79
N LYS F 94 -58.21 -33.31 42.38
CA LYS F 94 -58.51 -33.50 43.80
C LYS F 94 -58.47 -34.96 44.20
N ALA F 95 -59.19 -35.78 43.43
CA ALA F 95 -59.20 -37.25 43.57
C ALA F 95 -57.84 -37.91 43.38
N SER F 96 -57.30 -37.86 42.15
CA SER F 96 -56.04 -38.56 41.81
C SER F 96 -54.79 -37.94 42.41
N GLN F 97 -54.88 -36.69 42.82
CA GLN F 97 -53.75 -35.88 43.37
C GLN F 97 -52.70 -35.45 42.34
N LYS F 98 -52.88 -35.80 41.06
CA LYS F 98 -51.89 -35.50 40.02
C LYS F 98 -51.98 -34.05 39.60
N VAL F 99 -50.87 -33.53 39.09
CA VAL F 99 -50.74 -32.13 38.69
C VAL F 99 -50.72 -31.98 37.17
N TYR F 100 -51.52 -31.05 36.67
CA TYR F 100 -51.60 -30.76 35.25
C TYR F 100 -51.56 -29.27 35.02
N ALA F 101 -51.39 -28.90 33.76
CA ALA F 101 -51.61 -27.55 33.26
C ALA F 101 -52.95 -27.57 32.57
N MET F 102 -53.81 -26.61 32.89
CA MET F 102 -55.15 -26.53 32.32
C MET F 102 -55.38 -25.18 31.64
N LYS F 103 -55.70 -25.22 30.35
CA LYS F 103 -55.94 -24.04 29.54
C LYS F 103 -57.42 -23.83 29.40
N LEU F 104 -57.88 -22.63 29.71
CA LEU F 104 -59.30 -22.24 29.67
C LEU F 104 -59.59 -21.32 28.49
N LEU F 105 -60.77 -21.44 27.92
CA LEU F 105 -61.21 -20.56 26.83
C LEU F 105 -62.66 -20.13 27.08
N SER F 106 -62.87 -18.82 27.26
CA SER F 106 -64.21 -18.22 27.38
C SER F 106 -65.00 -18.49 26.12
N LYS F 107 -66.19 -19.05 26.30
CA LYS F 107 -67.09 -19.24 25.19
C LYS F 107 -67.61 -17.88 24.71
N PHE F 108 -68.08 -17.04 25.64
CA PHE F 108 -68.60 -15.70 25.28
C PHE F 108 -67.66 -14.97 24.31
N GLU F 109 -66.40 -14.84 24.74
CA GLU F 109 -65.37 -14.12 24.01
C GLU F 109 -65.11 -14.68 22.61
N MET F 110 -65.08 -16.01 22.49
CA MET F 110 -64.78 -16.65 21.21
C MET F 110 -65.86 -16.41 20.17
N ILE F 111 -67.12 -16.48 20.60
CA ILE F 111 -68.29 -16.16 19.77
C ILE F 111 -68.19 -14.70 19.40
N LYS F 112 -68.21 -13.84 20.43
CA LYS F 112 -68.16 -12.38 20.26
C LYS F 112 -67.10 -11.98 19.24
N ARG F 113 -65.85 -12.29 19.52
CA ARG F 113 -64.74 -11.95 18.61
C ARG F 113 -64.50 -13.09 17.61
N SER F 114 -65.39 -13.21 16.63
CA SER F 114 -65.55 -14.24 15.61
C SER F 114 -64.62 -15.39 15.27
N ASP F 115 -63.47 -15.50 15.93
CA ASP F 115 -62.57 -16.61 15.89
C ASP F 115 -63.05 -17.70 16.90
N SER F 116 -63.63 -18.80 16.39
CA SER F 116 -64.05 -19.92 17.25
C SER F 116 -64.00 -21.33 16.58
N ALA F 117 -62.95 -21.53 15.80
CA ALA F 117 -62.59 -22.82 15.18
C ALA F 117 -61.17 -23.30 15.51
N PHE F 118 -60.24 -22.38 15.79
CA PHE F 118 -58.85 -22.69 16.14
C PHE F 118 -58.61 -23.86 17.10
N PHE F 119 -59.48 -23.95 18.11
CA PHE F 119 -59.35 -24.98 19.16
C PHE F 119 -59.49 -26.43 18.73
N TRP F 120 -60.08 -26.68 17.57
CA TRP F 120 -60.27 -28.03 17.08
C TRP F 120 -58.93 -28.61 16.71
N GLU F 121 -58.16 -27.92 15.88
CA GLU F 121 -56.81 -28.43 15.54
C GLU F 121 -55.91 -28.49 16.79
N GLU F 122 -56.01 -27.49 17.66
CA GLU F 122 -55.19 -27.44 18.88
C GLU F 122 -55.44 -28.68 19.71
N ARG F 123 -56.71 -28.98 19.93
CA ARG F 123 -57.11 -30.15 20.70
C ARG F 123 -56.59 -31.42 20.03
N ASP F 124 -56.93 -31.60 18.76
CA ASP F 124 -56.52 -32.78 17.99
C ASP F 124 -55.02 -33.01 17.98
N ILE F 125 -54.26 -31.95 17.82
CA ILE F 125 -52.78 -32.03 17.81
C ILE F 125 -52.26 -32.58 19.14
N MET F 126 -52.68 -31.92 20.23
CA MET F 126 -52.26 -32.30 21.57
C MET F 126 -52.82 -33.66 21.99
N ALA F 127 -54.02 -34.01 21.54
CA ALA F 127 -54.62 -35.31 21.86
C ALA F 127 -53.94 -36.46 21.18
N PHE F 128 -53.60 -36.29 19.89
CA PHE F 128 -53.30 -37.39 18.96
C PHE F 128 -51.94 -37.37 18.25
N ALA F 129 -50.99 -36.57 18.68
CA ALA F 129 -49.68 -36.56 18.05
C ALA F 129 -48.81 -37.77 18.42
N ASN F 130 -49.05 -38.38 19.59
CA ASN F 130 -48.09 -39.32 20.25
C ASN F 130 -46.64 -38.95 20.02
N SER F 131 -46.39 -37.65 20.14
CA SER F 131 -45.10 -37.10 19.86
C SER F 131 -44.54 -36.58 21.15
N PRO F 132 -43.24 -36.82 21.38
CA PRO F 132 -42.63 -36.21 22.52
C PRO F 132 -42.21 -34.78 22.26
N TRP F 133 -42.42 -34.25 21.05
CA TRP F 133 -42.29 -32.81 20.80
C TRP F 133 -43.56 -32.02 21.03
N VAL F 134 -44.70 -32.69 21.26
CA VAL F 134 -45.97 -32.00 21.51
C VAL F 134 -46.39 -32.24 22.93
N VAL F 135 -46.90 -31.18 23.54
CA VAL F 135 -47.49 -31.26 24.86
C VAL F 135 -48.73 -32.10 24.73
N GLN F 136 -48.75 -33.24 25.43
CA GLN F 136 -49.91 -34.15 25.36
C GLN F 136 -51.13 -33.62 26.11
N LEU F 137 -52.30 -33.77 25.48
CA LEU F 137 -53.61 -33.53 26.08
C LEU F 137 -54.10 -34.85 26.64
N PHE F 138 -54.57 -34.76 27.88
CA PHE F 138 -55.10 -35.87 28.64
C PHE F 138 -56.64 -35.80 28.58
N TYR F 139 -57.21 -34.68 28.97
CA TYR F 139 -58.65 -34.51 29.03
C TYR F 139 -59.03 -33.14 28.45
N ALA F 140 -60.06 -33.12 27.61
CA ALA F 140 -60.80 -31.92 27.26
C ALA F 140 -62.22 -32.08 27.79
N PHE F 141 -62.76 -31.01 28.36
CA PHE F 141 -64.16 -30.95 28.76
C PHE F 141 -64.70 -29.54 28.69
N GLN F 142 -65.99 -29.39 29.00
CA GLN F 142 -66.63 -28.08 29.00
C GLN F 142 -67.70 -27.94 30.07
N ASP F 143 -68.05 -26.68 30.35
CA ASP F 143 -69.24 -26.37 31.17
C ASP F 143 -70.00 -25.29 30.44
N ASP F 144 -71.05 -24.74 31.08
CA ASP F 144 -71.78 -23.58 30.51
C ASP F 144 -70.88 -22.49 29.93
N ARG F 145 -69.83 -22.08 30.65
CA ARG F 145 -69.03 -20.89 30.33
C ARG F 145 -67.73 -21.11 29.52
N TYR F 146 -66.97 -22.16 29.85
CA TYR F 146 -65.60 -22.36 29.32
C TYR F 146 -65.37 -23.73 28.68
N LEU F 147 -64.44 -23.76 27.72
CA LEU F 147 -63.68 -24.96 27.35
C LEU F 147 -62.43 -25.10 28.22
N TYR F 148 -62.03 -26.35 28.46
CA TYR F 148 -60.88 -26.69 29.30
C TYR F 148 -60.03 -27.71 28.56
N MET F 149 -58.71 -27.62 28.70
CA MET F 149 -57.75 -28.54 28.11
C MET F 149 -56.69 -28.90 29.16
N VAL F 150 -56.70 -30.13 29.64
CA VAL F 150 -55.80 -30.62 30.67
C VAL F 150 -54.57 -31.27 30.00
N MET F 151 -53.39 -30.70 30.26
CA MET F 151 -52.13 -31.04 29.62
C MET F 151 -51.09 -31.44 30.63
N GLU F 152 -50.05 -32.12 30.17
CA GLU F 152 -48.88 -32.37 31.02
C GLU F 152 -48.27 -31.02 31.32
N TYR F 153 -48.09 -30.71 32.60
CA TYR F 153 -47.39 -29.49 33.03
C TYR F 153 -45.93 -29.55 32.60
N MET F 154 -45.40 -28.40 32.18
CA MET F 154 -44.03 -28.25 31.69
C MET F 154 -43.31 -27.27 32.62
N PRO F 155 -42.66 -27.78 33.69
CA PRO F 155 -42.22 -26.86 34.73
C PRO F 155 -40.97 -26.01 34.43
N GLY F 156 -40.28 -26.31 33.33
CA GLY F 156 -39.13 -25.55 32.83
C GLY F 156 -39.43 -24.20 32.18
N GLY F 157 -40.70 -23.96 31.84
CA GLY F 157 -41.14 -22.67 31.33
C GLY F 157 -40.80 -22.47 29.86
N ASP F 158 -41.18 -21.31 29.32
CA ASP F 158 -40.91 -20.96 27.91
C ASP F 158 -39.48 -20.53 27.72
N LEU F 159 -39.10 -20.41 26.45
CA LEU F 159 -37.77 -19.93 26.06
C LEU F 159 -37.59 -18.42 26.15
N VAL F 160 -38.66 -17.67 26.31
CA VAL F 160 -38.52 -16.24 26.60
C VAL F 160 -37.88 -16.16 27.96
N ASN F 161 -38.50 -16.88 28.89
CA ASN F 161 -38.05 -16.97 30.29
C ASN F 161 -36.65 -17.54 30.41
N LEU F 162 -36.28 -18.43 29.50
CA LEU F 162 -34.89 -18.89 29.40
C LEU F 162 -33.93 -17.82 28.91
N MET F 163 -34.24 -17.24 27.75
CA MET F 163 -33.39 -16.19 27.14
C MET F 163 -33.20 -14.96 28.03
N SER F 164 -34.23 -14.59 28.80
CA SER F 164 -34.16 -13.46 29.73
C SER F 164 -33.22 -13.75 30.92
N ASN F 165 -33.15 -15.01 31.35
CA ASN F 165 -32.29 -15.43 32.47
C ASN F 165 -30.88 -15.95 32.14
N TYR F 166 -30.57 -16.13 30.86
CA TYR F 166 -29.23 -16.60 30.43
C TYR F 166 -28.76 -15.85 29.18
N ASP F 167 -27.51 -15.42 29.21
CA ASP F 167 -26.78 -15.25 27.96
C ASP F 167 -26.62 -16.68 27.44
N VAL F 168 -26.99 -16.87 26.19
CA VAL F 168 -27.16 -18.19 25.62
C VAL F 168 -25.98 -18.48 24.68
N PRO F 169 -25.13 -19.48 25.02
CA PRO F 169 -24.06 -19.83 24.10
C PRO F 169 -24.54 -20.60 22.87
N GLU F 170 -23.66 -20.70 21.88
CA GLU F 170 -23.98 -21.36 20.63
C GLU F 170 -24.22 -22.84 20.78
N LYS F 171 -23.51 -23.50 21.72
CA LYS F 171 -23.76 -24.93 21.99
C LYS F 171 -25.23 -25.17 22.38
N TRP F 172 -25.73 -24.30 23.24
CA TRP F 172 -27.10 -24.37 23.70
C TRP F 172 -28.08 -24.14 22.57
N ALA F 173 -27.80 -23.14 21.74
CA ALA F 173 -28.66 -22.82 20.62
C ALA F 173 -28.71 -23.92 19.54
N LYS F 174 -27.56 -24.54 19.20
CA LYS F 174 -27.50 -25.79 18.37
C LYS F 174 -28.56 -26.78 18.84
N PHE F 175 -28.57 -27.03 20.16
CA PHE F 175 -29.48 -27.98 20.78
C PHE F 175 -30.94 -27.57 20.65
N TYR F 176 -31.28 -26.42 21.23
CA TYR F 176 -32.67 -25.96 21.27
C TYR F 176 -33.26 -25.76 19.86
N THR F 177 -32.45 -25.26 18.93
CA THR F 177 -32.84 -25.16 17.51
C THR F 177 -33.11 -26.53 16.89
N ALA F 178 -32.18 -27.46 17.06
CA ALA F 178 -32.35 -28.83 16.57
C ALA F 178 -33.65 -29.45 17.04
N GLU F 179 -33.94 -29.30 18.33
CA GLU F 179 -35.20 -29.78 18.91
C GLU F 179 -36.43 -29.10 18.26
N VAL F 180 -36.34 -27.79 17.95
CA VAL F 180 -37.40 -27.10 17.21
C VAL F 180 -37.56 -27.68 15.80
N VAL F 181 -36.45 -27.87 15.11
CA VAL F 181 -36.45 -28.47 13.77
C VAL F 181 -37.27 -29.75 13.69
N LEU F 182 -37.06 -30.65 14.65
CA LEU F 182 -37.71 -31.93 14.72
C LEU F 182 -39.17 -31.79 15.11
N ALA F 183 -39.44 -30.85 16.01
CA ALA F 183 -40.79 -30.59 16.44
C ALA F 183 -41.66 -30.12 15.28
N LEU F 184 -41.17 -29.13 14.54
CA LEU F 184 -41.89 -28.64 13.37
C LEU F 184 -42.06 -29.71 12.30
N ASP F 185 -40.99 -30.47 12.04
CA ASP F 185 -41.06 -31.57 11.09
C ASP F 185 -42.20 -32.54 11.44
N ALA F 186 -42.42 -32.77 12.73
CA ALA F 186 -43.54 -33.59 13.21
C ALA F 186 -44.90 -32.96 12.93
N ILE F 187 -45.02 -31.66 13.18
CA ILE F 187 -46.22 -30.88 12.86
C ILE F 187 -46.46 -30.83 11.34
N HIS F 188 -45.37 -30.72 10.58
CA HIS F 188 -45.40 -30.83 9.13
C HIS F 188 -45.84 -32.24 8.71
N SER F 189 -45.24 -33.30 9.29
CA SER F 189 -45.68 -34.72 9.09
C SER F 189 -47.16 -34.98 9.32
N MET F 190 -47.73 -34.27 10.28
CA MET F 190 -49.18 -34.26 10.51
C MET F 190 -49.99 -33.42 9.51
N GLY F 191 -49.36 -32.85 8.48
CA GLY F 191 -50.05 -32.04 7.47
C GLY F 191 -50.58 -30.71 7.94
N LEU F 192 -49.81 -30.05 8.80
CA LEU F 192 -50.13 -28.73 9.35
C LEU F 192 -48.97 -27.77 9.17
N ILE F 193 -49.30 -26.49 9.00
CA ILE F 193 -48.36 -25.38 9.06
C ILE F 193 -48.68 -24.64 10.36
N HIS F 194 -47.65 -24.37 11.16
CA HIS F 194 -47.79 -23.66 12.43
C HIS F 194 -48.19 -22.19 12.23
N ARG F 195 -47.46 -21.52 11.34
CA ARG F 195 -47.48 -20.07 11.13
C ARG F 195 -46.71 -19.37 12.28
N ASP F 196 -47.34 -19.27 13.44
CA ASP F 196 -46.82 -18.48 14.57
C ASP F 196 -45.80 -19.22 15.45
N VAL F 197 -44.65 -19.52 14.86
CA VAL F 197 -43.55 -20.21 15.56
C VAL F 197 -42.74 -19.14 16.28
N LYS F 198 -42.51 -19.34 17.58
CA LYS F 198 -41.84 -18.32 18.44
C LYS F 198 -41.52 -18.88 19.86
N PRO F 199 -40.65 -18.22 20.65
CA PRO F 199 -40.22 -18.75 21.94
C PRO F 199 -41.30 -18.90 23.00
N ASP F 200 -42.40 -18.15 22.86
CA ASP F 200 -43.53 -18.19 23.81
C ASP F 200 -44.29 -19.52 23.66
N ASN F 201 -44.22 -20.08 22.45
CA ASN F 201 -44.85 -21.34 22.05
C ASN F 201 -43.90 -22.54 22.10
N MET F 202 -42.85 -22.45 22.93
CA MET F 202 -41.77 -23.44 23.06
C MET F 202 -41.52 -23.62 24.53
N LEU F 203 -41.87 -24.77 25.07
CA LEU F 203 -41.76 -25.04 26.50
C LEU F 203 -40.83 -26.18 26.84
N LEU F 204 -40.47 -26.24 28.12
CA LEU F 204 -39.43 -27.14 28.60
C LEU F 204 -39.93 -28.06 29.67
N ASP F 205 -39.72 -29.37 29.46
CA ASP F 205 -40.21 -30.41 30.37
C ASP F 205 -39.41 -30.47 31.68
N LYS F 206 -39.82 -31.38 32.57
CA LYS F 206 -39.09 -31.66 33.81
C LYS F 206 -37.58 -31.88 33.65
N HIS F 207 -37.16 -32.32 32.46
CA HIS F 207 -35.75 -32.53 32.11
C HIS F 207 -35.13 -31.46 31.18
N GLY F 208 -35.77 -30.30 31.08
CA GLY F 208 -35.29 -29.19 30.25
C GLY F 208 -35.17 -29.40 28.75
N HIS F 209 -35.99 -30.31 28.21
CA HIS F 209 -36.11 -30.63 26.78
C HIS F 209 -37.40 -30.02 26.24
N LEU F 210 -37.39 -29.75 24.94
CA LEU F 210 -38.45 -28.98 24.27
C LEU F 210 -39.73 -29.80 24.05
N LYS F 211 -40.86 -29.12 24.22
CA LYS F 211 -42.16 -29.51 23.66
C LYS F 211 -42.86 -28.22 23.18
N LEU F 212 -43.70 -28.33 22.14
CA LEU F 212 -44.47 -27.21 21.62
C LEU F 212 -45.85 -27.18 22.24
N ALA F 213 -46.36 -25.96 22.40
CA ALA F 213 -47.71 -25.70 22.88
C ALA F 213 -48.25 -24.43 22.20
N ASP F 214 -49.53 -24.13 22.46
CA ASP F 214 -50.30 -23.08 21.74
C ASP F 214 -50.26 -23.31 20.22
N PHE F 215 -51.30 -23.98 19.75
CA PHE F 215 -51.48 -24.23 18.34
C PHE F 215 -52.69 -23.49 17.77
N GLY F 216 -53.16 -22.42 18.43
CA GLY F 216 -54.24 -21.55 17.90
C GLY F 216 -54.14 -21.12 16.43
N THR F 217 -52.91 -20.99 15.95
CA THR F 217 -52.62 -20.64 14.58
C THR F 217 -52.49 -21.76 13.59
N CYS F 218 -52.29 -22.99 14.05
CA CYS F 218 -52.10 -24.09 13.11
C CYS F 218 -53.31 -24.26 12.22
N MET F 219 -53.04 -24.34 10.92
CA MET F 219 -54.07 -24.52 9.90
C MET F 219 -53.65 -25.70 9.00
N LYS F 220 -54.63 -26.43 8.53
CA LYS F 220 -54.40 -27.65 7.77
C LYS F 220 -53.96 -27.31 6.33
N MET F 221 -53.00 -28.09 5.83
CA MET F 221 -52.48 -27.92 4.47
C MET F 221 -53.51 -28.31 3.42
N ASP F 222 -53.42 -27.69 2.25
CA ASP F 222 -54.25 -28.01 1.09
C ASP F 222 -53.56 -29.25 0.48
N GLU F 223 -54.00 -29.69 -0.68
CA GLU F 223 -53.37 -30.81 -1.42
C GLU F 223 -51.92 -30.55 -1.81
N THR F 224 -51.60 -29.33 -2.27
CA THR F 224 -50.21 -28.94 -2.59
C THR F 224 -49.31 -28.79 -1.36
N GLY F 225 -49.88 -28.30 -0.27
CA GLY F 225 -49.14 -27.85 0.91
C GLY F 225 -49.20 -26.37 1.23
N MET F 226 -50.20 -25.66 0.70
CA MET F 226 -50.45 -24.22 0.99
C MET F 226 -51.56 -24.07 2.02
N VAL F 227 -51.95 -22.80 2.28
CA VAL F 227 -53.17 -22.45 2.99
C VAL F 227 -53.51 -20.97 2.71
N HIS F 228 -54.78 -20.57 2.85
CA HIS F 228 -55.27 -19.28 2.34
C HIS F 228 -55.87 -18.47 3.50
N CYS F 229 -55.33 -17.27 3.67
CA CYS F 229 -56.02 -16.13 4.31
C CYS F 229 -55.48 -14.84 3.65
N ASP F 230 -56.16 -13.72 3.95
CA ASP F 230 -55.64 -12.37 3.72
C ASP F 230 -55.48 -11.44 4.95
N THR F 231 -55.69 -12.02 6.14
CA THR F 231 -55.21 -11.46 7.40
C THR F 231 -54.02 -12.30 7.86
N ALA F 232 -52.92 -11.61 8.19
CA ALA F 232 -51.73 -12.18 8.84
C ALA F 232 -51.86 -12.25 10.38
N VAL F 233 -50.90 -12.94 11.00
CA VAL F 233 -51.04 -13.61 12.32
C VAL F 233 -49.84 -13.47 13.23
N GLY F 234 -50.08 -13.88 14.49
CA GLY F 234 -49.05 -13.99 15.53
C GLY F 234 -48.45 -12.66 15.95
N THR F 235 -47.30 -12.73 16.63
CA THR F 235 -46.49 -11.53 16.87
C THR F 235 -45.69 -11.16 15.62
N PRO F 236 -45.41 -9.85 15.46
CA PRO F 236 -44.75 -9.30 14.26
C PRO F 236 -43.29 -9.71 13.95
N ASP F 237 -42.39 -9.71 14.93
CA ASP F 237 -40.90 -9.91 14.66
C ASP F 237 -40.60 -11.24 13.95
N TYR F 238 -41.32 -12.27 14.37
CA TYR F 238 -41.17 -13.63 13.89
C TYR F 238 -41.91 -13.98 12.60
N ILE F 239 -42.69 -13.03 12.08
CA ILE F 239 -43.49 -13.26 10.88
C ILE F 239 -42.60 -13.15 9.62
N SER F 240 -43.00 -13.89 8.57
CA SER F 240 -42.30 -13.96 7.29
C SER F 240 -42.88 -12.97 6.27
N PRO F 241 -42.09 -12.56 5.24
CA PRO F 241 -42.59 -11.57 4.26
C PRO F 241 -43.83 -11.99 3.45
N GLU F 242 -43.82 -13.21 2.93
CA GLU F 242 -44.97 -13.76 2.20
C GLU F 242 -46.30 -13.75 2.98
N VAL F 243 -46.24 -14.01 4.28
CA VAL F 243 -47.41 -13.90 5.18
C VAL F 243 -48.01 -12.47 5.18
N LEU F 244 -47.16 -11.46 5.07
CA LEU F 244 -47.56 -10.06 5.00
C LEU F 244 -48.24 -9.60 3.68
N LYS F 245 -49.43 -10.13 3.53
CA LYS F 245 -50.36 -9.88 2.35
C LYS F 245 -51.79 -9.46 2.87
N GLY F 251 -53.33 -14.65 0.15
CA GLY F 251 -52.09 -14.79 -0.62
C GLY F 251 -51.61 -16.16 -1.13
N PHE F 252 -52.07 -17.26 -0.54
CA PHE F 252 -51.44 -18.62 -0.63
C PHE F 252 -50.00 -18.67 -0.13
N TYR F 253 -49.77 -19.32 1.02
CA TYR F 253 -48.41 -19.55 1.59
C TYR F 253 -48.22 -20.95 2.20
N GLY F 254 -47.00 -21.47 2.09
CA GLY F 254 -46.63 -22.84 2.49
C GLY F 254 -45.81 -22.97 3.75
N ARG F 255 -45.29 -24.18 3.97
CA ARG F 255 -44.58 -24.59 5.19
C ARG F 255 -43.30 -23.83 5.47
N GLU F 256 -42.61 -23.43 4.40
CA GLU F 256 -41.38 -22.63 4.50
C GLU F 256 -41.47 -21.41 5.44
N CYS F 257 -42.66 -20.82 5.64
CA CYS F 257 -42.86 -19.71 6.58
C CYS F 257 -42.58 -20.04 8.06
N ASP F 258 -42.70 -21.31 8.43
CA ASP F 258 -42.29 -21.77 9.75
C ASP F 258 -40.77 -21.69 9.86
N TRP F 259 -40.09 -22.16 8.82
CA TRP F 259 -38.64 -22.17 8.79
C TRP F 259 -37.99 -20.76 8.85
N TRP F 260 -38.64 -19.75 8.28
CA TRP F 260 -38.26 -18.35 8.51
C TRP F 260 -38.17 -18.06 10.00
N SER F 261 -39.25 -18.36 10.69
CA SER F 261 -39.37 -18.09 12.11
C SER F 261 -38.30 -18.81 12.95
N VAL F 262 -37.77 -19.92 12.44
CA VAL F 262 -36.67 -20.64 13.07
C VAL F 262 -35.37 -19.83 12.97
N GLY F 263 -35.06 -19.34 11.78
CA GLY F 263 -33.97 -18.38 11.60
C GLY F 263 -34.04 -17.19 12.58
N VAL F 264 -35.21 -16.56 12.66
CA VAL F 264 -35.45 -15.43 13.58
C VAL F 264 -35.15 -15.82 15.05
N PHE F 265 -35.54 -17.03 15.40
CA PHE F 265 -35.35 -17.58 16.75
C PHE F 265 -33.90 -17.75 17.09
N LEU F 266 -33.19 -18.39 16.18
CA LEU F 266 -31.77 -18.64 16.35
C LEU F 266 -31.02 -17.34 16.55
N TYR F 267 -31.31 -16.37 15.68
CA TYR F 267 -30.78 -15.01 15.82
C TYR F 267 -31.06 -14.38 17.21
N GLU F 268 -32.33 -14.38 17.67
CA GLU F 268 -32.66 -13.80 18.99
C GLU F 268 -31.87 -14.46 20.12
N MET F 269 -31.62 -15.77 20.00
CA MET F 269 -30.84 -16.48 21.02
C MET F 269 -29.37 -16.07 21.05
N LEU F 270 -28.78 -16.01 19.88
CA LEU F 270 -27.36 -15.70 19.75
C LEU F 270 -27.02 -14.23 19.88
N VAL F 271 -27.78 -13.37 19.22
CA VAL F 271 -27.54 -11.92 19.23
C VAL F 271 -28.04 -11.34 20.54
N GLY F 272 -29.35 -11.50 20.80
CA GLY F 272 -29.98 -10.91 21.99
C GLY F 272 -31.26 -10.18 21.66
N ASP F 273 -31.24 -9.42 20.56
CA ASP F 273 -32.41 -8.81 19.98
C ASP F 273 -32.88 -9.57 18.73
N THR F 274 -34.15 -9.27 18.34
CA THR F 274 -34.74 -9.78 17.11
C THR F 274 -34.09 -9.10 15.93
N PRO F 275 -33.94 -9.77 14.79
CA PRO F 275 -33.21 -9.20 13.65
C PRO F 275 -33.89 -8.10 12.87
N PHE F 276 -35.17 -7.81 13.13
CA PHE F 276 -35.87 -6.69 12.49
C PHE F 276 -36.56 -5.84 13.53
N TYR F 277 -35.87 -5.63 14.66
CA TYR F 277 -36.39 -4.77 15.72
C TYR F 277 -36.55 -3.34 15.17
N ALA F 278 -37.58 -2.66 15.65
CA ALA F 278 -37.78 -1.26 15.37
C ALA F 278 -38.54 -0.58 16.50
N ASP F 279 -38.66 0.72 16.43
CA ASP F 279 -39.32 1.55 17.43
C ASP F 279 -40.82 1.30 17.20
N SER F 280 -41.27 1.64 16.01
CA SER F 280 -42.62 1.37 15.53
C SER F 280 -42.75 -0.08 15.08
N LEU F 281 -43.99 -0.47 14.85
CA LEU F 281 -44.32 -1.76 14.22
C LEU F 281 -44.13 -1.63 12.74
N VAL F 282 -44.69 -0.55 12.17
CA VAL F 282 -44.48 -0.20 10.73
C VAL F 282 -43.00 -0.31 10.30
N GLY F 283 -42.09 0.10 11.18
CA GLY F 283 -40.65 -0.04 10.99
C GLY F 283 -40.23 -1.46 10.83
N THR F 284 -40.64 -2.31 11.78
CA THR F 284 -40.40 -3.77 11.74
C THR F 284 -40.87 -4.36 10.43
N TYR F 285 -42.11 -4.07 10.05
CA TYR F 285 -42.69 -4.60 8.80
C TYR F 285 -41.78 -4.22 7.62
N SER F 286 -41.48 -2.93 7.52
CA SER F 286 -40.65 -2.39 6.44
C SER F 286 -39.29 -3.06 6.34
N LYS F 287 -38.70 -3.32 7.51
CA LYS F 287 -37.42 -4.05 7.63
C LYS F 287 -37.51 -5.48 7.16
N ILE F 288 -38.56 -6.20 7.58
CA ILE F 288 -38.78 -7.60 7.17
C ILE F 288 -38.84 -7.68 5.63
N MET F 289 -39.62 -6.78 5.00
CA MET F 289 -39.74 -6.73 3.53
C MET F 289 -38.37 -6.50 2.87
N ASP F 290 -37.62 -5.57 3.44
CA ASP F 290 -36.29 -5.20 2.97
C ASP F 290 -35.16 -6.16 3.46
N HIS F 291 -35.51 -7.33 3.99
CA HIS F 291 -34.58 -8.27 4.64
C HIS F 291 -33.22 -8.48 3.97
N LYS F 292 -33.22 -8.49 2.64
CA LYS F 292 -31.98 -8.58 1.84
C LYS F 292 -30.94 -7.53 2.27
N ASN F 293 -31.40 -6.31 2.53
CA ASN F 293 -30.56 -5.19 3.02
C ASN F 293 -30.58 -5.05 4.53
N SER F 294 -31.75 -5.15 5.14
CA SER F 294 -31.94 -4.81 6.57
C SER F 294 -31.38 -5.83 7.60
N LEU F 295 -30.91 -6.98 7.14
CA LEU F 295 -30.20 -7.93 8.00
C LEU F 295 -28.71 -7.72 7.95
N CYS F 296 -28.14 -7.21 9.04
CA CYS F 296 -26.69 -7.32 9.29
C CYS F 296 -26.52 -7.76 10.75
N PHE F 297 -25.40 -8.43 11.02
CA PHE F 297 -25.14 -9.00 12.33
C PHE F 297 -24.30 -8.04 13.16
N PRO F 298 -24.79 -7.67 14.38
CA PRO F 298 -23.98 -6.85 15.26
C PRO F 298 -22.56 -7.39 15.45
N GLU F 299 -21.56 -6.54 15.30
CA GLU F 299 -20.16 -6.96 15.44
C GLU F 299 -19.79 -7.36 16.88
N ASP F 300 -20.50 -6.84 17.88
CA ASP F 300 -20.39 -7.33 19.28
C ASP F 300 -20.89 -8.76 19.51
N ALA F 301 -21.79 -9.25 18.69
CA ALA F 301 -22.47 -10.55 18.88
C ALA F 301 -21.61 -11.77 18.55
N GLU F 302 -21.67 -12.76 19.41
CA GLU F 302 -20.76 -13.92 19.40
C GLU F 302 -21.40 -15.04 18.57
N ILE F 303 -20.86 -15.32 17.39
CA ILE F 303 -21.56 -16.17 16.41
C ILE F 303 -20.65 -16.68 15.28
N SER F 304 -20.76 -17.97 15.03
CA SER F 304 -19.90 -18.70 14.10
C SER F 304 -20.31 -18.42 12.66
N LYS F 305 -19.44 -18.82 11.72
CA LYS F 305 -19.72 -18.62 10.31
C LYS F 305 -20.87 -19.52 9.91
N HIS F 306 -20.74 -20.80 10.27
CA HIS F 306 -21.82 -21.80 10.11
C HIS F 306 -23.17 -21.29 10.61
N ALA F 307 -23.19 -20.75 11.81
CA ALA F 307 -24.42 -20.20 12.39
C ALA F 307 -24.96 -18.98 11.65
N LYS F 308 -24.06 -18.06 11.28
CA LYS F 308 -24.38 -16.93 10.39
C LYS F 308 -25.02 -17.45 9.10
N ASN F 309 -24.33 -18.38 8.46
CA ASN F 309 -24.71 -18.95 7.16
C ASN F 309 -26.13 -19.54 7.25
N LEU F 310 -26.37 -20.38 8.25
CA LEU F 310 -27.67 -20.99 8.49
C LEU F 310 -28.83 -20.02 8.67
N ILE F 311 -28.61 -18.95 9.42
CA ILE F 311 -29.62 -17.90 9.60
C ILE F 311 -29.98 -17.26 8.26
N CYS F 312 -28.96 -16.97 7.48
CA CYS F 312 -29.16 -16.40 6.13
C CYS F 312 -29.87 -17.36 5.20
N ALA F 313 -29.63 -18.65 5.37
CA ALA F 313 -30.32 -19.69 4.60
C ALA F 313 -31.83 -19.77 4.89
N PHE F 314 -32.22 -19.50 6.14
CA PHE F 314 -33.64 -19.38 6.53
C PHE F 314 -34.26 -18.05 6.19
N LEU F 315 -33.48 -16.97 6.22
CA LEU F 315 -34.01 -15.63 5.96
C LEU F 315 -33.76 -15.14 4.51
N THR F 316 -34.20 -15.95 3.55
CA THR F 316 -34.26 -15.60 2.14
C THR F 316 -35.72 -15.45 1.74
N ASP F 317 -35.93 -15.10 0.46
CA ASP F 317 -37.24 -15.18 -0.18
C ASP F 317 -37.68 -16.65 -0.22
N ARG F 318 -38.99 -16.84 -0.08
CA ARG F 318 -39.65 -18.16 -0.04
C ARG F 318 -39.16 -19.20 -1.07
N GLU F 319 -38.91 -18.73 -2.30
CA GLU F 319 -38.63 -19.59 -3.47
C GLU F 319 -37.32 -20.39 -3.34
N VAL F 320 -36.34 -19.87 -2.59
CA VAL F 320 -35.05 -20.56 -2.34
C VAL F 320 -34.71 -20.71 -0.84
N ARG F 321 -35.72 -20.62 0.02
CA ARG F 321 -35.54 -20.79 1.47
C ARG F 321 -35.27 -22.25 1.84
N LEU F 322 -34.53 -22.44 2.92
CA LEU F 322 -34.14 -23.77 3.38
C LEU F 322 -35.33 -24.46 4.04
N GLY F 323 -35.55 -25.75 3.72
CA GLY F 323 -36.72 -26.49 4.20
C GLY F 323 -37.93 -26.56 3.30
N ARG F 324 -37.90 -25.84 2.17
CA ARG F 324 -38.78 -26.11 1.02
C ARG F 324 -38.68 -27.59 0.65
N ASN F 325 -37.44 -28.03 0.39
CA ASN F 325 -37.13 -29.35 -0.13
C ASN F 325 -36.91 -30.30 1.04
N GLY F 326 -37.92 -30.41 1.89
CA GLY F 326 -37.89 -31.22 3.09
C GLY F 326 -36.96 -30.77 4.20
N VAL F 327 -37.13 -31.47 5.31
CA VAL F 327 -36.29 -31.29 6.50
C VAL F 327 -34.81 -31.68 6.31
N GLU F 328 -34.50 -32.63 5.43
CA GLU F 328 -33.16 -33.30 5.48
C GLU F 328 -32.02 -32.33 5.16
N GLU F 329 -32.23 -31.42 4.21
CA GLU F 329 -31.22 -30.39 3.88
C GLU F 329 -30.85 -29.49 5.09
N ILE F 330 -31.82 -29.20 5.96
CA ILE F 330 -31.57 -28.54 7.26
C ILE F 330 -30.68 -29.42 8.14
N ARG F 331 -31.06 -30.68 8.30
CA ARG F 331 -30.41 -31.56 9.25
C ARG F 331 -28.91 -31.78 8.97
N GLN F 332 -28.53 -31.81 7.69
CA GLN F 332 -27.11 -31.98 7.33
C GLN F 332 -26.29 -30.70 7.24
N HIS F 333 -26.94 -29.54 7.35
CA HIS F 333 -26.23 -28.24 7.52
C HIS F 333 -25.14 -28.31 8.59
N PRO F 334 -23.91 -27.81 8.27
CA PRO F 334 -22.74 -28.08 9.12
C PRO F 334 -22.82 -27.59 10.55
N PHE F 335 -23.39 -26.41 10.74
CA PHE F 335 -23.80 -25.87 12.05
C PHE F 335 -24.14 -26.90 13.11
N PHE F 336 -25.00 -27.85 12.74
CA PHE F 336 -25.47 -28.89 13.69
C PHE F 336 -24.47 -29.97 14.09
N LYS F 337 -23.33 -30.04 13.41
CA LYS F 337 -22.25 -30.95 13.85
C LYS F 337 -21.75 -30.52 15.24
N ASN F 338 -21.98 -31.43 16.19
CA ASN F 338 -21.21 -31.51 17.45
C ASN F 338 -20.92 -32.94 17.84
N ASP F 339 -20.05 -33.09 18.84
CA ASP F 339 -19.72 -34.40 19.43
C ASP F 339 -20.42 -34.47 20.79
N GLN F 340 -21.74 -34.24 20.75
CA GLN F 340 -22.61 -34.20 21.94
C GLN F 340 -23.90 -35.02 21.72
N TRP F 341 -24.60 -34.74 20.62
CA TRP F 341 -25.78 -35.51 20.23
C TRP F 341 -25.83 -35.83 18.74
N HIS F 342 -26.70 -36.78 18.38
CA HIS F 342 -27.05 -37.17 16.98
C HIS F 342 -28.55 -36.89 16.84
N TRP F 343 -29.02 -36.78 15.61
CA TRP F 343 -30.42 -36.42 15.36
C TRP F 343 -31.47 -37.40 15.88
N ASP F 344 -31.20 -38.70 15.69
CA ASP F 344 -32.02 -39.81 16.20
C ASP F 344 -32.14 -39.92 17.72
N ASN F 345 -31.16 -39.40 18.47
CA ASN F 345 -31.11 -39.50 19.94
C ASN F 345 -31.06 -38.20 20.74
N ILE F 346 -31.20 -37.04 20.09
CA ILE F 346 -31.05 -35.74 20.76
C ILE F 346 -31.90 -35.62 22.02
N ARG F 347 -33.16 -36.04 21.95
CA ARG F 347 -34.11 -35.86 23.06
C ARG F 347 -33.81 -36.76 24.26
N GLU F 348 -32.99 -37.79 24.05
CA GLU F 348 -32.57 -38.69 25.10
C GLU F 348 -31.17 -38.34 25.64
N THR F 349 -30.57 -37.22 25.20
CA THR F 349 -29.30 -36.66 25.78
C THR F 349 -29.60 -35.65 26.90
N ALA F 350 -28.53 -35.18 27.55
CA ALA F 350 -28.67 -34.22 28.65
C ALA F 350 -28.93 -32.85 28.09
N ALA F 351 -29.97 -32.20 28.61
CA ALA F 351 -30.31 -30.85 28.18
C ALA F 351 -29.33 -29.86 28.78
N PRO F 352 -29.12 -28.72 28.10
CA PRO F 352 -28.38 -27.56 28.59
C PRO F 352 -28.74 -27.04 29.97
N VAL F 353 -30.04 -26.90 30.24
CA VAL F 353 -30.55 -26.35 31.51
C VAL F 353 -31.61 -27.33 31.97
N VAL F 354 -31.24 -28.14 32.97
CA VAL F 354 -32.16 -28.97 33.71
C VAL F 354 -32.71 -28.10 34.81
N PRO F 355 -34.05 -28.01 34.93
CA PRO F 355 -34.59 -27.20 36.02
C PRO F 355 -34.44 -27.97 37.32
N GLU F 356 -34.24 -27.21 38.41
CA GLU F 356 -34.20 -27.79 39.77
C GLU F 356 -35.51 -27.37 40.40
N LEU F 357 -36.34 -28.31 40.81
CA LEU F 357 -37.72 -28.03 41.19
C LEU F 357 -38.00 -28.49 42.61
N SER F 358 -38.59 -27.60 43.41
CA SER F 358 -38.78 -27.79 44.85
C SER F 358 -39.85 -28.85 45.20
N SER F 359 -40.96 -28.80 44.46
CA SER F 359 -42.15 -29.65 44.68
C SER F 359 -42.75 -30.02 43.33
N ASP F 360 -43.83 -30.79 43.37
CA ASP F 360 -44.66 -31.03 42.16
C ASP F 360 -45.45 -29.82 41.62
N ILE F 361 -45.36 -28.65 42.29
CA ILE F 361 -46.03 -27.41 41.91
C ILE F 361 -45.10 -26.16 41.78
N ASP F 362 -43.80 -26.40 41.60
CA ASP F 362 -42.88 -25.31 41.45
C ASP F 362 -43.04 -24.62 40.08
N SER F 363 -43.71 -23.48 40.12
CA SER F 363 -43.88 -22.64 38.94
C SER F 363 -42.89 -21.48 38.91
N SER F 364 -41.68 -21.70 39.42
CA SER F 364 -40.66 -20.66 39.47
C SER F 364 -40.24 -20.18 38.10
N ASN F 365 -40.29 -21.05 37.11
CA ASN F 365 -39.99 -20.65 35.71
C ASN F 365 -41.19 -20.02 34.96
N PHE F 366 -42.20 -19.59 35.72
CA PHE F 366 -43.32 -18.82 35.19
C PHE F 366 -43.46 -17.56 35.99
N ASP F 367 -43.59 -16.45 35.27
CA ASP F 367 -43.79 -15.15 35.88
C ASP F 367 -45.20 -15.14 36.42
N ASP F 368 -45.41 -14.35 37.46
CA ASP F 368 -46.76 -14.18 38.09
C ASP F 368 -47.65 -13.39 37.12
N ILE F 369 -48.96 -13.38 37.38
CA ILE F 369 -49.98 -12.80 36.46
C ILE F 369 -51.01 -11.83 37.12
N GLU F 370 -51.49 -10.86 36.33
CA GLU F 370 -52.45 -9.78 36.70
C GLU F 370 -53.88 -10.17 36.28
N ASP F 371 -54.88 -9.36 36.67
CA ASP F 371 -56.30 -9.54 36.25
C ASP F 371 -56.74 -8.44 35.27
N VAL F 376 -65.73 -10.01 33.86
CA VAL F 376 -66.13 -11.21 33.08
C VAL F 376 -67.62 -11.20 32.74
N GLU F 377 -67.92 -11.25 31.45
CA GLU F 377 -69.32 -11.17 30.93
C GLU F 377 -69.68 -12.45 30.15
N THR F 378 -70.84 -13.02 30.50
CA THR F 378 -71.42 -14.19 29.83
C THR F 378 -72.50 -13.73 28.84
N PHE F 379 -73.19 -14.69 28.21
CA PHE F 379 -74.23 -14.40 27.21
C PHE F 379 -75.50 -13.76 27.82
N PRO F 380 -76.27 -13.00 27.00
CA PRO F 380 -77.60 -12.60 27.50
C PRO F 380 -78.51 -13.83 27.62
N ILE F 381 -79.37 -13.87 28.65
CA ILE F 381 -80.53 -14.78 28.61
C ILE F 381 -81.29 -14.42 27.32
N PRO F 382 -81.53 -15.41 26.46
CA PRO F 382 -82.20 -15.06 25.22
C PRO F 382 -83.73 -15.13 25.36
N LYS F 383 -84.37 -14.53 24.36
CA LYS F 383 -85.82 -14.45 24.29
C LYS F 383 -86.25 -15.66 23.45
N ALA F 384 -85.73 -15.77 22.22
CA ALA F 384 -85.88 -16.97 21.35
C ALA F 384 -84.66 -17.94 21.49
N PHE F 385 -84.68 -19.05 20.75
CA PHE F 385 -83.53 -20.01 20.71
C PHE F 385 -82.35 -19.44 19.94
N VAL F 386 -81.14 -19.70 20.45
CA VAL F 386 -79.91 -19.01 20.01
C VAL F 386 -78.80 -19.94 19.56
N GLY F 387 -78.59 -21.04 20.30
CA GLY F 387 -77.62 -22.06 19.93
C GLY F 387 -76.18 -21.63 20.14
N ASN F 388 -75.89 -21.05 21.30
CA ASN F 388 -74.54 -20.62 21.61
C ASN F 388 -73.57 -21.78 21.82
N GLN F 389 -74.08 -22.87 22.37
CA GLN F 389 -73.27 -24.07 22.59
C GLN F 389 -73.01 -24.97 21.36
N LEU F 390 -73.64 -24.67 20.24
CA LEU F 390 -73.51 -25.52 19.06
C LEU F 390 -72.11 -25.65 18.46
N PRO F 391 -71.32 -24.57 18.43
CA PRO F 391 -69.99 -24.78 17.84
C PRO F 391 -69.00 -25.46 18.80
N PHE F 392 -69.40 -25.80 20.02
CA PHE F 392 -68.61 -26.59 21.00
C PHE F 392 -69.04 -28.05 21.21
N ILE F 393 -69.90 -28.56 20.33
CA ILE F 393 -70.33 -29.95 20.39
C ILE F 393 -69.21 -30.76 19.76
N GLY F 394 -68.70 -31.74 20.52
CA GLY F 394 -67.65 -32.63 20.06
C GLY F 394 -66.33 -32.40 20.72
N PHE F 395 -66.24 -31.32 21.50
CA PHE F 395 -64.98 -30.91 22.08
C PHE F 395 -64.52 -31.93 23.09
N THR F 396 -65.44 -32.36 23.95
CA THR F 396 -65.11 -33.21 25.09
C THR F 396 -64.38 -34.45 24.63
N TYR F 397 -63.30 -34.76 25.35
CA TYR F 397 -62.42 -35.90 25.07
C TYR F 397 -61.84 -36.43 26.38
N TYR F 398 -62.06 -37.72 26.67
CA TYR F 398 -61.38 -38.44 27.77
C TYR F 398 -60.41 -39.39 27.07
N ARG F 399 -59.15 -39.32 27.47
CA ARG F 399 -58.11 -40.19 26.92
C ARG F 399 -58.29 -41.56 27.56
N SER G 7 46.28 -40.83 -14.90
CA SER G 7 46.01 -40.01 -16.16
C SER G 7 44.51 -39.62 -16.43
N ARG G 8 44.42 -38.46 -17.06
CA ARG G 8 43.15 -37.95 -17.60
C ARG G 8 42.93 -38.54 -18.99
N GLN G 9 43.97 -38.56 -19.82
CA GLN G 9 43.84 -38.88 -21.26
C GLN G 9 43.48 -40.34 -21.56
N ARG G 10 43.53 -41.24 -20.57
CA ARG G 10 42.83 -42.51 -20.65
C ARG G 10 41.31 -42.28 -20.64
N LYS G 11 40.84 -41.52 -19.61
CA LYS G 11 39.41 -41.24 -19.41
C LYS G 11 38.77 -40.56 -20.63
N LEU G 12 39.55 -39.67 -21.24
CA LEU G 12 39.15 -38.96 -22.45
C LEU G 12 38.97 -39.89 -23.63
N GLU G 13 39.99 -40.72 -23.90
CA GLU G 13 39.93 -41.73 -24.97
C GLU G 13 38.85 -42.80 -24.75
N ALA G 14 38.44 -43.02 -23.49
CA ALA G 14 37.26 -43.83 -23.19
C ALA G 14 35.99 -43.27 -23.80
N LEU G 15 35.74 -41.99 -23.50
CA LEU G 15 34.58 -41.24 -24.01
C LEU G 15 34.45 -41.19 -25.53
N ILE G 16 35.58 -41.18 -26.21
CA ILE G 16 35.61 -41.14 -27.65
C ILE G 16 35.31 -42.54 -28.24
N ARG G 17 35.69 -43.61 -27.53
CA ARG G 17 35.45 -44.97 -28.02
C ARG G 17 34.04 -45.53 -27.71
N ASP G 18 33.37 -45.03 -26.66
CA ASP G 18 32.00 -45.44 -26.33
C ASP G 18 30.98 -44.95 -27.37
N PRO G 19 30.30 -45.87 -28.10
CA PRO G 19 29.34 -45.40 -29.13
C PRO G 19 28.02 -44.86 -28.57
N ARG G 20 27.71 -45.14 -27.31
CA ARG G 20 26.63 -44.48 -26.56
C ARG G 20 26.99 -42.99 -26.24
N SER G 21 28.27 -42.63 -26.23
CA SER G 21 28.71 -41.26 -25.91
C SER G 21 28.48 -40.27 -27.06
N PRO G 22 28.08 -39.03 -26.71
CA PRO G 22 27.73 -37.98 -27.70
C PRO G 22 28.90 -37.39 -28.45
N ILE G 23 30.13 -37.76 -28.06
CA ILE G 23 31.34 -37.38 -28.74
C ILE G 23 32.11 -38.62 -29.17
N ASN G 24 31.41 -39.66 -29.61
CA ASN G 24 32.08 -40.69 -30.41
C ASN G 24 32.57 -40.07 -31.71
N VAL G 25 33.37 -40.80 -32.45
CA VAL G 25 33.96 -40.26 -33.67
C VAL G 25 32.88 -39.86 -34.70
N GLU G 26 31.81 -40.65 -34.78
CA GLU G 26 30.71 -40.39 -35.72
C GLU G 26 30.08 -39.00 -35.42
N SER G 27 29.78 -38.78 -34.13
CA SER G 27 29.26 -37.50 -33.63
C SER G 27 30.13 -36.27 -33.90
N LEU G 28 31.44 -36.46 -33.82
CA LEU G 28 32.36 -35.36 -34.02
C LEU G 28 32.44 -34.94 -35.49
N LEU G 29 32.38 -35.93 -36.37
CA LEU G 29 32.25 -35.72 -37.81
C LEU G 29 30.92 -35.14 -38.26
N ASP G 30 29.86 -35.48 -37.54
CA ASP G 30 28.58 -34.84 -37.74
C ASP G 30 28.77 -33.36 -37.44
N GLY G 31 29.29 -33.08 -36.24
CA GLY G 31 29.67 -31.73 -35.81
C GLY G 31 30.46 -30.89 -36.82
N LEU G 32 31.35 -31.55 -37.55
CA LEU G 32 32.03 -30.91 -38.66
C LEU G 32 31.13 -30.71 -39.89
N ASN G 33 30.46 -31.75 -40.36
CA ASN G 33 29.61 -31.63 -41.58
C ASN G 33 28.45 -30.66 -41.34
N SER G 34 27.81 -30.78 -40.18
CA SER G 34 26.79 -29.82 -39.70
C SER G 34 27.25 -28.38 -39.73
N LEU G 35 28.48 -28.14 -39.25
CA LEU G 35 29.04 -26.80 -39.24
C LEU G 35 29.18 -26.24 -40.65
N VAL G 36 29.87 -26.97 -41.51
CA VAL G 36 30.04 -26.58 -42.91
C VAL G 36 28.71 -26.27 -43.63
N LEU G 37 27.72 -27.13 -43.46
CA LEU G 37 26.45 -26.98 -44.16
C LEU G 37 25.69 -25.74 -43.75
N ASP G 38 25.69 -25.45 -42.44
CA ASP G 38 25.09 -24.22 -41.89
C ASP G 38 25.84 -22.91 -42.17
N LEU G 39 27.08 -23.01 -42.68
CA LEU G 39 27.91 -21.86 -43.10
C LEU G 39 28.06 -21.65 -44.61
N ASP G 40 28.27 -22.72 -45.40
CA ASP G 40 28.55 -22.59 -46.86
C ASP G 40 27.32 -22.07 -47.63
N PHE G 41 27.19 -20.75 -47.59
CA PHE G 41 26.24 -19.99 -48.40
C PHE G 41 27.00 -18.75 -48.81
N PRO G 42 26.95 -18.35 -50.09
CA PRO G 42 27.73 -17.16 -50.48
C PRO G 42 27.46 -15.90 -49.60
N ALA G 43 26.25 -15.80 -49.04
CA ALA G 43 25.88 -14.78 -48.04
C ALA G 43 26.78 -14.69 -46.81
N LEU G 44 27.07 -15.83 -46.20
CA LEU G 44 27.80 -15.88 -44.90
C LEU G 44 29.32 -15.86 -45.08
N ARG G 45 29.81 -16.38 -46.22
CA ARG G 45 31.21 -16.22 -46.66
C ARG G 45 31.69 -14.75 -46.86
N LYS G 46 30.78 -13.77 -46.75
CA LYS G 46 31.16 -12.36 -46.59
C LYS G 46 31.98 -12.12 -45.30
N ASN G 47 31.66 -12.84 -44.22
CA ASN G 47 32.55 -12.96 -43.07
C ASN G 47 33.82 -13.76 -43.45
N LYS G 48 34.96 -13.11 -43.22
CA LYS G 48 36.29 -13.63 -43.60
C LYS G 48 36.62 -14.92 -42.82
N ASN G 49 36.43 -14.88 -41.48
CA ASN G 49 36.59 -16.03 -40.56
C ASN G 49 36.07 -17.34 -41.11
N ILE G 50 34.82 -17.25 -41.58
CA ILE G 50 34.09 -18.32 -42.21
C ILE G 50 34.80 -18.74 -43.49
N ASP G 51 34.87 -17.84 -44.46
CA ASP G 51 35.49 -18.14 -45.76
C ASP G 51 36.90 -18.80 -45.68
N ASN G 52 37.72 -18.39 -44.70
CA ASN G 52 39.05 -19.00 -44.48
C ASN G 52 38.92 -20.44 -44.08
N PHE G 53 38.09 -20.62 -43.04
CA PHE G 53 37.83 -21.91 -42.45
C PHE G 53 37.29 -22.86 -43.50
N LEU G 54 36.26 -22.41 -44.22
CA LEU G 54 35.67 -23.18 -45.30
C LEU G 54 36.69 -23.55 -46.36
N ASN G 55 37.52 -22.59 -46.80
CA ASN G 55 38.54 -22.89 -47.81
C ASN G 55 39.55 -23.96 -47.37
N ARG G 56 39.90 -23.97 -46.07
CA ARG G 56 40.72 -25.05 -45.50
C ARG G 56 40.04 -26.42 -45.61
N TYR G 57 38.90 -26.52 -44.93
CA TYR G 57 38.19 -27.79 -44.85
C TYR G 57 37.42 -28.25 -46.13
N GLU G 58 37.05 -27.31 -47.02
CA GLU G 58 36.47 -27.57 -48.36
C GLU G 58 36.88 -28.91 -48.97
N LYS G 59 38.19 -29.09 -49.08
CA LYS G 59 38.78 -30.21 -49.81
C LYS G 59 38.57 -31.51 -49.01
N ILE G 60 38.98 -31.53 -47.75
CA ILE G 60 38.82 -32.72 -46.91
C ILE G 60 37.35 -33.15 -46.71
N VAL G 61 36.43 -32.21 -46.55
CA VAL G 61 35.01 -32.52 -46.38
C VAL G 61 34.40 -33.18 -47.62
N LYS G 62 34.77 -32.68 -48.81
CA LYS G 62 34.34 -33.32 -50.05
C LYS G 62 34.86 -34.77 -50.17
N LYS G 63 36.05 -35.05 -49.64
CA LYS G 63 36.55 -36.44 -49.55
C LYS G 63 35.74 -37.35 -48.60
N ILE G 64 35.60 -36.89 -47.35
CA ILE G 64 34.75 -37.50 -46.28
C ILE G 64 33.39 -37.97 -46.76
N ARG G 65 32.71 -37.10 -47.50
CA ARG G 65 31.38 -37.38 -48.01
C ARG G 65 31.35 -38.56 -48.95
N GLY G 66 32.35 -38.64 -49.82
CA GLY G 66 32.62 -39.80 -50.66
C GLY G 66 32.70 -41.10 -49.89
N LEU G 67 33.45 -41.08 -48.78
CA LEU G 67 33.73 -42.28 -47.99
C LEU G 67 32.63 -42.69 -47.03
N GLN G 68 32.00 -41.71 -46.38
CA GLN G 68 30.91 -41.99 -45.44
C GLN G 68 29.72 -42.56 -46.17
N MET G 69 28.91 -43.29 -45.41
CA MET G 69 27.71 -43.88 -45.93
C MET G 69 26.76 -42.78 -46.34
N LYS G 70 26.12 -42.99 -47.48
CA LYS G 70 25.21 -42.03 -48.08
C LYS G 70 24.12 -42.73 -48.87
N ALA G 71 23.06 -41.99 -49.16
CA ALA G 71 21.91 -42.55 -49.88
C ALA G 71 22.20 -43.14 -51.27
N GLU G 72 23.18 -42.58 -51.98
CA GLU G 72 23.64 -43.12 -53.28
C GLU G 72 24.35 -44.49 -53.17
N ASP G 73 24.73 -44.92 -51.96
CA ASP G 73 25.18 -46.29 -51.74
C ASP G 73 24.11 -47.36 -51.91
N TYR G 74 22.84 -46.96 -51.80
CA TYR G 74 21.67 -47.85 -51.91
C TYR G 74 20.82 -47.60 -53.16
N ASP G 75 20.25 -48.69 -53.69
CA ASP G 75 19.21 -48.64 -54.74
C ASP G 75 17.86 -48.80 -54.08
N VAL G 76 16.91 -47.92 -54.40
CA VAL G 76 15.53 -48.00 -53.88
C VAL G 76 14.76 -48.96 -54.79
N VAL G 77 14.08 -49.91 -54.17
CA VAL G 77 13.35 -50.97 -54.88
C VAL G 77 11.88 -50.61 -54.95
N LYS G 78 11.28 -50.39 -53.80
CA LYS G 78 9.88 -49.97 -53.68
C LYS G 78 9.76 -49.17 -52.39
N VAL G 79 8.80 -48.25 -52.35
CA VAL G 79 8.36 -47.62 -51.10
C VAL G 79 7.27 -48.49 -50.45
N ILE G 80 7.46 -48.75 -49.16
CA ILE G 80 6.65 -49.72 -48.38
C ILE G 80 5.99 -49.19 -47.11
N GLY G 81 6.12 -47.89 -46.89
CA GLY G 81 5.62 -47.23 -45.68
C GLY G 81 5.63 -45.73 -45.95
N ARG G 82 4.72 -45.02 -45.31
CA ARG G 82 4.68 -43.59 -45.32
C ARG G 82 4.17 -43.19 -43.96
N GLY G 83 4.76 -42.14 -43.41
CA GLY G 83 4.41 -41.67 -42.08
C GLY G 83 4.61 -40.20 -41.95
N ALA G 84 4.35 -39.72 -40.73
CA ALA G 84 4.26 -38.27 -40.45
C ALA G 84 5.37 -37.45 -41.12
N PHE G 85 6.61 -37.80 -40.82
CA PHE G 85 7.77 -37.03 -41.25
C PHE G 85 8.63 -37.71 -42.34
N GLY G 86 8.17 -38.82 -42.93
CA GLY G 86 8.82 -39.31 -44.17
C GLY G 86 8.24 -40.59 -44.73
N GLU G 87 9.12 -41.49 -45.18
CA GLU G 87 8.78 -42.78 -45.74
C GLU G 87 9.76 -43.90 -45.41
N VAL G 88 9.33 -45.14 -45.67
CA VAL G 88 10.15 -46.36 -45.48
C VAL G 88 10.34 -46.99 -46.85
N GLN G 89 11.59 -47.27 -47.20
CA GLN G 89 12.01 -47.79 -48.49
C GLN G 89 12.61 -49.19 -48.32
N LEU G 90 12.24 -50.08 -49.22
CA LEU G 90 12.98 -51.33 -49.42
C LEU G 90 14.15 -50.96 -50.31
N VAL G 91 15.36 -51.33 -49.87
CA VAL G 91 16.61 -50.94 -50.54
C VAL G 91 17.63 -52.07 -50.64
N ARG G 92 18.48 -51.99 -51.66
CA ARG G 92 19.61 -52.91 -51.82
C ARG G 92 20.90 -52.10 -51.77
N HIS G 93 21.82 -52.48 -50.88
CA HIS G 93 23.18 -51.90 -50.80
C HIS G 93 23.87 -52.31 -52.07
N LYS G 94 24.25 -51.32 -52.89
CA LYS G 94 24.77 -51.54 -54.25
C LYS G 94 26.00 -52.41 -54.24
N ALA G 95 26.97 -52.02 -53.39
CA ALA G 95 28.20 -52.78 -53.13
C ALA G 95 27.98 -54.20 -52.58
N SER G 96 27.46 -54.29 -51.35
CA SER G 96 27.32 -55.60 -50.66
C SER G 96 26.20 -56.48 -51.21
N GLN G 97 25.27 -55.88 -51.96
CA GLN G 97 24.08 -56.55 -52.54
C GLN G 97 22.99 -56.92 -51.54
N LYS G 98 23.18 -56.62 -50.24
CA LYS G 98 22.23 -57.02 -49.20
C LYS G 98 21.03 -56.11 -49.19
N VAL G 99 19.91 -56.62 -48.69
CA VAL G 99 18.62 -55.91 -48.68
C VAL G 99 18.25 -55.47 -47.28
N TYR G 100 17.85 -54.21 -47.16
CA TYR G 100 17.44 -53.64 -45.89
C TYR G 100 16.15 -52.85 -46.07
N ALA G 101 15.57 -52.48 -44.94
CA ALA G 101 14.50 -51.49 -44.86
C ALA G 101 15.15 -50.20 -44.39
N MET G 102 14.88 -49.10 -45.08
CA MET G 102 15.45 -47.80 -44.74
C MET G 102 14.36 -46.77 -44.49
N LYS G 103 14.34 -46.19 -43.30
CA LYS G 103 13.36 -45.19 -42.90
C LYS G 103 13.99 -43.82 -43.02
N LEU G 104 13.29 -42.92 -43.72
CA LEU G 104 13.73 -41.53 -43.96
C LEU G 104 12.94 -40.54 -43.13
N LEU G 105 13.59 -39.46 -42.71
CA LEU G 105 12.93 -38.38 -41.98
C LEU G 105 13.37 -37.03 -42.54
N SER G 106 12.43 -36.27 -43.07
CA SER G 106 12.66 -34.90 -43.55
C SER G 106 13.11 -34.03 -42.39
N LYS G 107 14.24 -33.37 -42.60
CA LYS G 107 14.72 -32.43 -41.61
C LYS G 107 13.81 -31.20 -41.59
N PHE G 108 13.50 -30.65 -42.79
CA PHE G 108 12.63 -29.46 -42.88
C PHE G 108 11.36 -29.61 -42.02
N GLU G 109 10.65 -30.70 -42.27
CA GLU G 109 9.38 -31.00 -41.60
C GLU G 109 9.49 -31.13 -40.09
N MET G 110 10.56 -31.77 -39.62
CA MET G 110 10.75 -31.99 -38.17
C MET G 110 10.96 -30.68 -37.41
N ILE G 111 11.77 -29.79 -38.00
CA ILE G 111 12.01 -28.46 -37.46
C ILE G 111 10.69 -27.71 -37.50
N LYS G 112 10.15 -27.55 -38.71
CA LYS G 112 8.88 -26.82 -38.94
C LYS G 112 7.83 -27.23 -37.91
N ARG G 113 7.46 -28.51 -37.89
CA ARG G 113 6.45 -28.99 -36.94
C ARG G 113 7.11 -29.48 -35.66
N SER G 114 7.55 -28.53 -34.82
CA SER G 114 7.85 -28.71 -33.37
C SER G 114 8.75 -29.89 -32.86
N ASP G 115 8.31 -31.07 -33.27
CA ASP G 115 8.76 -32.31 -32.68
C ASP G 115 9.99 -32.80 -33.55
N SER G 116 11.15 -32.76 -32.89
CA SER G 116 12.45 -33.16 -33.47
C SER G 116 13.47 -33.75 -32.44
N ALA G 117 12.92 -34.54 -31.50
CA ALA G 117 13.66 -35.32 -30.51
C ALA G 117 13.33 -36.82 -30.51
N PHE G 118 12.11 -37.19 -30.90
CA PHE G 118 11.64 -38.59 -30.94
C PHE G 118 12.64 -39.62 -31.51
N PHE G 119 13.35 -39.22 -32.57
CA PHE G 119 14.28 -40.11 -33.27
C PHE G 119 15.49 -40.61 -32.47
N TRP G 120 15.83 -39.94 -31.38
CA TRP G 120 16.96 -40.32 -30.55
C TRP G 120 16.66 -41.61 -29.86
N GLU G 121 15.52 -41.70 -29.16
CA GLU G 121 15.15 -42.98 -28.53
C GLU G 121 14.93 -44.08 -29.57
N GLU G 122 14.30 -43.73 -30.69
CA GLU G 122 14.03 -44.71 -31.75
C GLU G 122 15.33 -45.34 -32.22
N ARG G 123 16.30 -44.48 -32.53
CA ARG G 123 17.61 -44.92 -32.97
C ARG G 123 18.28 -45.81 -31.91
N ASP G 124 18.38 -45.27 -30.70
CA ASP G 124 19.02 -45.97 -29.60
C ASP G 124 18.41 -47.34 -29.31
N ILE G 125 17.08 -47.41 -29.34
CA ILE G 125 16.33 -48.67 -29.11
C ILE G 125 16.75 -49.71 -30.14
N MET G 126 16.61 -49.35 -31.41
CA MET G 126 16.93 -50.24 -32.52
C MET G 126 18.41 -50.56 -32.62
N ALA G 127 19.27 -49.61 -32.25
CA ALA G 127 20.72 -49.85 -32.29
C ALA G 127 21.18 -50.81 -31.21
N PHE G 128 20.65 -50.65 -29.99
CA PHE G 128 21.24 -51.17 -28.74
C PHE G 128 20.36 -52.06 -27.85
N ALA G 129 19.25 -52.56 -28.35
CA ALA G 129 18.40 -53.44 -27.53
C ALA G 129 18.96 -54.85 -27.41
N ASN G 130 19.81 -55.29 -28.37
CA ASN G 130 20.16 -56.72 -28.57
C ASN G 130 19.02 -57.66 -28.26
N SER G 131 17.85 -57.27 -28.74
CA SER G 131 16.63 -57.98 -28.44
C SER G 131 16.12 -58.52 -29.73
N PRO G 132 15.65 -59.77 -29.70
CA PRO G 132 15.01 -60.29 -30.88
C PRO G 132 13.56 -59.86 -30.98
N TRP G 133 13.03 -59.11 -30.01
CA TRP G 133 11.75 -58.42 -30.17
C TRP G 133 11.83 -57.05 -30.81
N VAL G 134 13.03 -56.51 -31.00
CA VAL G 134 13.22 -55.19 -31.62
C VAL G 134 13.91 -55.36 -32.97
N VAL G 135 13.39 -54.60 -33.93
CA VAL G 135 13.99 -54.54 -35.26
C VAL G 135 15.35 -53.88 -35.07
N GLN G 136 16.41 -54.60 -35.43
CA GLN G 136 17.78 -54.07 -35.29
C GLN G 136 18.13 -53.01 -36.33
N LEU G 137 18.79 -51.95 -35.84
CA LEU G 137 19.39 -50.91 -36.66
C LEU G 137 20.84 -51.29 -36.90
N PHE G 138 21.21 -51.19 -38.17
CA PHE G 138 22.54 -51.48 -38.65
C PHE G 138 23.32 -50.19 -38.85
N TYR G 139 22.75 -49.26 -39.61
CA TYR G 139 23.40 -48.01 -39.93
C TYR G 139 22.39 -46.88 -39.81
N ALA G 140 22.79 -45.79 -39.15
CA ALA G 140 22.15 -44.48 -39.25
C ALA G 140 23.13 -43.54 -39.92
N PHE G 141 22.62 -42.70 -40.83
CA PHE G 141 23.39 -41.62 -41.43
C PHE G 141 22.51 -40.45 -41.82
N GLN G 142 23.12 -39.38 -42.33
CA GLN G 142 22.39 -38.21 -42.79
C GLN G 142 22.99 -37.53 -44.00
N ASP G 143 22.20 -36.68 -44.66
CA ASP G 143 22.69 -35.76 -45.70
C ASP G 143 22.11 -34.39 -45.40
N ASP G 144 22.30 -33.43 -46.31
CA ASP G 144 21.65 -32.10 -46.18
C ASP G 144 20.16 -32.16 -45.78
N ARG G 145 19.38 -33.02 -46.44
CA ARG G 145 17.91 -33.02 -46.30
C ARG G 145 17.26 -34.00 -45.31
N TYR G 146 17.79 -35.22 -45.23
CA TYR G 146 17.14 -36.32 -44.48
C TYR G 146 18.05 -37.02 -43.47
N LEU G 147 17.43 -37.55 -42.42
CA LEU G 147 17.97 -38.68 -41.64
C LEU G 147 17.55 -40.02 -42.25
N TYR G 148 18.39 -41.02 -42.09
CA TYR G 148 18.20 -42.36 -42.62
C TYR G 148 18.46 -43.37 -41.51
N MET G 149 17.69 -44.46 -41.50
CA MET G 149 17.86 -45.56 -40.56
C MET G 149 17.73 -46.88 -41.30
N VAL G 150 18.83 -47.61 -41.43
CA VAL G 150 18.91 -48.87 -42.16
C VAL G 150 18.68 -50.03 -41.15
N MET G 151 17.60 -50.79 -41.39
CA MET G 151 17.11 -51.84 -40.51
C MET G 151 17.03 -53.16 -41.22
N GLU G 152 16.96 -54.23 -40.45
CA GLU G 152 16.67 -55.56 -41.01
C GLU G 152 15.28 -55.47 -41.58
N TYR G 153 15.12 -55.80 -42.87
CA TYR G 153 13.80 -55.88 -43.50
C TYR G 153 13.01 -57.04 -42.88
N MET G 154 11.70 -56.81 -42.70
CA MET G 154 10.77 -57.75 -42.09
C MET G 154 9.72 -58.12 -43.14
N PRO G 155 9.97 -59.18 -43.94
CA PRO G 155 9.15 -59.38 -45.11
C PRO G 155 7.73 -59.94 -44.90
N GLY G 156 7.43 -60.38 -43.67
CA GLY G 156 6.09 -60.81 -43.26
C GLY G 156 5.04 -59.74 -43.07
N GLY G 157 5.45 -58.48 -42.98
CA GLY G 157 4.53 -57.35 -42.92
C GLY G 157 3.95 -57.13 -41.56
N ASP G 158 3.09 -56.12 -41.46
CA ASP G 158 2.42 -55.80 -40.18
C ASP G 158 1.26 -56.73 -39.92
N LEU G 159 0.76 -56.65 -38.68
CA LEU G 159 -0.41 -57.44 -38.27
C LEU G 159 -1.73 -56.89 -38.74
N VAL G 160 -1.77 -55.66 -39.27
CA VAL G 160 -2.99 -55.17 -39.89
C VAL G 160 -3.18 -56.04 -41.13
N ASN G 161 -2.11 -56.12 -41.92
CA ASN G 161 -2.04 -56.89 -43.14
C ASN G 161 -2.27 -58.37 -42.90
N LEU G 162 -1.86 -58.88 -41.74
CA LEU G 162 -2.21 -60.24 -41.33
C LEU G 162 -3.70 -60.41 -41.02
N MET G 163 -4.22 -59.56 -40.14
CA MET G 163 -5.63 -59.60 -39.72
C MET G 163 -6.62 -59.41 -40.89
N SER G 164 -6.27 -58.57 -41.86
CA SER G 164 -7.07 -58.36 -43.07
C SER G 164 -7.14 -59.61 -43.98
N ASN G 165 -6.05 -60.38 -44.02
CA ASN G 165 -5.95 -61.60 -44.84
C ASN G 165 -6.32 -62.93 -44.17
N TYR G 166 -6.55 -62.94 -42.85
CA TYR G 166 -6.95 -64.14 -42.13
C TYR G 166 -8.03 -63.84 -41.09
N ASP G 167 -9.08 -64.67 -41.07
CA ASP G 167 -9.80 -64.88 -39.85
C ASP G 167 -8.81 -65.57 -38.94
N VAL G 168 -8.68 -65.01 -37.73
CA VAL G 168 -7.61 -65.39 -36.83
C VAL G 168 -8.18 -66.27 -35.72
N PRO G 169 -7.76 -67.55 -35.65
CA PRO G 169 -8.23 -68.39 -34.54
C PRO G 169 -7.57 -68.06 -33.22
N GLU G 170 -8.14 -68.60 -32.14
CA GLU G 170 -7.68 -68.28 -30.78
C GLU G 170 -6.26 -68.81 -30.52
N LYS G 171 -5.91 -69.95 -31.12
CA LYS G 171 -4.54 -70.47 -31.01
C LYS G 171 -3.50 -69.48 -31.50
N TRP G 172 -3.80 -68.89 -32.64
CA TRP G 172 -2.93 -67.89 -33.25
C TRP G 172 -2.82 -66.64 -32.40
N ALA G 173 -3.95 -66.19 -31.87
CA ALA G 173 -3.97 -65.01 -31.02
C ALA G 173 -3.21 -65.19 -29.69
N LYS G 174 -3.37 -66.35 -29.03
CA LYS G 174 -2.52 -66.76 -27.86
C LYS G 174 -1.04 -66.49 -28.17
N PHE G 175 -0.60 -66.96 -29.34
CA PHE G 175 0.79 -66.83 -29.78
C PHE G 175 1.19 -65.37 -29.98
N TYR G 176 0.53 -64.69 -30.92
CA TYR G 176 0.89 -63.32 -31.28
C TYR G 176 0.79 -62.36 -30.10
N THR G 177 -0.23 -62.54 -29.26
CA THR G 177 -0.35 -61.78 -28.00
C THR G 177 0.83 -62.02 -27.05
N ALA G 178 1.11 -63.30 -26.80
CA ALA G 178 2.24 -63.68 -25.95
C ALA G 178 3.54 -63.02 -26.40
N GLU G 179 3.81 -63.06 -27.70
CA GLU G 179 4.99 -62.41 -28.27
C GLU G 179 4.98 -60.89 -28.04
N VAL G 180 3.80 -60.26 -28.13
CA VAL G 180 3.67 -58.82 -27.79
C VAL G 180 4.00 -58.59 -26.31
N VAL G 181 3.42 -59.42 -25.44
CA VAL G 181 3.67 -59.32 -23.99
C VAL G 181 5.16 -59.26 -23.65
N LEU G 182 5.95 -60.13 -24.27
CA LEU G 182 7.37 -60.23 -24.03
C LEU G 182 8.13 -59.09 -24.66
N ALA G 183 7.68 -58.66 -25.81
CA ALA G 183 8.27 -57.52 -26.49
C ALA G 183 8.16 -56.26 -25.66
N LEU G 184 6.95 -55.98 -25.18
CA LEU G 184 6.72 -54.82 -24.30
C LEU G 184 7.51 -54.93 -23.02
N ASP G 185 7.49 -56.10 -22.40
CA ASP G 185 8.26 -56.33 -21.17
C ASP G 185 9.73 -55.98 -21.36
N ALA G 186 10.28 -56.26 -22.54
CA ALA G 186 11.64 -55.88 -22.91
C ALA G 186 11.83 -54.37 -23.02
N ILE G 187 10.87 -53.70 -23.67
CA ILE G 187 10.84 -52.22 -23.77
C ILE G 187 10.68 -51.59 -22.37
N HIS G 188 9.84 -52.22 -21.55
CA HIS G 188 9.69 -51.86 -20.15
C HIS G 188 11.01 -52.07 -19.39
N SER G 189 11.65 -53.25 -19.54
CA SER G 189 13.00 -53.54 -18.98
C SER G 189 14.08 -52.52 -19.32
N MET G 190 13.99 -51.95 -20.53
CA MET G 190 14.82 -50.83 -20.94
C MET G 190 14.41 -49.47 -20.35
N GLY G 191 13.41 -49.41 -19.46
CA GLY G 191 12.95 -48.16 -18.85
C GLY G 191 12.24 -47.20 -19.78
N LEU G 192 11.43 -47.75 -20.69
CA LEU G 192 10.62 -46.99 -21.64
C LEU G 192 9.17 -47.43 -21.58
N ILE G 193 8.27 -46.48 -21.86
CA ILE G 193 6.87 -46.72 -22.11
C ILE G 193 6.66 -46.47 -23.60
N HIS G 194 6.01 -47.42 -24.29
CA HIS G 194 5.73 -47.29 -25.73
C HIS G 194 4.71 -46.17 -26.03
N ARG G 195 3.61 -46.21 -25.27
CA ARG G 195 2.40 -45.43 -25.50
C ARG G 195 1.61 -46.01 -26.68
N ASP G 196 2.06 -45.73 -27.91
CA ASP G 196 1.34 -46.09 -29.14
C ASP G 196 1.53 -47.54 -29.62
N VAL G 197 1.05 -48.48 -28.82
CA VAL G 197 1.14 -49.92 -29.11
C VAL G 197 -0.06 -50.25 -30.00
N LYS G 198 0.20 -50.87 -31.15
CA LYS G 198 -0.83 -51.15 -32.18
C LYS G 198 -0.31 -52.09 -33.29
N PRO G 199 -1.20 -52.70 -34.11
CA PRO G 199 -0.76 -53.69 -35.11
C PRO G 199 0.14 -53.16 -36.23
N ASP G 200 0.08 -51.86 -36.47
CA ASP G 200 0.92 -51.19 -37.51
C ASP G 200 2.39 -51.16 -37.08
N ASN G 201 2.59 -51.17 -35.75
CA ASN G 201 3.89 -51.15 -35.08
C ASN G 201 4.37 -52.52 -34.62
N MET G 202 3.86 -53.57 -35.29
CA MET G 202 4.11 -54.98 -34.97
C MET G 202 4.38 -55.67 -36.29
N LEU G 203 5.63 -56.07 -36.51
CA LEU G 203 6.04 -56.68 -37.78
C LEU G 203 6.52 -58.09 -37.63
N LEU G 204 6.60 -58.78 -38.76
CA LEU G 204 6.86 -60.21 -38.81
C LEU G 204 8.09 -60.51 -39.64
N ASP G 205 9.01 -61.26 -39.03
CA ASP G 205 10.30 -61.59 -39.65
C ASP G 205 10.17 -62.63 -40.76
N LYS G 206 11.29 -62.95 -41.40
CA LYS G 206 11.36 -64.03 -42.40
C LYS G 206 10.69 -65.35 -41.99
N HIS G 207 10.66 -65.62 -40.66
CA HIS G 207 9.98 -66.78 -40.07
C HIS G 207 8.61 -66.54 -39.42
N GLY G 208 7.98 -65.42 -39.74
CA GLY G 208 6.67 -65.06 -39.20
C GLY G 208 6.50 -64.85 -37.70
N HIS G 209 7.61 -64.47 -37.04
CA HIS G 209 7.70 -64.14 -35.61
C HIS G 209 7.77 -62.63 -35.45
N LEU G 210 7.31 -62.15 -34.30
CA LEU G 210 7.14 -60.73 -34.04
C LEU G 210 8.44 -59.99 -33.77
N LYS G 211 8.53 -58.78 -34.30
CA LYS G 211 9.47 -57.72 -33.84
C LYS G 211 8.68 -56.40 -33.85
N LEU G 212 9.05 -55.48 -32.96
CA LEU G 212 8.45 -54.14 -32.90
C LEU G 212 9.27 -53.18 -33.71
N ALA G 213 8.57 -52.21 -34.29
CA ALA G 213 9.18 -51.10 -35.03
C ALA G 213 8.31 -49.85 -34.83
N ASP G 214 8.81 -48.70 -35.33
CA ASP G 214 8.24 -47.36 -35.05
C ASP G 214 8.15 -47.11 -33.53
N PHE G 215 9.18 -46.46 -33.04
CA PHE G 215 9.26 -46.05 -31.66
C PHE G 215 9.20 -44.54 -31.49
N GLY G 216 8.67 -43.80 -32.48
CA GLY G 216 8.48 -42.32 -32.37
C GLY G 216 7.82 -41.81 -31.08
N THR G 217 6.96 -42.65 -30.51
CA THR G 217 6.27 -42.36 -29.27
C THR G 217 6.95 -42.77 -28.00
N CYS G 218 7.93 -43.67 -28.06
CA CYS G 218 8.57 -44.13 -26.83
C CYS G 218 9.23 -42.96 -26.12
N MET G 219 8.94 -42.89 -24.82
CA MET G 219 9.45 -41.85 -23.95
C MET G 219 10.04 -42.53 -22.71
N LYS G 220 11.13 -41.93 -22.20
CA LYS G 220 11.84 -42.50 -21.09
C LYS G 220 11.06 -42.29 -19.76
N MET G 221 11.07 -43.32 -18.92
CA MET G 221 10.38 -43.29 -17.64
C MET G 221 11.11 -42.36 -16.67
N ASP G 222 10.33 -41.81 -15.72
CA ASP G 222 10.88 -40.98 -14.63
C ASP G 222 11.40 -42.03 -13.61
N GLU G 223 11.83 -41.61 -12.44
CA GLU G 223 12.32 -42.54 -11.40
C GLU G 223 11.23 -43.54 -10.88
N THR G 224 10.00 -43.05 -10.71
CA THR G 224 8.86 -43.90 -10.34
C THR G 224 8.40 -44.86 -11.45
N GLY G 225 8.51 -44.44 -12.71
CA GLY G 225 7.89 -45.10 -13.83
C GLY G 225 6.77 -44.40 -14.57
N MET G 226 6.64 -43.09 -14.40
CA MET G 226 5.64 -42.23 -15.10
C MET G 226 6.31 -41.49 -16.27
N VAL G 227 5.52 -40.64 -16.93
CA VAL G 227 6.02 -39.64 -17.89
C VAL G 227 4.93 -38.57 -18.10
N HIS G 228 5.33 -37.37 -18.56
CA HIS G 228 4.47 -36.19 -18.66
C HIS G 228 4.25 -35.84 -20.19
N CYS G 229 4.84 -34.83 -20.84
CA CYS G 229 4.72 -34.50 -22.23
C CYS G 229 3.40 -34.56 -22.92
N ASP G 230 2.51 -33.72 -22.42
CA ASP G 230 1.04 -33.68 -22.71
C ASP G 230 0.33 -35.00 -22.51
N THR G 235 -2.71 -43.42 -32.90
CA THR G 235 -4.10 -43.52 -33.39
C THR G 235 -5.06 -43.70 -32.23
N PRO G 236 -6.34 -43.27 -32.41
CA PRO G 236 -7.36 -43.27 -31.35
C PRO G 236 -7.82 -44.62 -30.75
N ASP G 237 -8.13 -45.64 -31.56
CA ASP G 237 -8.79 -46.89 -31.05
C ASP G 237 -8.02 -47.60 -29.93
N TYR G 238 -6.70 -47.62 -30.13
CA TYR G 238 -5.77 -48.32 -29.22
C TYR G 238 -5.31 -47.51 -28.00
N ILE G 239 -5.74 -46.24 -27.92
CA ILE G 239 -5.35 -45.39 -26.81
C ILE G 239 -6.16 -45.72 -25.55
N SER G 240 -5.54 -45.46 -24.38
CA SER G 240 -6.12 -45.71 -23.05
C SER G 240 -6.80 -44.46 -22.48
N PRO G 241 -7.75 -44.62 -21.54
CA PRO G 241 -8.48 -43.44 -20.98
C PRO G 241 -7.60 -42.41 -20.23
N GLU G 242 -6.71 -42.89 -19.38
CA GLU G 242 -5.77 -42.01 -18.65
C GLU G 242 -4.92 -41.12 -19.57
N VAL G 243 -4.49 -41.65 -20.72
CA VAL G 243 -3.77 -40.86 -21.74
C VAL G 243 -4.60 -39.66 -22.26
N LEU G 244 -5.92 -39.85 -22.35
CA LEU G 244 -6.86 -38.81 -22.76
C LEU G 244 -7.13 -37.69 -21.74
N LYS G 245 -6.49 -37.67 -20.56
CA LYS G 245 -6.76 -36.71 -19.48
C LYS G 245 -5.49 -35.97 -19.00
N SER G 246 -4.33 -36.62 -19.14
CA SER G 246 -3.07 -35.90 -19.36
C SER G 246 -3.10 -34.98 -20.57
N GLN G 247 -3.61 -35.48 -21.69
CA GLN G 247 -3.62 -34.71 -22.99
C GLN G 247 -4.52 -33.48 -22.97
N GLY G 248 -5.40 -33.37 -21.97
CA GLY G 248 -6.00 -32.07 -21.52
C GLY G 248 -5.16 -31.31 -20.50
N GLY G 249 -4.09 -30.66 -21.00
CA GLY G 249 -3.01 -30.03 -20.20
C GLY G 249 -1.78 -30.92 -19.98
N ASP G 250 -1.74 -31.58 -18.81
CA ASP G 250 -0.75 -32.64 -18.44
C ASP G 250 -1.32 -33.41 -17.23
N GLY G 251 -1.01 -34.71 -17.13
CA GLY G 251 -1.63 -35.62 -16.15
C GLY G 251 -0.89 -36.76 -15.51
N PHE G 252 0.34 -37.08 -15.96
CA PHE G 252 1.19 -38.16 -15.45
C PHE G 252 0.61 -39.56 -15.61
N TYR G 253 1.23 -40.39 -16.48
CA TYR G 253 0.80 -41.80 -16.74
C TYR G 253 1.95 -42.80 -16.87
N GLY G 254 1.68 -44.05 -16.47
CA GLY G 254 2.66 -45.11 -16.41
C GLY G 254 2.52 -46.21 -17.47
N ARG G 255 3.28 -47.28 -17.24
CA ARG G 255 3.43 -48.39 -18.22
C ARG G 255 2.17 -49.17 -18.50
N GLU G 256 1.29 -49.25 -17.50
CA GLU G 256 -0.03 -49.91 -17.65
C GLU G 256 -0.82 -49.51 -18.92
N CYS G 257 -0.61 -48.30 -19.44
CA CYS G 257 -1.25 -47.86 -20.71
C CYS G 257 -0.87 -48.65 -21.96
N ASP G 258 0.31 -49.28 -21.94
CA ASP G 258 0.70 -50.22 -22.99
C ASP G 258 -0.17 -51.47 -22.89
N TRP G 259 -0.35 -51.97 -21.68
CA TRP G 259 -1.15 -53.16 -21.45
C TRP G 259 -2.64 -53.03 -21.85
N TRP G 260 -3.21 -51.83 -21.71
CA TRP G 260 -4.53 -51.52 -22.30
C TRP G 260 -4.55 -51.89 -23.79
N SER G 261 -3.57 -51.33 -24.50
CA SER G 261 -3.48 -51.49 -25.92
C SER G 261 -3.33 -52.97 -26.36
N VAL G 262 -2.80 -53.81 -25.46
CA VAL G 262 -2.72 -55.26 -25.68
C VAL G 262 -4.10 -55.90 -25.65
N GLY G 263 -4.89 -55.57 -24.63
CA GLY G 263 -6.31 -55.95 -24.63
C GLY G 263 -7.05 -55.60 -25.90
N VAL G 264 -6.92 -54.34 -26.34
CA VAL G 264 -7.56 -53.84 -27.58
C VAL G 264 -7.14 -54.70 -28.80
N PHE G 265 -5.86 -55.06 -28.83
CA PHE G 265 -5.28 -55.87 -29.90
C PHE G 265 -5.88 -57.26 -29.96
N LEU G 266 -5.90 -57.90 -28.81
CA LEU G 266 -6.45 -59.24 -28.69
C LEU G 266 -7.90 -59.28 -29.17
N TYR G 267 -8.69 -58.31 -28.69
CA TYR G 267 -10.06 -58.12 -29.16
C TYR G 267 -10.15 -57.98 -30.70
N GLU G 268 -9.39 -57.07 -31.30
CA GLU G 268 -9.42 -56.88 -32.77
C GLU G 268 -9.11 -58.18 -33.53
N MET G 269 -8.21 -59.00 -32.97
CA MET G 269 -7.86 -60.28 -33.59
C MET G 269 -8.98 -61.28 -33.56
N LEU G 270 -9.59 -61.41 -32.39
CA LEU G 270 -10.64 -62.40 -32.17
C LEU G 270 -12.00 -62.00 -32.73
N VAL G 271 -12.40 -60.75 -32.48
CA VAL G 271 -13.70 -60.23 -32.91
C VAL G 271 -13.66 -59.91 -34.40
N GLY G 272 -12.76 -59.00 -34.77
CA GLY G 272 -12.64 -58.54 -36.18
C GLY G 272 -12.59 -57.03 -36.27
N ASP G 273 -13.40 -56.36 -35.45
CA ASP G 273 -13.34 -54.91 -35.27
C ASP G 273 -12.68 -54.54 -33.93
N THR G 274 -12.29 -53.28 -33.82
CA THR G 274 -11.78 -52.70 -32.57
C THR G 274 -12.95 -52.55 -31.60
N PRO G 275 -12.71 -52.67 -30.29
CA PRO G 275 -13.82 -52.65 -29.32
C PRO G 275 -14.46 -51.29 -29.04
N PHE G 276 -13.90 -50.19 -29.56
CA PHE G 276 -14.52 -48.87 -29.43
C PHE G 276 -14.61 -48.20 -30.79
N TYR G 277 -14.94 -48.98 -31.82
CA TYR G 277 -15.09 -48.45 -33.17
C TYR G 277 -16.21 -47.43 -33.19
N ALA G 278 -16.03 -46.42 -34.02
CA ALA G 278 -17.09 -45.44 -34.30
C ALA G 278 -16.84 -44.84 -35.66
N ASP G 279 -17.83 -44.09 -36.13
CA ASP G 279 -17.79 -43.45 -37.46
C ASP G 279 -16.83 -42.28 -37.29
N SER G 280 -17.18 -41.39 -36.36
CA SER G 280 -16.32 -40.28 -35.96
C SER G 280 -15.24 -40.77 -35.01
N LEU G 281 -14.24 -39.88 -34.81
CA LEU G 281 -13.22 -40.05 -33.79
C LEU G 281 -13.79 -39.69 -32.45
N VAL G 282 -14.45 -38.57 -32.37
CA VAL G 282 -15.18 -38.12 -31.16
C VAL G 282 -16.04 -39.26 -30.53
N GLY G 283 -16.66 -40.07 -31.40
CA GLY G 283 -17.42 -41.24 -31.00
C GLY G 283 -16.56 -42.25 -30.26
N THR G 284 -15.45 -42.61 -30.92
CA THR G 284 -14.44 -43.50 -30.34
C THR G 284 -13.98 -43.03 -28.95
N TYR G 285 -13.61 -41.75 -28.87
CA TYR G 285 -13.15 -41.16 -27.59
C TYR G 285 -14.19 -41.37 -26.53
N SER G 286 -15.43 -40.96 -26.83
CA SER G 286 -16.56 -41.03 -25.90
C SER G 286 -16.78 -42.45 -25.38
N LYS G 287 -16.64 -43.42 -26.30
CA LYS G 287 -16.75 -44.84 -25.98
C LYS G 287 -15.63 -45.33 -25.05
N ILE G 288 -14.40 -44.93 -25.35
CA ILE G 288 -13.24 -45.31 -24.52
C ILE G 288 -13.45 -44.84 -23.08
N MET G 289 -13.84 -43.58 -22.91
CA MET G 289 -14.15 -43.01 -21.56
C MET G 289 -15.21 -43.81 -20.83
N ASP G 290 -16.26 -44.15 -21.57
CA ASP G 290 -17.38 -44.93 -21.06
C ASP G 290 -17.13 -46.46 -21.04
N HIS G 291 -15.88 -46.91 -21.18
CA HIS G 291 -15.52 -48.34 -21.37
C HIS G 291 -16.23 -49.35 -20.48
N LYS G 292 -16.48 -48.95 -19.22
CA LYS G 292 -17.27 -49.76 -18.27
C LYS G 292 -18.61 -50.22 -18.86
N ASN G 293 -19.29 -49.32 -19.58
CA ASN G 293 -20.56 -49.61 -20.27
C ASN G 293 -20.37 -49.99 -21.74
N SER G 294 -19.51 -49.25 -22.45
CA SER G 294 -19.39 -49.37 -23.92
C SER G 294 -18.70 -50.61 -24.48
N LEU G 295 -18.10 -51.43 -23.61
CA LEU G 295 -17.52 -52.72 -24.02
C LEU G 295 -18.54 -53.82 -23.80
N CYS G 296 -19.06 -54.37 -24.90
CA CYS G 296 -19.70 -55.69 -24.89
C CYS G 296 -19.10 -56.50 -26.04
N PHE G 297 -19.16 -57.81 -25.90
CA PHE G 297 -18.67 -58.75 -26.92
C PHE G 297 -19.81 -59.17 -27.83
N PRO G 298 -19.67 -58.97 -29.15
CA PRO G 298 -20.72 -59.45 -30.07
C PRO G 298 -21.12 -60.90 -29.82
N GLU G 299 -22.43 -61.15 -29.69
CA GLU G 299 -22.95 -62.49 -29.39
C GLU G 299 -22.71 -63.49 -30.52
N ASP G 300 -22.59 -63.02 -31.77
CA ASP G 300 -22.16 -63.86 -32.90
C ASP G 300 -20.72 -64.35 -32.84
N ALA G 301 -19.83 -63.66 -32.12
CA ALA G 301 -18.41 -64.02 -32.01
C ALA G 301 -18.13 -65.22 -31.11
N GLU G 302 -17.28 -66.15 -31.57
CA GLU G 302 -16.74 -67.24 -30.75
C GLU G 302 -15.49 -66.79 -30.08
N ILE G 303 -15.54 -66.65 -28.75
CA ILE G 303 -14.36 -66.38 -27.89
C ILE G 303 -14.55 -67.20 -26.58
N SER G 304 -13.44 -67.69 -26.06
CA SER G 304 -13.46 -68.49 -24.83
C SER G 304 -13.67 -67.61 -23.59
N LYS G 305 -13.94 -68.24 -22.46
CA LYS G 305 -14.21 -67.50 -21.23
C LYS G 305 -12.89 -66.87 -20.80
N HIS G 306 -11.84 -67.69 -20.73
CA HIS G 306 -10.47 -67.26 -20.47
C HIS G 306 -10.06 -66.04 -21.30
N ALA G 307 -10.30 -66.11 -22.60
CA ALA G 307 -9.98 -65.01 -23.50
C ALA G 307 -10.81 -63.74 -23.24
N LYS G 308 -12.12 -63.92 -23.03
CA LYS G 308 -13.01 -62.84 -22.58
C LYS G 308 -12.45 -62.19 -21.31
N ASN G 309 -12.17 -63.04 -20.32
CA ASN G 309 -11.73 -62.63 -18.98
C ASN G 309 -10.46 -61.78 -19.11
N LEU G 310 -9.47 -62.29 -19.84
CA LEU G 310 -8.20 -61.57 -20.06
C LEU G 310 -8.34 -60.19 -20.68
N ILE G 311 -9.20 -60.07 -21.69
CA ILE G 311 -9.46 -58.77 -22.33
C ILE G 311 -10.04 -57.77 -21.31
N CYS G 312 -10.99 -58.24 -20.50
CA CYS G 312 -11.56 -57.43 -19.45
C CYS G 312 -10.57 -57.04 -18.38
N ALA G 313 -9.62 -57.92 -18.10
CA ALA G 313 -8.54 -57.63 -17.16
C ALA G 313 -7.58 -56.53 -17.62
N PHE G 314 -7.37 -56.42 -18.93
CA PHE G 314 -6.62 -55.31 -19.52
C PHE G 314 -7.42 -54.03 -19.69
N LEU G 315 -8.72 -54.16 -19.96
CA LEU G 315 -9.56 -52.98 -20.20
C LEU G 315 -10.38 -52.54 -18.95
N THR G 316 -9.65 -52.30 -17.85
CA THR G 316 -10.18 -51.67 -16.65
C THR G 316 -9.55 -50.29 -16.50
N ASP G 317 -9.96 -49.59 -15.45
CA ASP G 317 -9.28 -48.37 -14.98
C ASP G 317 -7.86 -48.72 -14.56
N ARG G 318 -6.95 -47.78 -14.79
CA ARG G 318 -5.51 -47.90 -14.51
C ARG G 318 -5.13 -48.53 -13.17
N GLU G 319 -5.88 -48.17 -12.12
CA GLU G 319 -5.57 -48.50 -10.72
C GLU G 319 -5.61 -50.00 -10.42
N VAL G 320 -6.44 -50.76 -11.15
CA VAL G 320 -6.54 -52.24 -11.00
C VAL G 320 -6.32 -53.01 -12.32
N ARG G 321 -5.67 -52.38 -13.29
CA ARG G 321 -5.35 -53.02 -14.58
C ARG G 321 -4.25 -54.06 -14.43
N LEU G 322 -4.29 -55.06 -15.29
CA LEU G 322 -3.34 -56.18 -15.27
C LEU G 322 -1.99 -55.71 -15.83
N GLY G 323 -0.90 -56.08 -15.17
CA GLY G 323 0.46 -55.62 -15.55
C GLY G 323 1.02 -54.40 -14.83
N ARG G 324 0.18 -53.77 -13.98
CA ARG G 324 0.66 -52.88 -12.93
C ARG G 324 1.73 -53.57 -12.10
N ASN G 325 1.36 -54.74 -11.56
CA ASN G 325 2.19 -55.49 -10.61
C ASN G 325 3.06 -56.47 -11.38
N GLY G 326 3.87 -55.91 -12.29
CA GLY G 326 4.73 -56.68 -13.15
C GLY G 326 4.07 -57.52 -14.22
N VAL G 327 4.92 -57.99 -15.11
CA VAL G 327 4.54 -58.89 -16.19
C VAL G 327 4.03 -60.27 -15.74
N GLU G 328 4.49 -60.78 -14.59
CA GLU G 328 4.30 -62.20 -14.23
C GLU G 328 2.83 -62.60 -14.08
N GLU G 329 2.02 -61.73 -13.48
CA GLU G 329 0.57 -61.98 -13.35
C GLU G 329 -0.14 -62.16 -14.70
N ILE G 330 0.30 -61.45 -15.74
CA ILE G 330 -0.14 -61.68 -17.13
C ILE G 330 0.25 -63.09 -17.59
N ARG G 331 1.52 -63.43 -17.41
CA ARG G 331 2.06 -64.68 -17.96
C ARG G 331 1.38 -65.93 -17.44
N GLN G 332 0.96 -65.92 -16.18
CA GLN G 332 0.28 -67.08 -15.56
C GLN G 332 -1.25 -67.12 -15.78
N HIS G 333 -1.84 -66.04 -16.34
CA HIS G 333 -3.25 -66.04 -16.75
C HIS G 333 -3.60 -67.28 -17.60
N PRO G 334 -4.72 -67.97 -17.29
CA PRO G 334 -4.98 -69.31 -17.85
C PRO G 334 -5.07 -69.40 -19.36
N PHE G 335 -5.72 -68.40 -19.98
CA PHE G 335 -5.70 -68.16 -21.42
C PHE G 335 -4.46 -68.67 -22.16
N PHE G 336 -3.29 -68.30 -21.65
CA PHE G 336 -2.01 -68.67 -22.31
C PHE G 336 -1.59 -70.13 -22.25
N LYS G 337 -2.26 -70.95 -21.43
CA LYS G 337 -1.99 -72.39 -21.42
C LYS G 337 -2.28 -73.00 -22.80
N ASN G 338 -1.21 -73.50 -23.44
CA ASN G 338 -1.28 -74.51 -24.48
C ASN G 338 -0.17 -75.54 -24.37
N ASP G 339 -0.31 -76.62 -25.14
CA ASP G 339 0.74 -77.65 -25.26
C ASP G 339 1.38 -77.46 -26.62
N GLN G 340 1.90 -76.25 -26.84
CA GLN G 340 2.57 -75.82 -28.09
C GLN G 340 3.88 -75.08 -27.78
N TRP G 341 3.81 -74.05 -26.93
CA TRP G 341 5.01 -73.32 -26.50
C TRP G 341 5.02 -73.02 -25.01
N HIS G 342 6.21 -72.63 -24.51
CA HIS G 342 6.45 -72.13 -23.14
C HIS G 342 6.98 -70.71 -23.27
N TRP G 343 6.90 -69.93 -22.20
CA TRP G 343 7.29 -68.51 -22.25
C TRP G 343 8.76 -68.24 -22.59
N ASP G 344 9.65 -69.04 -22.00
CA ASP G 344 11.11 -68.99 -22.25
C ASP G 344 11.55 -69.36 -23.67
N ASN G 345 10.73 -70.14 -24.40
CA ASN G 345 11.07 -70.63 -25.76
C ASN G 345 10.12 -70.26 -26.91
N ILE G 346 9.11 -69.43 -26.65
CA ILE G 346 8.08 -69.13 -27.67
C ILE G 346 8.65 -68.71 -29.03
N ARG G 347 9.65 -67.82 -29.00
CA ARG G 347 10.20 -67.26 -30.24
C ARG G 347 11.03 -68.25 -31.06
N GLU G 348 11.41 -69.36 -30.42
CA GLU G 348 12.18 -70.40 -31.06
C GLU G 348 11.25 -71.58 -31.48
N THR G 349 9.91 -71.45 -31.34
CA THR G 349 8.92 -72.40 -31.89
C THR G 349 8.45 -72.01 -33.29
N ALA G 350 7.62 -72.85 -33.91
CA ALA G 350 7.09 -72.58 -35.25
C ALA G 350 5.99 -71.55 -35.18
N ALA G 351 6.09 -70.52 -36.00
CA ALA G 351 5.08 -69.48 -36.05
C ALA G 351 3.85 -70.01 -36.78
N PRO G 352 2.65 -69.48 -36.45
CA PRO G 352 1.40 -69.69 -37.19
C PRO G 352 1.44 -69.50 -38.69
N VAL G 353 2.04 -68.41 -39.14
CA VAL G 353 2.11 -68.03 -40.56
C VAL G 353 3.55 -67.71 -40.83
N VAL G 354 4.23 -68.64 -41.49
CA VAL G 354 5.55 -68.42 -42.07
C VAL G 354 5.27 -67.87 -43.46
N PRO G 355 5.87 -66.72 -43.82
CA PRO G 355 5.63 -66.19 -45.15
C PRO G 355 6.44 -66.99 -46.17
N GLU G 356 5.88 -67.14 -47.37
CA GLU G 356 6.53 -67.77 -48.51
C GLU G 356 6.91 -66.62 -49.42
N LEU G 357 8.19 -66.48 -49.72
CA LEU G 357 8.70 -65.28 -50.39
C LEU G 357 9.43 -65.63 -51.69
N SER G 358 9.09 -64.93 -52.76
CA SER G 358 9.54 -65.25 -54.12
C SER G 358 11.04 -64.97 -54.36
N SER G 359 11.50 -63.82 -53.84
CA SER G 359 12.87 -63.32 -53.96
C SER G 359 13.29 -62.68 -52.64
N ASP G 360 14.52 -62.19 -52.61
CA ASP G 360 14.98 -61.32 -51.51
C ASP G 360 14.34 -59.93 -51.42
N ILE G 361 13.45 -59.58 -52.35
CA ILE G 361 12.71 -58.29 -52.40
C ILE G 361 11.18 -58.40 -52.48
N ASP G 362 10.62 -59.55 -52.08
CA ASP G 362 9.20 -59.74 -52.10
C ASP G 362 8.53 -58.92 -50.98
N SER G 363 7.94 -57.80 -51.40
CA SER G 363 7.16 -56.94 -50.52
C SER G 363 5.67 -57.18 -50.68
N SER G 364 5.27 -58.42 -50.96
CA SER G 364 3.87 -58.76 -51.17
C SER G 364 3.05 -58.53 -49.90
N ASN G 365 3.66 -58.67 -48.73
CA ASN G 365 2.98 -58.39 -47.48
C ASN G 365 2.95 -56.88 -47.08
N PHE G 366 3.24 -56.01 -48.04
CA PHE G 366 3.12 -54.57 -47.90
C PHE G 366 2.30 -54.04 -49.04
N ASP G 367 1.31 -53.21 -48.69
CA ASP G 367 0.45 -52.57 -49.66
C ASP G 367 1.29 -51.52 -50.37
N ASP G 368 0.92 -51.23 -51.61
CA ASP G 368 1.60 -50.19 -52.43
C ASP G 368 1.31 -48.81 -51.85
N ILE G 369 2.07 -47.80 -52.29
CA ILE G 369 1.98 -46.42 -51.73
C ILE G 369 1.93 -45.31 -52.82
N GLU G 370 1.22 -44.21 -52.49
CA GLU G 370 1.03 -42.98 -53.34
C GLU G 370 2.03 -41.88 -53.00
N ASP G 371 2.07 -40.80 -53.78
CA ASP G 371 2.97 -39.63 -53.51
C ASP G 371 2.27 -38.38 -52.97
N VAL G 376 7.86 -31.53 -52.16
CA VAL G 376 8.97 -31.48 -51.17
C VAL G 376 9.57 -30.08 -51.08
N GLU G 377 9.55 -29.51 -49.88
CA GLU G 377 10.16 -28.17 -49.60
C GLU G 377 11.29 -28.29 -48.57
N THR G 378 12.44 -27.69 -48.90
CA THR G 378 13.62 -27.62 -48.05
C THR G 378 13.67 -26.23 -47.38
N PHE G 379 14.74 -25.98 -46.63
CA PHE G 379 14.93 -24.71 -45.90
C PHE G 379 15.16 -23.50 -46.79
N PRO G 380 14.84 -22.28 -46.28
CA PRO G 380 15.31 -21.09 -47.03
C PRO G 380 16.83 -21.00 -46.98
N ILE G 381 17.46 -20.57 -48.08
CA ILE G 381 18.85 -20.09 -48.00
C ILE G 381 18.79 -18.94 -46.99
N PRO G 382 19.62 -19.00 -45.94
CA PRO G 382 19.52 -17.93 -44.96
C PRO G 382 20.42 -16.74 -45.32
N LYS G 383 20.13 -15.64 -44.63
CA LYS G 383 20.86 -14.40 -44.79
C LYS G 383 21.96 -14.41 -43.73
N ALA G 384 21.58 -14.55 -42.46
CA ALA G 384 22.51 -14.79 -41.31
C ALA G 384 22.64 -16.31 -41.00
N PHE G 385 23.43 -16.66 -39.98
CA PHE G 385 23.59 -18.06 -39.50
C PHE G 385 22.34 -18.53 -38.76
N VAL G 386 21.98 -19.80 -38.99
CA VAL G 386 20.68 -20.37 -38.58
C VAL G 386 20.78 -21.64 -37.76
N GLY G 387 21.69 -22.54 -38.13
CA GLY G 387 21.95 -23.76 -37.37
C GLY G 387 20.86 -24.79 -37.49
N ASN G 388 20.43 -25.05 -38.71
CA ASN G 388 19.38 -26.06 -38.93
C ASN G 388 19.84 -27.48 -38.67
N GLN G 389 21.11 -27.74 -38.95
CA GLN G 389 21.69 -29.06 -38.71
C GLN G 389 22.09 -29.39 -37.26
N LEU G 390 22.01 -28.42 -36.36
CA LEU G 390 22.45 -28.63 -34.99
C LEU G 390 21.70 -29.70 -34.18
N PRO G 391 20.37 -29.83 -34.35
CA PRO G 391 19.73 -30.85 -33.54
C PRO G 391 19.91 -32.29 -34.11
N PHE G 392 20.61 -32.43 -35.25
CA PHE G 392 20.97 -33.73 -35.84
C PHE G 392 22.45 -34.17 -35.70
N ILE G 393 23.21 -33.47 -34.86
CA ILE G 393 24.59 -33.84 -34.58
C ILE G 393 24.53 -34.99 -33.59
N GLY G 394 25.18 -36.09 -33.98
CA GLY G 394 25.31 -37.29 -33.15
C GLY G 394 24.49 -38.44 -33.65
N PHE G 395 23.66 -38.19 -34.67
CA PHE G 395 22.74 -39.18 -35.15
C PHE G 395 23.47 -40.34 -35.78
N THR G 396 24.47 -40.01 -36.61
CA THR G 396 25.16 -40.98 -37.43
C THR G 396 25.71 -42.09 -36.55
N TYR G 397 25.51 -43.33 -37.00
CA TYR G 397 25.93 -44.54 -36.30
C TYR G 397 26.28 -45.63 -37.32
N TYR G 398 27.51 -46.15 -37.25
CA TYR G 398 27.91 -47.35 -38.00
C TYR G 398 28.06 -48.45 -36.94
N ARG G 399 27.37 -49.57 -37.16
CA ARG G 399 27.45 -50.72 -36.25
C ARG G 399 28.77 -51.41 -36.50
N SER H 7 -61.75 47.52 -55.01
CA SER H 7 -61.99 46.31 -54.15
C SER H 7 -60.56 45.72 -53.93
N ARG H 8 -60.05 45.06 -54.97
CA ARG H 8 -58.60 44.87 -55.16
C ARG H 8 -57.98 46.09 -55.79
N GLN H 9 -58.61 46.69 -56.80
CA GLN H 9 -58.05 47.82 -57.56
C GLN H 9 -57.78 49.12 -56.80
N ARG H 10 -58.31 49.25 -55.59
CA ARG H 10 -57.77 50.25 -54.63
C ARG H 10 -56.38 49.84 -54.19
N LYS H 11 -56.26 48.60 -53.71
CA LYS H 11 -54.97 48.03 -53.18
C LYS H 11 -53.84 48.13 -54.22
N LEU H 12 -54.21 47.88 -55.48
CA LEU H 12 -53.31 47.97 -56.62
C LEU H 12 -52.81 49.39 -56.83
N GLU H 13 -53.74 50.34 -56.92
CA GLU H 13 -53.42 51.78 -57.06
C GLU H 13 -52.65 52.35 -55.86
N ALA H 14 -52.79 51.72 -54.69
CA ALA H 14 -51.92 52.03 -53.53
C ALA H 14 -50.44 51.76 -53.83
N LEU H 15 -50.17 50.54 -54.28
CA LEU H 15 -48.81 50.10 -54.67
C LEU H 15 -48.12 50.96 -55.74
N ILE H 16 -48.91 51.50 -56.64
CA ILE H 16 -48.40 52.37 -57.69
C ILE H 16 -48.08 53.77 -57.15
N ARG H 17 -48.84 54.24 -56.15
CA ARG H 17 -48.60 55.55 -55.53
C ARG H 17 -47.51 55.62 -54.47
N ASP H 18 -47.23 54.52 -53.80
CA ASP H 18 -46.14 54.45 -52.79
C ASP H 18 -44.74 54.58 -53.48
N PRO H 19 -43.97 55.65 -53.20
CA PRO H 19 -42.67 55.78 -53.86
C PRO H 19 -41.56 54.86 -53.33
N ARG H 20 -41.76 54.27 -52.13
CA ARG H 20 -40.94 53.15 -51.65
C ARG H 20 -41.19 51.85 -52.47
N SER H 21 -42.35 51.72 -53.14
CA SER H 21 -42.68 50.51 -53.91
C SER H 21 -41.93 50.42 -55.26
N PRO H 22 -41.51 49.18 -55.62
CA PRO H 22 -40.70 48.94 -56.83
C PRO H 22 -41.44 49.07 -58.15
N ILE H 23 -42.76 49.25 -58.08
CA ILE H 23 -43.61 49.53 -59.22
C ILE H 23 -44.33 50.86 -59.05
N ASN H 24 -43.67 51.86 -58.47
CA ASN H 24 -44.14 53.23 -58.65
C ASN H 24 -44.05 53.61 -60.12
N VAL H 25 -44.63 54.73 -60.47
CA VAL H 25 -44.68 55.16 -61.86
C VAL H 25 -43.26 55.36 -62.43
N GLU H 26 -42.34 55.87 -61.62
CA GLU H 26 -40.95 56.09 -62.09
C GLU H 26 -40.31 54.77 -62.50
N SER H 27 -40.46 53.76 -61.63
CA SER H 27 -39.99 52.39 -61.90
C SER H 27 -40.55 51.73 -63.14
N LEU H 28 -41.81 51.98 -63.42
CA LEU H 28 -42.47 51.38 -64.57
C LEU H 28 -41.98 51.97 -65.89
N LEU H 29 -41.74 53.27 -65.87
CA LEU H 29 -41.08 53.98 -66.98
C LEU H 29 -39.64 53.66 -67.19
N ASP H 30 -38.94 53.33 -66.10
CA ASP H 30 -37.58 52.80 -66.20
C ASP H 30 -37.70 51.48 -66.97
N GLY H 31 -38.57 50.59 -66.49
CA GLY H 31 -38.93 49.33 -67.17
C GLY H 31 -39.19 49.40 -68.65
N LEU H 32 -39.84 50.48 -69.08
CA LEU H 32 -40.03 50.75 -70.49
C LEU H 32 -38.75 51.22 -71.17
N ASN H 33 -38.07 52.26 -70.62
CA ASN H 33 -36.86 52.81 -71.27
C ASN H 33 -35.76 51.74 -71.33
N SER H 34 -35.57 51.03 -70.21
CA SER H 34 -34.66 49.88 -70.13
C SER H 34 -34.91 48.82 -71.19
N LEU H 35 -36.18 48.51 -71.42
CA LEU H 35 -36.55 47.52 -72.44
C LEU H 35 -36.12 47.99 -73.84
N VAL H 36 -36.57 49.16 -74.22
CA VAL H 36 -36.20 49.75 -75.52
C VAL H 36 -34.68 49.80 -75.76
N LEU H 37 -33.92 50.25 -74.76
CA LEU H 37 -32.46 50.39 -74.92
C LEU H 37 -31.76 49.09 -75.16
N ASP H 38 -32.17 48.05 -74.42
CA ASP H 38 -31.64 46.69 -74.58
C ASP H 38 -32.08 45.94 -75.86
N LEU H 39 -33.08 46.48 -76.57
CA LEU H 39 -33.55 45.98 -77.88
C LEU H 39 -33.16 46.80 -79.11
N ASP H 40 -33.20 48.12 -79.06
CA ASP H 40 -32.96 48.99 -80.27
C ASP H 40 -31.51 48.92 -80.73
N PHE H 41 -31.24 47.87 -81.50
CA PHE H 41 -29.99 47.66 -82.22
C PHE H 41 -30.42 47.07 -83.54
N PRO H 42 -29.89 47.57 -84.68
CA PRO H 42 -30.36 46.98 -85.95
C PRO H 42 -30.24 45.43 -86.05
N ALA H 43 -29.28 44.85 -85.30
CA ALA H 43 -29.15 43.39 -85.12
C ALA H 43 -30.41 42.66 -84.62
N LEU H 44 -31.01 43.19 -83.56
CA LEU H 44 -32.13 42.51 -82.88
C LEU H 44 -33.50 42.80 -83.51
N ARG H 45 -33.64 43.97 -84.14
CA ARG H 45 -34.78 44.30 -85.03
C ARG H 45 -34.99 43.34 -86.24
N LYS H 46 -34.06 42.42 -86.48
CA LYS H 46 -34.30 41.28 -87.39
C LYS H 46 -35.46 40.39 -86.90
N ASN H 47 -35.61 40.23 -85.58
CA ASN H 47 -36.85 39.71 -84.99
C ASN H 47 -37.99 40.72 -85.18
N LYS H 48 -39.07 40.25 -85.80
CA LYS H 48 -40.24 41.05 -86.17
C LYS H 48 -40.98 41.58 -84.91
N ASN H 49 -41.24 40.68 -83.94
CA ASN H 49 -41.84 41.01 -82.62
C ASN H 49 -41.31 42.29 -82.00
N ILE H 50 -39.97 42.34 -81.99
CA ILE H 50 -39.20 43.47 -81.50
C ILE H 50 -39.48 44.69 -82.37
N ASP H 51 -39.12 44.62 -83.65
CA ASP H 51 -39.29 45.75 -84.59
C ASP H 51 -40.72 46.39 -84.57
N ASN H 52 -41.78 45.58 -84.41
CA ASN H 52 -43.17 46.08 -84.31
C ASN H 52 -43.32 46.92 -83.07
N PHE H 53 -42.92 46.30 -81.96
CA PHE H 53 -43.02 46.88 -80.65
C PHE H 53 -42.25 48.20 -80.62
N LEU H 54 -41.00 48.14 -81.06
CA LEU H 54 -40.16 49.34 -81.15
C LEU H 54 -40.75 50.40 -81.99
N ASN H 55 -41.29 50.08 -83.17
CA ASN H 55 -41.92 51.10 -84.03
C ASN H 55 -43.10 51.82 -83.37
N ARG H 56 -43.87 51.08 -82.57
CA ARG H 56 -44.94 51.69 -81.74
C ARG H 56 -44.37 52.69 -80.72
N TYR H 57 -43.57 52.15 -79.82
CA TYR H 57 -43.04 52.94 -78.71
C TYR H 57 -41.90 53.95 -79.05
N GLU H 58 -41.16 53.72 -80.13
CA GLU H 58 -40.12 54.64 -80.69
C GLU H 58 -40.40 56.10 -80.40
N LYS H 59 -41.59 56.54 -80.87
CA LYS H 59 -41.96 57.93 -80.91
C LYS H 59 -42.23 58.42 -79.49
N ILE H 60 -43.12 57.73 -78.77
CA ILE H 60 -43.44 58.11 -77.38
C ILE H 60 -42.22 58.14 -76.42
N VAL H 61 -41.33 57.15 -76.55
CA VAL H 61 -40.13 57.09 -75.69
C VAL H 61 -39.19 58.27 -75.93
N LYS H 62 -38.98 58.64 -77.19
CA LYS H 62 -38.21 59.83 -77.50
C LYS H 62 -38.83 61.13 -76.92
N LYS H 63 -40.16 61.19 -76.82
CA LYS H 63 -40.82 62.30 -76.10
C LYS H 63 -40.57 62.32 -74.59
N ILE H 64 -40.85 61.20 -73.94
CA ILE H 64 -40.56 60.90 -72.49
C ILE H 64 -39.18 61.37 -72.03
N ARG H 65 -38.16 61.06 -72.83
CA ARG H 65 -36.78 61.42 -72.53
C ARG H 65 -36.58 62.93 -72.45
N GLY H 66 -37.20 63.65 -73.39
CA GLY H 66 -37.30 65.09 -73.35
C GLY H 66 -37.84 65.65 -72.05
N LEU H 67 -38.92 65.04 -71.56
CA LEU H 67 -39.64 65.51 -70.37
C LEU H 67 -39.02 65.09 -69.05
N GLN H 68 -38.54 63.86 -68.97
CA GLN H 68 -37.88 63.37 -67.76
C GLN H 68 -36.61 64.15 -67.46
N MET H 69 -36.23 64.13 -66.18
CA MET H 69 -35.01 64.77 -65.74
C MET H 69 -33.84 64.07 -66.39
N LYS H 70 -32.88 64.87 -66.82
CA LYS H 70 -31.69 64.41 -67.53
C LYS H 70 -30.51 65.31 -67.24
N ALA H 71 -29.32 64.81 -67.55
CA ALA H 71 -28.07 65.53 -67.30
C ALA H 71 -27.95 66.91 -68.00
N GLU H 72 -28.55 67.07 -69.16
CA GLU H 72 -28.61 68.37 -69.87
C GLU H 72 -29.47 69.43 -69.16
N ASP H 73 -30.28 69.03 -68.17
CA ASP H 73 -30.97 69.99 -67.29
C ASP H 73 -30.03 70.75 -66.35
N TYR H 74 -28.82 70.22 -66.11
CA TYR H 74 -27.81 70.80 -65.24
C TYR H 74 -26.56 71.29 -65.97
N ASP H 75 -25.96 72.37 -65.45
CA ASP H 75 -24.63 72.88 -65.87
C ASP H 75 -23.60 72.39 -64.88
N VAL H 76 -22.50 71.77 -65.39
CA VAL H 76 -21.41 71.31 -64.52
C VAL H 76 -20.47 72.49 -64.28
N VAL H 77 -20.16 72.72 -63.01
CA VAL H 77 -19.34 73.85 -62.57
C VAL H 77 -17.90 73.42 -62.38
N LYS H 78 -17.70 72.41 -61.55
CA LYS H 78 -16.38 71.84 -61.28
C LYS H 78 -16.61 70.38 -60.86
N VAL H 79 -15.60 69.54 -61.10
CA VAL H 79 -15.56 68.20 -60.50
C VAL H 79 -14.86 68.29 -59.13
N ILE H 80 -15.50 67.69 -58.14
CA ILE H 80 -15.10 67.82 -56.71
C ILE H 80 -14.85 66.51 -55.95
N GLY H 81 -14.91 65.40 -56.68
CA GLY H 81 -14.80 64.07 -56.09
C GLY H 81 -14.59 63.08 -57.22
N ARG H 82 -13.92 62.00 -56.91
CA ARG H 82 -13.70 60.91 -57.86
C ARG H 82 -13.65 59.68 -57.02
N GLY H 83 -14.27 58.61 -57.52
CA GLY H 83 -14.37 57.35 -56.80
C GLY H 83 -14.36 56.20 -57.76
N ALA H 84 -14.45 54.99 -57.16
CA ALA H 84 -14.33 53.73 -57.89
C ALA H 84 -15.08 53.70 -59.22
N PHE H 85 -16.37 53.97 -59.16
CA PHE H 85 -17.25 53.82 -60.33
C PHE H 85 -17.74 55.17 -60.92
N GLY H 86 -17.23 56.31 -60.48
CA GLY H 86 -17.48 57.57 -61.21
C GLY H 86 -16.88 58.81 -60.58
N GLU H 87 -17.66 59.89 -60.59
CA GLU H 87 -17.28 61.19 -60.02
C GLU H 87 -18.43 61.96 -59.40
N VAL H 88 -18.08 62.99 -58.63
CA VAL H 88 -19.02 63.92 -57.99
C VAL H 88 -18.79 65.30 -58.59
N GLN H 89 -19.89 65.91 -59.05
CA GLN H 89 -19.89 67.18 -59.75
C GLN H 89 -20.66 68.22 -58.93
N LEU H 90 -20.09 69.43 -58.86
CA LEU H 90 -20.85 70.60 -58.45
C LEU H 90 -21.62 71.05 -59.66
N VAL H 91 -22.94 71.22 -59.52
CA VAL H 91 -23.84 71.54 -60.64
C VAL H 91 -24.88 72.59 -60.31
N ARG H 92 -25.33 73.31 -61.34
CA ARG H 92 -26.43 74.26 -61.23
C ARG H 92 -27.57 73.80 -62.13
N HIS H 93 -28.77 73.64 -61.56
CA HIS H 93 -30.01 73.33 -62.33
C HIS H 93 -30.28 74.55 -63.17
N LYS H 94 -30.26 74.39 -64.50
CA LYS H 94 -30.34 75.49 -65.46
C LYS H 94 -31.60 76.32 -65.26
N ALA H 95 -32.73 75.61 -65.23
CA ALA H 95 -34.06 76.20 -64.95
C ALA H 95 -34.18 76.87 -63.58
N SER H 96 -34.10 76.08 -62.50
CA SER H 96 -34.33 76.62 -61.13
C SER H 96 -33.19 77.47 -60.60
N GLN H 97 -32.00 77.37 -61.21
CA GLN H 97 -30.78 78.08 -60.79
C GLN H 97 -30.13 77.57 -59.51
N LYS H 98 -30.71 76.54 -58.86
CA LYS H 98 -30.21 76.03 -57.58
C LYS H 98 -28.97 75.17 -57.79
N VAL H 99 -28.16 75.08 -56.74
CA VAL H 99 -26.89 74.37 -56.77
C VAL H 99 -26.97 73.06 -55.97
N TYR H 100 -26.49 71.99 -56.59
CA TYR H 100 -26.48 70.68 -55.96
C TYR H 100 -25.12 70.03 -56.17
N ALA H 101 -24.92 68.94 -55.42
CA ALA H 101 -23.83 68.00 -55.66
C ALA H 101 -24.47 66.82 -56.37
N MET H 102 -23.85 66.39 -57.47
CA MET H 102 -24.38 65.28 -58.27
C MET H 102 -23.33 64.19 -58.41
N LYS H 103 -23.68 62.98 -57.96
CA LYS H 103 -22.78 61.83 -58.00
C LYS H 103 -23.19 60.97 -59.17
N LEU H 104 -22.20 60.62 -60.01
CA LEU H 104 -22.39 59.80 -61.21
C LEU H 104 -21.81 58.41 -61.01
N LEU H 105 -22.45 57.41 -61.63
CA LEU H 105 -21.96 56.04 -61.60
C LEU H 105 -22.07 55.42 -62.98
N SER H 106 -20.92 55.05 -63.55
CA SER H 106 -20.82 54.36 -64.83
C SER H 106 -21.54 53.02 -64.71
N LYS H 107 -22.46 52.80 -65.65
CA LYS H 107 -23.12 51.52 -65.73
C LYS H 107 -22.13 50.45 -66.21
N PHE H 108 -21.37 50.74 -67.28
CA PHE H 108 -20.37 49.77 -67.81
C PHE H 108 -19.51 49.18 -66.69
N GLU H 109 -18.89 50.08 -65.92
CA GLU H 109 -17.97 49.72 -64.85
C GLU H 109 -18.62 48.86 -63.76
N MET H 110 -19.85 49.20 -63.38
CA MET H 110 -20.55 48.48 -62.31
C MET H 110 -20.86 47.03 -62.67
N ILE H 111 -21.30 46.84 -63.91
CA ILE H 111 -21.56 45.51 -64.47
C ILE H 111 -20.22 44.78 -64.52
N LYS H 112 -19.28 45.35 -65.29
CA LYS H 112 -17.95 44.77 -65.49
C LYS H 112 -17.35 44.30 -64.15
N ARG H 113 -17.16 45.21 -63.21
CA ARG H 113 -16.60 44.85 -61.91
C ARG H 113 -17.71 44.50 -60.92
N SER H 114 -18.30 43.31 -61.09
CA SER H 114 -19.08 42.56 -60.06
C SER H 114 -20.23 43.24 -59.24
N ASP H 115 -19.83 44.35 -58.65
CA ASP H 115 -20.60 44.99 -57.60
C ASP H 115 -21.55 46.04 -58.31
N SER H 116 -22.85 45.72 -58.29
CA SER H 116 -23.91 46.58 -58.84
C SER H 116 -25.29 46.49 -58.12
N ALA H 117 -25.22 46.39 -56.79
CA ALA H 117 -26.37 46.48 -55.89
C ALA H 117 -26.25 47.58 -54.81
N PHE H 118 -25.04 47.93 -54.41
CA PHE H 118 -24.75 48.95 -53.38
C PHE H 118 -25.58 50.22 -53.42
N PHE H 119 -25.83 50.71 -54.64
CA PHE H 119 -26.57 51.96 -54.87
C PHE H 119 -28.02 52.01 -54.41
N TRP H 120 -28.64 50.85 -54.21
CA TRP H 120 -30.03 50.77 -53.77
C TRP H 120 -30.14 51.31 -52.36
N GLU H 121 -29.36 50.74 -51.44
CA GLU H 121 -29.38 51.24 -50.06
C GLU H 121 -28.91 52.71 -49.99
N GLU H 122 -27.88 53.05 -50.78
CA GLU H 122 -27.36 54.42 -50.79
C GLU H 122 -28.45 55.40 -51.14
N ARG H 123 -29.16 55.10 -52.23
CA ARG H 123 -30.26 55.93 -52.68
C ARG H 123 -31.34 56.05 -51.61
N ASP H 124 -31.82 54.90 -51.15
CA ASP H 124 -32.88 54.83 -50.15
C ASP H 124 -32.54 55.59 -48.87
N ILE H 125 -31.30 55.45 -48.40
CA ILE H 125 -30.83 56.15 -47.19
C ILE H 125 -30.94 57.67 -47.36
N MET H 126 -30.31 58.16 -48.43
CA MET H 126 -30.29 59.58 -48.73
C MET H 126 -31.68 60.12 -49.08
N ALA H 127 -32.51 59.31 -49.73
CA ALA H 127 -33.87 59.74 -50.08
C ALA H 127 -34.78 59.88 -48.87
N PHE H 128 -34.70 58.90 -47.95
CA PHE H 128 -35.75 58.61 -46.96
C PHE H 128 -35.33 58.61 -45.47
N ALA H 129 -34.16 59.13 -45.14
CA ALA H 129 -33.75 59.19 -43.74
C ALA H 129 -34.43 60.24 -42.91
N ASN H 130 -34.96 61.30 -43.55
CA ASN H 130 -35.38 62.56 -42.88
C ASN H 130 -34.51 62.91 -41.69
N SER H 131 -33.20 62.75 -41.90
CA SER H 131 -32.25 62.92 -40.84
C SER H 131 -31.38 64.08 -41.21
N PRO H 132 -31.07 64.94 -40.24
CA PRO H 132 -30.10 65.98 -40.52
C PRO H 132 -28.68 65.49 -40.37
N TRP H 133 -28.46 64.22 -40.00
CA TRP H 133 -27.14 63.58 -40.12
C TRP H 133 -26.85 62.95 -41.47
N VAL H 134 -27.84 62.86 -42.35
CA VAL H 134 -27.67 62.26 -43.67
C VAL H 134 -27.84 63.34 -44.73
N VAL H 135 -26.95 63.26 -45.72
CA VAL H 135 -27.04 64.13 -46.88
C VAL H 135 -28.29 63.72 -47.62
N GLN H 136 -29.23 64.66 -47.76
CA GLN H 136 -30.49 64.39 -48.45
C GLN H 136 -30.34 64.28 -49.97
N LEU H 137 -31.01 63.28 -50.54
CA LEU H 137 -31.17 63.09 -51.98
C LEU H 137 -32.48 63.76 -52.38
N PHE H 138 -32.38 64.53 -53.44
CA PHE H 138 -33.48 65.26 -54.04
C PHE H 138 -34.00 64.50 -55.26
N TYR H 139 -33.12 64.19 -56.19
CA TYR H 139 -33.50 63.52 -57.43
C TYR H 139 -32.47 62.43 -57.74
N ALA H 140 -32.97 61.26 -58.14
CA ALA H 140 -32.20 60.24 -58.84
C ALA H 140 -32.78 60.08 -60.24
N PHE H 141 -31.90 59.95 -61.23
CA PHE H 141 -32.30 59.62 -62.58
C PHE H 141 -31.21 58.85 -63.33
N GLN H 142 -31.48 58.46 -64.56
CA GLN H 142 -30.52 57.74 -65.38
C GLN H 142 -30.62 58.05 -66.86
N ASP H 143 -29.56 57.72 -67.59
CA ASP H 143 -29.57 57.74 -69.06
C ASP H 143 -28.96 56.43 -69.53
N ASP H 144 -28.73 56.28 -70.84
CA ASP H 144 -28.03 55.10 -71.39
C ASP H 144 -26.76 54.72 -70.59
N ARG H 145 -25.92 55.69 -70.24
CA ARG H 145 -24.59 55.40 -69.66
C ARG H 145 -24.42 55.42 -68.14
N TYR H 146 -25.08 56.38 -67.46
CA TYR H 146 -24.85 56.65 -66.03
C TYR H 146 -26.12 56.65 -65.19
N LEU H 147 -25.95 56.30 -63.90
CA LEU H 147 -26.84 56.74 -62.81
C LEU H 147 -26.38 58.08 -62.25
N TYR H 148 -27.34 58.87 -61.77
CA TYR H 148 -27.12 60.19 -61.21
C TYR H 148 -27.84 60.30 -59.88
N MET H 149 -27.24 60.99 -58.92
CA MET H 149 -27.84 61.25 -57.61
C MET H 149 -27.60 62.72 -57.23
N VAL H 150 -28.68 63.51 -57.21
CA VAL H 150 -28.62 64.93 -56.91
C VAL H 150 -28.86 65.15 -55.41
N MET H 151 -27.86 65.72 -54.75
CA MET H 151 -27.81 65.86 -53.28
C MET H 151 -27.61 67.31 -52.90
N GLU H 152 -27.93 67.62 -51.63
CA GLU H 152 -27.58 68.93 -51.08
C GLU H 152 -26.06 69.02 -51.07
N TYR H 153 -25.51 70.04 -51.69
CA TYR H 153 -24.07 70.33 -51.64
C TYR H 153 -23.65 70.66 -50.21
N MET H 154 -22.48 70.19 -49.82
CA MET H 154 -21.91 70.37 -48.47
C MET H 154 -20.60 71.15 -48.62
N PRO H 155 -20.66 72.49 -48.57
CA PRO H 155 -19.48 73.26 -48.98
C PRO H 155 -18.29 73.31 -48.00
N GLY H 156 -18.49 72.80 -46.78
CA GLY H 156 -17.43 72.66 -45.77
C GLY H 156 -16.40 71.55 -46.00
N GLY H 157 -16.71 70.62 -46.89
CA GLY H 157 -15.73 69.58 -47.29
C GLY H 157 -15.68 68.45 -46.26
N ASP H 158 -14.84 67.47 -46.56
CA ASP H 158 -14.63 66.31 -45.66
C ASP H 158 -13.74 66.66 -44.49
N LEU H 159 -13.69 65.75 -43.53
CA LEU H 159 -12.82 65.87 -42.36
C LEU H 159 -11.37 65.53 -42.62
N VAL H 160 -11.03 64.93 -43.76
CA VAL H 160 -9.64 64.77 -44.12
C VAL H 160 -9.12 66.16 -44.36
N ASN H 161 -9.84 66.89 -45.20
CA ASN H 161 -9.55 68.27 -45.56
C ASN H 161 -9.53 69.20 -44.35
N LEU H 162 -10.36 68.91 -43.35
CA LEU H 162 -10.28 69.61 -42.08
C LEU H 162 -9.02 69.28 -41.29
N MET H 163 -8.78 68.00 -41.07
CA MET H 163 -7.61 67.52 -40.30
C MET H 163 -6.27 67.95 -40.90
N SER H 164 -6.18 67.99 -42.23
CA SER H 164 -4.98 68.46 -42.94
C SER H 164 -4.71 69.96 -42.72
N ASN H 165 -5.77 70.76 -42.59
CA ASN H 165 -5.67 72.22 -42.38
C ASN H 165 -5.67 72.71 -40.93
N TYR H 166 -5.93 71.85 -39.95
CA TYR H 166 -5.93 72.23 -38.53
C TYR H 166 -5.28 71.15 -37.66
N ASP H 167 -4.39 71.58 -36.76
CA ASP H 167 -4.17 70.82 -35.55
C ASP H 167 -5.48 70.95 -34.79
N VAL H 168 -5.98 69.80 -34.36
CA VAL H 168 -7.33 69.68 -33.84
C VAL H 168 -7.28 69.55 -32.33
N PRO H 169 -7.81 70.54 -31.59
CA PRO H 169 -7.86 70.38 -30.12
C PRO H 169 -8.92 69.41 -29.65
N GLU H 170 -8.83 69.03 -28.38
CA GLU H 170 -9.73 68.04 -27.78
C GLU H 170 -11.18 68.54 -27.73
N LYS H 171 -11.37 69.84 -27.52
CA LYS H 171 -12.73 70.42 -27.54
C LYS H 171 -13.43 70.16 -28.87
N TRP H 172 -12.70 70.37 -29.95
CA TRP H 172 -13.20 70.14 -31.29
C TRP H 172 -13.53 68.69 -31.55
N ALA H 173 -12.64 67.81 -31.10
CA ALA H 173 -12.83 66.38 -31.27
C ALA H 173 -14.04 65.84 -30.48
N LYS H 174 -14.22 66.28 -29.22
CA LYS H 174 -15.47 66.02 -28.43
C LYS H 174 -16.72 66.27 -29.30
N PHE H 175 -16.74 67.43 -29.95
CA PHE H 175 -17.85 67.85 -30.81
C PHE H 175 -18.03 66.93 -32.02
N TYR H 176 -17.03 66.89 -32.88
CA TYR H 176 -17.11 66.13 -34.13
C TYR H 176 -17.37 64.64 -33.90
N THR H 177 -16.74 64.07 -32.87
CA THR H 177 -17.03 62.69 -32.46
C THR H 177 -18.47 62.50 -32.02
N ALA H 178 -18.94 63.36 -31.13
CA ALA H 178 -20.33 63.32 -30.66
C ALA H 178 -21.32 63.33 -31.82
N GLU H 179 -21.09 64.22 -32.79
CA GLU H 179 -21.92 64.28 -34.00
C GLU H 179 -21.88 62.97 -34.81
N VAL H 180 -20.70 62.33 -34.89
CA VAL H 180 -20.58 61.00 -35.52
C VAL H 180 -21.41 59.95 -34.76
N VAL H 181 -21.26 59.94 -33.42
CA VAL H 181 -22.04 59.09 -32.55
C VAL H 181 -23.27 60.06 -32.44
N LEU H 182 -24.19 59.67 -33.10
CA LEU H 182 -25.55 60.32 -33.32
C LEU H 182 -25.89 60.02 -34.72
N ALA H 183 -24.99 60.34 -35.64
CA ALA H 183 -25.18 60.00 -37.04
C ALA H 183 -25.29 58.49 -37.22
N LEU H 184 -24.32 57.77 -36.66
CA LEU H 184 -24.34 56.31 -36.73
C LEU H 184 -25.55 55.72 -36.04
N ASP H 185 -25.87 56.23 -34.85
CA ASP H 185 -27.05 55.78 -34.12
C ASP H 185 -28.31 55.88 -34.98
N ALA H 186 -28.41 56.92 -35.80
CA ALA H 186 -29.51 57.08 -36.76
C ALA H 186 -29.49 56.03 -37.87
N ILE H 187 -28.31 55.76 -38.41
CA ILE H 187 -28.10 54.69 -39.41
C ILE H 187 -28.40 53.30 -38.78
N HIS H 188 -27.99 53.14 -37.53
CA HIS H 188 -28.33 51.97 -36.75
C HIS H 188 -29.84 51.88 -36.53
N SER H 189 -30.49 52.98 -36.11
CA SER H 189 -31.99 53.08 -35.99
C SER H 189 -32.75 52.67 -37.25
N MET H 190 -32.18 52.98 -38.40
CA MET H 190 -32.68 52.49 -39.68
C MET H 190 -32.39 51.01 -40.00
N GLY H 191 -31.78 50.27 -39.08
CA GLY H 191 -31.45 48.85 -39.28
C GLY H 191 -30.36 48.57 -40.30
N LEU H 192 -29.34 49.43 -40.31
CA LEU H 192 -28.18 49.30 -41.19
C LEU H 192 -26.89 49.38 -40.39
N ILE H 193 -25.87 48.69 -40.90
CA ILE H 193 -24.49 48.79 -40.43
C ILE H 193 -23.74 49.50 -41.56
N HIS H 194 -22.97 50.53 -41.23
CA HIS H 194 -22.17 51.28 -42.21
C HIS H 194 -21.01 50.45 -42.77
N ARG H 195 -20.28 49.82 -41.85
CA ARG H 195 -18.97 49.17 -42.10
C ARG H 195 -17.88 50.22 -42.26
N ASP H 196 -17.82 50.86 -43.43
CA ASP H 196 -16.73 51.79 -43.82
C ASP H 196 -16.88 53.23 -43.30
N VAL H 197 -16.82 53.37 -41.97
CA VAL H 197 -16.93 54.66 -41.30
C VAL H 197 -15.53 55.29 -41.29
N LYS H 198 -15.39 56.52 -41.77
CA LYS H 198 -14.09 57.19 -41.94
C LYS H 198 -14.25 58.69 -42.31
N PRO H 199 -13.18 59.52 -42.18
CA PRO H 199 -13.31 60.97 -42.40
C PRO H 199 -13.68 61.40 -43.82
N ASP H 200 -13.43 60.55 -44.81
CA ASP H 200 -13.75 60.83 -46.23
C ASP H 200 -15.28 60.79 -46.45
N ASN H 201 -15.95 59.99 -45.60
CA ASN H 201 -17.39 59.79 -45.60
C ASN H 201 -18.13 60.65 -44.56
N MET H 202 -17.52 61.79 -44.18
CA MET H 202 -18.00 62.69 -43.13
C MET H 202 -17.84 64.09 -43.69
N LEU H 203 -18.95 64.75 -44.00
CA LEU H 203 -18.93 66.07 -44.62
C LEU H 203 -19.58 67.13 -43.76
N LEU H 204 -19.30 68.38 -44.13
CA LEU H 204 -19.65 69.54 -43.33
C LEU H 204 -20.52 70.49 -44.11
N ASP H 205 -21.67 70.84 -43.49
CA ASP H 205 -22.67 71.70 -44.14
C ASP H 205 -22.21 73.17 -44.18
N LYS H 206 -23.05 74.01 -44.77
CA LYS H 206 -22.84 75.48 -44.79
C LYS H 206 -22.50 76.10 -43.40
N HIS H 207 -22.94 75.45 -42.33
CA HIS H 207 -22.65 75.85 -40.95
C HIS H 207 -21.59 75.02 -40.20
N GLY H 208 -20.78 74.26 -40.95
CA GLY H 208 -19.73 73.42 -40.37
C GLY H 208 -20.11 72.30 -39.42
N HIS H 209 -21.33 71.78 -39.58
CA HIS H 209 -21.91 70.64 -38.83
C HIS H 209 -21.92 69.42 -39.74
N LEU H 210 -21.86 68.25 -39.09
CA LEU H 210 -21.67 66.97 -39.77
C LEU H 210 -22.91 66.47 -40.49
N LYS H 211 -22.69 65.89 -41.68
CA LYS H 211 -23.62 64.96 -42.33
C LYS H 211 -22.76 63.82 -42.92
N LEU H 212 -23.34 62.62 -43.00
CA LEU H 212 -22.70 61.48 -43.64
C LEU H 212 -23.08 61.38 -45.10
N ALA H 213 -22.14 60.89 -45.89
CA ALA H 213 -22.34 60.60 -47.31
C ALA H 213 -21.50 59.40 -47.70
N ASP H 214 -21.67 58.92 -48.95
CA ASP H 214 -21.11 57.64 -49.43
C ASP H 214 -21.54 56.48 -48.52
N PHE H 215 -22.61 55.82 -48.94
CA PHE H 215 -23.12 54.66 -48.27
C PHE H 215 -22.97 53.39 -49.10
N GLY H 216 -22.05 53.37 -50.08
CA GLY H 216 -21.72 52.15 -50.87
C GLY H 216 -21.55 50.84 -50.10
N THR H 217 -21.07 50.96 -48.88
CA THR H 217 -20.85 49.83 -47.97
C THR H 217 -21.99 49.45 -47.09
N CYS H 218 -22.97 50.32 -46.88
CA CYS H 218 -24.06 50.00 -45.96
C CYS H 218 -24.80 48.76 -46.41
N MET H 219 -24.98 47.83 -45.46
CA MET H 219 -25.70 46.60 -45.67
C MET H 219 -26.77 46.46 -44.57
N LYS H 220 -27.88 45.85 -44.94
CA LYS H 220 -29.02 45.70 -44.04
C LYS H 220 -28.75 44.60 -43.02
N PRO H 236 -8.65 50.60 -45.20
CA PRO H 236 -7.98 49.64 -44.30
C PRO H 236 -7.67 50.04 -42.86
N ASP H 237 -7.14 51.24 -42.62
CA ASP H 237 -6.77 51.72 -41.23
C ASP H 237 -7.97 51.71 -40.26
N TYR H 238 -9.11 52.10 -40.80
CA TYR H 238 -10.37 52.23 -40.07
C TYR H 238 -11.18 50.94 -39.91
N ILE H 239 -10.72 49.84 -40.50
CA ILE H 239 -11.42 48.56 -40.44
C ILE H 239 -11.17 47.88 -39.09
N SER H 240 -12.15 47.08 -38.66
CA SER H 240 -12.16 46.35 -37.38
C SER H 240 -11.64 44.92 -37.56
N PRO H 241 -11.14 44.28 -36.46
CA PRO H 241 -10.64 42.89 -36.57
C PRO H 241 -11.66 41.82 -37.01
N GLU H 242 -12.84 41.87 -36.42
CA GLU H 242 -13.99 41.02 -36.75
C GLU H 242 -14.34 41.01 -38.27
N VAL H 243 -14.27 42.16 -38.91
CA VAL H 243 -14.50 42.31 -40.36
C VAL H 243 -13.45 41.50 -41.17
N LEU H 244 -12.23 41.42 -40.66
CA LEU H 244 -11.13 40.69 -41.30
C LEU H 244 -11.26 39.13 -41.17
N TYR H 253 -21.83 38.86 -37.57
CA TYR H 253 -20.99 40.14 -37.36
C TYR H 253 -21.67 41.58 -37.52
N GLY H 254 -21.50 42.34 -36.45
CA GLY H 254 -22.57 43.32 -35.99
C GLY H 254 -22.18 44.76 -36.07
N ARG H 255 -23.07 45.58 -35.52
CA ARG H 255 -22.94 47.08 -35.55
C ARG H 255 -21.76 47.62 -34.82
N GLU H 256 -21.34 46.96 -33.78
CA GLU H 256 -20.12 47.26 -32.99
C GLU H 256 -18.87 47.62 -33.85
N CYS H 257 -18.75 47.07 -35.07
CA CYS H 257 -17.67 47.40 -36.01
C CYS H 257 -17.61 48.84 -36.50
N ASP H 258 -18.76 49.52 -36.48
CA ASP H 258 -18.82 50.96 -36.74
C ASP H 258 -18.18 51.70 -35.59
N TRP H 259 -18.50 51.29 -34.36
CA TRP H 259 -17.96 51.93 -33.17
C TRP H 259 -16.41 51.81 -33.03
N TRP H 260 -15.83 50.71 -33.50
CA TRP H 260 -14.36 50.62 -33.68
C TRP H 260 -13.84 51.80 -34.47
N SER H 261 -14.43 51.99 -35.64
CA SER H 261 -14.00 53.02 -36.56
C SER H 261 -14.11 54.45 -35.97
N VAL H 262 -15.00 54.63 -34.99
CA VAL H 262 -15.12 55.89 -34.25
C VAL H 262 -13.91 56.11 -33.35
N GLY H 263 -13.52 55.09 -32.59
CA GLY H 263 -12.26 55.12 -31.86
C GLY H 263 -11.06 55.51 -32.73
N VAL H 264 -10.91 54.84 -33.88
CA VAL H 264 -9.83 55.13 -34.84
C VAL H 264 -9.84 56.61 -35.28
N PHE H 265 -11.04 57.13 -35.49
CA PHE H 265 -11.25 58.52 -35.92
C PHE H 265 -10.79 59.50 -34.88
N LEU H 266 -11.24 59.28 -33.66
CA LEU H 266 -10.89 60.15 -32.54
C LEU H 266 -9.39 60.21 -32.37
N TYR H 267 -8.75 59.04 -32.39
CA TYR H 267 -7.29 58.94 -32.38
C TYR H 267 -6.62 59.77 -33.50
N GLU H 268 -7.03 59.57 -34.77
CA GLU H 268 -6.43 60.33 -35.89
C GLU H 268 -6.56 61.85 -35.69
N MET H 269 -7.67 62.29 -35.10
CA MET H 269 -7.86 63.73 -34.83
C MET H 269 -6.93 64.27 -33.76
N LEU H 270 -6.81 63.53 -32.67
CA LEU H 270 -6.00 63.96 -31.53
C LEU H 270 -4.49 63.75 -31.73
N VAL H 271 -4.11 62.58 -32.22
CA VAL H 271 -2.72 62.22 -32.41
C VAL H 271 -2.17 62.90 -33.66
N GLY H 272 -2.77 62.59 -34.80
CA GLY H 272 -2.32 63.11 -36.11
C GLY H 272 -2.21 62.02 -37.15
N ASP H 273 -1.68 60.86 -36.73
CA ASP H 273 -1.69 59.64 -37.53
C ASP H 273 -2.75 58.65 -37.04
N THR H 274 -3.03 57.67 -37.91
CA THR H 274 -3.91 56.54 -37.61
C THR H 274 -3.19 55.63 -36.63
N PRO H 275 -3.92 54.96 -35.72
CA PRO H 275 -3.28 54.15 -34.69
C PRO H 275 -2.68 52.81 -35.13
N PHE H 276 -2.91 52.38 -36.36
CA PHE H 276 -2.26 51.17 -36.89
C PHE H 276 -1.58 51.46 -38.22
N TYR H 277 -0.95 52.63 -38.32
CA TYR H 277 -0.22 53.02 -39.53
C TYR H 277 0.90 52.01 -39.77
N ALA H 278 1.15 51.76 -41.05
CA ALA H 278 2.30 50.97 -41.49
C ALA H 278 2.68 51.39 -42.90
N ASP H 279 3.83 50.87 -43.35
CA ASP H 279 4.37 51.19 -44.68
C ASP H 279 3.52 50.39 -45.65
N SER H 280 3.51 49.07 -45.45
CA SER H 280 2.65 48.16 -46.20
C SER H 280 1.24 48.17 -45.63
N LEU H 281 0.34 47.57 -46.40
CA LEU H 281 -1.03 47.32 -45.95
C LEU H 281 -1.04 46.10 -45.05
N VAL H 282 -0.38 45.04 -45.48
CA VAL H 282 -0.17 43.82 -44.67
C VAL H 282 0.30 44.13 -43.22
N GLY H 283 1.16 45.16 -43.09
CA GLY H 283 1.62 45.67 -41.80
C GLY H 283 0.47 46.18 -40.95
N THR H 284 -0.33 47.06 -41.56
CA THR H 284 -1.55 47.60 -40.94
C THR H 284 -2.47 46.48 -40.45
N TYR H 285 -2.75 45.52 -41.31
CA TYR H 285 -3.62 44.38 -40.97
C TYR H 285 -3.09 43.68 -39.74
N SER H 286 -1.81 43.31 -39.78
CA SER H 286 -1.12 42.59 -38.71
C SER H 286 -1.22 43.33 -37.37
N LYS H 287 -1.06 44.66 -37.44
CA LYS H 287 -1.19 45.54 -36.27
C LYS H 287 -2.60 45.56 -35.71
N ILE H 288 -3.61 45.68 -36.59
CA ILE H 288 -5.03 45.69 -36.17
C ILE H 288 -5.34 44.41 -35.39
N MET H 289 -4.93 43.24 -35.93
CA MET H 289 -5.13 41.94 -35.25
C MET H 289 -4.49 41.92 -33.87
N ASP H 290 -3.26 42.43 -33.82
CA ASP H 290 -2.48 42.50 -32.59
C ASP H 290 -2.84 43.72 -31.68
N HIS H 291 -3.98 44.39 -31.93
CA HIS H 291 -4.34 45.66 -31.27
C HIS H 291 -4.10 45.76 -29.77
N LYS H 292 -4.33 44.65 -29.06
CA LYS H 292 -4.03 44.56 -27.62
C LYS H 292 -2.60 45.01 -27.27
N ASN H 293 -1.64 44.62 -28.12
CA ASN H 293 -0.22 45.02 -27.99
C ASN H 293 0.14 46.24 -28.82
N SER H 294 -0.32 46.28 -30.08
CA SER H 294 0.12 47.28 -31.06
C SER H 294 -0.40 48.72 -30.87
N LEU H 295 -1.33 48.93 -29.94
CA LEU H 295 -1.78 50.28 -29.57
C LEU H 295 -0.96 50.82 -28.40
N CYS H 296 -0.13 51.83 -28.66
CA CYS H 296 0.30 52.78 -27.61
C CYS H 296 0.12 54.19 -28.15
N PHE H 297 -0.02 55.14 -27.25
CA PHE H 297 -0.22 56.56 -27.60
C PHE H 297 1.12 57.29 -27.59
N PRO H 298 1.53 57.91 -28.70
CA PRO H 298 2.79 58.66 -28.70
C PRO H 298 2.91 59.65 -27.56
N GLU H 299 4.01 59.58 -26.80
CA GLU H 299 4.20 60.46 -25.64
C GLU H 299 4.38 61.93 -26.01
N ASP H 300 4.87 62.20 -27.23
CA ASP H 300 4.95 63.58 -27.76
C ASP H 300 3.58 64.22 -28.03
N ALA H 301 2.54 63.43 -28.30
CA ALA H 301 1.17 64.11 -28.35
C ALA H 301 0.46 63.93 -27.04
N GLU H 302 -0.05 65.03 -26.43
CA GLU H 302 -0.88 65.00 -25.25
C GLU H 302 -2.37 64.80 -25.60
N ILE H 303 -3.03 64.28 -24.59
CA ILE H 303 -4.43 63.71 -24.68
C ILE H 303 -4.87 63.39 -23.25
N SER H 304 -6.15 63.64 -22.95
CA SER H 304 -6.65 63.50 -21.58
C SER H 304 -6.85 62.04 -21.21
N LYS H 305 -7.07 61.77 -19.92
CA LYS H 305 -7.21 60.40 -19.45
C LYS H 305 -8.54 59.88 -19.99
N HIS H 306 -9.60 60.65 -19.77
CA HIS H 306 -10.93 60.40 -20.33
C HIS H 306 -10.90 60.04 -21.83
N ALA H 307 -10.21 60.86 -22.60
CA ALA H 307 -10.08 60.63 -24.03
C ALA H 307 -9.29 59.36 -24.38
N LYS H 308 -8.18 59.14 -23.68
CA LYS H 308 -7.42 57.88 -23.76
C LYS H 308 -8.34 56.70 -23.48
N ASN H 309 -9.03 56.78 -22.34
CA ASN H 309 -9.91 55.70 -21.84
C ASN H 309 -10.96 55.35 -22.90
N LEU H 310 -11.65 56.37 -23.41
CA LEU H 310 -12.68 56.20 -24.45
C LEU H 310 -12.21 55.52 -25.72
N ILE H 311 -11.02 55.89 -26.20
CA ILE H 311 -10.42 55.26 -27.39
C ILE H 311 -10.18 53.75 -27.14
N CYS H 312 -9.65 53.44 -25.96
CA CYS H 312 -9.44 52.06 -25.56
C CYS H 312 -10.72 51.28 -25.41
N ALA H 313 -11.78 51.94 -24.96
CA ALA H 313 -13.12 51.34 -24.86
C ALA H 313 -13.74 50.96 -26.21
N PHE H 314 -13.44 51.73 -27.25
CA PHE H 314 -13.82 51.39 -28.64
C PHE H 314 -12.90 50.38 -29.29
N LEU H 315 -11.61 50.40 -28.96
CA LEU H 315 -10.63 49.49 -29.57
C LEU H 315 -10.33 48.23 -28.71
N THR H 316 -11.39 47.51 -28.36
CA THR H 316 -11.31 46.19 -27.75
C THR H 316 -11.80 45.16 -28.76
N ASP H 317 -11.76 43.89 -28.34
CA ASP H 317 -12.46 42.80 -29.04
C ASP H 317 -13.97 43.06 -29.01
N ARG H 318 -14.63 42.66 -30.10
CA ARG H 318 -16.07 42.84 -30.30
C ARG H 318 -17.00 42.56 -29.12
N GLU H 319 -16.67 41.49 -28.38
CA GLU H 319 -17.51 40.93 -27.32
C GLU H 319 -17.71 41.86 -26.12
N VAL H 320 -16.74 42.75 -25.85
CA VAL H 320 -16.82 43.75 -24.76
C VAL H 320 -16.60 45.21 -25.24
N ARG H 321 -16.78 45.45 -26.54
CA ARG H 321 -16.63 46.80 -27.10
C ARG H 321 -17.80 47.70 -26.71
N LEU H 322 -17.52 49.00 -26.64
CA LEU H 322 -18.51 50.00 -26.23
C LEU H 322 -19.50 50.24 -27.38
N GLY H 323 -20.80 50.31 -27.07
CA GLY H 323 -21.86 50.44 -28.08
C GLY H 323 -22.54 49.16 -28.54
N ARG H 324 -22.04 48.01 -28.11
CA ARG H 324 -22.80 46.76 -28.10
C ARG H 324 -24.16 46.96 -27.47
N ASN H 325 -24.12 47.44 -26.23
CA ASN H 325 -25.31 47.57 -25.36
C ASN H 325 -25.91 48.95 -25.56
N GLY H 326 -26.27 49.24 -26.82
CA GLY H 326 -26.81 50.52 -27.21
C GLY H 326 -25.89 51.71 -27.18
N VAL H 327 -26.40 52.78 -27.76
CA VAL H 327 -25.71 54.07 -27.80
C VAL H 327 -25.51 54.74 -26.42
N GLU H 328 -26.40 54.50 -25.46
CA GLU H 328 -26.46 55.34 -24.25
C GLU H 328 -25.20 55.27 -23.39
N GLU H 329 -24.61 54.07 -23.27
CA GLU H 329 -23.34 53.90 -22.53
C GLU H 329 -22.18 54.75 -23.11
N ILE H 330 -22.15 54.94 -24.43
CA ILE H 330 -21.25 55.91 -25.08
C ILE H 330 -21.55 57.34 -24.63
N ARG H 331 -22.81 57.72 -24.71
CA ARG H 331 -23.23 59.10 -24.46
C ARG H 331 -22.89 59.61 -23.06
N GLN H 332 -22.98 58.74 -22.06
CA GLN H 332 -22.66 59.14 -20.67
C GLN H 332 -21.18 59.00 -20.28
N HIS H 333 -20.35 58.42 -21.15
CA HIS H 333 -18.89 58.42 -20.96
C HIS H 333 -18.36 59.83 -20.64
N PRO H 334 -17.49 59.96 -19.61
CA PRO H 334 -17.16 61.28 -19.05
C PRO H 334 -16.50 62.27 -20.01
N PHE H 335 -15.61 61.78 -20.86
CA PHE H 335 -15.07 62.50 -22.01
C PHE H 335 -15.97 63.57 -22.60
N PHE H 336 -17.22 63.19 -22.88
CA PHE H 336 -18.19 64.10 -23.51
C PHE H 336 -18.73 65.26 -22.66
N LYS H 337 -18.47 65.25 -21.35
CA LYS H 337 -18.82 66.40 -20.51
C LYS H 337 -18.07 67.66 -20.99
N ASN H 338 -18.87 68.63 -21.47
CA ASN H 338 -18.49 70.04 -21.53
C ASN H 338 -19.64 70.95 -21.14
N ASP H 339 -19.33 72.23 -20.95
CA ASP H 339 -20.31 73.28 -20.70
C ASP H 339 -20.43 74.09 -21.99
N GLN H 340 -20.74 73.39 -23.08
CA GLN H 340 -20.87 73.96 -24.43
C GLN H 340 -22.14 73.42 -25.13
N TRP H 341 -22.30 72.10 -25.16
CA TRP H 341 -23.49 71.48 -25.74
C TRP H 341 -24.03 70.31 -24.90
N HIS H 342 -25.27 69.92 -25.20
CA HIS H 342 -25.97 68.73 -24.66
C HIS H 342 -26.29 67.83 -25.86
N TRP H 343 -26.56 66.57 -25.61
CA TRP H 343 -26.80 65.60 -26.69
C TRP H 343 -28.01 65.87 -27.57
N ASP H 344 -29.11 66.26 -26.93
CA ASP H 344 -30.38 66.67 -27.62
C ASP H 344 -30.28 67.92 -28.50
N ASN H 345 -29.32 68.81 -28.23
CA ASN H 345 -29.17 70.09 -28.96
C ASN H 345 -27.83 70.35 -29.68
N ILE H 346 -26.93 69.37 -29.71
CA ILE H 346 -25.58 69.59 -30.27
C ILE H 346 -25.58 70.20 -31.66
N ARG H 347 -26.45 69.69 -32.55
CA ARG H 347 -26.46 70.12 -33.96
C ARG H 347 -27.00 71.54 -34.15
N GLU H 348 -27.70 72.06 -33.12
CA GLU H 348 -28.22 73.40 -33.14
C GLU H 348 -27.30 74.40 -32.37
N THR H 349 -26.11 73.96 -31.92
CA THR H 349 -25.05 74.84 -31.35
C THR H 349 -24.07 75.33 -32.42
N ALA H 350 -23.15 76.20 -32.04
CA ALA H 350 -22.15 76.74 -32.97
C ALA H 350 -21.06 75.71 -33.20
N ALA H 351 -20.77 75.45 -34.47
CA ALA H 351 -19.72 74.52 -34.83
C ALA H 351 -18.35 75.15 -34.57
N PRO H 352 -17.33 74.31 -34.30
CA PRO H 352 -15.91 74.70 -34.25
C PRO H 352 -15.37 75.50 -35.42
N VAL H 353 -15.68 75.07 -36.65
CA VAL H 353 -15.19 75.71 -37.87
C VAL H 353 -16.41 75.90 -38.74
N VAL H 354 -16.88 77.14 -38.80
CA VAL H 354 -17.86 77.61 -39.76
C VAL H 354 -17.06 78.01 -40.99
N PRO H 355 -17.44 77.47 -42.17
CA PRO H 355 -16.70 77.88 -43.36
C PRO H 355 -17.14 79.29 -43.78
N GLU H 356 -16.21 80.04 -44.35
CA GLU H 356 -16.48 81.37 -44.91
C GLU H 356 -16.49 81.18 -46.41
N LEU H 357 -17.60 81.47 -47.07
CA LEU H 357 -17.83 81.08 -48.45
C LEU H 357 -18.15 82.29 -49.33
N SER H 358 -17.47 82.37 -50.48
CA SER H 358 -17.55 83.53 -51.38
C SER H 358 -18.88 83.65 -52.11
N SER H 359 -19.37 82.51 -52.61
CA SER H 359 -20.57 82.42 -53.47
C SER H 359 -21.33 81.15 -53.16
N ASP H 360 -22.44 80.93 -53.89
CA ASP H 360 -23.14 79.63 -53.87
C ASP H 360 -22.39 78.44 -54.50
N ILE H 361 -21.19 78.68 -55.08
CA ILE H 361 -20.35 77.64 -55.70
C ILE H 361 -18.90 77.56 -55.18
N ASP H 362 -18.64 78.09 -53.98
CA ASP H 362 -17.29 78.05 -53.43
C ASP H 362 -16.92 76.63 -53.00
N SER H 363 -16.11 76.00 -53.85
CA SER H 363 -15.56 74.67 -53.57
C SER H 363 -14.15 74.73 -53.04
N SER H 364 -13.83 75.77 -52.26
CA SER H 364 -12.47 75.94 -51.73
C SER H 364 -12.08 74.82 -50.77
N ASN H 365 -13.05 74.24 -50.08
CA ASN H 365 -12.79 73.09 -49.20
C ASN H 365 -12.74 71.72 -49.93
N PHE H 366 -12.63 71.77 -51.27
CA PHE H 366 -12.43 70.59 -52.08
C PHE H 366 -11.23 70.80 -52.96
N ASP H 367 -10.35 69.80 -52.97
CA ASP H 367 -9.15 69.85 -53.80
C ASP H 367 -9.62 69.67 -55.24
N ASP H 368 -8.85 70.20 -56.17
CA ASP H 368 -9.12 70.06 -57.63
C ASP H 368 -8.92 68.61 -58.06
N ILE H 369 -9.43 68.24 -59.26
CA ILE H 369 -9.37 66.83 -59.71
C ILE H 369 -8.82 66.63 -61.17
N GLU H 370 -8.09 65.54 -61.38
CA GLU H 370 -7.45 65.13 -62.66
C GLU H 370 -8.32 64.11 -63.40
N ASP H 371 -8.02 63.82 -64.68
CA ASP H 371 -8.76 62.79 -65.47
C ASP H 371 -7.96 61.51 -65.69
N VAL H 376 -13.16 56.72 -71.29
CA VAL H 376 -14.55 56.20 -71.08
C VAL H 376 -14.92 55.12 -72.10
N GLU H 377 -15.24 53.94 -71.59
CA GLU H 377 -15.68 52.79 -72.45
C GLU H 377 -17.08 52.33 -72.07
N THR H 378 -17.96 52.21 -73.07
CA THR H 378 -19.33 51.73 -72.93
C THR H 378 -19.41 50.25 -73.34
N PHE H 379 -20.63 49.71 -73.35
CA PHE H 379 -20.87 48.28 -73.70
C PHE H 379 -20.63 47.98 -75.19
N PRO H 380 -20.33 46.70 -75.52
CA PRO H 380 -20.37 46.33 -76.95
C PRO H 380 -21.80 46.41 -77.48
N ILE H 381 -21.98 46.85 -78.74
CA ILE H 381 -23.25 46.57 -79.45
C ILE H 381 -23.38 45.04 -79.43
N PRO H 382 -24.53 44.54 -78.92
CA PRO H 382 -24.64 43.10 -78.86
C PRO H 382 -25.23 42.51 -80.15
N LYS H 383 -25.06 41.20 -80.25
CA LYS H 383 -25.53 40.44 -81.40
C LYS H 383 -26.92 39.93 -81.01
N ALA H 384 -27.00 39.20 -79.88
CA ALA H 384 -28.29 38.78 -79.25
C ALA H 384 -28.72 39.76 -78.13
N PHE H 385 -29.84 39.49 -77.45
CA PHE H 385 -30.31 40.28 -76.29
C PHE H 385 -29.47 40.02 -75.06
N VAL H 386 -29.21 41.08 -74.30
CA VAL H 386 -28.21 41.09 -73.21
C VAL H 386 -28.73 41.58 -71.87
N GLY H 387 -29.56 42.64 -71.88
CA GLY H 387 -30.22 43.12 -70.66
C GLY H 387 -29.31 43.85 -69.72
N ASN H 388 -28.50 44.75 -70.25
CA ASN H 388 -27.57 45.52 -69.42
C ASN H 388 -28.27 46.52 -68.50
N GLN H 389 -29.38 47.08 -68.97
CA GLN H 389 -30.16 48.02 -68.18
C GLN H 389 -31.09 47.44 -67.09
N LEU H 390 -31.21 46.11 -67.05
CA LEU H 390 -32.12 45.47 -66.12
C LEU H 390 -31.85 45.68 -64.62
N PRO H 391 -30.57 45.70 -64.21
CA PRO H 391 -30.38 45.89 -62.77
C PRO H 391 -30.54 47.37 -62.33
N PHE H 392 -30.79 48.30 -63.27
CA PHE H 392 -31.08 49.72 -62.99
C PHE H 392 -32.55 50.17 -63.12
N ILE H 393 -33.46 49.20 -63.23
CA ILE H 393 -34.88 49.51 -63.27
C ILE H 393 -35.31 49.78 -61.84
N GLY H 394 -35.91 50.94 -61.63
CA GLY H 394 -36.47 51.36 -60.34
C GLY H 394 -35.66 52.43 -59.67
N PHE H 395 -34.52 52.77 -60.26
CA PHE H 395 -33.60 53.70 -59.65
C PHE H 395 -34.19 55.08 -59.59
N THR H 396 -34.80 55.51 -60.71
CA THR H 396 -35.26 56.88 -60.87
C THR H 396 -36.22 57.24 -59.76
N TYR H 397 -36.01 58.43 -59.20
CA TYR H 397 -36.78 58.96 -58.07
C TYR H 397 -36.86 60.50 -58.18
N TYR H 398 -38.07 61.05 -58.22
CA TYR H 398 -38.30 62.50 -58.10
C TYR H 398 -38.93 62.69 -56.71
N ARG H 399 -38.34 63.57 -55.91
CA ARG H 399 -38.85 63.87 -54.58
C ARG H 399 -40.09 64.72 -54.72
#